data_7XHN
#
_entry.id   7XHN
#
loop_
_entity.id
_entity.type
_entity.pdbx_description
1 polymer 'Centromere protein O'
2 polymer 'Centromere protein H'
3 polymer 'Centromere protein I'
4 polymer 'Centromere protein K'
5 polymer 'Centromere protein L'
6 polymer 'Centromere protein M'
7 polymer 'Centromere protein N'
8 polymer 'Centromere protein P'
9 polymer 'Centromere protein S'
10 polymer 'Centromere protein T'
11 polymer CENP-W
12 polymer 'Centromere protein X'
13 polymer 'DNA (25-MER)'
14 polymer 'DNA (25-MER)'
15 polymer 'Centromere protein C'
16 polymer 'Centromere protein Q'
17 polymer 'Centromere protein U'
18 polymer 'Centromere protein R'
#
loop_
_entity_poly.entity_id
_entity_poly.type
_entity_poly.pdbx_seq_one_letter_code
_entity_poly.pdbx_strand_id
1 'polypeptide(L)'
;MEQANPLRPDGESKGGVLAHLERLETQVSRSRKQSEELQSVQAQEGALGTKIHKLRRLRDELRAVVRHRRASVKACIANV
EPNQTVEINEQEALEEKLENVKAILQAYHFTGLSGKLTSRGVCVCISTAFEGNLLDSYFVDLVIQKPLRIHHHSVPVFIP
LEEIAAKYLQTNIQHFLFSLCEYLNAYSGRKYQADRLQSDFAALLTGPLQRNPLCNLLSFTYKLDPGGQSFPFCARLLYK
DLTATLPTDVTVTCQGVEVLSTSWEEQRASHETLFCTKPLHQVFASFTRKGEKLDMSLVS
;
o,O
2 'polypeptide(L)'
;MEEQPQMQDADEPADSGGEGRAGGPPQVAGAQAACSEDRMTLLLRLRAQTKQQLLEYKSMVDASEEKTPEQIMQEKQIEA
KIEDLENEIEEVKVAFEIKKLALDRMRLSTALKKNLEKISRQSSVLMDNMKHLLELNKLIMKSQQESWDLEEKLLDIRKK
RLQLKQASESKLLEIQTEKNKQKIDLDSMENSERIKIIRQNLQMEIKITTVIQHVFQNLILGSKVNWAEDPALKEIVLQL
EKNVDMMHHHHHH
;
H
3 'polypeptide(L)'
;MSPQKRVKNVQAQNRTSQGSSSFQTTLSAWKVKQDPSNSKNISKHGQNNPVGDYEHADDQAEEDALQMAVGYFEKGPIKA
SQNKDKTLEKHLKTVENVAWKNGLASEEIDILLNIALSGKFGNAVNTRILKCMIPATVISEDSVVKAVSWLCVGKCSGST
KVLFYRWLVAMFDFIDRKEQINLLYGFFFASLQDDALCPYVCHLLYLLTKKENVKPFRVRKLLDLQAKMGMQPHLQALLS
LYKFFAPALISVSLPVRKKIYFKNSENLWKTALLAVKQRNRGPSPEPLKLMLGPANVRPLKRKWNSLSVIPVLNSSSYTK
ECGKKEMSLSDCLNRSGSFPLEQLQSFPQLLQNIHCLELPSQMGSVLNNSLLLHYINCVRDEPVLLRFYYWLSQTLQEEC
IWYKVNNYEHGKEFTNFLDTIIRAECFLQEGFYSCEAFLYKSLPLWDGLCCRSQFLQLVSWIPFSSFSEVKPLLFDHLAQ
LFFTSTIYFKCSVLQSLKELLQNWLLWLSMDIHMKPVTNSPLETTLGGSMNSVSKLIHYVGWLSTTAMRLESNNTFLLHF
ILDFYEKVCDIYINYNLPLVVLFPPGIFYSALLSLDTSILNQLCFIMHRYRKNLTAAKKNELVQKTKSEFNFSSKTYQEF
NHYLTSMVGCLWTSKPFGKGIYIDPEILEKTGVAEYKNSLNVVHHPSFLSYAVSFLLQESPEERTVNVSSIRGKKWSWYL
DYLFSQGLQGLKLFIRSSVHHSSIPRAEGINCNNQY
;
I
4 'polypeptide(L)'
;MNQEDLDPDSTTDVGDVTNTEEELIRECEEMWKDMEECQNKLSLIGTETLTDSNAQLSLLIMQVKCLTAELSQWQKKTPE
TIPLTEDVLITLGKEEFQKLRQDLEMVLSTKESKNEKLKEDLEREQRWLDEQQQIMESLNVLHSELKNKVETFSESRIFN
ELKTKMLNIKEYKEKLLSTLGEFLEDHFPLPDRSVKKKKKNIQESSVNLITLHEMLEILINRLFDVPHDPYVKISDSFWP
PYVELLLRNGIALRHPEDPTRIRLEAFHQ
;
K
5 'polypeptide(L)'
;MDSYSAPESTPSASSRPEDYFIGATPLQKRLESVRKQSSFILTPPRRKIPQCSQLQEDVDPQKVAFLLHKQWTLYSLTPL
YKFSYSNLKEYSRLLNAFIVAEKQKGLAVEVGEDFNIKVIFSTLLGMKGTQRDPEAFLVQIVSKSQLPSENREGKVLWTG
WFCCVFGDSLLETVSEDFTCLPLFLANGAESNTAIIGTWFQKTFDCYFSPLAINAFNLSWMAAMWTACKMDHYVATTEFL
WSVPCSPQSLDISFAIHPEDAKALWDSVHKTPGEVTQEEVDLFMDCLYSHFHRHFKIHLSATRLVRVSTSVASAHTDGKI
KILCHKYLIGVLAYLTELAIFQIE
;
L
6 'polypeptide(L)'
;MSVLRPLDKLPGLNTATILLVGTEDALLQQLADSMLKEDCASELKVHLAKSLPLPSSVNRPRIDLIVFVVNLHSKYSLQN
TEESLRHVDASFFLGKVCFLATGAGRESHCSIHRHTVVKLAHTYQSPLLYCDLEVEGFRATMAQRLVRVLQICAGHVPGV
SALNLLSLLRSSEGPSLEDL
;
M
7 'polypeptide(L)'
;MDETVAEFIKRTILKIPMNELTTILKAWDFLSENQLQTVNFRQRKESVVQHLIHLCEEKRASISDAALLDIIYMQFHQHQ
KVWEVFQMSKGPGEDVDLFDMKQFKNSFKKILQRALKNVTVSFRETEENAVWIRIAWGTQYTKPNQYKPTYVVYYSQTPY
AFTSSSMLRRNTPLLGQALTIASKHHQIVKMDLRSRYLDSLKAIVFKQYNQTFETHNSTTPLQERSLGLDINMDSRIIHE
NIVEKERVQRITQETFGDYPQPQLEFAQYKLETKFKSGLNGSILAEREEPLRCLIKFSSPHLLEALKSLAPAGIADAPLS
PLLTCIPNKRMNYFKIRDKHHHHHH
;
N
8 'polypeptide(L)'
;MDAELAEVRALQAEIAALRRACEDPPAPWEEKSRVQKSFQAIHQFNLEGWKSSKDLKNQLGHLESELSFLSTLTGINIRN
HSKQTEDLTSTEMTEKSIRKVLQRHRLSGNCHMVTFQLEFQILEIQNKERLSSAVTDLNIIMEPTECSELSEFVSRAEER
KDLFMFFRSLHFFVEWFEYRKRTFKHLKEKYPDAVYLSEGPSSCSMGIRSASRPGFELVIVWRIQIDEDGKVFPKLDLLT
KVPQRALELDKNRAIETAPLSFRTLVGLLGIEAALESLIKSLCAEENN
;
P
9 'polypeptide(L)'
;MEEEAETEEQQRFSYQQRLKAAVHYTVGCLCEEVALDKEMQFSKQTIAAISELTFRQCENFAKDLEMFARHAKRTTINTE
DVKLLARRSNSLLKYITDKSEEIAQINLERKAQKKKKSEDGSKNSRQPAEAGVVESEN
;
S
10 'polypeptide(L)'
;MADHNPDSDSTPRTLLRRVLDTADPRTPRRPRSARAGARRALLETASPRKLSGQTRTIARGRSHGARSVGRSAHIQASGH
LEEQTPRTLLKNILLTAPESSILMPESVVKPVPAPQAVQPSRQESSCGSLELQLPELEPPTTLAPGLLAPGRRKQRLRLS
VFQQGVDQGLSLSQEPQGNADASSLTRSLNLTFATPLQPQSVQRPGLARRPPARRAVDVGAFLRDLRDTSLAPPNIVLED
TQPFSQPMVGSPNVYHSLPCTPHTGAEDAEQAAGRKTQSSGPGLQKNSPGKPAQFLAGEAEEVNAFALGFLSTSSGVSGE
DEVEPLHDGVEEAEKKMEEEGVSVSEMEATGAQGPSRVEEAEGHTEVTEAEGSQGTAEADGPGASSGDEDASGRAASPES
ASSTPESLQARRHHQFLEPAPAPGAAVLSSEPAEPLLVRHPPRPRTTGPRPRQDPHKAGLSHYVKLFSFYAKMPMERKAL
EMVEKCLDKYFQHLCDDLEVFAAHAGRKTVKPEDLELLMRRQGLVTDQVSLHVLVERHLPLEYRQLLIPCAYSGNSVFPA
Q
;
T
11 'polypeptide(L)'
;MALSTIVSQRKQIKRKAPRGFLKRVFKRKKPQLRLEKSGDLLVHLNCLLFVHRLAEESRTNACASKCRVINKEHVLAAAK
VILKKSRG
;
W
12 'polypeptide(L)'
;MEGAGAGSGFRKELVSRLLHLHFKDDKTKVSGDALQLMVELLKVFVVEAAVRGVRQAQAEDALRVDVDQLEKVLPQLLLD
F
;
X
13 'polydeoxyribonucleotide'
;(DT)(DC)(DG)(DA)(DG)(DA)(DA)(DT)(DC)(DC)(DC)(DG)(DG)(DT)(DG)(DC)(DC)(DG)(DA)(DG)
(DG)(DC)(DC)(DG)(DC)
;
G
14 'polydeoxyribonucleotide'
;(DG)(DC)(DG)(DG)(DC)(DC)(DT)(DC)(DG)(DG)(DC)(DA)(DC)(DC)(DG)(DG)(DG)(DA)(DT)(DT)
(DC)(DT)(DC)(DG)(DA)
;
J
15 'polypeptide(L)'
;MAASGLDHLKNGYRRRFCRPSRARDINTEQGQNVLEILQDCFEEKSLANDFSTNSTKSVPNSTRKIKDTCIQSPSKECQK
SHPKSVPVSSKKKEASLQFVVEPSEATNRSVQAHEVHQKILATDVSSKNTPDSKKISSRNINDHHSEADEEFYLSVGSPS
VLLDAKTSVSQNVIPSSAQKRETYTFENSVNMLPSSTEVSVKTKKRLNFDDKVMLKKIEIDNKVSDEEDKTSEGQERKPS
GSSQNRIRDSEYEIQRQAKKSFSTLFLETVKRKSESSPIVRHAATAPPHSCPPDDTKLIEDEFIIDESDQSFASRSWITI
PRKAGSLKQRTISPAESTALLQGRKSREKHHNILPKTLANDKHSHKPHPVETSQPSDKTVLDTSYALIGETVNNYRSTKY
EMYSKNAEKPSRSKRTIKQKQRRKFMAKPAEEQLDVGQSKDENIHTSHITQDEFQRNSDRNMEEHEEMGNDCVSKKQMPP
VGSKKSSTRKDKEESKKKRFSSESKNKLVPEEVTSTVTKSRRISRRPSDWWVVKSEESPVYSNSSVRNELPMHHNSSRKS
TKKTNQSSKNIRKKTIPLKRQKTATKGNQRVQKFLNAEGSGGIVGHDEISRCSLSEPLESDEADLAKKKNLDCSRSTRSS
KNEDNIMTAQNVPLKPQTSGYTCNIPTESNLDSGEHKTSVLEESGPSRLNNNYLMSGKNDVDDEEVHGSSDDSKQSKVIP
KNRIHHKLVLPSNTPNVRRTKRTRLKPLEYWRGERIDYQGRPSGGFVISGVLSPDTISSKRKAKENIGKVNKKSNKKRIC
LDNDERKTNLMVNLGIPLGDPLQPTRVKDPETREIILMDLVRPQDTYQFFVKHGELKVYKTLDTPFFSTGKLILGPQEEK
GKQHVGQDILVFYVNFGDLLCTLHETPYILSTGDSFYVPSGNYYNIKNLRNEESVLLFTQIKR
;
C,c
16 'polypeptide(L)'
;MSGKANASKKNAQQLKRNPKRKKDNEEVVLSENKVRNTVKKNKNHLKDLSSEGQTKHTNLKHGKTAASKRKTWQPLSKST
RDHLQTMMESVIMTILSNSIKEKEEIQYHLNFLKKRLLQQCETLKVPPKKMEDLTNVSSLLNMERARDKANEEGLALLQE
EIDKMVETTELMTGNIQSLKNKIQILASEVEEEEERVKQMHQINSSGVLSLPELSQKTLKAPTLQKEILALIPNQNALLK
DLDILHNSSQMKSMSTFIEEAYKKLDASHHHHHH
;
Q
17 'polypeptide(L)'
;MAPRGRRRPRPHRSEGARRSKNTLERTHSMKDKAGQKCKPIDVFDFPDNSDVSSIGRLGENEKDEETYETFDPPLHSTAI
YADEEEFSKHCGLSLSSTPPGKEAKRSSDTSGNEASEIESVKISAKKPGRKLRPISDDSESIEESDTRRKVKSAEKISTQ
RHEVIRTTASSELSEKPAESVTSKKTGPLSAQPSVEKENLAIESQSKTQKKGKISHDKRKKSRSKAIGSDTSDIVHIWCP
EGMKTSDIKELNIVLPEFEKTHLEHQQRIESKVCKAAIATFYVNVKEQFIKMLKESQMLTNLKRKNAKMISDIEKKRQRM
IEVQDELLRLEPQLKQLQTKYDELKERKSSLRNAAYFLSNLKQLYQDYSDVQAQEPNVKETYDSSSLPALLFKARTLLGA
ESHLRNINHQLEKLLDQG
;
U
18 'polypeptide(L)'
;MPVKRSLKLDGLLEENSFDPSKITRKKSVITYSPTTGTCQMSLFASPTSSEEQKHRNGLSNEKRKKLNHPSLTESKESTT
KDNDEFMMLLSKVEKLSEEIMEIMQNLSSIQALEGSRELENLIGISCASHFLKREMQKTKELMTKVNKQKLFEKSTGLPH
KASRHLDSYEFLKAILN
;
R
#
loop_
_chem_comp.id
_chem_comp.type
_chem_comp.name
_chem_comp.formula
DA DNA linking 2'-DEOXYADENOSINE-5'-MONOPHOSPHATE 'C10 H14 N5 O6 P'
DC DNA linking 2'-DEOXYCYTIDINE-5'-MONOPHOSPHATE 'C9 H14 N3 O7 P'
DG DNA linking 2'-DEOXYGUANOSINE-5'-MONOPHOSPHATE 'C10 H14 N5 O7 P'
DT DNA linking THYMIDINE-5'-MONOPHOSPHATE 'C10 H15 N2 O8 P'
#
# COMPACT_ATOMS: atom_id res chain seq x y z
N GLY A 16 12.11 -4.05 -42.59
CA GLY A 16 12.61 -3.18 -43.65
C GLY A 16 14.02 -2.67 -43.40
N VAL A 17 14.45 -1.71 -44.21
CA VAL A 17 15.79 -1.15 -44.05
C VAL A 17 15.80 -0.22 -42.84
N LEU A 18 14.62 0.01 -42.27
CA LEU A 18 14.51 0.68 -40.98
C LEU A 18 14.59 -0.33 -39.84
N ALA A 19 13.86 -1.44 -39.94
CA ALA A 19 14.03 -2.54 -39.01
C ALA A 19 15.41 -3.15 -39.10
N HIS A 20 16.04 -3.13 -40.27
CA HIS A 20 17.42 -3.55 -40.41
C HIS A 20 18.39 -2.54 -39.83
N LEU A 21 18.18 -1.25 -40.12
CA LEU A 21 19.05 -0.21 -39.60
C LEU A 21 19.00 -0.10 -38.08
N GLU A 22 18.00 -0.70 -37.45
CA GLU A 22 17.97 -0.82 -36.01
C GLU A 22 18.74 -2.02 -35.49
N ARG A 23 19.16 -2.93 -36.37
CA ARG A 23 19.97 -4.08 -35.95
C ARG A 23 21.41 -4.02 -36.46
N LEU A 24 21.80 -2.99 -37.22
CA LEU A 24 23.21 -2.66 -37.32
C LEU A 24 23.64 -1.61 -36.32
N GLU A 25 22.70 -0.82 -35.79
CA GLU A 25 23.00 0.01 -34.64
C GLU A 25 23.47 -0.84 -33.47
N THR A 26 22.78 -1.96 -33.23
CA THR A 26 23.23 -2.91 -32.21
C THR A 26 24.43 -3.71 -32.71
N GLN A 27 24.27 -4.39 -33.84
CA GLN A 27 25.35 -5.19 -34.40
C GLN A 27 26.17 -4.38 -35.40
N ARG B 39 50.10 7.34 -35.57
CA ARG B 39 50.22 8.73 -35.12
C ARG B 39 49.77 9.70 -36.21
N MET B 40 50.28 9.50 -37.43
CA MET B 40 49.96 10.43 -38.54
C MET B 40 48.45 10.64 -38.66
N THR B 41 47.65 9.58 -38.52
CA THR B 41 46.21 9.78 -38.51
C THR B 41 45.78 10.66 -37.34
N LEU B 42 46.41 10.50 -36.18
CA LEU B 42 46.12 11.35 -35.05
C LEU B 42 46.62 12.75 -35.32
N LEU B 43 47.83 12.96 -35.83
CA LEU B 43 48.20 14.32 -36.23
C LEU B 43 47.30 14.88 -37.33
N LEU B 44 46.72 14.01 -38.16
CA LEU B 44 45.78 14.52 -39.16
C LEU B 44 44.49 14.97 -38.53
N ARG B 45 43.96 14.19 -37.57
CA ARG B 45 42.79 14.61 -36.82
C ARG B 45 43.05 15.92 -36.10
N LEU B 46 44.29 16.12 -35.68
CA LEU B 46 44.65 17.42 -35.06
C LEU B 46 44.65 18.50 -36.15
N ARG B 47 45.39 18.30 -37.22
CA ARG B 47 45.41 19.41 -38.21
C ARG B 47 43.96 19.80 -38.41
N ALA B 48 43.18 18.82 -38.83
CA ALA B 48 41.77 19.15 -39.15
C ALA B 48 41.14 19.93 -37.99
N GLN B 49 41.21 19.38 -36.78
CA GLN B 49 40.54 20.03 -35.65
C GLN B 49 41.03 21.46 -35.45
N THR B 50 42.33 21.71 -35.68
CA THR B 50 42.86 23.04 -35.49
C THR B 50 42.56 23.97 -36.67
N LYS B 51 42.47 23.45 -37.89
CA LYS B 51 42.05 24.30 -38.99
C LYS B 51 40.59 24.73 -38.83
N GLN B 52 39.86 24.09 -37.92
CA GLN B 52 38.51 24.52 -37.59
C GLN B 52 38.43 25.29 -36.28
N GLN B 53 39.29 24.99 -35.32
CA GLN B 53 39.33 25.78 -34.10
C GLN B 53 39.90 27.18 -34.35
N LEU B 54 40.96 27.29 -35.16
CA LEU B 54 41.37 28.62 -35.62
C LEU B 54 40.35 29.26 -36.54
N LEU B 55 39.59 28.45 -37.28
CA LEU B 55 38.49 29.03 -38.05
C LEU B 55 37.48 29.70 -37.13
N GLU B 56 37.10 29.01 -36.06
CA GLU B 56 36.21 29.59 -35.05
C GLU B 56 36.84 30.80 -34.36
N TYR B 57 38.12 30.71 -34.02
CA TYR B 57 38.82 31.80 -33.36
C TYR B 57 38.85 33.06 -34.23
N LYS B 58 39.21 32.89 -35.51
CA LYS B 58 39.21 34.01 -36.44
C LYS B 58 37.82 34.56 -36.67
N SER B 59 36.81 33.68 -36.77
CA SER B 59 35.44 34.17 -36.89
C SER B 59 35.03 35.00 -35.68
N MET B 60 35.34 34.53 -34.47
CA MET B 60 34.96 35.29 -33.29
C MET B 60 35.72 36.60 -33.17
N VAL B 61 37.02 36.61 -33.48
CA VAL B 61 37.77 37.85 -33.35
C VAL B 61 37.37 38.85 -34.42
N ASP B 62 36.96 38.35 -35.59
CA ASP B 62 36.40 39.24 -36.59
C ASP B 62 35.03 39.75 -36.18
N ALA B 63 34.24 38.93 -35.48
CA ALA B 63 32.96 39.40 -34.96
C ALA B 63 33.18 40.43 -33.85
N SER B 64 34.20 40.23 -33.03
CA SER B 64 34.58 41.21 -32.02
C SER B 64 35.19 42.46 -32.63
N GLU B 65 35.73 42.36 -33.84
CA GLU B 65 36.30 43.52 -34.51
C GLU B 65 35.22 44.48 -34.97
N GLU B 66 34.08 43.97 -35.44
CA GLU B 66 32.95 44.82 -35.76
C GLU B 66 32.35 45.40 -34.48
N LYS B 67 31.75 46.57 -34.62
CA LYS B 67 31.14 47.25 -33.49
C LYS B 67 29.70 47.68 -33.82
N LYS B 76 16.79 44.42 -34.58
CA LYS B 76 16.42 45.08 -35.83
C LYS B 76 15.63 44.14 -36.73
N GLN B 77 14.35 44.48 -36.94
CA GLN B 77 13.42 43.75 -37.82
C GLN B 77 13.53 42.24 -37.61
N ILE B 78 13.11 41.76 -36.43
CA ILE B 78 13.25 40.34 -36.10
C ILE B 78 12.61 39.45 -37.16
N GLU B 79 11.54 39.92 -37.80
CA GLU B 79 10.97 39.17 -38.91
C GLU B 79 11.95 39.04 -40.07
N ALA B 80 12.84 40.03 -40.25
CA ALA B 80 13.90 39.96 -41.24
C ALA B 80 15.27 39.80 -40.62
N LYS B 81 15.39 39.94 -39.29
CA LYS B 81 16.67 39.64 -38.63
C LYS B 81 17.04 38.17 -38.81
N ILE B 82 16.04 37.29 -38.85
CA ILE B 82 16.28 35.90 -39.24
C ILE B 82 16.37 35.75 -40.75
N GLU B 83 16.01 36.78 -41.51
CA GLU B 83 16.16 36.74 -42.96
C GLU B 83 17.57 37.11 -43.37
N ASP B 84 18.15 38.17 -42.80
CA ASP B 84 19.57 38.43 -42.96
C ASP B 84 20.40 37.63 -41.99
N LEU B 85 19.78 36.64 -41.33
CA LEU B 85 20.48 35.50 -40.77
C LEU B 85 20.44 34.30 -41.71
N GLU B 86 19.36 34.13 -42.46
CA GLU B 86 19.24 33.02 -43.38
C GLU B 86 20.07 33.21 -44.64
N ASN B 87 20.21 34.44 -45.13
CA ASN B 87 20.89 34.64 -46.41
C ASN B 87 22.39 34.50 -46.30
N GLU B 88 22.94 34.31 -45.10
CA GLU B 88 24.28 33.79 -45.00
C GLU B 88 24.28 32.26 -44.84
N ILE B 89 23.44 31.71 -43.96
CA ILE B 89 23.42 30.26 -43.73
C ILE B 89 23.12 29.54 -45.04
N GLU B 90 22.70 30.28 -46.06
CA GLU B 90 22.76 29.82 -47.44
C GLU B 90 24.00 30.29 -48.17
N GLU B 91 24.52 31.48 -47.84
CA GLU B 91 25.69 32.03 -48.52
C GLU B 91 27.02 31.64 -47.91
N VAL B 92 27.12 31.43 -46.59
CA VAL B 92 28.28 30.72 -46.08
C VAL B 92 28.22 29.28 -46.55
N LYS B 93 27.00 28.72 -46.66
CA LYS B 93 26.84 27.37 -47.16
C LYS B 93 27.36 27.22 -48.58
N VAL B 94 27.07 28.16 -49.48
CA VAL B 94 27.68 28.09 -50.80
C VAL B 94 29.13 28.54 -50.76
N ALA B 95 29.54 29.15 -49.65
CA ALA B 95 30.95 29.60 -49.53
C ALA B 95 31.82 28.45 -49.03
N PHE B 96 31.21 27.45 -48.37
CA PHE B 96 32.05 26.37 -47.79
C PHE B 96 31.69 25.01 -48.38
N GLU B 97 30.51 24.86 -49.01
CA GLU B 97 30.28 23.62 -49.71
C GLU B 97 31.16 23.57 -50.95
N ILE B 98 31.33 24.70 -51.62
CA ILE B 98 32.37 24.79 -52.64
C ILE B 98 33.76 24.69 -52.03
N LYS B 99 33.97 25.23 -50.82
CA LYS B 99 35.27 25.08 -50.18
C LYS B 99 35.55 23.62 -49.85
N LYS B 100 34.60 22.93 -49.22
CA LYS B 100 34.79 21.51 -48.98
C LYS B 100 34.88 20.73 -50.29
N LEU B 101 34.21 21.19 -51.32
CA LEU B 101 34.19 20.49 -52.59
C LEU B 101 35.48 20.65 -53.37
N ALA B 102 36.17 21.77 -53.19
CA ALA B 102 37.53 21.96 -53.65
C ALA B 102 38.53 21.18 -52.81
N LEU B 103 38.35 21.17 -51.49
CA LEU B 103 39.15 20.28 -50.64
C LEU B 103 39.05 18.84 -51.12
N ASP B 104 37.84 18.36 -51.40
CA ASP B 104 37.65 16.98 -51.80
C ASP B 104 38.22 16.71 -53.19
N ARG B 105 38.10 17.65 -54.12
CA ARG B 105 38.62 17.39 -55.45
C ARG B 105 40.15 17.39 -55.46
N MET B 106 40.77 18.32 -54.74
CA MET B 106 42.23 18.27 -54.59
C MET B 106 42.71 17.12 -53.73
N ARG B 107 41.88 16.58 -52.82
CA ARG B 107 42.23 15.38 -52.10
C ARG B 107 42.17 14.15 -52.99
N LEU B 108 41.11 14.03 -53.79
CA LEU B 108 40.94 12.88 -54.65
C LEU B 108 41.90 12.92 -55.85
N SER B 109 42.26 14.11 -56.32
CA SER B 109 43.25 14.20 -57.39
C SER B 109 44.61 13.67 -56.92
N THR B 110 45.02 14.05 -55.72
CA THR B 110 46.29 13.54 -55.19
C THR B 110 46.18 12.06 -54.84
N ALA B 111 45.08 11.65 -54.22
CA ALA B 111 44.85 10.24 -53.92
C ALA B 111 44.64 9.40 -55.18
N LEU B 112 44.45 10.05 -56.32
CA LEU B 112 44.44 9.36 -57.60
C LEU B 112 45.85 9.28 -58.14
N LYS B 113 46.58 10.42 -58.16
CA LYS B 113 47.98 10.41 -58.58
C LYS B 113 48.84 9.55 -57.67
N LYS B 114 48.60 9.61 -56.36
CA LYS B 114 49.33 8.71 -55.43
C LYS B 114 48.93 7.28 -55.77
N ASN B 115 47.65 7.05 -56.06
CA ASN B 115 47.19 5.74 -56.49
C ASN B 115 47.47 5.49 -57.97
N LEU B 116 47.81 6.53 -58.73
CA LEU B 116 48.43 6.31 -60.04
C LEU B 116 49.84 5.79 -59.93
N GLU B 117 50.51 6.07 -58.82
CA GLU B 117 51.75 5.41 -58.47
C GLU B 117 51.53 4.01 -57.91
N LYS B 118 50.29 3.70 -57.52
CA LYS B 118 49.96 2.38 -56.99
C LYS B 118 49.94 1.30 -58.05
N ILE B 119 49.55 1.63 -59.29
CA ILE B 119 49.70 0.68 -60.38
C ILE B 119 51.17 0.36 -60.60
N SER B 120 52.04 1.35 -60.44
CA SER B 120 53.47 1.18 -60.66
C SER B 120 54.18 0.44 -59.54
N ARG B 121 53.49 0.15 -58.44
CA ARG B 121 54.12 -0.55 -57.33
C ARG B 121 53.94 -2.06 -57.45
N GLN B 122 54.33 -2.75 -56.38
CA GLN B 122 54.32 -4.21 -56.30
C GLN B 122 52.94 -4.76 -55.98
N SER B 123 52.89 -6.03 -55.56
CA SER B 123 51.66 -6.79 -55.37
C SER B 123 50.53 -5.98 -54.76
N SER B 124 50.80 -5.27 -53.65
CA SER B 124 49.81 -4.41 -53.03
C SER B 124 48.56 -5.18 -52.63
N VAL B 125 48.66 -6.02 -51.60
CA VAL B 125 47.53 -6.81 -51.11
C VAL B 125 46.27 -5.96 -50.95
N LEU B 126 46.42 -4.63 -50.88
CA LEU B 126 45.30 -3.74 -51.11
C LEU B 126 44.50 -4.18 -52.33
N MET B 127 45.17 -4.45 -53.46
CA MET B 127 44.46 -4.84 -54.68
C MET B 127 43.70 -6.15 -54.50
N ASP B 128 44.26 -7.07 -53.70
CA ASP B 128 43.51 -8.28 -53.35
C ASP B 128 42.27 -7.96 -52.54
N ASN B 129 42.31 -6.91 -51.72
CA ASN B 129 41.09 -6.47 -51.04
C ASN B 129 40.11 -5.74 -51.99
N MET B 130 40.63 -5.04 -52.99
CA MET B 130 39.81 -4.36 -53.99
C MET B 130 39.12 -5.29 -54.97
N LYS B 131 39.69 -6.46 -55.24
CA LYS B 131 38.97 -7.43 -56.06
C LYS B 131 37.66 -7.84 -55.38
N HIS B 132 37.71 -8.10 -54.08
CA HIS B 132 36.49 -8.42 -53.36
C HIS B 132 35.57 -7.20 -53.27
N LEU B 133 36.11 -5.99 -53.35
CA LEU B 133 35.22 -4.83 -53.43
C LEU B 133 34.55 -4.74 -54.79
N LEU B 134 35.21 -5.17 -55.86
CA LEU B 134 34.50 -5.32 -57.13
C LEU B 134 33.38 -6.33 -56.99
N GLU B 135 33.65 -7.43 -56.28
CA GLU B 135 32.60 -8.41 -56.01
C GLU B 135 31.44 -7.79 -55.25
N LEU B 136 31.74 -6.99 -54.22
CA LEU B 136 30.70 -6.31 -53.46
C LEU B 136 29.91 -5.35 -54.33
N ASN B 137 30.58 -4.57 -55.18
CA ASN B 137 29.88 -3.72 -56.14
C ASN B 137 28.90 -4.54 -56.96
N LYS B 138 29.35 -5.68 -57.48
CA LYS B 138 28.43 -6.56 -58.18
C LYS B 138 27.28 -7.02 -57.30
N LEU B 139 27.52 -7.16 -55.99
CA LEU B 139 26.46 -7.55 -55.07
C LEU B 139 25.58 -6.38 -54.66
N ILE B 140 25.87 -5.18 -55.17
CA ILE B 140 25.05 -4.01 -54.87
C ILE B 140 24.44 -3.41 -56.14
N MET B 141 25.25 -3.23 -57.19
CA MET B 141 24.67 -2.66 -58.41
C MET B 141 23.74 -3.64 -59.11
N LYS B 142 23.98 -4.95 -59.01
CA LYS B 142 22.92 -5.89 -59.32
C LYS B 142 21.81 -5.88 -58.28
N SER B 143 22.16 -5.72 -57.00
CA SER B 143 21.16 -5.52 -55.96
C SER B 143 20.39 -4.22 -56.16
N GLN B 144 20.93 -3.28 -56.93
CA GLN B 144 20.16 -2.14 -57.40
C GLN B 144 19.49 -2.40 -58.74
N GLN B 145 20.02 -3.32 -59.55
CA GLN B 145 19.41 -3.62 -60.84
C GLN B 145 17.97 -4.06 -60.69
N GLU B 146 17.69 -4.88 -59.68
CA GLU B 146 16.30 -5.12 -59.32
C GLU B 146 15.67 -3.85 -58.77
N SER B 147 16.43 -3.06 -58.01
CA SER B 147 15.88 -1.92 -57.30
C SER B 147 15.31 -0.85 -58.23
N TRP B 148 15.98 -0.48 -59.33
CA TRP B 148 15.29 0.42 -60.25
C TRP B 148 14.20 -0.27 -61.04
N ASP B 149 14.09 -1.59 -60.95
CA ASP B 149 12.99 -2.34 -61.54
C ASP B 149 11.94 -2.73 -60.51
N LEU B 150 12.37 -3.24 -59.35
CA LEU B 150 11.43 -3.57 -58.29
C LEU B 150 10.69 -2.32 -57.81
N GLU B 151 11.42 -1.22 -57.64
CA GLU B 151 10.76 0.02 -57.23
C GLU B 151 9.85 0.56 -58.33
N GLU B 152 10.22 0.36 -59.59
CA GLU B 152 9.33 0.77 -60.68
C GLU B 152 8.02 0.00 -60.64
N LYS B 153 8.09 -1.32 -60.45
CA LYS B 153 6.89 -2.14 -60.35
C LYS B 153 6.07 -1.77 -59.12
N LEU B 154 6.72 -1.59 -57.97
CA LEU B 154 5.99 -1.15 -56.80
C LEU B 154 5.40 0.24 -56.99
N LEU B 155 6.05 1.09 -57.78
CA LEU B 155 5.54 2.44 -57.99
C LEU B 155 4.29 2.44 -58.84
N ASP B 156 4.28 1.72 -59.96
CA ASP B 156 3.04 1.74 -60.73
C ASP B 156 1.98 0.88 -60.05
N ILE B 157 2.39 -0.07 -59.20
CA ILE B 157 1.42 -0.78 -58.38
C ILE B 157 0.74 0.19 -57.41
N ARG B 158 1.55 1.03 -56.73
CA ARG B 158 1.02 2.06 -55.86
C ARG B 158 0.16 3.07 -56.60
N LYS B 159 0.55 3.49 -57.81
CA LYS B 159 -0.27 4.41 -58.58
C LYS B 159 -1.61 3.79 -58.98
N LYS B 160 -1.60 2.55 -59.46
CA LYS B 160 -2.86 1.88 -59.77
C LYS B 160 -3.72 1.74 -58.52
N ARG B 161 -3.11 1.36 -57.40
CA ARG B 161 -3.85 1.17 -56.16
C ARG B 161 -4.46 2.48 -55.68
N LEU B 162 -3.72 3.58 -55.77
CA LEU B 162 -4.28 4.85 -55.31
C LEU B 162 -5.31 5.39 -56.29
N GLN B 163 -5.15 5.11 -57.59
CA GLN B 163 -6.18 5.45 -58.54
C GLN B 163 -7.47 4.72 -58.23
N LEU B 164 -7.40 3.43 -57.91
CA LEU B 164 -8.57 2.65 -57.54
C LEU B 164 -9.06 2.97 -56.13
N LYS B 165 -8.22 3.60 -55.32
CA LYS B 165 -8.64 4.06 -53.99
C LYS B 165 -9.45 5.34 -54.04
N GLN B 166 -8.95 6.36 -54.75
CA GLN B 166 -9.77 7.55 -54.95
C GLN B 166 -11.01 7.23 -55.78
N ALA B 167 -10.87 6.36 -56.77
CA ALA B 167 -12.03 5.93 -57.55
C ALA B 167 -13.03 5.18 -56.68
N SER B 168 -12.56 4.29 -55.82
CA SER B 168 -13.48 3.59 -54.92
C SER B 168 -14.11 4.52 -53.90
N GLU B 169 -13.36 5.50 -53.39
CA GLU B 169 -13.94 6.47 -52.47
C GLU B 169 -15.04 7.28 -53.14
N SER B 170 -14.81 7.72 -54.38
CA SER B 170 -15.86 8.40 -55.12
C SER B 170 -17.05 7.47 -55.37
N LYS B 171 -16.79 6.24 -55.83
CA LYS B 171 -17.86 5.30 -56.08
C LYS B 171 -18.60 4.91 -54.81
N LEU B 172 -17.87 4.67 -53.71
CA LEU B 172 -18.55 4.29 -52.49
C LEU B 172 -19.27 5.48 -51.86
N LEU B 173 -18.78 6.70 -52.08
CA LEU B 173 -19.54 7.87 -51.69
C LEU B 173 -20.82 7.99 -52.51
N GLU B 174 -20.76 7.61 -53.79
CA GLU B 174 -21.97 7.53 -54.58
C GLU B 174 -22.93 6.48 -54.03
N ILE B 175 -22.40 5.33 -53.60
CA ILE B 175 -23.25 4.32 -52.98
C ILE B 175 -23.87 4.84 -51.68
N GLN B 176 -23.08 5.56 -50.88
CA GLN B 176 -23.60 6.08 -49.63
C GLN B 176 -24.60 7.20 -49.82
N THR B 177 -24.41 8.07 -50.81
CA THR B 177 -25.43 9.07 -51.12
C THR B 177 -26.64 8.48 -51.83
N GLU B 178 -26.50 7.33 -52.49
CA GLU B 178 -27.68 6.63 -52.99
C GLU B 178 -28.43 5.93 -51.88
N LYS B 179 -27.71 5.39 -50.88
CA LYS B 179 -28.36 4.92 -49.67
C LYS B 179 -29.02 6.08 -48.93
N ASN B 180 -28.42 7.27 -48.98
CA ASN B 180 -29.09 8.46 -48.48
C ASN B 180 -30.33 8.77 -49.29
N LYS B 181 -30.28 8.60 -50.61
CA LYS B 181 -31.47 8.77 -51.44
C LYS B 181 -32.56 7.79 -51.05
N GLN B 182 -32.19 6.56 -50.73
CA GLN B 182 -33.09 5.60 -50.10
C GLN B 182 -33.52 6.05 -48.71
N LYS B 183 -32.73 6.89 -48.05
CA LYS B 183 -33.20 7.51 -46.81
C LYS B 183 -34.32 8.51 -47.07
N ILE B 184 -34.28 9.30 -48.16
CA ILE B 184 -35.46 10.06 -48.52
C ILE B 184 -36.62 9.13 -48.86
N ASP B 185 -36.33 7.98 -49.48
CA ASP B 185 -37.35 6.96 -49.62
C ASP B 185 -37.85 6.50 -48.25
N LEU B 186 -37.01 6.63 -47.22
CA LEU B 186 -37.42 6.35 -45.86
C LEU B 186 -38.35 7.42 -45.31
N ASP B 187 -38.09 8.68 -45.65
CA ASP B 187 -39.09 9.70 -45.37
C ASP B 187 -40.34 9.50 -46.22
N SER B 188 -40.28 8.63 -47.21
CA SER B 188 -41.48 8.29 -47.96
C SER B 188 -42.36 7.27 -47.24
N MET B 189 -41.88 6.62 -46.18
CA MET B 189 -42.78 5.81 -45.37
C MET B 189 -43.25 6.49 -44.11
N GLU B 190 -42.44 7.34 -43.49
CA GLU B 190 -42.81 7.94 -42.22
C GLU B 190 -43.90 8.99 -42.38
N ASN B 191 -44.49 9.12 -43.56
CA ASN B 191 -45.77 9.80 -43.66
C ASN B 191 -46.80 9.08 -42.80
N SER B 192 -46.79 7.75 -42.83
CA SER B 192 -47.50 6.90 -41.88
C SER B 192 -48.99 7.20 -41.86
N GLU B 193 -49.61 7.02 -43.03
CA GLU B 193 -51.05 7.14 -43.19
C GLU B 193 -51.75 5.80 -43.28
N ARG B 194 -51.09 4.81 -43.90
CA ARG B 194 -51.53 3.43 -43.84
C ARG B 194 -50.37 2.46 -43.63
N ILE B 195 -49.13 2.93 -43.69
CA ILE B 195 -47.98 2.08 -43.44
C ILE B 195 -47.89 1.72 -41.96
N LYS B 196 -48.19 2.68 -41.08
CA LYS B 196 -48.07 2.43 -39.65
C LYS B 196 -49.04 1.37 -39.16
N ILE B 197 -50.30 1.42 -39.60
CA ILE B 197 -51.30 0.47 -39.13
C ILE B 197 -51.00 -0.94 -39.64
N ILE B 198 -50.64 -1.06 -40.92
CA ILE B 198 -50.29 -2.37 -41.45
C ILE B 198 -49.00 -2.90 -40.84
N ARG B 199 -48.03 -2.03 -40.55
CA ARG B 199 -46.82 -2.49 -39.87
C ARG B 199 -47.13 -2.99 -38.48
N GLN B 200 -48.00 -2.28 -37.75
CA GLN B 200 -48.37 -2.70 -36.41
C GLN B 200 -49.14 -4.02 -36.40
N ASN B 201 -50.09 -4.20 -37.32
CA ASN B 201 -50.83 -5.46 -37.34
C ASN B 201 -50.01 -6.59 -37.95
N LEU B 202 -48.93 -6.27 -38.69
CA LEU B 202 -47.97 -7.29 -39.07
C LEU B 202 -47.10 -7.69 -37.90
N GLN B 203 -46.67 -6.72 -37.09
CA GLN B 203 -45.85 -7.04 -35.93
C GLN B 203 -46.65 -7.80 -34.87
N MET B 204 -47.93 -7.49 -34.72
CA MET B 204 -48.80 -8.15 -33.76
C MET B 204 -49.37 -9.46 -34.30
N GLU B 205 -49.05 -9.81 -35.54
CA GLU B 205 -49.45 -11.10 -36.09
C GLU B 205 -48.27 -12.05 -36.28
N ILE B 206 -47.13 -11.57 -36.78
CA ILE B 206 -45.94 -12.40 -36.84
C ILE B 206 -45.52 -12.80 -35.44
N LYS B 207 -45.76 -11.93 -34.45
CA LYS B 207 -45.49 -12.28 -33.06
C LYS B 207 -46.41 -13.37 -32.55
N ILE B 208 -47.55 -13.60 -33.20
CA ILE B 208 -48.31 -14.83 -33.01
C ILE B 208 -47.79 -15.94 -33.90
N THR B 209 -47.21 -15.61 -35.05
CA THR B 209 -46.67 -16.59 -35.97
C THR B 209 -45.27 -17.03 -35.57
N THR B 210 -44.64 -16.34 -34.62
CA THR B 210 -43.44 -16.83 -33.96
C THR B 210 -43.74 -17.45 -32.60
N VAL B 211 -45.02 -17.54 -32.24
CA VAL B 211 -45.45 -18.25 -31.04
C VAL B 211 -46.08 -19.59 -31.39
N ILE B 212 -47.07 -19.59 -32.29
CA ILE B 212 -47.63 -20.85 -32.74
C ILE B 212 -46.58 -21.69 -33.46
N GLN B 213 -45.62 -21.03 -34.13
CA GLN B 213 -44.54 -21.76 -34.79
C GLN B 213 -43.69 -22.53 -33.78
N HIS B 214 -43.30 -21.86 -32.69
CA HIS B 214 -42.42 -22.46 -31.70
C HIS B 214 -43.15 -23.39 -30.75
N VAL B 215 -44.48 -23.47 -30.86
CA VAL B 215 -45.21 -24.54 -30.20
C VAL B 215 -45.55 -25.64 -31.20
N PHE B 216 -45.01 -25.55 -32.40
CA PHE B 216 -44.93 -26.69 -33.29
C PHE B 216 -43.57 -27.36 -33.25
N GLN B 217 -42.53 -26.57 -32.97
CA GLN B 217 -41.22 -27.10 -32.66
C GLN B 217 -41.15 -27.69 -31.27
N ASN B 218 -42.22 -27.55 -30.47
CA ASN B 218 -42.28 -28.10 -29.12
C ASN B 218 -43.49 -29.00 -28.89
N LEU B 219 -44.38 -29.14 -29.87
CA LEU B 219 -45.46 -30.12 -29.81
C LEU B 219 -45.26 -31.31 -30.73
N ILE B 220 -44.55 -31.13 -31.84
CA ILE B 220 -44.20 -32.26 -32.71
C ILE B 220 -42.80 -32.66 -32.30
N LEU B 221 -42.44 -32.34 -31.05
CA LEU B 221 -41.23 -32.84 -30.44
C LEU B 221 -41.53 -33.64 -29.18
N GLY B 222 -42.38 -33.12 -28.29
CA GLY B 222 -42.57 -33.77 -27.01
C GLY B 222 -43.57 -34.91 -27.04
N SER B 223 -44.46 -34.91 -28.04
CA SER B 223 -45.52 -35.91 -28.11
C SER B 223 -44.96 -37.19 -28.74
N LYS B 224 -45.86 -38.11 -29.09
CA LYS B 224 -45.52 -39.27 -29.92
C LYS B 224 -45.58 -38.78 -31.36
N VAL B 225 -44.47 -38.19 -31.81
CA VAL B 225 -44.53 -37.28 -32.94
C VAL B 225 -44.53 -38.04 -34.26
N ASN B 226 -43.63 -39.01 -34.43
CA ASN B 226 -43.34 -39.59 -35.73
C ASN B 226 -43.25 -38.45 -36.76
N TRP B 227 -42.37 -37.51 -36.44
CA TRP B 227 -42.37 -36.20 -37.08
C TRP B 227 -42.05 -36.25 -38.57
N ALA B 228 -40.84 -36.66 -38.92
CA ALA B 228 -40.37 -36.56 -40.29
C ALA B 228 -40.72 -37.75 -41.16
N GLU B 229 -41.19 -38.85 -40.57
CA GLU B 229 -41.70 -39.96 -41.37
C GLU B 229 -43.17 -39.77 -41.69
N ASP B 230 -43.48 -38.58 -42.20
CA ASP B 230 -44.82 -38.15 -42.55
C ASP B 230 -44.70 -36.98 -43.52
N PRO B 231 -45.43 -37.00 -44.64
CA PRO B 231 -45.21 -35.96 -45.64
C PRO B 231 -45.96 -34.66 -45.38
N ALA B 232 -46.98 -34.66 -44.51
CA ALA B 232 -47.64 -33.41 -44.17
C ALA B 232 -46.77 -32.58 -43.24
N LEU B 233 -46.47 -33.12 -42.05
CA LEU B 233 -45.69 -32.36 -41.06
C LEU B 233 -44.32 -31.97 -41.57
N LYS B 234 -43.70 -32.79 -42.42
CA LYS B 234 -42.34 -32.50 -42.89
C LYS B 234 -42.23 -31.14 -43.55
N GLU B 235 -43.30 -30.66 -44.18
CA GLU B 235 -43.33 -29.31 -44.72
C GLU B 235 -43.82 -28.29 -43.70
N ILE B 236 -44.49 -28.73 -42.64
CA ILE B 236 -44.97 -27.85 -41.59
C ILE B 236 -43.99 -27.81 -40.42
N VAL B 237 -43.45 -28.96 -40.04
CA VAL B 237 -42.24 -28.99 -39.22
C VAL B 237 -41.10 -28.60 -40.16
N LEU B 238 -39.93 -28.29 -39.60
CA LEU B 238 -38.93 -27.51 -40.32
C LEU B 238 -39.55 -26.22 -40.84
N GLN B 239 -40.30 -25.56 -39.96
CA GLN B 239 -41.07 -24.38 -40.33
C GLN B 239 -40.13 -23.23 -40.65
N LEU B 240 -40.26 -22.69 -41.85
CA LEU B 240 -39.43 -21.57 -42.28
C LEU B 240 -39.66 -20.37 -41.38
N GLU B 241 -38.57 -19.72 -40.97
CA GLU B 241 -38.65 -18.56 -40.10
C GLU B 241 -39.31 -17.37 -40.81
N GLU C 62 -23.10 -55.45 -52.12
CA GLU C 62 -23.73 -56.39 -51.22
C GLU C 62 -24.14 -55.73 -49.91
N GLU C 63 -23.55 -54.57 -49.63
CA GLU C 63 -23.85 -53.86 -48.39
C GLU C 63 -25.31 -53.42 -48.36
N ASP C 64 -25.83 -52.90 -49.48
CA ASP C 64 -27.24 -52.57 -49.55
C ASP C 64 -28.09 -53.80 -49.31
N ALA C 65 -27.73 -54.93 -49.93
CA ALA C 65 -28.33 -56.21 -49.59
C ALA C 65 -28.06 -56.61 -48.14
N LEU C 66 -26.84 -56.43 -47.66
CA LEU C 66 -26.51 -56.78 -46.29
C LEU C 66 -27.26 -55.91 -45.28
N GLN C 67 -27.42 -54.62 -45.57
CA GLN C 67 -28.15 -53.76 -44.64
C GLN C 67 -29.65 -54.04 -44.66
N MET C 68 -30.21 -54.45 -45.81
CA MET C 68 -31.61 -54.86 -45.82
C MET C 68 -31.78 -56.19 -45.10
N ALA C 69 -30.75 -57.04 -45.14
CA ALA C 69 -30.76 -58.24 -44.30
C ALA C 69 -30.72 -57.87 -42.82
N VAL C 70 -29.94 -56.86 -42.46
CA VAL C 70 -29.93 -56.36 -41.08
C VAL C 70 -31.31 -55.83 -40.69
N GLY C 71 -31.97 -55.12 -41.60
CA GLY C 71 -33.36 -54.77 -41.38
C GLY C 71 -34.27 -55.96 -41.18
N TYR C 72 -34.03 -57.02 -41.96
CA TYR C 72 -34.78 -58.27 -41.72
C TYR C 72 -34.36 -58.78 -40.34
N PHE C 73 -33.06 -58.67 -40.02
CA PHE C 73 -32.64 -59.03 -38.67
C PHE C 73 -33.37 -58.19 -37.63
N GLU C 74 -34.02 -57.10 -38.07
CA GLU C 74 -34.77 -56.25 -37.17
C GLU C 74 -36.27 -56.50 -37.23
N LYS C 75 -36.81 -56.82 -38.41
CA LYS C 75 -38.20 -57.27 -38.51
C LYS C 75 -38.45 -58.56 -37.76
N GLY C 76 -37.40 -59.33 -37.47
CA GLY C 76 -37.49 -60.49 -36.62
C GLY C 76 -36.51 -60.38 -35.47
N PRO C 77 -36.64 -61.27 -34.49
CA PRO C 77 -35.72 -61.23 -33.35
C PRO C 77 -34.34 -61.76 -33.72
N ILE C 78 -33.37 -61.47 -32.84
CA ILE C 78 -32.04 -62.03 -33.01
C ILE C 78 -32.05 -63.54 -32.77
N LYS C 79 -32.86 -64.00 -31.82
CA LYS C 79 -32.93 -65.43 -31.53
C LYS C 79 -33.49 -66.22 -32.71
N ALA C 80 -34.52 -65.68 -33.36
CA ALA C 80 -35.14 -66.38 -34.49
C ALA C 80 -34.26 -66.41 -35.72
N SER C 81 -33.24 -65.57 -35.80
CA SER C 81 -32.36 -65.55 -36.95
C SER C 81 -31.50 -66.82 -37.01
N GLN C 82 -31.31 -67.34 -38.22
CA GLN C 82 -30.48 -68.50 -38.43
C GLN C 82 -28.99 -68.21 -38.31
N ASN C 83 -28.59 -66.96 -38.54
CA ASN C 83 -27.21 -66.53 -38.41
C ASN C 83 -27.14 -65.38 -37.40
N LYS C 84 -25.95 -65.14 -36.88
CA LYS C 84 -25.73 -64.03 -35.98
C LYS C 84 -25.81 -62.70 -36.72
N ASP C 85 -26.31 -61.69 -36.03
CA ASP C 85 -26.21 -60.33 -36.54
C ASP C 85 -24.78 -59.82 -36.54
N LYS C 86 -24.02 -60.11 -35.48
CA LYS C 86 -22.70 -59.53 -35.33
C LYS C 86 -21.75 -60.11 -36.38
N THR C 87 -22.08 -61.29 -36.91
CA THR C 87 -21.31 -61.83 -38.03
C THR C 87 -21.54 -61.01 -39.30
N LEU C 88 -22.80 -60.85 -39.70
CA LEU C 88 -23.09 -60.11 -40.92
C LEU C 88 -22.86 -58.61 -40.73
N GLU C 89 -23.26 -58.07 -39.58
CA GLU C 89 -22.97 -56.68 -39.28
C GLU C 89 -21.47 -56.47 -39.10
N LYS C 90 -20.72 -57.52 -38.76
CA LYS C 90 -19.28 -57.39 -38.65
C LYS C 90 -18.60 -57.47 -40.01
N HIS C 91 -19.17 -58.23 -40.95
CA HIS C 91 -18.75 -58.10 -42.33
C HIS C 91 -19.00 -56.68 -42.82
N LEU C 92 -20.17 -56.12 -42.48
CA LEU C 92 -20.41 -54.71 -42.75
C LEU C 92 -19.41 -53.82 -42.03
N LYS C 93 -18.93 -54.23 -40.85
CA LYS C 93 -17.96 -53.42 -40.11
C LYS C 93 -16.59 -53.44 -40.75
N THR C 94 -16.16 -54.60 -41.26
CA THR C 94 -14.96 -54.65 -42.09
C THR C 94 -15.13 -53.79 -43.33
N VAL C 95 -16.34 -53.74 -43.88
CA VAL C 95 -16.63 -52.81 -44.97
C VAL C 95 -16.49 -51.37 -44.50
N GLU C 96 -16.95 -51.06 -43.28
CA GLU C 96 -16.81 -49.70 -42.75
C GLU C 96 -15.35 -49.32 -42.57
N ASN C 97 -14.53 -50.28 -42.16
CA ASN C 97 -13.08 -50.04 -42.13
C ASN C 97 -12.55 -49.66 -43.51
N VAL C 98 -13.26 -50.03 -44.58
CA VAL C 98 -12.93 -49.56 -45.93
C VAL C 98 -13.84 -48.39 -46.29
N ALA C 99 -15.16 -48.62 -46.29
CA ALA C 99 -16.12 -47.57 -46.62
C ALA C 99 -17.42 -47.90 -45.91
N TRP C 100 -17.81 -47.06 -44.95
CA TRP C 100 -18.88 -47.37 -44.00
C TRP C 100 -20.29 -47.21 -44.52
N LYS C 101 -20.70 -46.07 -45.06
CA LYS C 101 -22.11 -45.98 -45.42
C LYS C 101 -22.33 -44.93 -46.51
N ASN C 102 -22.81 -45.38 -47.66
CA ASN C 102 -23.24 -44.48 -48.72
C ASN C 102 -24.33 -43.55 -48.19
N GLY C 103 -24.49 -42.40 -48.84
CA GLY C 103 -25.50 -41.45 -48.40
C GLY C 103 -26.85 -42.07 -48.20
N LEU C 104 -27.33 -42.83 -49.20
CA LEU C 104 -28.54 -43.62 -49.01
C LEU C 104 -28.33 -44.72 -47.97
N ALA C 105 -27.18 -45.40 -48.01
CA ALA C 105 -26.91 -46.43 -47.02
C ALA C 105 -26.81 -45.84 -45.62
N SER C 106 -26.05 -44.76 -45.46
CA SER C 106 -25.97 -44.11 -44.15
C SER C 106 -27.34 -43.69 -43.68
N GLU C 107 -28.13 -43.08 -44.57
CA GLU C 107 -29.49 -42.70 -44.23
C GLU C 107 -30.27 -43.88 -43.69
N GLU C 108 -30.42 -44.94 -44.50
CA GLU C 108 -31.34 -46.00 -44.13
C GLU C 108 -30.83 -46.72 -42.87
N ILE C 109 -29.56 -47.13 -42.88
CA ILE C 109 -29.00 -47.84 -41.72
C ILE C 109 -28.95 -46.98 -40.47
N ASP C 110 -29.02 -45.65 -40.59
CA ASP C 110 -29.15 -44.81 -39.41
C ASP C 110 -30.62 -44.61 -39.06
N ILE C 111 -31.51 -44.95 -40.00
CA ILE C 111 -32.92 -44.70 -39.76
C ILE C 111 -33.55 -45.89 -39.04
N LEU C 112 -33.54 -47.06 -39.69
CA LEU C 112 -34.25 -48.23 -39.18
C LEU C 112 -33.53 -48.89 -38.01
N LEU C 113 -32.20 -48.82 -37.99
CA LEU C 113 -31.39 -49.42 -36.92
C LEU C 113 -31.47 -48.63 -35.61
N ASN C 114 -32.10 -47.46 -35.62
CA ASN C 114 -32.07 -46.59 -34.46
C ASN C 114 -33.44 -46.08 -34.02
N ILE C 115 -34.49 -46.29 -34.80
CA ILE C 115 -35.79 -45.75 -34.41
C ILE C 115 -36.36 -46.59 -33.27
N ALA C 116 -36.69 -47.85 -33.54
CA ALA C 116 -37.24 -48.73 -32.51
C ALA C 116 -36.70 -50.15 -32.59
N LEU C 117 -36.20 -50.57 -33.74
CA LEU C 117 -35.99 -51.98 -34.02
C LEU C 117 -34.74 -52.50 -33.34
N SER C 118 -34.28 -53.71 -33.72
CA SER C 118 -33.37 -54.52 -32.92
C SER C 118 -32.29 -53.68 -32.25
N GLY C 119 -31.44 -53.04 -33.06
CA GLY C 119 -30.66 -51.89 -32.65
C GLY C 119 -30.20 -51.87 -31.22
N LYS C 120 -29.55 -52.94 -30.78
CA LYS C 120 -29.18 -53.06 -29.38
C LYS C 120 -28.27 -51.91 -28.97
N PHE C 121 -28.46 -51.43 -27.73
CA PHE C 121 -27.68 -50.31 -27.24
C PHE C 121 -26.19 -50.61 -27.27
N GLY C 122 -25.81 -51.86 -27.51
CA GLY C 122 -24.47 -52.19 -27.92
C GLY C 122 -24.38 -52.25 -29.44
N ASN C 123 -25.28 -53.02 -30.05
CA ASN C 123 -25.25 -53.20 -31.50
C ASN C 123 -25.52 -51.89 -32.24
N ALA C 124 -26.55 -51.15 -31.85
CA ALA C 124 -26.79 -49.86 -32.48
C ALA C 124 -25.64 -48.91 -32.23
N VAL C 125 -24.98 -49.03 -31.08
CA VAL C 125 -23.77 -48.24 -30.83
C VAL C 125 -22.59 -48.80 -31.61
N ASN C 126 -22.42 -50.13 -31.63
CA ASN C 126 -21.33 -50.72 -32.41
C ASN C 126 -21.36 -50.29 -33.86
N THR C 127 -22.54 -50.06 -34.41
CA THR C 127 -22.63 -49.45 -35.74
C THR C 127 -22.46 -47.94 -35.67
N ARG C 128 -23.11 -47.30 -34.69
CA ARG C 128 -23.10 -45.84 -34.59
C ARG C 128 -21.70 -45.28 -34.41
N ILE C 129 -20.77 -46.05 -33.85
CA ILE C 129 -19.39 -45.62 -33.78
C ILE C 129 -18.84 -45.39 -35.19
N LEU C 130 -19.35 -46.15 -36.16
CA LEU C 130 -18.86 -46.12 -37.53
C LEU C 130 -20.01 -45.97 -38.53
N LYS C 131 -21.13 -45.36 -38.12
CA LYS C 131 -22.27 -45.20 -39.02
C LYS C 131 -22.25 -43.87 -39.77
N CYS C 132 -21.07 -43.28 -39.97
CA CYS C 132 -20.99 -42.00 -40.65
C CYS C 132 -21.01 -42.20 -42.17
N MET C 133 -20.69 -41.11 -42.87
CA MET C 133 -20.89 -41.12 -44.34
C MET C 133 -19.61 -41.21 -45.16
N ILE C 134 -19.72 -41.87 -46.30
CA ILE C 134 -18.60 -41.83 -47.24
C ILE C 134 -18.58 -40.51 -48.01
N PRO C 135 -19.60 -40.18 -48.86
CA PRO C 135 -19.53 -38.89 -49.58
C PRO C 135 -19.84 -37.67 -48.74
N ALA C 136 -20.99 -37.71 -48.08
CA ALA C 136 -21.57 -36.61 -47.32
C ALA C 136 -22.85 -37.13 -46.69
N THR C 137 -23.27 -36.53 -45.57
CA THR C 137 -24.55 -36.84 -44.96
C THR C 137 -25.61 -35.94 -45.56
N VAL C 138 -26.76 -36.51 -45.88
CA VAL C 138 -27.79 -35.79 -46.61
C VAL C 138 -28.92 -35.42 -45.65
N ILE C 139 -29.85 -34.60 -46.12
CA ILE C 139 -30.92 -34.10 -45.26
C ILE C 139 -31.79 -35.25 -44.77
N SER C 140 -32.17 -36.16 -45.67
CA SER C 140 -33.01 -37.29 -45.28
C SER C 140 -32.37 -38.17 -44.23
N GLU C 141 -31.03 -38.14 -44.10
CA GLU C 141 -30.40 -38.75 -42.94
C GLU C 141 -30.86 -38.08 -41.66
N ASP C 142 -30.76 -36.75 -41.60
CA ASP C 142 -31.12 -36.02 -40.40
C ASP C 142 -32.63 -36.03 -40.15
N SER C 143 -33.44 -36.18 -41.21
CA SER C 143 -34.88 -35.98 -41.10
C SER C 143 -35.53 -36.92 -40.10
N VAL C 144 -35.52 -38.23 -40.38
CA VAL C 144 -36.24 -39.16 -39.52
C VAL C 144 -35.33 -39.70 -38.41
N VAL C 145 -34.06 -39.26 -38.36
CA VAL C 145 -33.29 -39.47 -37.12
C VAL C 145 -33.56 -38.36 -36.12
N LYS C 146 -34.07 -37.22 -36.58
CA LYS C 146 -34.81 -36.34 -35.70
C LYS C 146 -36.04 -37.05 -35.15
N ALA C 147 -36.59 -37.99 -35.91
CA ALA C 147 -37.58 -38.93 -35.40
C ALA C 147 -36.94 -40.12 -34.68
N VAL C 148 -35.61 -40.18 -34.64
CA VAL C 148 -34.92 -40.91 -33.59
C VAL C 148 -34.68 -40.01 -32.38
N SER C 149 -34.44 -38.72 -32.62
CA SER C 149 -34.49 -37.71 -31.57
C SER C 149 -35.89 -37.52 -31.03
N TRP C 150 -36.87 -38.18 -31.68
CA TRP C 150 -38.27 -38.13 -31.18
C TRP C 150 -38.21 -38.52 -29.70
N LEU C 151 -37.41 -39.53 -29.33
CA LEU C 151 -37.08 -39.72 -27.92
C LEU C 151 -38.32 -40.12 -27.11
N CYS C 152 -38.77 -41.33 -27.37
CA CYS C 152 -40.07 -41.82 -26.90
C CYS C 152 -39.99 -43.31 -26.57
N VAL C 153 -41.11 -44.01 -26.66
CA VAL C 153 -41.22 -45.40 -26.21
C VAL C 153 -39.95 -46.20 -26.54
N GLY C 154 -39.42 -46.03 -27.74
CA GLY C 154 -38.13 -46.63 -28.05
C GLY C 154 -36.96 -45.74 -27.68
N LYS C 155 -36.93 -44.53 -28.27
CA LYS C 155 -36.04 -43.44 -27.91
C LYS C 155 -34.57 -43.67 -28.28
N CYS C 156 -34.21 -44.89 -28.68
CA CYS C 156 -32.81 -45.24 -28.88
C CYS C 156 -31.99 -44.78 -27.68
N SER C 157 -32.25 -45.44 -26.54
CA SER C 157 -32.06 -44.93 -25.19
C SER C 157 -30.75 -44.18 -24.95
N GLY C 158 -30.79 -43.27 -23.96
CA GLY C 158 -29.88 -42.17 -23.79
C GLY C 158 -28.39 -42.38 -24.04
N SER C 159 -27.89 -43.59 -23.83
CA SER C 159 -26.49 -43.85 -24.19
C SER C 159 -26.29 -43.74 -25.69
N THR C 160 -27.13 -44.44 -26.46
CA THR C 160 -27.06 -44.32 -27.91
C THR C 160 -27.43 -42.92 -28.35
N LYS C 161 -28.24 -42.20 -27.57
CA LYS C 161 -28.44 -40.78 -27.84
C LYS C 161 -27.14 -40.00 -27.68
N VAL C 162 -26.33 -40.34 -26.68
CA VAL C 162 -25.07 -39.65 -26.48
C VAL C 162 -24.15 -39.88 -27.67
N LEU C 163 -24.01 -41.14 -28.08
CA LEU C 163 -23.24 -41.39 -29.29
C LEU C 163 -23.88 -40.79 -30.53
N PHE C 164 -25.19 -40.61 -30.55
CA PHE C 164 -25.85 -40.02 -31.72
C PHE C 164 -25.54 -38.53 -31.83
N TYR C 165 -25.68 -37.81 -30.73
CA TYR C 165 -25.36 -36.39 -30.75
C TYR C 165 -23.86 -36.17 -30.92
N ARG C 166 -23.03 -37.09 -30.44
CA ARG C 166 -21.62 -37.05 -30.76
C ARG C 166 -21.38 -37.31 -32.24
N TRP C 167 -22.19 -38.19 -32.85
CA TRP C 167 -22.14 -38.36 -34.29
C TRP C 167 -22.35 -37.03 -35.00
N LEU C 168 -23.46 -36.35 -34.67
CA LEU C 168 -23.74 -35.07 -35.32
C LEU C 168 -22.66 -34.03 -35.06
N VAL C 169 -22.16 -33.94 -33.83
CA VAL C 169 -21.09 -32.99 -33.53
C VAL C 169 -19.85 -33.30 -34.36
N ALA C 170 -19.47 -34.57 -34.41
CA ALA C 170 -18.27 -34.96 -35.13
C ALA C 170 -18.40 -34.79 -36.64
N MET C 171 -19.58 -35.06 -37.21
CA MET C 171 -19.80 -34.90 -38.64
C MET C 171 -20.70 -33.73 -39.01
N PHE C 172 -20.77 -32.69 -38.16
CA PHE C 172 -21.45 -31.47 -38.59
C PHE C 172 -20.80 -30.88 -39.85
N ASP C 173 -19.53 -31.12 -40.08
CA ASP C 173 -18.87 -30.51 -41.23
C ASP C 173 -19.38 -31.08 -42.56
N PHE C 174 -19.81 -32.34 -42.59
CA PHE C 174 -20.30 -32.94 -43.84
C PHE C 174 -21.82 -33.08 -43.80
N ILE C 175 -22.50 -32.00 -44.17
CA ILE C 175 -23.88 -32.04 -44.61
C ILE C 175 -24.02 -31.14 -45.82
N ASP C 176 -24.77 -31.58 -46.82
CA ASP C 176 -24.95 -30.77 -48.03
C ASP C 176 -25.65 -29.47 -47.71
N ARG C 177 -26.70 -29.50 -46.88
CA ARG C 177 -27.47 -28.31 -46.52
C ARG C 177 -27.52 -28.20 -45.00
N LYS C 178 -26.51 -27.56 -44.42
CA LYS C 178 -26.53 -27.28 -42.99
C LYS C 178 -27.69 -26.37 -42.59
N GLU C 179 -28.18 -25.56 -43.54
CA GLU C 179 -29.31 -24.69 -43.26
C GLU C 179 -30.55 -25.49 -42.89
N GLN C 180 -30.71 -26.70 -43.45
CA GLN C 180 -31.88 -27.50 -43.11
C GLN C 180 -31.87 -27.91 -41.65
N ILE C 181 -30.71 -28.35 -41.15
CA ILE C 181 -30.60 -28.70 -39.73
C ILE C 181 -30.71 -27.47 -38.86
N ASN C 182 -30.16 -26.34 -39.33
CA ASN C 182 -30.30 -25.10 -38.58
C ASN C 182 -31.77 -24.70 -38.47
N LEU C 183 -32.55 -25.04 -39.50
CA LEU C 183 -33.98 -24.81 -39.52
C LEU C 183 -34.66 -25.77 -38.54
N LEU C 184 -33.91 -26.79 -38.11
CA LEU C 184 -34.34 -27.76 -37.10
C LEU C 184 -33.76 -27.43 -35.72
N TYR C 185 -33.40 -26.17 -35.50
CA TYR C 185 -32.60 -25.81 -34.32
C TYR C 185 -33.31 -26.14 -33.03
N GLY C 186 -34.60 -25.78 -32.92
CA GLY C 186 -35.31 -25.99 -31.67
C GLY C 186 -35.49 -27.44 -31.31
N PHE C 187 -35.50 -28.33 -32.29
CA PHE C 187 -35.68 -29.75 -31.99
C PHE C 187 -34.52 -30.29 -31.17
N PHE C 188 -33.30 -29.78 -31.43
CA PHE C 188 -32.17 -30.15 -30.58
C PHE C 188 -32.03 -29.22 -29.38
N PHE C 189 -32.48 -27.98 -29.50
CA PHE C 189 -32.40 -27.07 -28.37
C PHE C 189 -33.27 -27.53 -27.21
N ALA C 190 -34.46 -28.06 -27.50
CA ALA C 190 -35.31 -28.62 -26.46
C ALA C 190 -34.78 -29.95 -25.94
N SER C 191 -33.79 -30.54 -26.61
CA SER C 191 -33.09 -31.70 -26.10
C SER C 191 -31.98 -31.33 -25.13
N LEU C 192 -31.73 -30.04 -24.94
CA LEU C 192 -30.72 -29.59 -23.99
C LEU C 192 -31.16 -29.76 -22.54
N GLN C 193 -32.46 -29.87 -22.29
CA GLN C 193 -32.94 -29.91 -20.91
C GLN C 193 -32.56 -31.21 -20.21
N ASP C 194 -32.52 -32.33 -20.93
CA ASP C 194 -32.12 -33.59 -20.30
C ASP C 194 -30.62 -33.57 -20.02
N ASP C 195 -30.22 -34.22 -18.93
CA ASP C 195 -28.87 -34.00 -18.41
C ASP C 195 -27.82 -34.73 -19.26
N ALA C 196 -28.12 -35.95 -19.71
CA ALA C 196 -27.08 -36.79 -20.32
C ALA C 196 -26.60 -36.25 -21.67
N LEU C 197 -27.46 -35.56 -22.41
CA LEU C 197 -27.11 -35.05 -23.72
C LEU C 197 -26.64 -33.60 -23.69
N CYS C 198 -26.73 -32.92 -22.54
CA CYS C 198 -26.29 -31.53 -22.47
C CYS C 198 -24.83 -31.34 -22.87
N PRO C 199 -23.86 -32.14 -22.37
CA PRO C 199 -22.47 -31.92 -22.80
C PRO C 199 -22.25 -32.11 -24.29
N TYR C 200 -23.15 -32.81 -24.99
CA TYR C 200 -22.98 -33.03 -26.42
C TYR C 200 -23.94 -32.18 -27.24
N VAL C 201 -25.17 -31.99 -26.77
CA VAL C 201 -26.09 -31.09 -27.45
C VAL C 201 -25.57 -29.66 -27.40
N CYS C 202 -24.93 -29.28 -26.29
CA CYS C 202 -24.32 -27.95 -26.22
C CYS C 202 -23.31 -27.76 -27.34
N HIS C 203 -22.46 -28.76 -27.56
CA HIS C 203 -21.52 -28.71 -28.68
C HIS C 203 -22.26 -28.61 -30.01
N LEU C 204 -23.30 -29.41 -30.18
CA LEU C 204 -24.00 -29.42 -31.47
C LEU C 204 -24.60 -28.05 -31.77
N LEU C 205 -25.33 -27.48 -30.82
CA LEU C 205 -25.89 -26.15 -31.04
C LEU C 205 -24.82 -25.07 -31.11
N TYR C 206 -23.66 -25.28 -30.47
CA TYR C 206 -22.53 -24.40 -30.71
C TYR C 206 -22.09 -24.49 -32.15
N LEU C 207 -22.33 -25.61 -32.80
CA LEU C 207 -22.03 -25.75 -34.21
C LEU C 207 -23.19 -25.38 -35.13
N LEU C 208 -24.42 -25.34 -34.61
CA LEU C 208 -25.60 -25.13 -35.45
C LEU C 208 -26.12 -23.70 -35.40
N THR C 209 -25.61 -22.86 -34.51
CA THR C 209 -26.30 -21.62 -34.15
C THR C 209 -26.19 -20.56 -35.24
N LYS C 210 -27.33 -19.99 -35.61
CA LYS C 210 -27.40 -18.82 -36.47
C LYS C 210 -28.29 -17.79 -35.80
N LYS C 211 -28.28 -16.57 -36.33
CA LYS C 211 -29.01 -15.47 -35.71
C LYS C 211 -30.52 -15.73 -35.63
N GLU C 212 -31.08 -16.45 -36.60
CA GLU C 212 -32.50 -16.75 -36.57
C GLU C 212 -32.89 -17.69 -35.44
N ASN C 213 -31.92 -18.30 -34.77
CA ASN C 213 -32.16 -19.28 -33.72
C ASN C 213 -31.90 -18.72 -32.33
N VAL C 214 -31.84 -17.41 -32.18
CA VAL C 214 -31.45 -16.78 -30.92
C VAL C 214 -32.64 -16.01 -30.37
N LYS C 215 -33.84 -16.55 -30.57
CA LYS C 215 -35.04 -15.92 -30.04
C LYS C 215 -34.92 -15.76 -28.53
N PRO C 216 -35.47 -14.69 -27.94
CA PRO C 216 -35.25 -14.44 -26.51
C PRO C 216 -35.71 -15.55 -25.60
N PHE C 217 -36.72 -16.33 -25.98
CA PHE C 217 -37.13 -17.44 -25.13
C PHE C 217 -36.04 -18.51 -25.04
N ARG C 218 -35.30 -18.74 -26.11
CA ARG C 218 -34.14 -19.63 -26.01
C ARG C 218 -33.05 -19.05 -25.13
N VAL C 219 -32.86 -17.73 -25.15
CA VAL C 219 -31.89 -17.11 -24.25
C VAL C 219 -32.30 -17.34 -22.80
N ARG C 220 -33.58 -17.13 -22.50
CA ARG C 220 -34.06 -17.39 -21.15
C ARG C 220 -34.02 -18.86 -20.78
N LYS C 221 -34.23 -19.77 -21.73
CA LYS C 221 -34.07 -21.19 -21.44
C LYS C 221 -32.63 -21.55 -21.12
N LEU C 222 -31.66 -20.97 -21.84
CA LEU C 222 -30.27 -21.19 -21.51
C LEU C 222 -29.92 -20.62 -20.14
N LEU C 223 -30.45 -19.44 -19.81
CA LEU C 223 -30.24 -18.90 -18.48
C LEU C 223 -30.86 -19.78 -17.39
N ASP C 224 -32.06 -20.32 -17.63
CA ASP C 224 -32.66 -21.25 -16.68
C ASP C 224 -31.82 -22.51 -16.52
N LEU C 225 -31.28 -23.03 -17.62
CA LEU C 225 -30.38 -24.17 -17.55
C LEU C 225 -29.11 -23.86 -16.78
N GLN C 226 -28.53 -22.69 -16.97
CA GLN C 226 -27.36 -22.26 -16.21
C GLN C 226 -27.66 -22.11 -14.73
N ALA C 227 -28.82 -21.57 -14.39
CA ALA C 227 -29.17 -21.42 -12.98
C ALA C 227 -29.47 -22.77 -12.32
N LYS C 228 -30.29 -23.60 -12.97
CA LYS C 228 -30.64 -24.89 -12.41
C LYS C 228 -29.44 -25.82 -12.37
N MET C 229 -28.72 -25.94 -13.49
CA MET C 229 -27.55 -26.79 -13.55
C MET C 229 -26.30 -26.00 -13.22
N GLY C 230 -25.12 -26.56 -13.51
CA GLY C 230 -23.87 -25.95 -13.12
C GLY C 230 -23.42 -24.90 -14.10
N MET C 231 -22.24 -24.35 -13.81
CA MET C 231 -21.59 -23.35 -14.66
C MET C 231 -20.86 -24.01 -15.82
N GLN C 232 -21.23 -25.25 -16.15
CA GLN C 232 -20.54 -26.13 -17.09
C GLN C 232 -20.02 -25.37 -18.31
N PRO C 233 -18.76 -25.60 -18.71
CA PRO C 233 -18.17 -24.82 -19.80
C PRO C 233 -18.90 -24.98 -21.13
N HIS C 234 -19.68 -26.04 -21.30
CA HIS C 234 -20.45 -26.20 -22.53
C HIS C 234 -21.57 -25.16 -22.61
N LEU C 235 -22.28 -24.97 -21.50
CA LEU C 235 -23.26 -23.90 -21.42
C LEU C 235 -22.59 -22.54 -21.59
N GLN C 236 -21.39 -22.37 -21.04
CA GLN C 236 -20.67 -21.12 -21.22
C GLN C 236 -20.31 -20.89 -22.69
N ALA C 237 -19.92 -21.95 -23.39
CA ALA C 237 -19.63 -21.82 -24.82
C ALA C 237 -20.88 -21.43 -25.60
N LEU C 238 -22.01 -22.06 -25.29
CA LEU C 238 -23.25 -21.71 -25.99
C LEU C 238 -23.67 -20.28 -25.68
N LEU C 239 -23.53 -19.87 -24.42
CA LEU C 239 -23.77 -18.49 -24.01
C LEU C 239 -22.84 -17.52 -24.72
N SER C 240 -21.59 -17.91 -24.98
CA SER C 240 -20.69 -17.05 -25.73
C SER C 240 -21.20 -16.81 -27.14
N LEU C 241 -21.73 -17.85 -27.78
CA LEU C 241 -22.34 -17.65 -29.09
C LEU C 241 -23.56 -16.76 -29.00
N TYR C 242 -24.43 -16.99 -28.02
CA TYR C 242 -25.64 -16.19 -27.93
C TYR C 242 -25.34 -14.72 -27.59
N LYS C 243 -24.23 -14.45 -26.92
CA LYS C 243 -23.72 -13.10 -26.77
C LYS C 243 -23.09 -12.55 -28.03
N PHE C 244 -22.43 -13.40 -28.82
CA PHE C 244 -21.88 -12.99 -30.09
C PHE C 244 -22.97 -12.59 -31.06
N PHE C 245 -24.15 -13.19 -30.92
CA PHE C 245 -25.35 -12.77 -31.63
C PHE C 245 -26.08 -11.75 -30.75
N ALA C 246 -27.36 -11.47 -31.06
CA ALA C 246 -28.16 -10.44 -30.41
C ALA C 246 -27.96 -10.45 -28.89
N PRO C 247 -27.33 -9.42 -28.33
CA PRO C 247 -26.99 -9.45 -26.91
C PRO C 247 -28.17 -9.18 -25.98
N ALA C 248 -29.11 -10.12 -25.91
CA ALA C 248 -30.10 -10.12 -24.86
C ALA C 248 -29.56 -10.74 -23.58
N LEU C 249 -28.36 -11.31 -23.63
CA LEU C 249 -27.64 -11.84 -22.49
C LEU C 249 -26.20 -11.38 -22.57
N ILE C 250 -25.53 -11.29 -21.44
CA ILE C 250 -24.14 -10.84 -21.40
C ILE C 250 -23.37 -11.76 -20.46
N SER C 251 -22.21 -12.23 -20.92
CA SER C 251 -21.33 -13.06 -20.11
C SER C 251 -19.95 -13.09 -20.72
N VAL C 252 -18.93 -13.13 -19.86
CA VAL C 252 -17.55 -13.16 -20.33
C VAL C 252 -16.80 -14.32 -19.67
N ILE C 260 -14.86 -26.14 -23.39
CA ILE C 260 -14.34 -24.79 -23.19
C ILE C 260 -14.53 -23.97 -24.49
N TYR C 261 -13.69 -24.28 -25.49
CA TYR C 261 -13.67 -23.49 -26.71
C TYR C 261 -13.61 -24.35 -27.97
N PHE C 262 -14.54 -25.30 -28.14
CA PHE C 262 -14.60 -26.24 -29.26
C PHE C 262 -13.58 -27.36 -29.04
N LYS C 263 -13.16 -27.53 -27.79
CA LYS C 263 -12.38 -28.71 -27.44
C LYS C 263 -13.25 -29.95 -27.57
N ASN C 264 -13.02 -30.75 -28.60
CA ASN C 264 -13.92 -31.84 -28.95
C ASN C 264 -13.54 -33.11 -28.19
N SER C 265 -14.47 -34.07 -28.18
CA SER C 265 -14.25 -35.37 -27.57
C SER C 265 -14.42 -36.47 -28.61
N GLU C 266 -14.66 -36.06 -29.85
CA GLU C 266 -14.79 -37.01 -30.96
C GLU C 266 -13.42 -37.47 -31.44
N ASN C 267 -12.38 -37.20 -30.65
CA ASN C 267 -11.04 -37.61 -31.01
C ASN C 267 -10.94 -39.13 -31.14
N LEU C 268 -11.63 -39.86 -30.26
CA LEU C 268 -11.72 -41.31 -30.42
C LEU C 268 -12.43 -41.68 -31.71
N TRP C 269 -13.54 -41.00 -32.02
CA TRP C 269 -14.14 -41.14 -33.35
C TRP C 269 -13.25 -40.55 -34.43
N LYS C 270 -12.34 -39.64 -34.06
CA LYS C 270 -11.44 -39.04 -35.04
C LYS C 270 -10.31 -39.97 -35.47
N THR C 271 -10.34 -41.23 -35.06
CA THR C 271 -9.57 -42.23 -35.80
C THR C 271 -10.31 -42.46 -37.10
N ALA C 272 -11.55 -42.92 -36.98
CA ALA C 272 -12.44 -43.01 -38.12
C ALA C 272 -12.72 -41.65 -38.75
N LEU C 273 -12.84 -40.58 -37.96
CA LEU C 273 -13.13 -39.28 -38.56
C LEU C 273 -11.90 -38.70 -39.24
N LEU C 274 -10.68 -39.00 -38.76
CA LEU C 274 -9.52 -38.63 -39.54
C LEU C 274 -9.42 -39.45 -40.83
N ALA C 275 -9.82 -40.72 -40.77
CA ALA C 275 -9.95 -41.49 -42.00
C ALA C 275 -10.96 -40.85 -42.94
N VAL C 276 -12.05 -40.32 -42.37
CA VAL C 276 -13.09 -39.64 -43.14
C VAL C 276 -12.56 -38.38 -43.79
N LYS C 277 -11.74 -37.61 -43.06
CA LYS C 277 -11.05 -36.48 -43.68
C LYS C 277 -10.15 -36.94 -44.82
N GLN C 278 -9.34 -37.98 -44.59
CA GLN C 278 -8.52 -38.53 -45.65
C GLN C 278 -9.37 -39.15 -46.75
N ARG C 279 -10.49 -39.78 -46.39
CA ARG C 279 -11.39 -40.36 -47.39
C ARG C 279 -11.97 -39.28 -48.30
N ASN C 280 -12.39 -38.17 -47.72
CA ASN C 280 -12.89 -37.05 -48.52
C ASN C 280 -11.77 -36.45 -49.35
N ARG C 281 -10.54 -36.45 -48.83
CA ARG C 281 -9.40 -35.98 -49.60
C ARG C 281 -9.16 -36.85 -50.83
N GLY C 282 -9.26 -38.17 -50.68
CA GLY C 282 -8.97 -39.08 -51.75
C GLY C 282 -10.16 -39.34 -52.67
N PRO C 283 -11.28 -39.77 -52.10
CA PRO C 283 -12.55 -40.08 -52.77
C PRO C 283 -13.56 -38.94 -52.69
N SER C 365 -9.65 -0.53 -33.75
CA SER C 365 -10.83 -1.38 -33.73
C SER C 365 -10.93 -2.21 -35.01
N VAL C 366 -10.24 -1.74 -36.06
CA VAL C 366 -10.34 -2.35 -37.38
C VAL C 366 -8.98 -2.73 -37.94
N LEU C 367 -7.88 -2.43 -37.24
CA LEU C 367 -6.56 -2.68 -37.79
C LEU C 367 -6.31 -4.16 -38.00
N ASN C 368 -6.69 -5.00 -37.05
CA ASN C 368 -6.49 -6.44 -37.18
C ASN C 368 -7.67 -7.09 -37.89
N ASN C 369 -8.06 -6.49 -39.02
CA ASN C 369 -9.08 -7.08 -39.88
C ASN C 369 -8.77 -6.61 -41.31
N SER C 370 -8.00 -7.42 -42.03
CA SER C 370 -7.62 -7.07 -43.40
C SER C 370 -8.80 -7.06 -44.34
N LEU C 371 -9.80 -7.92 -44.12
CA LEU C 371 -10.98 -7.95 -44.96
C LEU C 371 -11.90 -6.76 -44.70
N LEU C 372 -11.81 -6.16 -43.52
CA LEU C 372 -12.58 -4.95 -43.21
C LEU C 372 -11.79 -3.68 -43.43
N LEU C 373 -10.46 -3.75 -43.45
CA LEU C 373 -9.64 -2.58 -43.75
C LEU C 373 -9.94 -2.03 -45.13
N HIS C 374 -10.41 -2.87 -46.06
CA HIS C 374 -10.79 -2.39 -47.37
C HIS C 374 -12.01 -1.48 -47.31
N TYR C 375 -12.88 -1.65 -46.31
CA TYR C 375 -14.01 -0.73 -46.17
C TYR C 375 -13.54 0.66 -45.81
N ILE C 376 -12.79 0.80 -44.71
CA ILE C 376 -12.28 2.10 -44.30
C ILE C 376 -11.36 2.69 -45.35
N ASN C 377 -10.67 1.84 -46.12
CA ASN C 377 -9.90 2.33 -47.26
C ASN C 377 -10.79 3.09 -48.24
N CYS C 378 -12.04 2.62 -48.41
CA CYS C 378 -12.92 3.18 -49.42
C CYS C 378 -13.86 4.26 -48.89
N VAL C 379 -14.07 4.36 -47.58
CA VAL C 379 -14.92 5.40 -47.01
C VAL C 379 -14.02 6.44 -46.37
N ARG C 380 -13.93 7.62 -46.97
CA ARG C 380 -13.34 8.78 -46.33
C ARG C 380 -14.44 9.57 -45.62
N ASP C 381 -15.21 8.83 -44.81
CA ASP C 381 -16.38 9.39 -44.15
C ASP C 381 -15.98 10.01 -42.81
N GLU C 382 -16.86 10.87 -42.32
CA GLU C 382 -16.52 11.68 -41.16
C GLU C 382 -16.60 10.88 -39.86
N PRO C 383 -17.70 10.21 -39.53
CA PRO C 383 -17.81 9.54 -38.23
C PRO C 383 -17.06 8.21 -38.14
N VAL C 384 -16.40 7.76 -39.19
CA VAL C 384 -15.59 6.55 -39.12
C VAL C 384 -14.10 6.86 -39.06
N LEU C 385 -13.62 7.85 -39.81
CA LEU C 385 -12.26 8.34 -39.65
C LEU C 385 -12.06 9.11 -38.36
N LEU C 386 -13.16 9.45 -37.67
CA LEU C 386 -13.09 10.01 -36.33
C LEU C 386 -13.33 8.98 -35.24
N ARG C 387 -14.21 8.00 -35.46
CA ARG C 387 -14.29 6.84 -34.60
C ARG C 387 -12.96 6.10 -34.55
N PHE C 388 -12.17 6.18 -35.61
CA PHE C 388 -10.88 5.53 -35.67
C PHE C 388 -9.72 6.42 -35.23
N TYR C 389 -9.81 7.73 -35.45
CA TYR C 389 -8.77 8.63 -34.98
C TYR C 389 -8.65 8.58 -33.46
N TYR C 390 -9.79 8.63 -32.77
CA TYR C 390 -9.81 8.65 -31.32
C TYR C 390 -9.32 7.34 -30.71
N TRP C 391 -9.46 6.22 -31.41
CA TRP C 391 -8.86 5.00 -30.91
C TRP C 391 -7.35 4.99 -31.08
N LEU C 392 -6.86 5.48 -32.21
CA LEU C 392 -5.42 5.48 -32.44
C LEU C 392 -4.71 6.45 -31.52
N SER C 393 -5.30 7.62 -31.27
CA SER C 393 -4.66 8.57 -30.37
C SER C 393 -4.58 8.03 -28.95
N GLN C 394 -5.63 7.35 -28.49
CA GLN C 394 -5.66 6.83 -27.12
C GLN C 394 -5.01 5.45 -27.00
N THR C 395 -4.65 4.81 -28.12
CA THR C 395 -3.80 3.63 -28.07
C THR C 395 -2.33 3.97 -28.19
N LEU C 396 -1.98 5.00 -28.97
CA LEU C 396 -0.61 5.48 -29.04
C LEU C 396 -0.24 6.39 -27.90
N GLN C 397 -1.19 6.73 -27.03
CA GLN C 397 -0.86 7.47 -25.82
C GLN C 397 -0.76 6.54 -24.61
N GLU C 398 -1.82 5.78 -24.33
CA GLU C 398 -1.81 4.87 -23.19
C GLU C 398 -0.71 3.85 -23.30
N GLU C 399 -0.60 3.19 -24.46
CA GLU C 399 0.39 2.14 -24.64
C GLU C 399 1.79 2.69 -24.87
N CYS C 400 1.93 3.99 -25.15
CA CYS C 400 3.24 4.64 -25.14
C CYS C 400 3.61 5.21 -23.77
N ILE C 401 2.62 5.60 -22.96
CA ILE C 401 2.89 5.83 -21.54
C ILE C 401 3.28 4.51 -20.87
N TRP C 402 2.81 3.40 -21.42
CA TRP C 402 3.25 2.07 -20.97
C TRP C 402 4.77 1.91 -21.07
N TYR C 403 5.42 2.67 -21.95
CA TYR C 403 6.88 2.65 -21.98
C TYR C 403 7.48 3.16 -20.67
N LYS C 404 6.86 4.18 -20.09
CA LYS C 404 7.40 4.85 -18.90
C LYS C 404 7.31 3.97 -17.65
N VAL C 405 6.85 2.74 -17.78
CA VAL C 405 6.87 1.80 -16.66
C VAL C 405 7.62 0.52 -16.96
N ASN C 406 7.73 0.10 -18.23
CA ASN C 406 8.55 -1.06 -18.59
C ASN C 406 9.68 -0.69 -19.53
N ASN C 407 9.37 -0.15 -20.71
CA ASN C 407 10.34 0.32 -21.70
C ASN C 407 11.16 -0.83 -22.29
N TYR C 408 11.00 -2.05 -21.79
CA TYR C 408 11.71 -3.21 -22.31
C TYR C 408 10.76 -4.29 -22.83
N GLU C 409 9.82 -4.73 -22.01
CA GLU C 409 8.87 -5.76 -22.42
C GLU C 409 7.65 -5.17 -23.11
N HIS C 410 7.22 -3.98 -22.70
CA HIS C 410 6.20 -3.26 -23.44
C HIS C 410 6.74 -2.73 -24.76
N GLY C 411 8.05 -2.80 -24.97
CA GLY C 411 8.66 -2.33 -26.20
C GLY C 411 8.64 -3.35 -27.32
N LYS C 412 7.87 -4.43 -27.12
CA LYS C 412 7.70 -5.43 -28.16
C LYS C 412 6.27 -5.56 -28.66
N GLU C 413 5.26 -5.29 -27.83
CA GLU C 413 3.89 -5.20 -28.34
C GLU C 413 3.64 -3.85 -28.99
N PHE C 414 4.20 -2.78 -28.42
CA PHE C 414 4.10 -1.47 -29.06
C PHE C 414 4.78 -1.47 -30.42
N THR C 415 5.95 -2.11 -30.51
CA THR C 415 6.60 -2.28 -31.81
C THR C 415 5.73 -3.12 -32.75
N ASN C 416 5.15 -4.19 -32.25
CA ASN C 416 4.28 -5.05 -33.06
C ASN C 416 2.90 -4.45 -33.29
N PHE C 417 2.50 -3.44 -32.51
CA PHE C 417 1.28 -2.72 -32.81
C PHE C 417 1.54 -1.57 -33.78
N LEU C 418 2.67 -0.89 -33.61
CA LEU C 418 3.05 0.12 -34.58
C LEU C 418 3.33 -0.50 -35.94
N ASP C 419 3.78 -1.75 -35.96
CA ASP C 419 3.90 -2.48 -37.21
C ASP C 419 2.55 -2.70 -37.88
N THR C 420 1.51 -3.04 -37.12
CA THR C 420 0.17 -3.13 -37.68
C THR C 420 -0.35 -1.80 -38.17
N ILE C 421 -0.10 -0.71 -37.43
CA ILE C 421 -0.46 0.62 -37.90
C ILE C 421 0.25 0.92 -39.22
N ILE C 422 1.54 0.59 -39.30
CA ILE C 422 2.36 0.86 -40.47
C ILE C 422 1.83 0.09 -41.67
N ARG C 423 1.52 -1.18 -41.47
CA ARG C 423 0.95 -2.00 -42.53
C ARG C 423 -0.42 -1.50 -42.96
N ALA C 424 -1.27 -1.09 -42.02
CA ALA C 424 -2.57 -0.55 -42.35
C ALA C 424 -2.45 0.72 -43.16
N GLU C 425 -1.43 1.53 -42.87
CA GLU C 425 -1.24 2.73 -43.67
C GLU C 425 -0.63 2.43 -45.03
N CYS C 426 0.27 1.44 -45.10
CA CYS C 426 0.81 1.06 -46.41
C CYS C 426 -0.27 0.51 -47.32
N PHE C 427 -1.23 -0.21 -46.75
CA PHE C 427 -2.37 -0.67 -47.53
C PHE C 427 -3.31 0.48 -47.85
N LEU C 428 -3.88 1.11 -46.82
CA LEU C 428 -4.87 2.17 -47.00
C LEU C 428 -4.27 3.39 -47.68
N GLN C 429 -2.97 3.62 -47.51
CA GLN C 429 -2.15 4.50 -48.34
C GLN C 429 -2.28 5.99 -48.00
N GLU C 430 -3.11 6.36 -47.03
CA GLU C 430 -3.08 7.71 -46.48
C GLU C 430 -2.67 7.64 -45.02
N GLY C 431 -1.85 8.59 -44.61
CA GLY C 431 -1.40 8.63 -43.23
C GLY C 431 -2.57 8.84 -42.29
N PHE C 432 -2.71 7.94 -41.32
CA PHE C 432 -3.76 8.10 -40.32
C PHE C 432 -3.58 9.43 -39.61
N TYR C 433 -4.69 10.14 -39.40
CA TYR C 433 -4.60 11.47 -38.83
C TYR C 433 -4.23 11.46 -37.36
N SER C 434 -4.18 10.28 -36.73
CA SER C 434 -3.56 10.12 -35.43
C SER C 434 -2.10 9.73 -35.53
N CYS C 435 -1.67 9.21 -36.68
CA CYS C 435 -0.27 8.89 -36.89
C CYS C 435 0.62 10.12 -36.92
N GLU C 436 0.21 11.18 -37.62
CA GLU C 436 0.92 12.44 -37.51
C GLU C 436 0.68 13.11 -36.16
N ALA C 437 -0.58 13.18 -35.72
CA ALA C 437 -0.89 13.83 -34.45
C ALA C 437 -0.16 13.21 -33.28
N PHE C 438 0.11 11.91 -33.33
CA PHE C 438 1.00 11.29 -32.35
C PHE C 438 2.46 11.62 -32.63
N LEU C 439 2.83 11.79 -33.89
CA LEU C 439 4.21 12.11 -34.22
C LEU C 439 4.62 13.51 -33.77
N TYR C 440 3.80 14.54 -34.06
CA TYR C 440 4.15 15.86 -33.57
C TYR C 440 4.22 15.89 -32.05
N LYS C 441 3.37 15.10 -31.40
CA LYS C 441 3.34 15.07 -29.94
C LYS C 441 4.55 14.33 -29.37
N SER C 442 5.04 13.32 -30.08
CA SER C 442 6.06 12.43 -29.53
C SER C 442 7.37 12.46 -30.31
N LEU C 443 7.53 13.40 -31.24
CA LEU C 443 8.83 13.56 -31.87
C LEU C 443 9.79 14.37 -31.01
N PRO C 444 9.41 15.52 -30.45
CA PRO C 444 10.34 16.24 -29.58
C PRO C 444 10.81 15.40 -28.41
N LEU C 445 9.91 14.62 -27.80
CA LEU C 445 10.28 13.77 -26.68
C LEU C 445 11.05 12.54 -27.14
N TRP C 446 11.13 12.30 -28.45
CA TRP C 446 11.64 11.04 -28.96
C TRP C 446 13.16 10.98 -28.87
N ASP C 447 13.67 9.77 -28.69
CA ASP C 447 15.11 9.52 -28.73
C ASP C 447 15.50 9.08 -30.14
N GLY C 448 16.72 8.56 -30.32
CA GLY C 448 17.14 8.13 -31.64
C GLY C 448 16.63 6.75 -32.01
N LEU C 449 16.73 5.80 -31.08
CA LEU C 449 16.51 4.39 -31.40
C LEU C 449 15.25 3.80 -30.78
N CYS C 450 14.48 4.58 -30.02
CA CYS C 450 13.25 4.06 -29.43
C CYS C 450 12.21 3.89 -30.52
N CYS C 451 12.01 2.65 -30.97
CA CYS C 451 11.08 2.33 -32.05
C CYS C 451 11.38 3.17 -33.29
N ARG C 452 12.68 3.28 -33.59
CA ARG C 452 13.12 4.05 -34.74
C ARG C 452 12.55 3.48 -36.03
N SER C 453 12.63 2.17 -36.21
CA SER C 453 12.12 1.51 -37.39
C SER C 453 10.63 1.73 -37.59
N GLN C 454 9.89 1.95 -36.52
CA GLN C 454 8.46 2.21 -36.62
C GLN C 454 8.14 3.70 -36.70
N PHE C 455 8.81 4.53 -35.89
CA PHE C 455 8.53 5.96 -35.92
C PHE C 455 8.89 6.57 -37.27
N LEU C 456 10.02 6.16 -37.84
CA LEU C 456 10.47 6.72 -39.11
C LEU C 456 9.83 6.05 -40.31
N GLN C 457 8.95 5.09 -40.08
CA GLN C 457 8.01 4.71 -41.13
C GLN C 457 6.66 5.40 -40.97
N LEU C 458 6.31 5.82 -39.75
CA LEU C 458 5.15 6.68 -39.56
C LEU C 458 5.33 8.03 -40.25
N VAL C 459 6.54 8.60 -40.19
CA VAL C 459 6.79 9.89 -40.83
C VAL C 459 6.49 9.81 -42.31
N SER C 460 6.71 8.65 -42.92
CA SER C 460 6.39 8.49 -44.34
C SER C 460 4.93 8.78 -44.64
N TRP C 461 4.03 8.31 -43.79
CA TRP C 461 2.60 8.50 -44.01
C TRP C 461 2.14 9.69 -43.18
N ILE C 462 2.52 10.88 -43.62
CA ILE C 462 2.06 12.12 -42.91
C ILE C 462 1.27 12.95 -43.92
N PRO C 463 -0.06 13.10 -43.76
CA PRO C 463 -0.86 13.89 -44.69
C PRO C 463 -0.14 15.18 -45.13
N PHE C 464 0.34 15.22 -46.38
CA PHE C 464 0.99 16.43 -46.95
C PHE C 464 0.29 17.66 -46.34
N SER C 465 1.02 18.50 -45.60
CA SER C 465 0.33 19.59 -44.93
C SER C 465 0.58 20.93 -45.61
N SER C 466 1.78 21.49 -45.46
CA SER C 466 2.18 22.62 -46.29
C SER C 466 3.67 22.61 -46.58
N PHE C 467 4.40 21.82 -45.80
CA PHE C 467 5.82 22.03 -45.52
C PHE C 467 6.10 23.47 -45.08
N SER C 468 5.08 24.12 -44.53
CA SER C 468 5.26 25.34 -43.76
C SER C 468 4.56 25.23 -42.42
N GLU C 469 3.61 24.31 -42.30
CA GLU C 469 2.98 23.96 -41.03
C GLU C 469 3.45 22.62 -40.49
N VAL C 470 4.02 21.77 -41.33
CA VAL C 470 4.61 20.51 -40.87
C VAL C 470 6.12 20.62 -40.66
N LYS C 471 6.79 21.58 -41.29
CA LYS C 471 8.23 21.70 -41.11
C LYS C 471 8.58 22.08 -39.67
N PRO C 472 8.07 23.19 -39.13
CA PRO C 472 8.44 23.52 -37.73
C PRO C 472 7.98 22.48 -36.74
N LEU C 473 6.84 21.84 -36.99
CA LEU C 473 6.28 20.90 -36.02
C LEU C 473 7.03 19.57 -36.02
N LEU C 474 7.43 19.07 -37.17
CA LEU C 474 8.08 17.76 -37.25
C LEU C 474 9.48 17.82 -37.81
N PHE C 475 9.67 18.45 -38.96
CA PHE C 475 10.96 18.44 -39.62
C PHE C 475 12.02 19.24 -38.87
N ASP C 476 11.62 20.16 -37.99
CA ASP C 476 12.56 20.81 -37.10
C ASP C 476 13.00 19.90 -35.97
N HIS C 477 12.37 18.74 -35.81
CA HIS C 477 12.84 17.72 -34.90
C HIS C 477 13.48 16.54 -35.61
N LEU C 478 13.08 16.24 -36.85
CA LEU C 478 13.82 15.28 -37.66
C LEU C 478 15.10 15.89 -38.24
N ALA C 479 15.42 17.09 -37.79
CA ALA C 479 16.77 17.64 -37.91
C ALA C 479 17.43 17.79 -36.55
N GLN C 480 16.66 17.96 -35.49
CA GLN C 480 17.22 18.02 -34.14
C GLN C 480 17.80 16.68 -33.72
N LEU C 481 17.23 15.58 -34.22
CA LEU C 481 17.82 14.27 -33.98
C LEU C 481 18.68 13.79 -35.15
N PHE C 482 18.45 14.31 -36.35
CA PHE C 482 19.23 13.89 -37.51
C PHE C 482 20.69 14.29 -37.35
N PHE C 483 20.94 15.47 -36.81
CA PHE C 483 22.28 16.02 -36.71
C PHE C 483 22.97 15.66 -35.40
N THR C 484 22.32 14.90 -34.54
CA THR C 484 22.92 14.52 -33.27
C THR C 484 23.06 13.02 -33.12
N SER C 485 22.48 12.22 -34.03
CA SER C 485 22.53 10.79 -33.94
C SER C 485 23.55 10.23 -34.94
N THR C 486 23.78 8.93 -34.85
CA THR C 486 24.79 8.29 -35.67
C THR C 486 24.30 8.13 -37.11
N ILE C 487 25.15 7.56 -37.94
CA ILE C 487 24.84 7.33 -39.36
C ILE C 487 23.64 6.41 -39.46
N TYR C 488 23.57 5.42 -38.58
CA TYR C 488 22.53 4.40 -38.63
C TYR C 488 21.16 4.94 -38.28
N PHE C 489 21.07 6.09 -37.61
CA PHE C 489 19.84 6.87 -37.58
C PHE C 489 19.77 7.87 -38.71
N LYS C 490 20.92 8.39 -39.15
CA LYS C 490 20.92 9.32 -40.27
C LYS C 490 20.37 8.65 -41.53
N CYS C 491 20.91 7.48 -41.89
CA CYS C 491 20.38 6.77 -43.05
C CYS C 491 18.93 6.36 -42.88
N SER C 492 18.44 6.28 -41.65
CA SER C 492 17.06 5.89 -41.38
C SER C 492 16.10 7.07 -41.49
N VAL C 493 16.60 8.29 -41.69
CA VAL C 493 15.76 9.45 -41.90
C VAL C 493 15.65 9.83 -43.37
N LEU C 494 16.78 9.97 -44.07
CA LEU C 494 16.69 10.21 -45.49
C LEU C 494 16.05 9.04 -46.24
N GLN C 495 16.07 7.85 -45.66
CA GLN C 495 15.18 6.78 -46.10
C GLN C 495 13.75 7.03 -45.65
N SER C 496 13.54 7.45 -44.40
CA SER C 496 12.21 7.79 -43.94
C SER C 496 11.62 8.91 -44.77
N LEU C 497 12.38 9.97 -45.00
CA LEU C 497 11.93 11.04 -45.86
C LEU C 497 11.94 10.64 -47.32
N LYS C 498 12.74 9.64 -47.72
CA LYS C 498 12.58 9.12 -49.06
C LYS C 498 11.20 8.53 -49.26
N GLU C 499 10.75 7.67 -48.35
CA GLU C 499 9.41 7.12 -48.45
C GLU C 499 8.35 8.19 -48.25
N LEU C 500 8.62 9.19 -47.42
CA LEU C 500 7.72 10.32 -47.30
C LEU C 500 7.56 11.04 -48.62
N LEU C 501 8.64 11.16 -49.38
CA LEU C 501 8.56 11.82 -50.67
C LEU C 501 7.62 11.07 -51.62
N GLN C 502 7.74 9.75 -51.67
CA GLN C 502 6.82 8.99 -52.51
C GLN C 502 5.42 9.12 -51.97
N ASN C 503 5.23 9.05 -50.66
CA ASN C 503 3.85 9.08 -50.16
C ASN C 503 3.22 10.47 -50.27
N TRP C 504 4.02 11.51 -50.50
CA TRP C 504 3.49 12.81 -50.86
C TRP C 504 3.27 12.96 -52.35
N LEU C 505 4.13 12.35 -53.18
CA LEU C 505 4.02 12.47 -54.63
C LEU C 505 2.91 11.63 -55.22
N LEU C 506 2.59 10.48 -54.61
CA LEU C 506 1.39 9.76 -54.99
C LEU C 506 0.17 10.64 -54.85
N TRP C 507 -0.01 11.21 -53.66
CA TRP C 507 -1.18 12.02 -53.39
C TRP C 507 -1.17 13.33 -54.15
N LEU C 508 -0.07 13.66 -54.82
CA LEU C 508 -0.03 14.78 -55.72
C LEU C 508 -0.30 14.39 -57.17
N SER C 509 0.01 13.15 -57.54
CA SER C 509 -0.27 12.68 -58.89
C SER C 509 -1.76 12.69 -59.19
N MET C 510 -2.56 12.17 -58.28
CA MET C 510 -3.99 12.20 -58.49
C MET C 510 -4.57 13.58 -58.16
N ASP C 511 -3.85 14.43 -57.43
CA ASP C 511 -4.20 15.84 -57.39
C ASP C 511 -4.05 16.50 -58.75
N ILE C 512 -3.30 15.89 -59.66
CA ILE C 512 -3.37 16.21 -61.08
C ILE C 512 -4.50 15.46 -61.76
N HIS C 513 -4.72 14.20 -61.34
CA HIS C 513 -5.83 13.43 -61.89
C HIS C 513 -7.17 14.04 -61.51
N MET C 514 -7.35 14.36 -60.22
CA MET C 514 -8.58 15.03 -59.78
C MET C 514 -8.40 16.54 -59.82
N LYS C 515 -7.94 17.02 -60.97
CA LYS C 515 -7.73 18.44 -61.24
C LYS C 515 -6.80 19.10 -60.22
N LEU C 526 -2.59 23.64 -57.67
CA LEU C 526 -1.15 23.42 -57.77
C LEU C 526 -0.39 24.73 -57.58
N GLY C 527 0.93 24.67 -57.72
CA GLY C 527 1.78 25.80 -57.46
C GLY C 527 2.12 26.00 -55.99
N GLY C 528 1.11 26.16 -55.14
CA GLY C 528 1.30 26.17 -53.71
C GLY C 528 1.44 24.79 -53.11
N SER C 529 0.89 23.76 -53.75
CA SER C 529 1.22 22.37 -53.44
C SER C 529 2.57 21.99 -54.01
N MET C 530 2.90 22.54 -55.15
CA MET C 530 4.20 22.36 -55.77
C MET C 530 5.34 22.82 -54.87
N ASN C 531 5.19 24.00 -54.30
CA ASN C 531 6.15 24.62 -53.41
C ASN C 531 6.41 23.77 -52.18
N SER C 532 5.49 22.89 -51.81
CA SER C 532 5.66 22.06 -50.64
C SER C 532 6.62 20.90 -50.86
N VAL C 533 6.41 20.12 -51.92
CA VAL C 533 7.37 19.04 -52.20
C VAL C 533 8.71 19.62 -52.61
N SER C 534 8.71 20.73 -53.37
CA SER C 534 9.99 21.35 -53.70
C SER C 534 10.76 21.76 -52.46
N LYS C 535 10.10 22.40 -51.49
CA LYS C 535 10.76 22.78 -50.26
C LYS C 535 11.14 21.60 -49.38
N LEU C 536 10.33 20.53 -49.37
CA LEU C 536 10.73 19.32 -48.67
C LEU C 536 12.03 18.77 -49.25
N ILE C 537 12.14 18.74 -50.57
CA ILE C 537 13.31 18.17 -51.20
C ILE C 537 14.53 19.06 -50.95
N HIS C 538 14.35 20.38 -51.01
CA HIS C 538 15.44 21.29 -50.69
C HIS C 538 15.89 21.18 -49.23
N TYR C 539 14.94 21.07 -48.30
CA TYR C 539 15.27 20.91 -46.89
C TYR C 539 15.97 19.59 -46.61
N VAL C 540 15.53 18.50 -47.26
CA VAL C 540 16.36 17.30 -47.29
C VAL C 540 17.67 17.56 -48.00
N GLY C 541 17.65 18.28 -49.13
CA GLY C 541 18.86 18.74 -49.76
C GLY C 541 19.69 19.68 -48.92
N TRP C 542 19.05 20.38 -47.97
CA TRP C 542 19.80 21.06 -46.93
C TRP C 542 20.20 20.10 -45.82
N LEU C 543 19.33 19.14 -45.50
CA LEU C 543 19.63 18.16 -44.48
C LEU C 543 20.83 17.32 -44.90
N SER C 544 20.88 16.99 -46.19
CA SER C 544 21.81 16.02 -46.76
C SER C 544 23.09 16.63 -47.29
N THR C 545 23.30 17.94 -47.13
CA THR C 545 24.63 18.49 -47.29
C THR C 545 25.37 18.64 -45.97
N THR C 546 24.64 18.82 -44.87
CA THR C 546 25.25 18.94 -43.57
C THR C 546 25.41 17.59 -42.89
N ALA C 547 24.51 16.64 -43.18
CA ALA C 547 24.82 15.26 -42.82
C ALA C 547 25.99 14.72 -43.60
N MET C 548 26.23 15.23 -44.81
CA MET C 548 27.44 14.85 -45.52
C MET C 548 28.69 15.36 -44.81
N ARG C 549 28.57 16.49 -44.12
CA ARG C 549 29.67 17.12 -43.42
C ARG C 549 29.90 16.54 -42.03
N LEU C 550 28.84 16.11 -41.35
CA LEU C 550 29.01 15.55 -40.00
C LEU C 550 29.86 14.29 -40.04
N GLU C 551 29.65 13.44 -41.05
CA GLU C 551 30.25 12.11 -41.10
C GLU C 551 31.40 12.01 -42.09
N SER C 552 32.01 13.13 -42.46
CA SER C 552 33.23 13.16 -43.27
C SER C 552 33.04 12.39 -44.58
N ASN C 553 31.92 12.65 -45.22
CA ASN C 553 31.58 12.06 -46.50
C ASN C 553 31.55 10.53 -46.42
N ASN C 554 30.82 10.02 -45.43
CA ASN C 554 30.65 8.58 -45.30
C ASN C 554 29.86 8.04 -46.49
N THR C 555 30.40 7.03 -47.17
CA THR C 555 29.75 6.48 -48.34
C THR C 555 28.41 5.82 -48.03
N PHE C 556 28.27 5.21 -46.84
CA PHE C 556 27.00 4.60 -46.48
C PHE C 556 25.89 5.64 -46.46
N LEU C 557 26.11 6.76 -45.79
CA LEU C 557 25.08 7.79 -45.67
C LEU C 557 24.76 8.39 -47.04
N LEU C 558 25.77 8.63 -47.87
CA LEU C 558 25.48 9.26 -49.15
C LEU C 558 24.78 8.26 -50.07
N HIS C 559 25.02 6.95 -49.89
CA HIS C 559 24.22 5.95 -50.59
C HIS C 559 22.73 6.13 -50.35
N PHE C 560 22.32 6.25 -49.09
CA PHE C 560 20.92 6.55 -48.79
C PHE C 560 20.50 7.92 -49.29
N ILE C 561 21.41 8.89 -49.29
CA ILE C 561 21.08 10.20 -49.84
C ILE C 561 20.67 10.07 -51.29
N LEU C 562 21.48 9.38 -52.08
CA LEU C 562 21.17 9.10 -53.49
C LEU C 562 19.93 8.23 -53.64
N ASP C 563 19.71 7.30 -52.73
CA ASP C 563 18.47 6.54 -52.72
C ASP C 563 17.27 7.46 -52.59
N PHE C 564 17.38 8.51 -51.77
CA PHE C 564 16.39 9.57 -51.79
C PHE C 564 16.34 10.23 -53.15
N TYR C 565 17.50 10.63 -53.67
CA TYR C 565 17.54 11.34 -54.94
C TYR C 565 17.26 10.43 -56.12
N GLU C 566 17.41 9.11 -55.96
CA GLU C 566 16.94 8.18 -56.97
C GLU C 566 15.44 8.33 -57.20
N LYS C 567 14.72 8.89 -56.22
CA LYS C 567 13.30 9.20 -56.36
C LYS C 567 13.06 10.69 -56.54
N VAL C 568 14.11 11.49 -56.75
CA VAL C 568 13.97 12.89 -57.13
C VAL C 568 14.27 13.13 -58.60
N CYS C 569 15.08 12.29 -59.23
CA CYS C 569 15.27 12.42 -60.67
C CYS C 569 13.96 12.19 -61.41
N ASP C 570 13.22 11.16 -61.00
CA ASP C 570 12.00 10.76 -61.71
C ASP C 570 10.76 11.31 -60.98
N ILE C 571 10.58 12.63 -61.07
CA ILE C 571 9.35 13.26 -60.64
C ILE C 571 8.39 13.44 -61.81
N TYR C 572 8.90 13.93 -62.94
CA TYR C 572 8.06 14.18 -64.10
C TYR C 572 7.65 12.88 -64.78
N ILE C 573 8.60 11.97 -64.97
CA ILE C 573 8.30 10.72 -65.65
C ILE C 573 7.36 9.87 -64.81
N ASN C 574 7.61 9.79 -63.51
CA ASN C 574 6.86 8.89 -62.65
C ASN C 574 5.53 9.49 -62.21
N TYR C 575 5.56 10.65 -61.56
CA TYR C 575 4.38 11.19 -60.90
C TYR C 575 3.68 12.27 -61.72
N ASN C 576 4.09 12.49 -62.97
CA ASN C 576 3.54 13.54 -63.82
C ASN C 576 3.66 14.93 -63.18
N LEU C 577 4.50 15.06 -62.16
CA LEU C 577 4.72 16.35 -61.50
C LEU C 577 5.91 17.05 -62.12
N PRO C 578 5.75 18.29 -62.56
CA PRO C 578 6.91 19.06 -63.06
C PRO C 578 7.72 19.61 -61.91
N LEU C 579 8.53 18.76 -61.29
CA LEU C 579 9.33 19.17 -60.14
C LEU C 579 10.75 18.63 -60.26
N VAL C 580 11.37 18.85 -61.41
CA VAL C 580 12.77 18.42 -61.55
C VAL C 580 13.63 19.31 -60.64
N VAL C 581 14.06 18.77 -59.51
CA VAL C 581 14.93 19.47 -58.58
C VAL C 581 16.30 18.82 -58.66
N LEU C 582 17.29 19.59 -59.07
CA LEU C 582 18.62 19.04 -59.26
C LEU C 582 19.31 18.83 -57.92
N PHE C 583 20.48 18.22 -57.99
CA PHE C 583 21.33 18.05 -56.83
C PHE C 583 21.72 19.42 -56.28
N PRO C 584 21.76 19.59 -54.96
CA PRO C 584 22.67 20.59 -54.40
C PRO C 584 24.08 20.10 -54.54
N PRO C 585 25.02 20.97 -54.97
CA PRO C 585 26.36 20.50 -55.35
C PRO C 585 27.08 19.76 -54.24
N GLY C 586 26.77 20.06 -52.98
CA GLY C 586 27.35 19.39 -51.84
C GLY C 586 27.10 17.90 -51.77
N ILE C 587 26.14 17.41 -52.54
CA ILE C 587 26.00 15.98 -52.78
C ILE C 587 26.47 15.60 -54.17
N PHE C 588 26.18 16.43 -55.19
CA PHE C 588 26.49 16.04 -56.54
C PHE C 588 27.96 15.77 -56.73
N TYR C 589 28.81 16.75 -56.39
CA TYR C 589 30.22 16.50 -56.59
C TYR C 589 30.79 15.61 -55.50
N SER C 590 30.20 15.61 -54.31
CA SER C 590 30.64 14.74 -53.23
C SER C 590 30.47 13.26 -53.57
N ALA C 591 29.52 12.93 -54.44
CA ALA C 591 29.42 11.58 -54.97
C ALA C 591 30.11 11.43 -56.32
N LEU C 592 30.21 12.52 -57.09
CA LEU C 592 30.99 12.51 -58.32
C LEU C 592 32.46 12.19 -58.04
N LEU C 593 33.03 12.87 -57.07
CA LEU C 593 34.41 12.65 -56.65
C LEU C 593 34.46 11.72 -55.44
N SER C 594 33.49 10.83 -55.36
CA SER C 594 33.46 9.83 -54.31
C SER C 594 34.47 8.74 -54.65
N LEU C 595 34.47 7.66 -53.88
CA LEU C 595 35.53 6.66 -53.98
C LEU C 595 35.05 5.25 -54.25
N ASP C 596 33.76 5.04 -54.45
CA ASP C 596 33.22 3.74 -54.85
C ASP C 596 32.25 3.93 -56.01
N THR C 597 32.04 2.88 -56.79
CA THR C 597 31.17 2.98 -57.96
C THR C 597 29.72 2.62 -57.67
N SER C 598 29.44 1.81 -56.65
CA SER C 598 28.06 1.53 -56.28
C SER C 598 27.34 2.77 -55.78
N ILE C 599 28.06 3.88 -55.68
CA ILE C 599 27.54 5.19 -55.35
C ILE C 599 27.78 6.09 -56.55
N LEU C 600 28.87 5.83 -57.29
CA LEU C 600 29.13 6.57 -58.51
C LEU C 600 28.13 6.22 -59.60
N ASN C 601 27.91 4.93 -59.88
CA ASN C 601 26.87 4.56 -60.83
C ASN C 601 25.49 4.93 -60.33
N GLN C 602 25.31 5.00 -59.01
CA GLN C 602 24.04 5.49 -58.47
C GLN C 602 23.81 6.93 -58.89
N LEU C 603 24.80 7.81 -58.64
CA LEU C 603 24.69 9.19 -59.10
C LEU C 603 24.46 9.26 -60.60
N CYS C 604 25.18 8.42 -61.35
CA CYS C 604 25.04 8.43 -62.80
C CYS C 604 23.62 8.06 -63.23
N PHE C 605 23.01 7.08 -62.58
CA PHE C 605 21.62 6.74 -62.85
C PHE C 605 20.70 7.90 -62.53
N ILE C 606 20.92 8.55 -61.38
CA ILE C 606 20.06 9.67 -61.00
C ILE C 606 20.15 10.79 -62.03
N MET C 607 21.37 11.15 -62.43
CA MET C 607 21.46 12.25 -63.37
C MET C 607 20.98 11.87 -64.77
N HIS C 608 21.12 10.61 -65.17
CA HIS C 608 20.54 10.20 -66.43
C HIS C 608 19.02 10.30 -66.40
N ARG C 609 18.41 9.85 -65.32
CA ARG C 609 16.97 10.05 -65.17
C ARG C 609 16.62 11.53 -65.09
N TYR C 610 17.55 12.36 -64.59
CA TYR C 610 17.42 13.80 -64.64
C TYR C 610 17.46 14.32 -66.07
N ARG C 611 18.38 13.82 -66.90
CA ARG C 611 18.37 14.19 -68.31
C ARG C 611 17.05 13.79 -68.96
N LYS C 612 16.61 12.56 -68.70
CA LYS C 612 15.36 12.08 -69.27
C LYS C 612 14.18 12.93 -68.82
N ASN C 613 14.13 13.24 -67.52
CA ASN C 613 13.01 14.01 -67.00
C ASN C 613 13.02 15.45 -67.49
N LEU C 614 14.20 16.07 -67.58
CA LEU C 614 14.26 17.43 -68.12
C LEU C 614 13.87 17.44 -69.59
N THR C 615 14.32 16.45 -70.37
CA THR C 615 13.91 16.37 -71.76
C THR C 615 12.41 16.18 -71.90
N ALA C 616 11.82 15.34 -71.04
CA ALA C 616 10.38 15.16 -71.05
C ALA C 616 9.64 16.43 -70.66
N ALA C 617 10.16 17.19 -69.69
CA ALA C 617 9.58 18.45 -69.30
C ALA C 617 9.70 19.51 -70.40
N LYS C 618 10.76 19.48 -71.19
CA LYS C 618 10.87 20.39 -72.33
C LYS C 618 9.80 20.12 -73.37
N LYS C 619 9.24 18.91 -73.43
CA LYS C 619 8.21 18.61 -74.40
C LYS C 619 6.90 19.29 -74.04
N ASN C 620 6.53 19.27 -72.76
CA ASN C 620 5.24 19.75 -72.31
C ASN C 620 5.33 21.07 -71.54
N GLU C 621 6.48 21.39 -70.95
CA GLU C 621 6.67 22.61 -70.18
C GLU C 621 5.67 22.71 -69.02
N ASN C 631 12.91 29.53 -61.67
CA ASN C 631 12.24 28.69 -62.67
C ASN C 631 13.09 27.50 -63.06
N PHE C 632 12.43 26.45 -63.57
CA PHE C 632 13.12 25.26 -64.02
C PHE C 632 14.07 25.54 -65.18
N SER C 633 13.55 25.99 -66.32
CA SER C 633 14.39 26.09 -67.52
C SER C 633 15.70 26.81 -67.26
N SER C 634 15.65 28.10 -66.95
CA SER C 634 16.87 28.89 -66.88
C SER C 634 17.90 28.34 -65.90
N LYS C 635 17.60 28.44 -64.60
CA LYS C 635 18.60 28.10 -63.61
C LYS C 635 18.76 26.60 -63.43
N THR C 636 17.68 25.82 -63.57
CA THR C 636 17.80 24.37 -63.45
C THR C 636 18.60 23.79 -64.59
N TYR C 637 18.34 24.21 -65.83
CA TYR C 637 19.15 23.75 -66.95
C TYR C 637 20.58 24.25 -66.83
N GLN C 638 20.79 25.47 -66.31
CA GLN C 638 22.14 25.94 -66.08
C GLN C 638 22.87 25.06 -65.07
N GLU C 639 22.20 24.73 -63.97
CA GLU C 639 22.83 23.89 -62.95
C GLU C 639 23.06 22.47 -63.45
N PHE C 640 22.17 21.94 -64.27
CA PHE C 640 22.38 20.60 -64.78
C PHE C 640 23.48 20.57 -65.85
N ASN C 641 23.60 21.63 -66.65
CA ASN C 641 24.74 21.71 -67.56
C ASN C 641 26.03 21.95 -66.80
N HIS C 642 25.94 22.56 -65.61
CA HIS C 642 27.09 22.67 -64.73
C HIS C 642 27.49 21.29 -64.22
N TYR C 643 26.50 20.51 -63.79
CA TYR C 643 26.74 19.16 -63.30
C TYR C 643 27.11 18.23 -64.44
N LEU C 644 26.89 18.68 -65.68
CA LEU C 644 27.24 17.90 -66.85
C LEU C 644 28.66 18.19 -67.34
N THR C 645 28.94 19.44 -67.72
CA THR C 645 30.25 19.79 -68.25
C THR C 645 31.35 19.48 -67.24
N SER C 646 31.11 19.75 -65.96
CA SER C 646 32.08 19.42 -64.93
C SER C 646 32.27 17.91 -64.82
N MET C 647 31.19 17.16 -64.93
CA MET C 647 31.27 15.71 -64.72
C MET C 647 31.56 14.98 -66.02
N VAL C 648 30.94 15.39 -67.13
CA VAL C 648 31.20 14.71 -68.40
C VAL C 648 32.65 14.91 -68.82
N GLY C 649 33.29 15.99 -68.36
CA GLY C 649 34.72 16.11 -68.48
C GLY C 649 35.42 15.25 -67.46
N CYS C 650 34.77 15.06 -66.31
CA CYS C 650 35.28 14.15 -65.29
C CYS C 650 34.99 12.69 -65.60
N LEU C 651 34.15 12.40 -66.59
CA LEU C 651 33.93 11.03 -67.03
C LEU C 651 34.29 10.86 -68.50
N HIS C 685 39.94 8.43 -62.61
CA HIS C 685 38.92 8.69 -61.60
C HIS C 685 38.93 7.55 -60.59
N PRO C 686 38.72 7.85 -59.31
CA PRO C 686 39.25 7.00 -58.24
C PRO C 686 38.71 5.58 -58.16
N SER C 687 37.39 5.40 -58.07
CA SER C 687 36.86 4.04 -58.06
C SER C 687 36.91 3.42 -59.45
N PHE C 688 36.70 4.22 -60.49
CA PHE C 688 37.01 3.75 -61.83
C PHE C 688 38.48 3.39 -61.94
N LEU C 689 39.34 4.09 -61.21
CA LEU C 689 40.75 3.71 -61.15
C LEU C 689 40.92 2.36 -60.45
N SER C 690 40.10 2.09 -59.42
CA SER C 690 40.14 0.79 -58.77
C SER C 690 39.83 -0.32 -59.77
N TYR C 691 38.79 -0.09 -60.59
CA TYR C 691 38.49 -1.03 -61.67
C TYR C 691 39.63 -1.15 -62.67
N ALA C 692 40.24 -0.02 -63.04
CA ALA C 692 41.32 -0.05 -64.02
C ALA C 692 42.55 -0.78 -63.49
N VAL C 693 42.81 -0.67 -62.18
CA VAL C 693 43.89 -1.44 -61.56
C VAL C 693 43.53 -2.93 -61.57
N SER C 694 42.28 -3.23 -61.25
CA SER C 694 41.78 -4.61 -61.36
C SER C 694 41.81 -5.08 -62.80
N PHE C 695 41.75 -4.15 -63.75
CA PHE C 695 41.74 -4.50 -65.17
C PHE C 695 43.09 -5.04 -65.61
N LYS C 715 42.00 0.66 -76.93
CA LYS C 715 41.47 -0.27 -75.95
C LYS C 715 40.50 0.43 -75.00
N TRP C 716 40.15 1.68 -75.33
CA TRP C 716 39.19 2.41 -74.53
C TRP C 716 37.82 1.75 -74.56
N SER C 717 37.38 1.32 -75.74
CA SER C 717 36.10 0.62 -75.86
C SER C 717 36.12 -0.72 -75.14
N TRP C 718 37.26 -1.43 -75.16
CA TRP C 718 37.37 -2.64 -74.36
C TRP C 718 37.30 -2.33 -72.87
N TYR C 719 37.85 -1.18 -72.45
CA TYR C 719 37.74 -0.76 -71.05
C TYR C 719 36.31 -0.48 -70.72
N LEU C 720 35.68 0.18 -71.63
CA LEU C 720 34.28 0.28 -71.48
C LEU C 720 33.62 -1.10 -71.27
N ASP C 721 33.78 -2.01 -72.19
CA ASP C 721 33.14 -3.30 -72.10
C ASP C 721 33.39 -3.98 -70.76
N TYR C 722 34.62 -3.86 -70.24
CA TYR C 722 35.00 -4.35 -68.92
C TYR C 722 34.15 -3.68 -67.85
N LEU C 723 33.95 -2.38 -68.03
CA LEU C 723 32.94 -1.60 -67.34
C LEU C 723 31.64 -2.10 -67.94
N PHE C 724 30.54 -1.41 -67.79
CA PHE C 724 29.35 -1.85 -68.52
C PHE C 724 28.98 -3.29 -68.20
N SER C 725 29.79 -4.24 -68.70
CA SER C 725 29.64 -5.65 -68.37
C SER C 725 29.65 -5.89 -66.87
N GLN C 726 30.50 -5.18 -66.15
CA GLN C 726 30.59 -5.37 -64.71
C GLN C 726 29.68 -4.40 -63.95
N GLY C 727 28.38 -4.46 -64.25
CA GLY C 727 27.36 -3.87 -63.40
C GLY C 727 27.16 -2.36 -63.46
N LEU C 728 27.98 -1.65 -64.22
CA LEU C 728 27.87 -0.20 -64.24
C LEU C 728 26.71 0.25 -65.12
N GLN C 729 25.49 0.15 -64.60
CA GLN C 729 24.29 0.36 -65.41
C GLN C 729 23.86 1.83 -65.45
N GLY C 730 24.03 2.56 -64.35
CA GLY C 730 23.81 3.99 -64.40
C GLY C 730 24.76 4.66 -65.39
N LEU C 731 26.02 4.22 -65.42
CA LEU C 731 26.94 4.68 -66.44
C LEU C 731 26.47 4.28 -67.84
N LYS C 732 25.85 3.11 -67.98
CA LYS C 732 25.30 2.72 -69.29
C LYS C 732 24.21 3.68 -69.73
N LEU C 733 23.27 4.00 -68.83
CA LEU C 733 22.18 4.89 -69.18
C LEU C 733 22.66 6.29 -69.48
N PHE C 734 23.66 6.78 -68.75
CA PHE C 734 24.27 8.04 -69.18
C PHE C 734 24.94 7.93 -70.54
N ILE C 735 25.87 6.98 -70.70
CA ILE C 735 26.74 6.95 -71.86
C ILE C 735 25.91 6.79 -73.12
N ARG C 736 24.83 6.01 -73.04
CA ARG C 736 23.90 5.90 -74.16
C ARG C 736 23.20 7.24 -74.42
N SER C 737 23.03 8.05 -73.38
CA SER C 737 22.45 9.38 -73.54
C SER C 737 23.52 10.42 -73.79
N THR D 20 56.83 15.53 -42.70
CA THR D 20 55.69 14.90 -42.04
C THR D 20 55.21 15.73 -40.86
N GLU D 21 55.36 15.18 -39.65
CA GLU D 21 54.92 15.90 -38.46
C GLU D 21 55.77 17.15 -38.22
N GLU D 22 57.03 17.11 -38.66
CA GLU D 22 57.89 18.30 -38.54
C GLU D 22 57.26 19.43 -39.36
N GLU D 23 56.88 19.14 -40.60
CA GLU D 23 56.29 20.14 -41.47
C GLU D 23 54.86 20.47 -41.07
N LEU D 24 54.10 19.48 -40.59
CA LEU D 24 52.71 19.71 -40.20
C LEU D 24 52.59 20.53 -38.94
N ILE D 25 53.33 20.16 -37.88
CA ILE D 25 53.28 20.94 -36.66
C ILE D 25 53.91 22.31 -36.87
N ARG D 26 54.57 22.50 -38.01
CA ARG D 26 55.11 23.86 -38.33
C ARG D 26 53.95 24.86 -38.31
N GLU D 27 52.96 24.70 -39.20
CA GLU D 27 51.82 25.61 -39.14
C GLU D 27 50.81 25.22 -38.08
N CYS D 28 50.79 23.95 -37.64
CA CYS D 28 49.87 23.59 -36.57
C CYS D 28 50.17 24.37 -35.30
N GLU D 29 51.43 24.44 -34.90
CA GLU D 29 51.82 25.32 -33.81
C GLU D 29 51.85 26.78 -34.25
N GLU D 30 52.01 27.07 -35.54
CA GLU D 30 51.78 28.44 -35.99
C GLU D 30 50.31 28.81 -35.82
N MET D 31 49.39 27.89 -36.14
CA MET D 31 47.99 28.09 -35.78
C MET D 31 47.78 28.20 -34.28
N TRP D 32 48.59 27.48 -33.49
CA TRP D 32 48.58 27.69 -32.06
C TRP D 32 48.96 29.12 -31.68
N LYS D 33 49.99 29.68 -32.32
CA LYS D 33 50.33 31.09 -32.09
C LYS D 33 49.20 32.00 -32.52
N ASP D 34 48.55 31.71 -33.66
CA ASP D 34 47.42 32.55 -34.05
C ASP D 34 46.27 32.49 -33.06
N MET D 35 45.94 31.32 -32.50
CA MET D 35 44.90 31.34 -31.47
C MET D 35 45.42 32.00 -30.20
N GLU D 36 46.71 31.94 -29.93
CA GLU D 36 47.24 32.62 -28.76
C GLU D 36 47.17 34.14 -28.91
N GLU D 37 47.28 34.65 -30.14
CA GLU D 37 47.08 36.08 -30.38
C GLU D 37 45.61 36.44 -30.38
N CYS D 38 44.80 35.71 -31.15
CA CYS D 38 43.38 35.96 -31.24
C CYS D 38 42.65 35.74 -29.92
N GLN D 39 43.24 34.98 -29.01
CA GLN D 39 42.76 34.81 -27.65
C GLN D 39 43.20 35.97 -26.79
N ASN D 40 44.48 36.32 -26.84
CA ASN D 40 44.91 37.58 -26.24
C ASN D 40 44.18 38.76 -26.85
N LYS D 41 43.78 38.67 -28.12
CA LYS D 41 42.82 39.62 -28.67
C LYS D 41 41.46 39.46 -28.00
N LEU D 42 41.02 38.22 -27.81
CA LEU D 42 39.74 37.97 -27.14
C LEU D 42 39.83 38.13 -25.63
N SER D 43 41.03 38.08 -25.06
CA SER D 43 41.23 38.32 -23.64
C SER D 43 41.38 39.80 -23.33
N LEU D 44 41.52 40.65 -24.34
CA LEU D 44 41.54 42.09 -24.16
C LEU D 44 40.20 42.77 -24.39
N ILE D 45 39.34 42.22 -25.26
CA ILE D 45 37.97 42.71 -25.33
C ILE D 45 37.25 42.42 -24.02
N GLY D 46 37.42 41.21 -23.50
CA GLY D 46 37.03 40.84 -22.15
C GLY D 46 35.67 41.31 -21.68
N THR D 47 34.74 41.54 -22.61
CA THR D 47 33.44 42.07 -22.23
C THR D 47 32.64 41.08 -21.40
N GLU D 48 32.77 39.78 -21.68
CA GLU D 48 31.96 38.72 -21.08
C GLU D 48 30.52 39.16 -20.89
N THR D 49 29.98 39.76 -21.95
CA THR D 49 28.71 40.48 -21.86
C THR D 49 27.58 39.52 -21.48
N LEU D 50 26.76 39.95 -20.54
CA LEU D 50 25.68 39.13 -20.02
C LEU D 50 24.45 39.25 -20.90
N THR D 51 23.52 38.32 -20.71
CA THR D 51 22.26 38.31 -21.45
C THR D 51 21.13 37.92 -20.51
N ASP D 52 20.41 38.92 -20.01
CA ASP D 52 19.17 38.69 -19.30
C ASP D 52 18.04 38.46 -20.30
N SER D 53 16.83 38.29 -19.77
CA SER D 53 15.67 38.14 -20.65
C SER D 53 15.56 39.34 -21.57
N ASN D 54 14.98 39.12 -22.75
CA ASN D 54 15.04 39.96 -23.96
C ASN D 54 16.34 39.74 -24.73
N ALA D 55 17.14 38.75 -24.33
CA ALA D 55 18.37 38.41 -25.02
C ALA D 55 18.15 37.91 -26.44
N GLN D 56 16.89 37.74 -26.87
CA GLN D 56 16.64 37.20 -28.20
C GLN D 56 17.23 38.10 -29.28
N LEU D 57 16.91 39.40 -29.23
CA LEU D 57 17.45 40.36 -30.18
C LEU D 57 18.95 40.55 -30.02
N SER D 58 19.44 40.63 -28.77
CA SER D 58 20.86 40.78 -28.53
C SER D 58 21.66 39.57 -29.00
N LEU D 59 21.00 38.44 -29.20
CA LEU D 59 21.65 37.26 -29.75
C LEU D 59 21.50 37.16 -31.25
N LEU D 60 20.38 37.64 -31.81
CA LEU D 60 20.26 37.72 -33.27
C LEU D 60 21.27 38.70 -33.86
N ILE D 61 21.50 39.84 -33.20
CA ILE D 61 22.48 40.77 -33.74
C ILE D 61 23.87 40.15 -33.74
N MET D 62 24.24 39.45 -32.67
CA MET D 62 25.56 38.82 -32.66
C MET D 62 25.60 37.62 -33.60
N GLN D 63 24.46 36.97 -33.82
CA GLN D 63 24.42 35.94 -34.83
C GLN D 63 24.70 36.52 -36.21
N VAL D 64 24.03 37.59 -36.62
CA VAL D 64 24.36 38.10 -37.95
C VAL D 64 25.81 38.58 -38.00
N LYS D 65 26.29 39.18 -36.90
CA LYS D 65 27.68 39.61 -36.84
C LYS D 65 28.67 38.46 -36.95
N CYS D 66 28.31 37.27 -36.47
CA CYS D 66 29.18 36.10 -36.51
C CYS D 66 29.09 35.35 -37.83
N LEU D 67 27.90 35.25 -38.40
CA LEU D 67 27.80 34.72 -39.75
C LEU D 67 28.53 35.59 -40.76
N THR D 68 28.50 36.90 -40.58
CA THR D 68 29.30 37.76 -41.45
C THR D 68 30.79 37.44 -41.34
N ALA D 69 31.30 37.31 -40.11
CA ALA D 69 32.70 36.98 -39.94
C ALA D 69 33.04 35.62 -40.52
N GLU D 70 32.17 34.64 -40.32
CA GLU D 70 32.46 33.30 -40.82
C GLU D 70 32.41 33.23 -42.34
N LEU D 71 31.51 34.00 -42.97
CA LEU D 71 31.48 33.98 -44.43
C LEU D 71 32.63 34.79 -45.02
N SER D 72 33.07 35.84 -44.32
CA SER D 72 34.24 36.58 -44.77
C SER D 72 35.54 35.83 -44.52
N GLN D 73 35.53 34.86 -43.60
CA GLN D 73 36.69 34.03 -43.34
C GLN D 73 36.71 32.78 -44.19
N TRP D 74 35.55 32.20 -44.53
CA TRP D 74 35.50 31.11 -45.48
C TRP D 74 35.91 31.54 -46.88
N GLN D 75 35.43 32.70 -47.33
CA GLN D 75 35.91 33.25 -48.60
C GLN D 75 37.39 33.57 -48.55
N LYS D 76 37.93 33.85 -47.35
CA LYS D 76 39.38 33.98 -47.19
C LYS D 76 40.07 32.64 -47.31
N LYS D 77 39.36 31.55 -46.94
CA LYS D 77 39.97 30.22 -46.97
C LYS D 77 40.07 29.73 -48.41
N THR D 78 41.22 29.96 -49.02
CA THR D 78 41.54 29.26 -50.25
C THR D 78 41.81 27.79 -49.94
N PRO D 79 41.40 26.86 -50.81
CA PRO D 79 41.70 25.45 -50.55
C PRO D 79 43.17 25.20 -50.33
N GLU D 80 43.54 24.82 -49.11
CA GLU D 80 44.94 24.69 -48.71
C GLU D 80 45.41 23.26 -48.95
N THR D 81 45.69 22.97 -50.21
CA THR D 81 46.22 21.68 -50.61
C THR D 81 47.74 21.68 -50.74
N ILE D 82 48.38 22.83 -50.61
CA ILE D 82 49.84 22.89 -50.66
C ILE D 82 50.49 22.14 -49.50
N PRO D 83 50.00 22.21 -48.23
CA PRO D 83 50.69 21.48 -47.16
C PRO D 83 50.14 20.07 -47.00
N LEU D 84 49.47 19.57 -48.03
CA LEU D 84 48.49 18.48 -47.90
C LEU D 84 48.95 17.35 -46.98
N THR D 85 50.01 16.65 -47.34
CA THR D 85 50.53 15.53 -46.57
C THR D 85 51.88 15.14 -47.15
N GLU D 86 52.89 15.01 -46.28
CA GLU D 86 54.19 14.53 -46.72
C GLU D 86 54.15 13.05 -47.08
N ASP D 87 53.21 12.29 -46.52
CA ASP D 87 53.11 10.87 -46.81
C ASP D 87 52.77 10.66 -48.30
N VAL D 88 53.02 9.44 -48.76
CA VAL D 88 52.73 9.04 -50.13
C VAL D 88 51.23 8.77 -50.23
N LEU D 89 50.53 8.94 -49.11
CA LEU D 89 49.08 8.80 -48.97
C LEU D 89 48.62 7.36 -49.06
N ILE D 90 49.54 6.39 -48.97
CA ILE D 90 49.11 5.00 -48.86
C ILE D 90 48.52 4.75 -47.48
N THR D 91 49.04 5.45 -46.47
CA THR D 91 48.46 5.37 -45.15
C THR D 91 47.03 5.83 -45.18
N LEU D 92 46.72 6.94 -45.86
CA LEU D 92 45.35 7.44 -45.97
C LEU D 92 44.55 6.67 -47.02
N GLY D 93 45.20 6.27 -48.11
CA GLY D 93 44.51 5.48 -49.11
C GLY D 93 44.00 4.18 -48.56
N LYS D 94 44.91 3.26 -48.18
CA LYS D 94 44.50 1.94 -47.74
C LYS D 94 43.71 1.98 -46.44
N GLU D 95 43.66 3.15 -45.79
CA GLU D 95 42.66 3.41 -44.79
C GLU D 95 41.29 3.71 -45.41
N GLU D 96 41.24 4.49 -46.49
CA GLU D 96 39.94 4.87 -47.05
C GLU D 96 39.30 3.72 -47.81
N PHE D 97 40.08 2.94 -48.57
CA PHE D 97 39.51 1.72 -49.14
C PHE D 97 39.10 0.72 -48.06
N GLN D 98 39.84 0.65 -46.96
CA GLN D 98 39.44 -0.29 -45.92
C GLN D 98 38.16 0.14 -45.23
N LYS D 99 37.99 1.44 -45.00
CA LYS D 99 36.70 1.96 -44.55
C LYS D 99 35.62 1.72 -45.60
N LEU D 100 35.98 1.85 -46.88
CA LEU D 100 35.06 1.48 -47.95
C LEU D 100 34.67 0.01 -47.83
N ARG D 101 35.65 -0.86 -47.58
CA ARG D 101 35.34 -2.24 -47.26
C ARG D 101 34.46 -2.37 -46.03
N GLN D 102 34.56 -1.44 -45.08
CA GLN D 102 33.75 -1.47 -43.88
C GLN D 102 32.29 -1.09 -44.13
N ASP D 103 32.03 -0.18 -45.06
CA ASP D 103 30.66 0.19 -45.39
C ASP D 103 30.11 -0.56 -46.59
N LEU D 104 30.96 -1.00 -47.52
CA LEU D 104 30.46 -1.77 -48.65
C LEU D 104 29.84 -3.10 -48.22
N GLU D 105 30.44 -3.83 -47.28
CA GLU D 105 29.72 -4.95 -46.70
C GLU D 105 28.52 -4.48 -45.91
N MET D 106 28.64 -3.32 -45.27
CA MET D 106 27.59 -2.73 -44.46
C MET D 106 26.49 -2.08 -45.29
N VAL D 107 26.74 -1.78 -46.57
CA VAL D 107 25.70 -1.28 -47.46
C VAL D 107 25.14 -2.37 -48.37
N LEU D 108 25.90 -3.41 -48.70
CA LEU D 108 25.29 -4.55 -49.38
C LEU D 108 24.32 -5.25 -48.44
N SER D 109 24.67 -5.34 -47.16
CA SER D 109 23.79 -5.93 -46.16
C SER D 109 22.49 -5.15 -46.00
N THR D 110 22.51 -3.85 -46.29
CA THR D 110 21.31 -3.04 -46.25
C THR D 110 20.53 -3.05 -47.56
N LYS D 111 21.21 -2.99 -48.70
CA LYS D 111 20.55 -3.06 -49.99
C LYS D 111 20.15 -4.48 -50.38
N GLU D 112 20.57 -5.49 -49.62
CA GLU D 112 19.99 -6.82 -49.79
C GLU D 112 18.68 -6.94 -49.04
N SER D 113 18.62 -6.40 -47.82
CA SER D 113 17.36 -6.24 -47.11
C SER D 113 16.41 -5.31 -47.85
N LYS D 114 16.94 -4.34 -48.59
CA LYS D 114 16.08 -3.45 -49.36
C LYS D 114 15.26 -4.22 -50.38
N ASN D 115 15.90 -5.01 -51.25
CA ASN D 115 15.08 -5.78 -52.18
C ASN D 115 14.43 -6.98 -51.53
N GLU D 116 14.90 -7.41 -50.35
CA GLU D 116 14.11 -8.39 -49.60
C GLU D 116 12.75 -7.82 -49.23
N LYS D 117 12.73 -6.64 -48.63
CA LYS D 117 11.49 -5.97 -48.24
C LYS D 117 10.72 -5.45 -49.45
N LEU D 118 11.41 -5.16 -50.56
CA LEU D 118 10.76 -4.75 -51.79
C LEU D 118 10.11 -5.93 -52.52
N LYS D 119 10.71 -7.11 -52.48
CA LYS D 119 10.05 -8.29 -53.01
C LYS D 119 8.88 -8.71 -52.12
N GLU D 120 9.09 -8.70 -50.80
CA GLU D 120 8.00 -9.01 -49.89
C GLU D 120 6.87 -8.01 -50.06
N ASP D 121 7.17 -6.73 -50.16
CA ASP D 121 6.13 -5.75 -50.40
C ASP D 121 5.60 -5.79 -51.82
N LEU D 122 6.35 -6.27 -52.81
CA LEU D 122 5.75 -6.43 -54.12
C LEU D 122 4.69 -7.52 -54.09
N GLU D 123 4.97 -8.62 -53.41
CA GLU D 123 3.95 -9.64 -53.19
C GLU D 123 2.77 -9.07 -52.40
N ARG D 124 3.06 -8.33 -51.32
CA ARG D 124 2.00 -7.82 -50.46
C ARG D 124 1.13 -6.80 -51.18
N GLU D 125 1.72 -5.88 -51.93
CA GLU D 125 0.95 -4.87 -52.64
C GLU D 125 0.36 -5.38 -53.94
N GLN D 126 0.92 -6.45 -54.52
CA GLN D 126 0.20 -7.14 -55.58
C GLN D 126 -1.07 -7.78 -55.04
N ARG D 127 -0.97 -8.40 -53.86
CA ARG D 127 -2.17 -8.95 -53.22
C ARG D 127 -3.16 -7.84 -52.88
N TRP D 128 -2.65 -6.71 -52.39
CA TRP D 128 -3.50 -5.56 -52.10
C TRP D 128 -4.16 -5.02 -53.37
N LEU D 129 -3.41 -4.93 -54.47
CA LEU D 129 -4.00 -4.48 -55.72
C LEU D 129 -5.04 -5.47 -56.22
N ASP D 130 -4.80 -6.76 -56.05
CA ASP D 130 -5.79 -7.76 -56.45
C ASP D 130 -7.08 -7.60 -55.65
N GLU D 131 -6.96 -7.53 -54.32
CA GLU D 131 -8.12 -7.30 -53.48
C GLU D 131 -8.74 -5.93 -53.70
N GLN D 132 -8.01 -5.00 -54.29
CA GLN D 132 -8.53 -3.68 -54.62
C GLN D 132 -9.28 -3.68 -55.95
N GLN D 133 -8.75 -4.34 -56.97
CA GLN D 133 -9.49 -4.43 -58.23
C GLN D 133 -10.73 -5.29 -58.05
N GLN D 134 -10.67 -6.28 -57.16
CA GLN D 134 -11.87 -7.07 -56.87
C GLN D 134 -12.95 -6.20 -56.25
N ILE D 135 -12.59 -5.36 -55.28
CA ILE D 135 -13.58 -4.56 -54.57
C ILE D 135 -13.95 -3.37 -55.45
N MET D 136 -13.13 -3.12 -56.48
CA MET D 136 -13.44 -2.09 -57.46
C MET D 136 -14.48 -2.56 -58.47
N GLU D 137 -14.26 -3.72 -59.07
CA GLU D 137 -15.25 -4.28 -59.97
C GLU D 137 -16.53 -4.63 -59.22
N SER D 138 -16.41 -5.16 -58.00
CA SER D 138 -17.58 -5.45 -57.19
C SER D 138 -18.36 -4.20 -56.84
N LEU D 139 -17.67 -3.14 -56.42
CA LEU D 139 -18.39 -1.92 -56.09
C LEU D 139 -18.97 -1.24 -57.34
N ASN D 140 -18.29 -1.34 -58.49
CA ASN D 140 -18.85 -0.81 -59.72
C ASN D 140 -20.10 -1.57 -60.15
N VAL D 141 -20.08 -2.89 -60.07
CA VAL D 141 -21.27 -3.66 -60.45
C VAL D 141 -22.38 -3.45 -59.43
N LEU D 142 -22.04 -3.26 -58.15
CA LEU D 142 -23.05 -2.89 -57.17
C LEU D 142 -23.65 -1.52 -57.45
N HIS D 143 -22.84 -0.57 -57.90
CA HIS D 143 -23.35 0.75 -58.26
C HIS D 143 -24.29 0.66 -59.46
N SER D 144 -23.88 -0.10 -60.48
CA SER D 144 -24.73 -0.27 -61.66
C SER D 144 -26.01 -1.02 -61.32
N GLU D 145 -25.92 -2.04 -60.46
CA GLU D 145 -27.10 -2.83 -60.13
C GLU D 145 -28.03 -2.07 -59.19
N LEU D 146 -27.49 -1.52 -58.11
CA LEU D 146 -28.31 -0.68 -57.23
C LEU D 146 -28.89 0.52 -57.95
N LYS D 147 -28.30 0.93 -59.07
CA LYS D 147 -28.90 1.94 -59.93
C LYS D 147 -30.13 1.33 -60.60
N ASN D 148 -31.25 2.05 -60.52
CA ASN D 148 -32.52 1.71 -61.19
C ASN D 148 -32.96 0.27 -60.93
N LYS D 149 -32.57 -0.28 -59.77
CA LYS D 149 -33.18 -1.51 -59.27
C LYS D 149 -33.85 -1.29 -57.93
N VAL D 150 -33.14 -0.74 -56.95
CA VAL D 150 -33.73 -0.29 -55.69
C VAL D 150 -34.10 1.17 -55.73
N GLU D 151 -33.59 1.94 -56.70
CA GLU D 151 -33.98 3.32 -56.87
C GLU D 151 -35.40 3.45 -57.40
N THR D 152 -35.90 2.46 -58.13
CA THR D 152 -37.27 2.43 -58.61
C THR D 152 -38.21 1.88 -57.53
N PHE D 153 -38.26 2.58 -56.39
CA PHE D 153 -39.01 2.13 -55.22
C PHE D 153 -40.12 3.15 -54.94
N SER D 154 -41.36 2.73 -55.12
CA SER D 154 -42.50 3.58 -54.82
C SER D 154 -42.98 3.35 -53.39
N GLU D 155 -43.53 4.41 -52.79
CA GLU D 155 -44.04 4.31 -51.42
C GLU D 155 -45.31 3.45 -51.37
N SER D 156 -46.24 3.69 -52.30
CA SER D 156 -47.43 2.86 -52.36
C SER D 156 -47.11 1.42 -52.75
N ARG D 157 -46.12 1.22 -53.63
CA ARG D 157 -45.66 -0.13 -53.92
C ARG D 157 -45.06 -0.77 -52.68
N ILE D 158 -44.36 0.02 -51.87
CA ILE D 158 -43.83 -0.48 -50.60
C ILE D 158 -44.94 -0.83 -49.62
N PHE D 159 -46.09 -0.14 -49.68
CA PHE D 159 -47.21 -0.55 -48.85
C PHE D 159 -47.88 -1.80 -49.40
N ASN D 160 -47.92 -1.94 -50.73
CA ASN D 160 -48.49 -3.15 -51.31
C ASN D 160 -47.61 -4.37 -51.03
N GLU D 161 -46.30 -4.21 -50.98
CA GLU D 161 -45.45 -5.34 -50.60
C GLU D 161 -45.67 -5.72 -49.14
N LEU D 162 -45.94 -4.74 -48.27
CA LEU D 162 -46.35 -5.05 -46.91
C LEU D 162 -47.71 -5.72 -46.85
N LYS D 163 -48.64 -5.38 -47.74
CA LYS D 163 -49.90 -6.10 -47.83
C LYS D 163 -49.69 -7.54 -48.29
N THR D 164 -48.78 -7.76 -49.24
CA THR D 164 -48.45 -9.11 -49.67
C THR D 164 -47.82 -9.90 -48.52
N LYS D 165 -46.94 -9.25 -47.74
CA LYS D 165 -46.40 -9.91 -46.56
C LYS D 165 -47.48 -10.16 -45.52
N MET D 166 -48.47 -9.26 -45.39
CA MET D 166 -49.61 -9.51 -44.51
C MET D 166 -50.35 -10.78 -44.91
N LEU D 167 -50.71 -10.90 -46.19
CA LEU D 167 -51.43 -12.09 -46.62
C LEU D 167 -50.55 -13.33 -46.56
N ASN D 168 -49.24 -13.21 -46.83
CA ASN D 168 -48.35 -14.36 -46.72
C ASN D 168 -48.23 -14.84 -45.28
N ILE D 169 -48.07 -13.91 -44.34
CA ILE D 169 -47.99 -14.28 -42.93
C ILE D 169 -49.32 -14.81 -42.44
N LYS D 170 -50.43 -14.24 -42.94
CA LYS D 170 -51.74 -14.74 -42.56
C LYS D 170 -51.94 -16.17 -43.04
N GLU D 171 -51.55 -16.46 -44.29
CA GLU D 171 -51.65 -17.83 -44.79
C GLU D 171 -50.68 -18.78 -44.11
N TYR D 172 -49.50 -18.29 -43.71
CA TYR D 172 -48.62 -19.10 -42.89
C TYR D 172 -49.27 -19.41 -41.54
N LYS D 173 -49.99 -18.44 -40.99
CA LYS D 173 -50.71 -18.66 -39.74
C LYS D 173 -51.84 -19.66 -39.92
N GLU D 174 -52.58 -19.59 -41.01
CA GLU D 174 -53.63 -20.58 -41.28
C GLU D 174 -53.07 -21.89 -41.79
N LYS D 175 -51.77 -21.96 -42.06
CA LYS D 175 -51.10 -23.24 -42.24
C LYS D 175 -50.73 -23.86 -40.90
N LEU D 176 -50.05 -23.08 -40.06
CA LEU D 176 -49.65 -23.54 -38.73
C LEU D 176 -50.87 -23.92 -37.89
N LEU D 177 -51.91 -23.08 -37.90
CA LEU D 177 -53.09 -23.36 -37.11
C LEU D 177 -53.97 -24.44 -37.73
N SER D 178 -54.02 -24.53 -39.05
CA SER D 178 -54.72 -25.68 -39.65
C SER D 178 -54.04 -26.98 -39.24
N THR D 179 -52.71 -27.00 -39.22
CA THR D 179 -52.02 -28.19 -38.73
C THR D 179 -52.20 -28.34 -37.23
N LEU D 180 -52.32 -27.24 -36.48
CA LEU D 180 -52.64 -27.33 -35.08
C LEU D 180 -54.02 -27.92 -34.84
N GLY D 181 -54.89 -27.84 -35.85
CA GLY D 181 -56.15 -28.55 -35.77
C GLY D 181 -56.04 -29.99 -36.24
N GLU D 182 -55.19 -30.24 -37.24
CA GLU D 182 -55.10 -31.57 -37.84
C GLU D 182 -54.22 -32.50 -37.01
N PHE D 183 -52.93 -32.16 -36.89
CA PHE D 183 -51.99 -33.00 -36.16
C PHE D 183 -52.38 -33.15 -34.70
N LEU D 184 -53.06 -32.17 -34.12
CA LEU D 184 -53.53 -32.32 -32.76
C LEU D 184 -54.75 -33.25 -32.66
N GLU D 185 -55.22 -33.75 -33.79
CA GLU D 185 -56.08 -34.93 -33.80
C GLU D 185 -55.29 -36.24 -33.83
N ASP D 186 -54.02 -36.17 -34.18
CA ASP D 186 -53.11 -37.27 -33.85
C ASP D 186 -52.87 -37.32 -32.34
N HIS D 187 -52.78 -36.15 -31.70
CA HIS D 187 -52.75 -36.10 -30.24
C HIS D 187 -54.13 -36.38 -29.68
N PHE D 188 -55.09 -35.47 -29.93
CA PHE D 188 -56.53 -35.67 -29.78
C PHE D 188 -56.95 -35.81 -28.31
N PRO D 189 -58.12 -35.25 -27.93
CA PRO D 189 -58.50 -35.23 -26.51
C PRO D 189 -59.09 -36.54 -26.02
N LEU D 190 -59.08 -36.77 -24.72
CA LEU D 190 -59.56 -38.03 -24.16
C LEU D 190 -59.69 -37.87 -22.64
N PRO D 191 -60.39 -38.77 -21.94
CA PRO D 191 -60.54 -38.53 -20.50
C PRO D 191 -59.38 -39.08 -19.68
N SER D 205 -64.04 -32.24 -17.23
CA SER D 205 -64.06 -31.38 -18.41
C SER D 205 -62.73 -31.43 -19.15
N SER D 206 -61.64 -31.57 -18.38
CA SER D 206 -60.29 -31.72 -18.93
C SER D 206 -59.85 -30.47 -19.68
N VAL D 207 -60.44 -30.26 -20.85
CA VAL D 207 -60.24 -29.14 -21.78
C VAL D 207 -59.23 -29.59 -22.84
N ASN D 208 -59.73 -29.90 -24.03
CA ASN D 208 -58.94 -30.37 -25.17
C ASN D 208 -57.68 -29.53 -25.28
N LEU D 209 -56.55 -30.18 -25.56
CA LEU D 209 -55.26 -29.51 -25.58
C LEU D 209 -55.26 -28.42 -26.66
N ILE D 210 -56.08 -28.59 -27.70
CA ILE D 210 -56.28 -27.46 -28.61
C ILE D 210 -56.84 -26.27 -27.85
N THR D 211 -57.92 -26.50 -27.09
CA THR D 211 -58.56 -25.41 -26.36
C THR D 211 -57.69 -24.93 -25.21
N LEU D 212 -57.05 -25.84 -24.48
CA LEU D 212 -56.17 -25.45 -23.38
C LEU D 212 -54.99 -24.63 -23.87
N HIS D 213 -54.32 -25.13 -24.90
CA HIS D 213 -53.25 -24.40 -25.57
C HIS D 213 -53.70 -23.03 -26.06
N GLU D 214 -54.85 -22.95 -26.71
CA GLU D 214 -55.26 -21.66 -27.25
C GLU D 214 -55.72 -20.70 -26.15
N MET D 215 -56.21 -21.22 -25.02
CA MET D 215 -56.47 -20.37 -23.88
C MET D 215 -55.17 -19.82 -23.29
N LEU D 216 -54.12 -20.64 -23.25
CA LEU D 216 -52.80 -20.12 -22.89
C LEU D 216 -52.35 -19.04 -23.87
N GLU D 217 -52.46 -19.34 -25.18
CA GLU D 217 -51.94 -18.47 -26.22
C GLU D 217 -52.67 -17.14 -26.28
N ILE D 218 -53.98 -17.14 -26.03
CA ILE D 218 -54.73 -15.89 -25.99
C ILE D 218 -54.22 -15.03 -24.84
N LEU D 219 -54.00 -15.64 -23.66
CA LEU D 219 -53.55 -14.89 -22.50
C LEU D 219 -52.15 -14.31 -22.70
N ILE D 220 -51.21 -15.10 -23.24
CA ILE D 220 -49.87 -14.57 -23.45
C ILE D 220 -49.86 -13.45 -24.49
N ASN D 221 -50.81 -13.47 -25.43
CA ASN D 221 -50.86 -12.49 -26.51
C ASN D 221 -51.04 -11.07 -26.00
N ARG D 222 -51.58 -10.92 -24.78
CA ARG D 222 -51.86 -9.58 -24.26
C ARG D 222 -51.26 -9.39 -22.87
N LEU D 223 -50.83 -10.49 -22.25
CA LEU D 223 -50.26 -10.50 -20.90
C LEU D 223 -51.00 -9.58 -19.92
N PRO D 230 -49.16 -12.82 -18.81
CA PRO D 230 -50.32 -13.03 -17.95
C PRO D 230 -49.96 -13.87 -16.73
N TYR D 231 -49.15 -14.90 -16.96
CA TYR D 231 -48.56 -15.75 -15.94
C TYR D 231 -49.59 -16.67 -15.29
N VAL D 232 -50.87 -16.54 -15.65
CA VAL D 232 -51.87 -17.41 -15.05
C VAL D 232 -52.39 -18.33 -16.14
N LYS D 233 -53.12 -17.78 -17.09
CA LYS D 233 -53.35 -18.32 -18.43
C LYS D 233 -54.04 -19.68 -18.42
N ILE D 234 -54.05 -20.36 -17.27
CA ILE D 234 -54.83 -21.58 -17.13
C ILE D 234 -55.44 -21.65 -15.73
N SER D 235 -54.87 -20.88 -14.81
CA SER D 235 -55.11 -21.04 -13.37
C SER D 235 -55.20 -22.52 -13.01
N ASP D 236 -54.15 -23.25 -13.39
CA ASP D 236 -54.06 -24.70 -13.23
C ASP D 236 -55.21 -25.40 -13.97
N SER D 237 -55.15 -25.32 -15.29
CA SER D 237 -56.05 -26.09 -16.13
C SER D 237 -55.90 -27.59 -15.81
N PHE D 238 -56.93 -28.34 -16.16
CA PHE D 238 -57.09 -29.71 -15.67
C PHE D 238 -56.44 -30.72 -16.62
N TRP D 239 -56.71 -31.99 -16.34
CA TRP D 239 -56.04 -33.14 -16.94
C TRP D 239 -54.54 -32.95 -16.77
N PRO D 240 -54.02 -33.18 -15.56
CA PRO D 240 -52.64 -32.79 -15.23
C PRO D 240 -51.60 -33.36 -16.18
N PRO D 241 -51.83 -34.54 -16.78
CA PRO D 241 -50.92 -34.95 -17.86
C PRO D 241 -50.74 -33.92 -18.95
N TYR D 242 -51.80 -33.19 -19.32
CA TYR D 242 -51.69 -32.18 -20.36
C TYR D 242 -50.96 -30.93 -19.90
N VAL D 243 -51.25 -30.39 -18.72
CA VAL D 243 -50.65 -29.12 -18.33
C VAL D 243 -49.14 -29.28 -18.19
N GLU D 244 -48.69 -30.42 -17.70
CA GLU D 244 -47.27 -30.71 -17.60
C GLU D 244 -46.69 -31.16 -18.95
N LEU D 245 -47.54 -31.52 -19.91
CA LEU D 245 -47.06 -31.77 -21.27
C LEU D 245 -46.39 -30.53 -21.84
N LEU D 246 -47.12 -29.42 -21.86
CA LEU D 246 -46.57 -28.20 -22.45
C LEU D 246 -45.64 -27.48 -21.51
N LEU D 247 -45.16 -28.18 -20.48
CA LEU D 247 -44.19 -27.67 -19.54
C LEU D 247 -42.83 -28.31 -19.69
N ARG D 248 -42.78 -29.61 -19.99
CA ARG D 248 -41.51 -30.29 -20.17
C ARG D 248 -40.88 -29.96 -21.51
N ASN D 249 -41.69 -29.86 -22.55
CA ASN D 249 -41.18 -29.52 -23.87
C ASN D 249 -40.80 -28.06 -23.99
N GLY D 250 -41.09 -27.26 -22.98
CA GLY D 250 -40.79 -25.84 -22.99
C GLY D 250 -41.88 -24.97 -23.57
N ILE D 251 -43.04 -25.52 -23.86
CA ILE D 251 -44.14 -24.73 -24.42
C ILE D 251 -44.59 -23.67 -23.43
N ALA D 252 -44.80 -24.07 -22.18
CA ALA D 252 -45.32 -23.19 -21.16
C ALA D 252 -44.36 -23.20 -19.97
N LEU D 253 -44.53 -22.22 -19.09
CA LEU D 253 -43.66 -22.10 -17.93
C LEU D 253 -44.51 -21.94 -16.68
N ARG D 254 -44.06 -22.59 -15.61
CA ARG D 254 -44.68 -22.40 -14.32
C ARG D 254 -44.28 -21.05 -13.73
N HIS D 255 -45.18 -20.47 -12.96
CA HIS D 255 -44.86 -19.25 -12.24
C HIS D 255 -43.80 -19.55 -11.18
N PRO D 256 -42.67 -18.82 -11.17
CA PRO D 256 -41.56 -19.19 -10.29
C PRO D 256 -41.89 -19.11 -8.80
N GLU D 257 -42.92 -18.37 -8.41
CA GLU D 257 -43.25 -18.20 -7.00
C GLU D 257 -44.53 -18.95 -6.61
N ASP D 258 -45.62 -18.75 -7.36
CA ASP D 258 -46.89 -19.41 -7.07
C ASP D 258 -47.09 -20.47 -8.14
N PRO D 259 -46.78 -21.79 -7.87
CA PRO D 259 -46.78 -22.74 -8.96
C PRO D 259 -48.09 -23.45 -9.15
N THR D 260 -49.15 -22.64 -9.22
CA THR D 260 -50.47 -23.11 -9.63
C THR D 260 -50.96 -22.35 -10.85
N ARG D 261 -50.12 -21.49 -11.42
CA ARG D 261 -50.47 -20.66 -12.56
C ARG D 261 -49.36 -20.75 -13.58
N ILE D 262 -49.73 -20.70 -14.87
CA ILE D 262 -48.84 -21.08 -15.96
C ILE D 262 -48.74 -19.92 -16.95
N ARG D 263 -47.58 -19.80 -17.58
CA ARG D 263 -47.35 -18.80 -18.61
C ARG D 263 -46.76 -19.51 -19.83
N LEU D 264 -46.99 -18.96 -21.02
CA LEU D 264 -46.59 -19.68 -22.23
C LEU D 264 -45.19 -19.30 -22.70
N GLU D 265 -44.23 -19.28 -21.78
CA GLU D 265 -42.80 -19.26 -22.10
C GLU D 265 -42.34 -18.02 -22.85
N ALA D 266 -43.28 -17.15 -23.24
CA ALA D 266 -42.97 -15.88 -23.92
C ALA D 266 -42.02 -16.08 -25.11
N PHE D 267 -42.52 -16.78 -26.13
CA PHE D 267 -41.76 -16.94 -27.35
C PHE D 267 -41.68 -15.66 -28.18
N HIS D 268 -42.18 -14.54 -27.67
CA HIS D 268 -42.22 -13.30 -28.41
C HIS D 268 -40.82 -12.75 -28.66
N THR E 25 -12.90 20.59 -42.42
CA THR E 25 -13.91 20.96 -41.42
C THR E 25 -14.36 19.80 -40.50
N PRO E 26 -14.68 18.61 -41.04
CA PRO E 26 -15.07 17.51 -40.16
C PRO E 26 -13.91 16.79 -39.48
N LEU E 27 -12.77 16.66 -40.15
CA LEU E 27 -11.56 16.14 -39.53
C LEU E 27 -10.43 17.16 -39.59
N GLN E 28 -10.22 17.74 -40.78
CA GLN E 28 -9.10 18.64 -41.03
C GLN E 28 -9.09 19.80 -40.05
N LYS E 29 -10.27 20.20 -39.56
CA LYS E 29 -10.33 21.19 -38.50
C LYS E 29 -9.63 20.68 -37.24
N ARG E 30 -9.86 19.40 -36.92
CA ARG E 30 -9.17 18.80 -35.77
C ARG E 30 -7.67 18.68 -36.04
N LEU E 31 -7.28 18.39 -37.28
CA LEU E 31 -5.86 18.35 -37.60
C LEU E 31 -5.20 19.72 -37.42
N GLU E 32 -5.90 20.79 -37.83
CA GLU E 32 -5.38 22.13 -37.60
C GLU E 32 -5.34 22.47 -36.12
N SER E 33 -6.31 21.98 -35.35
CA SER E 33 -6.30 22.16 -33.90
C SER E 33 -5.10 21.46 -33.28
N VAL E 34 -4.80 20.26 -33.76
CA VAL E 34 -3.67 19.48 -33.26
C VAL E 34 -2.37 20.22 -33.58
N ARG E 35 -2.29 20.76 -34.81
CA ARG E 35 -1.17 21.63 -35.18
C ARG E 35 -1.03 22.84 -34.26
N LYS E 36 -2.13 23.53 -33.95
CA LYS E 36 -2.05 24.68 -33.06
C LYS E 36 -1.58 24.26 -31.66
N GLN E 37 -2.12 23.15 -31.16
CA GLN E 37 -1.78 22.68 -29.82
C GLN E 37 -0.32 22.26 -29.73
N SER E 38 0.17 21.54 -30.74
CA SER E 38 1.54 21.04 -30.74
C SER E 38 2.53 22.16 -31.02
N SER E 39 2.08 23.22 -31.70
CA SER E 39 2.91 24.37 -31.96
C SER E 39 3.42 25.00 -30.66
N PHE E 40 2.59 24.96 -29.61
CA PHE E 40 2.92 25.54 -28.32
C PHE E 40 3.26 27.03 -28.47
N ILE E 41 2.32 27.81 -29.01
CA ILE E 41 2.53 29.22 -29.30
C ILE E 41 2.12 30.02 -28.08
N LEU E 42 3.11 30.43 -27.28
CA LEU E 42 2.91 31.39 -26.19
C LEU E 42 1.69 30.99 -25.35
N THR E 43 1.83 29.89 -24.60
CA THR E 43 0.63 29.32 -23.88
C THR E 43 0.11 30.15 -22.69
N PRO E 44 0.91 30.63 -21.71
CA PRO E 44 0.40 31.29 -20.49
C PRO E 44 -1.08 31.68 -20.55
N PRO E 45 -2.03 30.82 -20.10
CA PRO E 45 -3.44 31.15 -20.21
C PRO E 45 -3.89 32.10 -19.11
N ARG E 46 -3.79 33.41 -19.33
CA ARG E 46 -4.34 34.31 -18.33
C ARG E 46 -5.80 33.93 -18.13
N ARG E 47 -6.10 33.34 -16.98
CA ARG E 47 -7.41 32.77 -16.73
C ARG E 47 -8.21 33.71 -15.85
N LYS E 48 -9.51 33.81 -16.10
CA LYS E 48 -10.42 34.58 -15.26
C LYS E 48 -10.52 33.84 -13.94
N ILE E 49 -10.49 34.57 -12.83
CA ILE E 49 -10.70 33.97 -11.52
C ILE E 49 -12.04 33.26 -11.57
N PRO E 50 -12.13 31.99 -11.15
CA PRO E 50 -13.40 31.27 -11.20
C PRO E 50 -14.54 32.08 -10.60
N GLN E 51 -15.47 32.49 -11.45
CA GLN E 51 -16.55 33.38 -11.04
C GLN E 51 -17.60 32.57 -10.31
N CYS E 52 -18.29 33.20 -9.36
CA CYS E 52 -19.34 32.51 -8.63
C CYS E 52 -20.40 32.03 -9.62
N SER E 53 -20.45 30.71 -9.81
CA SER E 53 -21.35 30.11 -10.78
C SER E 53 -22.70 29.79 -10.13
N GLN E 54 -23.58 30.79 -10.17
CA GLN E 54 -24.95 30.59 -9.73
C GLN E 54 -25.55 29.39 -10.44
N LEU E 55 -26.09 28.45 -9.68
CA LEU E 55 -26.48 27.15 -10.21
C LEU E 55 -27.49 27.28 -11.34
N GLN E 56 -27.06 26.93 -12.55
CA GLN E 56 -27.87 27.11 -13.76
C GLN E 56 -29.08 26.19 -13.76
N GLU E 57 -30.22 26.71 -14.23
CA GLU E 57 -31.48 25.98 -14.35
C GLU E 57 -31.71 24.92 -13.28
N ASP E 58 -31.97 23.69 -13.70
CA ASP E 58 -32.43 22.62 -12.81
C ASP E 58 -31.36 22.31 -11.77
N VAL E 59 -30.22 21.77 -12.21
CA VAL E 59 -29.10 21.31 -11.38
C VAL E 59 -29.62 20.74 -10.06
N ASP E 60 -30.17 19.52 -10.10
CA ASP E 60 -30.89 18.91 -8.99
C ASP E 60 -30.14 19.15 -7.68
N PRO E 61 -30.68 19.98 -6.79
CA PRO E 61 -29.91 20.39 -5.60
C PRO E 61 -29.47 19.20 -4.76
N GLN E 62 -30.35 18.21 -4.61
CA GLN E 62 -29.96 16.98 -3.94
C GLN E 62 -28.86 16.26 -4.69
N LYS E 63 -29.00 16.11 -6.00
CA LYS E 63 -27.98 15.40 -6.78
C LYS E 63 -26.66 16.15 -6.77
N VAL E 64 -26.67 17.44 -7.11
CA VAL E 64 -25.43 18.20 -7.20
C VAL E 64 -24.76 18.28 -5.84
N ALA E 65 -25.54 18.56 -4.79
CA ALA E 65 -24.98 18.57 -3.44
C ALA E 65 -24.41 17.21 -3.05
N PHE E 66 -25.02 16.12 -3.51
CA PHE E 66 -24.42 14.80 -3.31
C PHE E 66 -23.14 14.65 -4.12
N LEU E 67 -23.05 15.33 -5.27
CA LEU E 67 -21.90 15.23 -6.16
C LEU E 67 -20.75 16.14 -5.80
N LEU E 68 -20.90 17.00 -4.78
CA LEU E 68 -19.84 17.96 -4.48
C LEU E 68 -18.72 17.33 -3.65
N HIS E 69 -19.03 16.90 -2.44
CA HIS E 69 -18.01 16.42 -1.51
C HIS E 69 -17.74 14.93 -1.73
N LYS E 70 -17.46 14.59 -2.98
CA LYS E 70 -17.10 13.23 -3.36
C LYS E 70 -15.81 13.29 -4.17
N GLN E 71 -14.86 12.44 -3.83
CA GLN E 71 -13.52 12.50 -4.41
C GLN E 71 -13.55 11.84 -5.79
N TRP E 72 -13.76 12.65 -6.82
CA TRP E 72 -13.82 12.15 -8.19
C TRP E 72 -12.42 11.84 -8.68
N THR E 73 -12.22 10.62 -9.18
CA THR E 73 -10.99 10.25 -9.86
C THR E 73 -11.14 10.56 -11.33
N LEU E 74 -10.46 11.62 -11.79
CA LEU E 74 -10.65 12.11 -13.14
C LEU E 74 -10.17 11.11 -14.19
N TYR E 75 -10.82 11.13 -15.34
CA TYR E 75 -10.35 10.44 -16.53
C TYR E 75 -10.59 11.34 -17.74
N SER E 76 -9.87 11.10 -18.81
CA SER E 76 -10.08 11.77 -20.08
C SER E 76 -10.88 10.85 -20.98
N LEU E 77 -12.04 11.32 -21.44
CA LEU E 77 -12.99 10.50 -22.17
C LEU E 77 -13.14 11.01 -23.59
N THR E 78 -12.72 10.21 -24.57
CA THR E 78 -12.92 10.57 -25.95
C THR E 78 -14.41 10.61 -26.27
N PRO E 79 -14.80 11.36 -27.30
CA PRO E 79 -16.23 11.51 -27.61
C PRO E 79 -16.90 10.16 -27.85
N LEU E 80 -18.15 10.06 -27.40
CA LEU E 80 -18.92 8.84 -27.49
C LEU E 80 -19.61 8.77 -28.86
N TYR E 81 -19.31 7.72 -29.63
CA TYR E 81 -19.99 7.54 -30.90
C TYR E 81 -21.40 7.04 -30.67
N LYS E 82 -22.34 7.59 -31.45
CA LYS E 82 -23.73 7.11 -31.49
C LYS E 82 -24.35 7.10 -30.09
N PHE E 83 -24.16 8.19 -29.36
CA PHE E 83 -24.81 8.37 -28.08
C PHE E 83 -26.00 9.29 -28.22
N SER E 84 -27.02 9.05 -27.38
CA SER E 84 -28.23 9.86 -27.41
C SER E 84 -28.74 10.01 -25.99
N TYR E 85 -29.16 11.22 -25.64
CA TYR E 85 -29.78 11.45 -24.33
C TYR E 85 -31.28 11.20 -24.37
N SER E 86 -31.66 10.07 -24.97
CA SER E 86 -33.03 9.58 -24.93
C SER E 86 -33.03 8.12 -24.53
N ASN E 87 -32.03 7.39 -25.01
CA ASN E 87 -31.92 5.95 -24.75
C ASN E 87 -31.13 5.68 -23.47
N LEU E 88 -31.51 6.35 -22.38
CA LEU E 88 -30.82 6.12 -21.12
C LEU E 88 -31.22 4.80 -20.47
N LYS E 89 -32.48 4.40 -20.62
CA LYS E 89 -32.94 3.14 -20.06
C LYS E 89 -32.28 1.95 -20.74
N GLU E 90 -32.14 1.98 -22.06
CA GLU E 90 -31.50 0.92 -22.80
C GLU E 90 -30.03 0.76 -22.43
N TYR E 91 -29.27 1.85 -22.34
CA TYR E 91 -27.91 1.77 -21.85
C TYR E 91 -27.83 1.35 -20.40
N SER E 92 -28.77 1.79 -19.56
CA SER E 92 -28.81 1.37 -18.17
C SER E 92 -28.93 -0.15 -18.08
N ARG E 93 -29.89 -0.72 -18.82
CA ARG E 93 -30.02 -2.17 -18.82
C ARG E 93 -28.80 -2.84 -19.43
N LEU E 94 -28.30 -2.33 -20.54
CA LEU E 94 -27.18 -2.95 -21.22
C LEU E 94 -25.93 -2.97 -20.36
N LEU E 95 -25.75 -1.97 -19.51
CA LEU E 95 -24.61 -1.92 -18.61
C LEU E 95 -24.84 -2.67 -17.31
N ASN E 96 -26.07 -2.66 -16.79
CA ASN E 96 -26.38 -3.44 -15.60
C ASN E 96 -26.21 -4.93 -15.88
N ALA E 97 -26.68 -5.40 -17.03
CA ALA E 97 -26.50 -6.79 -17.42
C ALA E 97 -25.06 -7.13 -17.71
N PHE E 98 -24.19 -6.13 -17.89
CA PHE E 98 -22.78 -6.36 -18.11
C PHE E 98 -21.97 -6.34 -16.84
N ILE E 99 -22.33 -5.51 -15.87
CA ILE E 99 -21.58 -5.42 -14.62
C ILE E 99 -21.76 -6.69 -13.81
N VAL E 100 -23.01 -7.12 -13.63
CA VAL E 100 -23.27 -8.34 -12.88
C VAL E 100 -22.75 -9.55 -13.62
N ALA E 101 -22.56 -9.46 -14.94
CA ALA E 101 -21.92 -10.55 -15.66
C ALA E 101 -20.42 -10.57 -15.42
N GLU E 102 -19.82 -9.41 -15.14
CA GLU E 102 -18.43 -9.36 -14.74
C GLU E 102 -18.22 -9.89 -13.33
N LYS E 103 -19.30 -10.08 -12.57
CA LYS E 103 -19.27 -10.81 -11.31
C LYS E 103 -19.36 -12.31 -11.53
N GLN E 104 -20.05 -12.74 -12.58
CA GLN E 104 -19.99 -14.14 -12.99
C GLN E 104 -18.60 -14.52 -13.48
N LYS E 105 -17.85 -13.55 -13.99
CA LYS E 105 -16.49 -13.80 -14.46
C LYS E 105 -15.56 -14.10 -13.28
N ASN E 116 -28.62 -7.40 -7.68
CA ASN E 116 -27.95 -6.76 -6.51
C ASN E 116 -27.36 -5.41 -6.95
N ILE E 117 -27.17 -5.21 -8.25
CA ILE E 117 -26.59 -3.97 -8.75
C ILE E 117 -27.56 -3.32 -9.72
N LYS E 118 -27.83 -2.04 -9.52
CA LYS E 118 -28.63 -1.25 -10.44
C LYS E 118 -27.79 -0.12 -11.00
N VAL E 119 -28.01 0.19 -12.28
CA VAL E 119 -27.28 1.24 -12.97
C VAL E 119 -28.28 2.28 -13.43
N ILE E 120 -28.10 3.51 -12.98
CA ILE E 120 -29.06 4.59 -13.24
C ILE E 120 -28.32 5.68 -14.00
N PHE E 121 -28.43 5.66 -15.33
CA PHE E 121 -27.99 6.80 -16.13
C PHE E 121 -28.91 7.98 -15.88
N SER E 122 -28.33 9.12 -15.51
CA SER E 122 -29.15 10.26 -15.10
C SER E 122 -28.53 11.54 -15.65
N THR E 123 -29.19 12.14 -16.64
CA THR E 123 -28.74 13.43 -17.14
C THR E 123 -28.82 14.48 -16.05
N LEU E 124 -27.75 15.26 -15.91
CA LEU E 124 -27.65 16.21 -14.81
C LEU E 124 -28.34 17.53 -15.07
N LEU E 125 -28.50 17.92 -16.33
CA LEU E 125 -29.30 19.09 -16.72
C LEU E 125 -28.80 20.36 -16.02
N GLY E 126 -27.59 20.77 -16.39
CA GLY E 126 -27.06 22.02 -15.88
C GLY E 126 -25.56 22.05 -15.72
N MET E 127 -24.91 20.87 -15.78
CA MET E 127 -23.45 20.82 -15.78
C MET E 127 -22.94 21.01 -17.20
N LYS E 128 -23.06 22.26 -17.66
CA LYS E 128 -22.59 22.66 -18.97
C LYS E 128 -22.27 24.14 -18.93
N GLY E 129 -21.19 24.52 -19.62
CA GLY E 129 -20.75 25.90 -19.61
C GLY E 129 -21.56 26.79 -20.53
N THR E 130 -21.69 26.38 -21.79
CA THR E 130 -22.51 27.07 -22.75
C THR E 130 -23.70 26.19 -23.13
N GLN E 131 -24.71 26.82 -23.71
CA GLN E 131 -25.94 26.11 -24.08
C GLN E 131 -25.69 24.98 -25.07
N ARG E 132 -24.63 25.08 -25.88
CA ARG E 132 -24.34 24.08 -26.90
C ARG E 132 -23.54 22.89 -26.38
N ASP E 133 -23.08 22.93 -25.13
CA ASP E 133 -22.35 21.80 -24.58
C ASP E 133 -23.29 20.61 -24.36
N PRO E 134 -22.77 19.39 -24.46
CA PRO E 134 -23.61 18.22 -24.15
C PRO E 134 -23.93 18.17 -22.67
N GLU E 135 -25.17 17.83 -22.36
CA GLU E 135 -25.59 17.77 -20.97
C GLU E 135 -24.88 16.62 -20.24
N ALA E 136 -24.31 16.94 -19.09
CA ALA E 136 -23.60 15.92 -18.32
C ALA E 136 -24.58 14.89 -17.77
N PHE E 137 -24.16 13.64 -17.77
CA PHE E 137 -25.00 12.55 -17.31
C PHE E 137 -24.20 11.61 -16.42
N LEU E 138 -24.89 10.99 -15.48
CA LEU E 138 -24.28 10.19 -14.45
C LEU E 138 -24.36 8.70 -14.79
N VAL E 139 -23.56 7.91 -14.09
CA VAL E 139 -23.62 6.45 -14.15
C VAL E 139 -23.40 5.96 -12.73
N GLN E 140 -24.47 5.53 -12.07
CA GLN E 140 -24.41 5.17 -10.66
C GLN E 140 -24.63 3.68 -10.51
N ILE E 141 -23.69 3.01 -9.83
CA ILE E 141 -23.87 1.60 -9.46
C ILE E 141 -24.63 1.56 -8.15
N VAL E 142 -25.95 1.55 -8.23
CA VAL E 142 -26.79 1.52 -7.04
C VAL E 142 -26.97 0.07 -6.61
N SER E 143 -26.59 -0.23 -5.37
CA SER E 143 -26.70 -1.57 -4.85
C SER E 143 -27.97 -1.74 -4.03
N ARG E 152 -30.65 -3.31 -3.27
CA ARG E 152 -31.43 -3.05 -2.06
C ARG E 152 -31.72 -1.57 -1.90
N GLU E 153 -30.82 -0.87 -1.21
CA GLU E 153 -30.95 0.55 -0.94
C GLU E 153 -30.06 1.35 -1.89
N GLY E 154 -30.12 2.68 -1.74
CA GLY E 154 -29.37 3.56 -2.61
C GLY E 154 -27.92 3.74 -2.24
N LYS E 155 -27.24 2.64 -1.91
CA LYS E 155 -25.81 2.68 -1.66
C LYS E 155 -25.12 2.80 -3.00
N VAL E 156 -24.88 4.05 -3.42
CA VAL E 156 -24.30 4.28 -4.72
C VAL E 156 -22.82 3.88 -4.64
N LEU E 157 -22.50 2.72 -5.21
CA LEU E 157 -21.15 2.20 -5.13
C LEU E 157 -20.17 3.03 -5.94
N TRP E 158 -20.57 3.48 -7.11
CA TRP E 158 -19.58 3.96 -8.06
C TRP E 158 -19.81 5.39 -8.53
N THR E 159 -21.05 5.75 -8.90
CA THR E 159 -21.42 7.10 -9.28
C THR E 159 -20.49 7.70 -10.32
N GLY E 160 -20.48 7.16 -11.53
CA GLY E 160 -19.72 7.79 -12.59
C GLY E 160 -20.31 9.13 -13.00
N TRP E 161 -19.51 9.90 -13.73
CA TRP E 161 -19.93 11.25 -14.10
C TRP E 161 -19.14 11.70 -15.32
N PHE E 162 -19.85 11.92 -16.41
CA PHE E 162 -19.27 12.49 -17.64
C PHE E 162 -19.82 13.91 -17.78
N CYS E 163 -18.93 14.88 -17.84
CA CYS E 163 -19.33 16.27 -17.98
C CYS E 163 -18.49 16.96 -19.04
N CYS E 164 -19.11 17.88 -19.78
CA CYS E 164 -18.44 18.68 -20.80
C CYS E 164 -18.87 20.13 -20.62
N VAL E 165 -18.13 20.88 -19.80
CA VAL E 165 -18.49 22.25 -19.50
C VAL E 165 -17.38 23.16 -20.03
N PHE E 166 -17.79 24.24 -20.72
CA PHE E 166 -16.87 25.17 -21.36
C PHE E 166 -15.81 24.42 -22.18
N GLY E 167 -16.25 23.38 -22.84
CA GLY E 167 -15.36 22.56 -23.65
C GLY E 167 -15.60 22.74 -25.13
N ASP E 168 -15.85 23.99 -25.55
CA ASP E 168 -16.15 24.30 -26.93
C ASP E 168 -14.91 24.31 -27.82
N SER E 169 -13.77 23.84 -27.32
CA SER E 169 -12.63 23.54 -28.16
C SER E 169 -12.68 22.13 -28.71
N LEU E 170 -13.66 21.34 -28.29
CA LEU E 170 -13.87 19.99 -28.79
C LEU E 170 -15.19 19.87 -29.56
N LEU E 171 -16.22 20.61 -29.13
CA LEU E 171 -17.50 20.57 -29.81
C LEU E 171 -17.40 21.04 -31.25
N GLU E 172 -16.66 22.13 -31.49
CA GLU E 172 -16.57 22.71 -32.82
C GLU E 172 -15.61 21.96 -33.74
N THR E 173 -15.00 20.89 -33.24
CA THR E 173 -14.10 20.07 -34.05
C THR E 173 -14.60 18.66 -34.30
N VAL E 174 -15.61 18.20 -33.58
CA VAL E 174 -16.14 16.85 -33.73
C VAL E 174 -17.48 16.94 -34.44
N SER E 175 -17.83 15.87 -35.14
CA SER E 175 -19.06 15.84 -35.92
C SER E 175 -20.27 15.75 -34.99
N GLU E 176 -21.47 15.67 -35.57
CA GLU E 176 -22.70 15.66 -34.79
C GLU E 176 -22.95 14.30 -34.13
N ASP E 177 -22.56 13.20 -34.76
CA ASP E 177 -22.83 11.89 -34.22
C ASP E 177 -22.20 11.66 -32.85
N PHE E 178 -21.04 12.26 -32.59
CA PHE E 178 -20.37 12.10 -31.31
C PHE E 178 -20.92 13.11 -30.31
N THR E 179 -21.39 12.63 -29.18
CA THR E 179 -21.69 13.50 -28.04
C THR E 179 -20.46 13.46 -27.14
N CYS E 180 -19.64 14.50 -27.21
CA CYS E 180 -18.33 14.50 -26.58
C CYS E 180 -18.45 14.96 -25.14
N LEU E 181 -17.99 14.11 -24.22
CA LEU E 181 -17.84 14.48 -22.81
C LEU E 181 -16.42 14.18 -22.39
N PRO E 182 -15.51 15.15 -22.46
CA PRO E 182 -14.09 14.86 -22.21
C PRO E 182 -13.83 14.36 -20.81
N LEU E 183 -14.58 14.82 -19.82
CA LEU E 183 -14.34 14.44 -18.45
C LEU E 183 -15.14 13.20 -18.09
N PHE E 184 -14.49 12.31 -17.35
CA PHE E 184 -15.15 11.18 -16.72
C PHE E 184 -14.74 11.17 -15.26
N LEU E 185 -15.71 10.95 -14.38
CA LEU E 185 -15.47 11.04 -12.95
C LEU E 185 -15.83 9.72 -12.27
N ALA E 186 -14.84 9.08 -11.63
CA ALA E 186 -15.08 7.74 -11.05
C ALA E 186 -15.57 7.83 -9.61
N ASN E 187 -14.67 7.66 -8.62
CA ASN E 187 -15.00 7.69 -7.16
C ASN E 187 -15.35 6.27 -6.67
N GLY E 188 -15.96 5.44 -7.50
CA GLY E 188 -16.21 4.03 -7.09
C GLY E 188 -14.90 3.25 -7.09
N ALA E 189 -14.91 1.96 -6.78
CA ALA E 189 -13.62 1.30 -6.73
C ALA E 189 -12.99 1.34 -8.13
N GLU E 190 -11.67 1.22 -8.17
CA GLU E 190 -11.00 1.16 -9.46
C GLU E 190 -11.42 -0.04 -10.28
N SER E 191 -11.79 -1.14 -9.63
CA SER E 191 -12.29 -2.32 -10.34
C SER E 191 -13.57 -2.05 -11.12
N ASN E 192 -14.55 -1.38 -10.51
CA ASN E 192 -15.77 -1.04 -11.22
C ASN E 192 -15.56 0.01 -12.31
N THR E 193 -14.64 0.94 -12.08
CA THR E 193 -14.30 1.89 -13.13
C THR E 193 -13.67 1.19 -14.31
N ALA E 194 -12.77 0.24 -14.06
CA ALA E 194 -12.13 -0.53 -15.11
C ALA E 194 -13.05 -1.62 -15.67
N ILE E 195 -14.33 -1.56 -15.34
CA ILE E 195 -15.35 -2.41 -15.95
C ILE E 195 -16.35 -1.58 -16.74
N ILE E 196 -16.83 -0.49 -16.16
CA ILE E 196 -17.69 0.42 -16.90
C ILE E 196 -16.92 1.09 -18.03
N GLY E 197 -15.63 1.35 -17.82
CA GLY E 197 -14.82 1.87 -18.91
C GLY E 197 -14.73 0.89 -20.07
N THR E 198 -14.56 -0.40 -19.77
CA THR E 198 -14.57 -1.41 -20.82
C THR E 198 -15.92 -1.49 -21.51
N TRP E 199 -17.02 -1.42 -20.77
CA TRP E 199 -18.33 -1.41 -21.41
C TRP E 199 -18.48 -0.21 -22.34
N PHE E 200 -18.04 0.96 -21.88
CA PHE E 200 -18.15 2.16 -22.70
C PHE E 200 -17.27 2.06 -23.95
N GLN E 201 -16.07 1.49 -23.82
CA GLN E 201 -15.27 1.23 -25.01
C GLN E 201 -15.97 0.28 -25.96
N LYS E 202 -16.64 -0.75 -25.42
CA LYS E 202 -17.28 -1.76 -26.27
C LYS E 202 -18.49 -1.22 -27.01
N THR E 203 -19.28 -0.35 -26.37
CA THR E 203 -20.53 0.09 -26.98
C THR E 203 -20.47 1.47 -27.62
N PHE E 204 -19.54 2.33 -27.23
CA PHE E 204 -19.54 3.71 -27.69
C PHE E 204 -18.25 4.14 -28.38
N ASP E 205 -17.22 3.29 -28.39
CA ASP E 205 -15.90 3.64 -28.90
C ASP E 205 -15.38 4.91 -28.23
N CYS E 206 -15.50 4.98 -26.92
CA CYS E 206 -14.87 6.03 -26.13
C CYS E 206 -13.80 5.41 -25.25
N TYR E 207 -12.70 6.15 -25.08
CA TYR E 207 -11.54 5.58 -24.40
C TYR E 207 -11.13 6.47 -23.24
N PHE E 208 -10.77 5.84 -22.13
CA PHE E 208 -10.57 6.49 -20.85
C PHE E 208 -9.09 6.59 -20.57
N SER E 209 -8.49 7.72 -20.93
CA SER E 209 -7.16 7.78 -20.33
C SER E 209 -7.26 8.42 -18.94
N PRO E 210 -6.64 7.82 -17.93
CA PRO E 210 -6.69 8.41 -16.59
C PRO E 210 -6.06 9.79 -16.59
N LEU E 211 -6.88 10.80 -16.34
CA LEU E 211 -6.42 12.18 -16.40
C LEU E 211 -5.49 12.45 -15.23
N ALA E 212 -4.25 12.82 -15.54
CA ALA E 212 -3.24 13.13 -14.54
C ALA E 212 -2.92 14.61 -14.65
N ILE E 213 -3.32 15.37 -13.63
CA ILE E 213 -3.02 16.79 -13.62
C ILE E 213 -1.55 16.98 -13.23
N ASN E 214 -0.76 17.50 -14.16
CA ASN E 214 0.64 17.75 -13.84
C ASN E 214 0.75 18.88 -12.82
N ALA E 215 1.87 18.89 -12.11
CA ALA E 215 2.06 19.86 -11.03
C ALA E 215 1.99 21.30 -11.53
N PHE E 216 2.23 21.53 -12.82
CA PHE E 216 2.04 22.87 -13.38
C PHE E 216 0.57 23.27 -13.37
N ASN E 217 -0.28 22.43 -13.97
CA ASN E 217 -1.71 22.69 -13.91
C ASN E 217 -2.22 22.66 -12.48
N LEU E 218 -1.66 21.79 -11.64
CA LEU E 218 -2.03 21.76 -10.23
C LEU E 218 -1.73 23.06 -9.53
N SER E 219 -0.55 23.63 -9.72
CA SER E 219 -0.24 24.94 -9.17
C SER E 219 -1.15 26.02 -9.72
N TRP E 220 -1.46 25.98 -11.01
CA TRP E 220 -2.43 26.91 -11.57
C TRP E 220 -3.74 26.87 -10.82
N MET E 221 -4.33 25.68 -10.69
CA MET E 221 -5.63 25.63 -10.02
C MET E 221 -5.51 25.95 -8.55
N ALA E 222 -4.38 25.62 -7.92
CA ALA E 222 -4.17 26.02 -6.53
C ALA E 222 -4.10 27.53 -6.39
N ALA E 223 -3.75 28.24 -7.45
CA ALA E 223 -3.69 29.69 -7.38
C ALA E 223 -5.02 30.36 -7.70
N MET E 224 -5.77 29.88 -8.69
CA MET E 224 -7.05 30.50 -9.00
C MET E 224 -8.13 30.18 -7.98
N TRP E 225 -7.91 29.20 -7.10
CA TRP E 225 -8.88 28.88 -6.08
C TRP E 225 -8.68 29.65 -4.78
N THR E 226 -7.48 30.14 -4.51
CA THR E 226 -7.29 31.11 -3.45
C THR E 226 -7.51 32.54 -3.94
N ALA E 227 -7.76 32.71 -5.24
CA ALA E 227 -8.12 34.00 -5.79
C ALA E 227 -9.62 34.22 -5.84
N CYS E 228 -10.42 33.22 -5.50
CA CYS E 228 -11.86 33.32 -5.58
C CYS E 228 -12.39 34.28 -4.51
N LYS E 229 -13.65 34.68 -4.69
CA LYS E 229 -14.31 35.66 -3.82
C LYS E 229 -15.20 34.99 -2.80
N MET E 230 -14.81 33.83 -2.28
CA MET E 230 -15.67 33.09 -1.37
C MET E 230 -15.60 33.63 0.04
N ASP E 231 -16.56 33.21 0.86
CA ASP E 231 -16.62 33.46 2.28
C ASP E 231 -16.72 32.13 3.01
N HIS E 232 -16.51 32.18 4.33
CA HIS E 232 -16.56 31.01 5.22
C HIS E 232 -15.79 29.83 4.62
N TYR E 233 -14.48 30.03 4.51
CA TYR E 233 -13.56 29.04 3.99
C TYR E 233 -13.72 27.69 4.68
N VAL E 234 -14.09 26.67 3.90
CA VAL E 234 -14.41 25.37 4.49
C VAL E 234 -13.15 24.68 5.02
N ALA E 235 -12.07 24.71 4.25
CA ALA E 235 -10.86 23.97 4.60
C ALA E 235 -9.62 24.80 4.30
N THR E 236 -8.54 24.46 4.99
CA THR E 236 -7.27 25.15 4.82
C THR E 236 -6.69 24.85 3.44
N THR E 237 -5.93 25.81 2.91
CA THR E 237 -5.31 25.67 1.60
C THR E 237 -4.03 24.85 1.75
N GLU E 238 -4.16 23.55 1.53
CA GLU E 238 -3.05 22.62 1.70
C GLU E 238 -2.45 22.25 0.36
N PHE E 239 -1.12 22.25 0.29
CA PHE E 239 -0.38 21.84 -0.89
C PHE E 239 0.49 20.65 -0.51
N LEU E 240 0.08 19.45 -0.89
CA LEU E 240 0.85 18.25 -0.56
C LEU E 240 1.98 18.08 -1.56
N TRP E 241 3.17 18.52 -1.19
CA TRP E 241 4.35 18.32 -2.02
C TRP E 241 4.88 16.91 -1.83
N SER E 242 5.77 16.50 -2.73
CA SER E 242 6.39 15.18 -2.64
C SER E 242 7.76 15.25 -3.29
N VAL E 243 8.79 15.29 -2.48
CA VAL E 243 10.16 15.51 -2.96
C VAL E 243 10.63 14.31 -3.79
N PRO E 244 11.44 14.52 -4.82
CA PRO E 244 11.98 13.41 -5.62
C PRO E 244 13.29 12.84 -5.07
N CYS E 245 13.21 12.20 -3.90
CA CYS E 245 14.32 11.44 -3.37
C CYS E 245 14.21 10.00 -3.85
N SER E 246 15.34 9.43 -4.25
CA SER E 246 15.31 8.07 -4.80
C SER E 246 15.07 7.02 -3.71
N PRO E 247 15.77 7.04 -2.56
CA PRO E 247 15.55 5.96 -1.58
C PRO E 247 14.29 6.16 -0.77
N GLN E 248 13.96 7.41 -0.45
CA GLN E 248 12.85 7.74 0.44
C GLN E 248 11.86 8.66 -0.27
N SER E 249 10.68 8.77 0.32
CA SER E 249 9.53 9.39 -0.36
C SER E 249 8.85 10.40 0.54
N LEU E 250 9.63 11.31 1.11
CA LEU E 250 9.10 12.30 2.04
C LEU E 250 8.06 13.18 1.36
N ASP E 251 6.95 13.41 2.05
CA ASP E 251 5.87 14.25 1.56
C ASP E 251 5.66 15.43 2.51
N ILE E 252 5.32 16.57 1.94
CA ILE E 252 5.16 17.81 2.69
C ILE E 252 3.73 18.32 2.51
N SER E 253 3.10 18.72 3.59
CA SER E 253 1.75 19.28 3.54
C SER E 253 1.84 20.74 3.97
N PHE E 254 2.12 21.61 3.00
CA PHE E 254 2.29 23.04 3.25
C PHE E 254 0.91 23.69 3.40
N ALA E 255 0.22 23.32 4.47
CA ALA E 255 -1.17 23.73 4.68
C ALA E 255 -1.18 25.15 5.23
N ILE E 256 -1.73 26.07 4.46
CA ILE E 256 -1.82 27.47 4.87
C ILE E 256 -3.22 27.75 5.39
N HIS E 257 -3.33 28.71 6.31
CA HIS E 257 -4.64 29.20 6.70
C HIS E 257 -5.31 29.82 5.48
N PRO E 258 -6.55 29.42 5.16
CA PRO E 258 -7.16 29.85 3.89
C PRO E 258 -7.29 31.36 3.74
N GLU E 259 -7.58 32.09 4.81
CA GLU E 259 -7.59 33.54 4.75
C GLU E 259 -6.19 34.12 4.66
N ASP E 260 -5.21 33.45 5.28
CA ASP E 260 -3.82 33.89 5.19
C ASP E 260 -3.25 33.73 3.79
N ALA E 261 -3.66 32.68 3.07
CA ALA E 261 -3.24 32.52 1.68
C ALA E 261 -3.92 33.48 0.74
N LYS E 262 -5.16 33.88 1.04
CA LYS E 262 -5.83 34.92 0.27
C LYS E 262 -5.12 36.26 0.39
N ALA E 263 -4.66 36.61 1.60
CA ALA E 263 -3.88 37.82 1.78
C ALA E 263 -2.49 37.71 1.19
N LEU E 264 -1.93 36.50 1.11
CA LEU E 264 -0.67 36.31 0.41
C LEU E 264 -0.87 36.37 -1.10
N TRP E 265 -2.01 35.89 -1.59
CA TRP E 265 -2.31 36.00 -3.01
C TRP E 265 -2.50 37.45 -3.43
N ASP E 266 -3.17 38.25 -2.60
CA ASP E 266 -3.34 39.67 -2.90
C ASP E 266 -2.02 40.39 -2.99
N SER E 267 -0.98 39.89 -2.31
CA SER E 267 0.34 40.49 -2.43
C SER E 267 0.89 40.34 -3.84
N VAL E 268 0.65 39.19 -4.48
CA VAL E 268 1.15 38.94 -5.83
C VAL E 268 0.09 39.16 -6.89
N HIS E 269 -1.13 39.53 -6.51
CA HIS E 269 -2.19 39.80 -7.46
C HIS E 269 -2.20 41.29 -7.77
N LYS E 270 -1.91 41.63 -9.03
CA LYS E 270 -1.95 43.01 -9.48
C LYS E 270 -3.01 43.26 -10.54
N THR E 271 -3.04 42.43 -11.59
CA THR E 271 -4.11 42.66 -12.55
C THR E 271 -5.37 41.89 -12.14
N PRO E 272 -6.50 42.58 -11.96
CA PRO E 272 -7.73 41.89 -11.59
C PRO E 272 -8.42 41.30 -12.80
N GLY E 273 -9.46 40.51 -12.53
CA GLY E 273 -10.21 39.89 -13.59
C GLY E 273 -9.57 38.62 -14.13
N GLU E 274 -8.26 38.67 -14.38
CA GLU E 274 -7.55 37.53 -14.92
C GLU E 274 -6.23 37.31 -14.19
N VAL E 275 -5.95 36.07 -13.83
CA VAL E 275 -4.69 35.68 -13.21
C VAL E 275 -3.73 35.24 -14.30
N THR E 276 -2.49 35.70 -14.22
CA THR E 276 -1.49 35.39 -15.22
C THR E 276 -0.61 34.23 -14.78
N GLN E 277 0.22 33.75 -15.70
CA GLN E 277 1.20 32.74 -15.32
C GLN E 277 2.25 33.32 -14.38
N GLU E 278 2.65 34.57 -14.59
CA GLU E 278 3.60 35.19 -13.68
C GLU E 278 3.01 35.41 -12.30
N GLU E 279 1.73 35.78 -12.22
CA GLU E 279 1.11 35.92 -10.91
C GLU E 279 1.00 34.57 -10.20
N VAL E 280 0.64 33.51 -10.92
CA VAL E 280 0.57 32.19 -10.33
C VAL E 280 1.95 31.76 -9.84
N ASP E 281 2.97 32.00 -10.67
CA ASP E 281 4.33 31.64 -10.31
C ASP E 281 4.82 32.46 -9.12
N LEU E 282 4.39 33.72 -9.00
CA LEU E 282 4.79 34.52 -7.85
C LEU E 282 4.09 34.09 -6.57
N PHE E 283 2.82 33.68 -6.67
CA PHE E 283 2.17 33.07 -5.52
C PHE E 283 2.90 31.80 -5.08
N MET E 284 3.21 30.94 -6.04
CA MET E 284 3.93 29.71 -5.74
C MET E 284 5.33 29.97 -5.21
N ASP E 285 6.00 31.00 -5.70
CA ASP E 285 7.33 31.38 -5.23
C ASP E 285 7.29 32.07 -3.89
N CYS E 286 6.21 32.76 -3.55
CA CYS E 286 6.04 33.22 -2.18
C CYS E 286 5.85 32.06 -1.23
N LEU E 287 5.17 31.01 -1.68
CA LEU E 287 5.17 29.77 -0.89
C LEU E 287 6.57 29.19 -0.77
N TYR E 288 7.31 29.18 -1.88
CA TYR E 288 8.67 28.64 -1.88
C TYR E 288 9.57 29.42 -0.95
N SER E 289 9.46 30.74 -0.94
CA SER E 289 10.31 31.61 -0.13
C SER E 289 9.78 31.77 1.28
N HIS E 290 8.65 31.16 1.60
CA HIS E 290 8.23 30.98 2.98
C HIS E 290 8.51 29.59 3.50
N PHE E 291 8.80 28.63 2.61
CA PHE E 291 9.17 27.30 3.04
C PHE E 291 10.67 27.09 3.08
N HIS E 292 11.40 27.46 2.02
CA HIS E 292 12.85 27.41 2.06
C HIS E 292 13.40 28.38 3.08
N ARG E 293 12.67 29.46 3.35
CA ARG E 293 13.04 30.35 4.45
C ARG E 293 13.02 29.62 5.78
N HIS E 294 12.03 28.79 6.01
CA HIS E 294 11.84 28.15 7.31
C HIS E 294 12.66 26.88 7.45
N PHE E 295 12.53 25.96 6.50
CA PHE E 295 13.11 24.63 6.59
C PHE E 295 14.33 24.43 5.69
N LYS E 296 14.77 25.46 4.99
CA LYS E 296 15.99 25.42 4.17
C LYS E 296 15.96 24.32 3.12
N ILE E 297 14.79 23.79 2.79
CA ILE E 297 14.65 22.83 1.71
C ILE E 297 13.84 23.49 0.60
N HIS E 298 14.38 23.47 -0.61
CA HIS E 298 13.77 24.18 -1.73
C HIS E 298 12.53 23.41 -2.17
N LEU E 299 11.37 23.93 -1.81
CA LEU E 299 10.11 23.34 -2.23
C LEU E 299 9.94 23.36 -3.74
N SER E 300 10.49 24.37 -4.41
CA SER E 300 10.41 24.43 -5.87
C SER E 300 11.13 23.27 -6.52
N ALA E 301 12.03 22.60 -5.80
CA ALA E 301 12.69 21.41 -6.29
C ALA E 301 11.84 20.17 -6.13
N THR E 302 10.66 20.30 -5.54
CA THR E 302 9.72 19.21 -5.35
C THR E 302 8.55 19.40 -6.31
N ARG E 303 7.61 18.46 -6.28
CA ARG E 303 6.45 18.48 -7.17
C ARG E 303 5.18 18.45 -6.37
N LEU E 304 4.19 19.23 -6.81
CA LEU E 304 2.88 19.18 -6.19
C LEU E 304 2.23 17.83 -6.47
N VAL E 305 1.51 17.31 -5.48
CA VAL E 305 0.83 16.03 -5.64
C VAL E 305 -0.64 16.23 -5.32
N ARG E 306 -0.94 17.23 -4.48
CA ARG E 306 -2.31 17.51 -4.09
C ARG E 306 -2.37 18.93 -3.58
N VAL E 307 -3.35 19.70 -4.06
CA VAL E 307 -3.55 21.07 -3.62
C VAL E 307 -4.97 21.20 -3.10
N SER E 308 -5.15 20.96 -1.80
CA SER E 308 -6.43 21.16 -1.17
C SER E 308 -6.70 22.65 -1.03
N THR E 309 -7.92 23.06 -1.37
CA THR E 309 -8.33 24.44 -1.26
C THR E 309 -9.79 24.48 -0.85
N SER E 310 -10.23 25.61 -0.31
CA SER E 310 -11.63 25.75 0.07
C SER E 310 -12.55 25.60 -1.12
N VAL E 311 -12.08 25.90 -2.33
CA VAL E 311 -12.88 25.67 -3.53
C VAL E 311 -12.98 24.19 -3.84
N ALA E 312 -11.83 23.54 -4.07
CA ALA E 312 -11.83 22.17 -4.54
C ALA E 312 -10.44 21.57 -4.36
N SER E 313 -10.38 20.42 -3.68
CA SER E 313 -9.13 19.67 -3.61
C SER E 313 -8.78 19.13 -4.99
N ALA E 314 -7.48 18.94 -5.23
CA ALA E 314 -7.04 18.45 -6.54
C ALA E 314 -5.73 17.70 -6.38
N HIS E 315 -5.75 16.42 -6.70
CA HIS E 315 -4.57 15.56 -6.63
C HIS E 315 -3.83 15.60 -7.96
N THR E 316 -2.84 14.71 -8.10
CA THR E 316 -2.13 14.52 -9.36
C THR E 316 -2.47 13.19 -10.02
N ASP E 317 -2.34 12.11 -9.26
CA ASP E 317 -2.39 10.76 -9.82
C ASP E 317 -3.77 10.35 -10.32
N GLY E 318 -4.76 11.25 -10.26
CA GLY E 318 -6.07 10.95 -10.80
C GLY E 318 -7.19 11.12 -9.80
N LYS E 319 -6.99 10.65 -8.57
CA LYS E 319 -8.01 10.77 -7.53
C LYS E 319 -8.08 12.22 -7.06
N ILE E 320 -8.55 13.08 -7.95
CA ILE E 320 -8.18 14.48 -7.90
C ILE E 320 -9.27 15.35 -7.28
N LYS E 321 -10.43 15.41 -7.90
CA LYS E 321 -11.32 16.55 -7.70
C LYS E 321 -12.34 16.25 -6.59
N ILE E 322 -12.04 16.73 -5.39
CA ILE E 322 -13.09 16.98 -4.41
C ILE E 322 -13.64 18.38 -4.67
N LEU E 323 -14.95 18.54 -4.52
CA LEU E 323 -15.60 19.77 -4.97
C LEU E 323 -16.29 20.53 -3.85
N CYS E 324 -15.56 20.78 -2.75
CA CYS E 324 -16.11 21.36 -1.53
C CYS E 324 -17.17 22.43 -1.76
N HIS E 325 -16.85 23.45 -2.54
CA HIS E 325 -17.81 24.53 -2.77
C HIS E 325 -18.55 24.35 -4.09
N LYS E 326 -19.56 25.18 -4.30
CA LYS E 326 -20.35 25.17 -5.53
C LYS E 326 -19.76 26.10 -6.58
N TYR E 327 -18.46 25.95 -6.81
CA TYR E 327 -17.78 26.52 -7.97
C TYR E 327 -17.59 25.48 -9.06
N LEU E 328 -18.25 24.33 -8.94
CA LEU E 328 -17.89 23.15 -9.73
C LEU E 328 -18.06 23.37 -11.22
N ILE E 329 -18.82 24.37 -11.65
CA ILE E 329 -18.87 24.66 -13.08
C ILE E 329 -17.62 25.38 -13.55
N GLY E 330 -16.86 25.99 -12.64
CA GLY E 330 -15.59 26.60 -12.99
C GLY E 330 -14.42 25.66 -12.79
N VAL E 331 -14.43 24.94 -11.68
CA VAL E 331 -13.44 23.89 -11.46
C VAL E 331 -13.54 22.85 -12.57
N LEU E 332 -14.77 22.45 -12.89
CA LEU E 332 -15.00 21.54 -14.00
C LEU E 332 -14.66 22.19 -15.33
N ALA E 333 -14.79 23.52 -15.46
CA ALA E 333 -14.34 24.16 -16.68
C ALA E 333 -12.85 23.98 -16.88
N TYR E 334 -12.07 24.23 -15.82
CA TYR E 334 -10.64 23.98 -15.90
C TYR E 334 -10.34 22.52 -16.16
N LEU E 335 -11.07 21.62 -15.50
CA LEU E 335 -10.82 20.19 -15.64
C LEU E 335 -11.13 19.70 -17.05
N THR E 336 -12.22 20.15 -17.65
CA THR E 336 -12.53 19.84 -19.04
C THR E 336 -11.53 20.45 -20.00
N GLU E 337 -11.10 21.70 -19.78
CA GLU E 337 -10.05 22.29 -20.59
C GLU E 337 -8.76 21.49 -20.52
N LEU E 338 -8.45 20.92 -19.37
CA LEU E 338 -7.32 20.02 -19.23
C LEU E 338 -7.56 18.67 -19.91
N ALA E 339 -8.78 18.16 -19.90
CA ALA E 339 -9.10 16.93 -20.61
C ALA E 339 -8.99 17.08 -22.11
N ILE E 340 -9.32 18.26 -22.65
CA ILE E 340 -9.10 18.52 -24.06
C ILE E 340 -7.61 18.38 -24.38
N PHE E 341 -6.76 18.91 -23.51
CA PHE E 341 -5.32 18.81 -23.70
C PHE E 341 -4.88 17.37 -23.87
N GLN E 342 -5.45 16.45 -23.09
CA GLN E 342 -5.10 15.05 -23.22
C GLN E 342 -5.72 14.41 -24.44
N ILE E 343 -6.98 14.73 -24.75
CA ILE E 343 -7.63 14.17 -25.92
C ILE E 343 -7.02 14.74 -27.20
N GLU E 344 -6.84 16.05 -27.23
CA GLU E 344 -6.43 16.73 -28.45
C GLU E 344 -4.93 17.06 -28.42
N VAL F 3 31.92 34.47 -14.81
CA VAL F 3 31.22 34.41 -16.09
C VAL F 3 32.03 33.55 -17.07
N LEU F 4 31.41 32.50 -17.57
CA LEU F 4 32.06 31.61 -18.50
C LEU F 4 32.06 32.18 -19.92
N ARG F 5 33.19 32.01 -20.61
CA ARG F 5 33.35 32.40 -22.00
C ARG F 5 33.79 31.20 -22.82
N PRO F 6 33.38 31.14 -24.10
CA PRO F 6 33.70 29.95 -24.90
C PRO F 6 35.18 29.77 -25.17
N LEU F 7 35.91 30.86 -25.39
CA LEU F 7 37.29 30.78 -25.87
C LEU F 7 38.27 31.32 -24.85
N ASP F 8 37.87 31.33 -23.57
CA ASP F 8 38.74 31.86 -22.52
C ASP F 8 39.97 30.99 -22.32
N LYS F 9 39.87 29.70 -22.56
CA LYS F 9 41.01 28.79 -22.49
C LYS F 9 41.33 28.25 -23.87
N LEU F 10 42.54 27.71 -24.01
CA LEU F 10 42.95 27.11 -25.28
C LEU F 10 42.51 25.64 -25.33
N PRO F 11 42.21 25.13 -26.52
CA PRO F 11 41.78 23.74 -26.66
C PRO F 11 42.95 22.78 -26.46
N GLY F 12 42.61 21.50 -26.33
CA GLY F 12 43.60 20.45 -26.29
C GLY F 12 43.84 19.90 -27.67
N LEU F 13 43.82 18.58 -27.80
CA LEU F 13 43.95 17.91 -29.08
C LEU F 13 42.67 17.21 -29.52
N ASN F 14 42.19 16.27 -28.72
CA ASN F 14 40.90 15.62 -28.97
C ASN F 14 39.98 15.83 -27.78
N THR F 15 40.32 16.76 -26.90
CA THR F 15 39.54 17.00 -25.69
C THR F 15 38.29 17.80 -26.02
N ALA F 16 37.13 17.21 -25.76
CA ALA F 16 35.84 17.87 -25.93
C ALA F 16 35.22 17.99 -24.54
N THR F 17 35.33 19.17 -23.93
CA THR F 17 34.94 19.38 -22.54
C THR F 17 33.54 19.97 -22.49
N ILE F 18 32.57 19.13 -22.17
CA ILE F 18 31.18 19.56 -22.01
C ILE F 18 30.94 19.77 -20.52
N LEU F 19 30.09 20.73 -20.17
CA LEU F 19 29.81 21.00 -18.76
C LEU F 19 28.30 20.92 -18.56
N LEU F 20 27.86 19.85 -17.89
CA LEU F 20 26.45 19.65 -17.59
C LEU F 20 26.02 20.68 -16.55
N VAL F 21 24.77 21.15 -16.65
CA VAL F 21 24.22 22.10 -15.69
C VAL F 21 22.86 21.58 -15.24
N GLY F 22 22.74 21.26 -13.95
CA GLY F 22 21.46 20.85 -13.40
C GLY F 22 21.52 20.82 -11.89
N THR F 23 20.40 21.19 -11.27
CA THR F 23 20.35 21.22 -9.81
C THR F 23 20.52 19.83 -9.22
N GLU F 24 19.74 18.87 -9.70
CA GLU F 24 19.94 17.48 -9.30
C GLU F 24 21.27 17.01 -9.87
N ASP F 25 22.05 16.30 -9.07
CA ASP F 25 23.41 15.95 -9.47
C ASP F 25 23.61 14.45 -9.65
N ALA F 26 22.77 13.62 -9.04
CA ALA F 26 22.83 12.19 -9.33
C ALA F 26 22.46 11.91 -10.77
N LEU F 27 21.43 12.59 -11.29
CA LEU F 27 21.05 12.43 -12.68
C LEU F 27 22.13 12.97 -13.61
N LEU F 28 22.77 14.08 -13.25
CA LEU F 28 23.90 14.58 -14.03
C LEU F 28 25.04 13.57 -14.05
N GLN F 29 25.32 12.95 -12.91
CA GLN F 29 26.34 11.92 -12.84
C GLN F 29 25.98 10.73 -13.72
N GLN F 30 24.71 10.32 -13.73
CA GLN F 30 24.28 9.24 -14.60
C GLN F 30 24.46 9.61 -16.08
N LEU F 31 24.09 10.84 -16.44
CA LEU F 31 24.25 11.28 -17.82
C LEU F 31 25.73 11.33 -18.21
N ALA F 32 26.58 11.80 -17.32
CA ALA F 32 28.01 11.79 -17.58
C ALA F 32 28.56 10.38 -17.70
N ASP F 33 28.09 9.45 -16.89
CA ASP F 33 28.52 8.06 -17.02
C ASP F 33 28.11 7.47 -18.36
N SER F 34 26.87 7.71 -18.79
CA SER F 34 26.43 7.23 -20.09
C SER F 34 27.13 7.93 -21.25
N MET F 35 27.52 9.19 -21.07
CA MET F 35 28.20 9.92 -22.13
C MET F 35 29.65 9.49 -22.29
N LEU F 36 30.21 8.81 -21.29
CA LEU F 36 31.53 8.22 -21.40
C LEU F 36 31.49 6.70 -21.54
N LYS F 37 30.30 6.10 -21.50
CA LYS F 37 30.21 4.65 -21.63
C LYS F 37 30.69 4.20 -23.01
N GLU F 38 30.27 4.89 -24.06
CA GLU F 38 30.73 4.56 -25.41
C GLU F 38 32.17 5.04 -25.58
N ASP F 39 32.99 4.20 -26.19
CA ASP F 39 34.41 4.51 -26.41
C ASP F 39 34.52 5.30 -27.70
N CYS F 40 34.24 6.60 -27.62
CA CYS F 40 34.28 7.45 -28.79
C CYS F 40 35.72 7.79 -29.16
N ALA F 41 35.89 8.57 -30.22
CA ALA F 41 37.19 8.94 -30.74
C ALA F 41 37.72 10.25 -30.16
N SER F 42 37.05 10.80 -29.14
CA SER F 42 37.43 12.09 -28.58
C SER F 42 37.62 11.98 -27.08
N GLU F 43 38.62 12.69 -26.57
CA GLU F 43 38.74 12.87 -25.12
C GLU F 43 37.56 13.69 -24.62
N LEU F 44 36.99 13.29 -23.49
CA LEU F 44 35.64 13.68 -23.11
C LEU F 44 35.61 14.15 -21.66
N LYS F 45 36.44 15.12 -21.32
CA LYS F 45 36.55 15.59 -19.93
C LYS F 45 35.25 16.28 -19.57
N VAL F 46 34.25 15.46 -19.23
CA VAL F 46 32.92 15.97 -18.89
C VAL F 46 32.99 16.73 -17.57
N HIS F 47 32.34 17.89 -17.53
CA HIS F 47 32.24 18.68 -16.32
C HIS F 47 30.80 18.69 -15.84
N LEU F 48 30.64 18.69 -14.52
CA LEU F 48 29.34 18.83 -13.89
C LEU F 48 29.28 20.14 -13.12
N ALA F 49 28.08 20.53 -12.74
CA ALA F 49 27.89 21.78 -12.01
C ALA F 49 26.48 21.80 -11.45
N LYS F 50 26.16 22.88 -10.76
CA LYS F 50 24.81 23.17 -10.31
C LYS F 50 24.35 24.55 -10.72
N SER F 51 25.26 25.52 -10.80
CA SER F 51 24.91 26.88 -11.16
C SER F 51 26.14 27.55 -11.77
N LEU F 52 25.90 28.38 -12.77
CA LEU F 52 26.91 28.95 -13.65
C LEU F 52 27.97 29.87 -13.08
N PRO F 53 27.79 30.61 -11.91
CA PRO F 53 28.94 31.18 -11.25
C PRO F 53 30.16 30.32 -11.25
N LEU F 54 30.04 28.99 -11.06
CA LEU F 54 31.12 28.03 -11.31
C LEU F 54 32.38 28.44 -10.58
N PRO F 55 32.45 28.23 -9.24
CA PRO F 55 33.48 28.89 -8.41
C PRO F 55 34.85 28.99 -9.07
N SER F 56 35.42 30.19 -9.03
CA SER F 56 36.50 30.56 -9.94
C SER F 56 37.77 29.80 -9.62
N SER F 57 37.98 28.69 -10.34
CA SER F 57 39.18 27.87 -10.22
C SER F 57 39.87 27.85 -11.57
N VAL F 58 41.07 28.44 -11.64
CA VAL F 58 41.84 28.40 -12.87
C VAL F 58 42.26 26.98 -13.19
N ASN F 59 42.75 26.79 -14.43
CA ASN F 59 43.12 25.52 -15.07
C ASN F 59 41.91 24.77 -15.62
N ARG F 60 40.72 25.37 -15.57
CA ARG F 60 39.55 24.77 -16.18
C ARG F 60 39.68 24.83 -17.69
N PRO F 61 39.56 23.70 -18.40
CA PRO F 61 39.85 23.70 -19.84
C PRO F 61 38.90 24.55 -20.65
N ARG F 62 39.19 24.71 -21.93
CA ARG F 62 38.29 25.43 -22.82
C ARG F 62 36.99 24.65 -22.88
N ILE F 63 35.94 25.20 -22.28
CA ILE F 63 34.69 24.45 -22.18
C ILE F 63 33.95 24.58 -23.50
N ASP F 64 33.65 23.43 -24.12
CA ASP F 64 33.14 23.40 -25.48
C ASP F 64 31.62 23.22 -25.55
N LEU F 65 30.97 22.94 -24.43
CA LEU F 65 29.52 22.80 -24.43
C LEU F 65 29.01 22.99 -23.02
N ILE F 66 27.90 23.71 -22.89
CA ILE F 66 27.15 23.77 -21.66
C ILE F 66 25.74 23.34 -21.96
N VAL F 67 25.37 22.16 -21.49
CA VAL F 67 24.00 21.67 -21.63
C VAL F 67 23.30 21.97 -20.31
N PHE F 68 22.24 22.76 -20.37
CA PHE F 68 21.50 23.15 -19.19
C PHE F 68 20.43 22.11 -18.93
N VAL F 69 20.76 21.12 -18.13
CA VAL F 69 19.81 20.06 -17.83
C VAL F 69 18.71 20.66 -16.95
N VAL F 70 17.55 20.90 -17.55
CA VAL F 70 16.43 21.54 -16.86
C VAL F 70 15.45 20.43 -16.48
N ASN F 71 15.48 20.01 -15.22
CA ASN F 71 14.58 18.97 -14.76
C ASN F 71 13.16 19.52 -14.72
N LEU F 72 12.35 19.15 -15.71
CA LEU F 72 11.01 19.69 -15.82
C LEU F 72 10.14 19.35 -14.62
N HIS F 73 10.49 18.30 -13.87
CA HIS F 73 9.73 17.98 -12.67
C HIS F 73 9.84 19.03 -11.59
N SER F 74 10.93 19.80 -11.58
CA SER F 74 11.20 20.75 -10.51
C SER F 74 11.37 22.14 -11.11
N LYS F 75 10.55 23.08 -10.64
CA LYS F 75 10.70 24.46 -11.06
C LYS F 75 12.01 25.07 -10.59
N TYR F 76 12.65 24.46 -9.58
CA TYR F 76 13.97 24.89 -9.15
C TYR F 76 14.97 24.78 -10.29
N SER F 77 14.92 23.68 -11.04
CA SER F 77 15.85 23.47 -12.13
C SER F 77 15.75 24.53 -13.21
N LEU F 78 14.63 25.27 -13.26
CA LEU F 78 14.56 26.41 -14.16
C LEU F 78 14.98 27.69 -13.44
N GLN F 79 14.50 27.91 -12.21
CA GLN F 79 14.96 29.08 -11.47
C GLN F 79 16.45 29.02 -11.18
N ASN F 80 17.05 27.83 -11.17
CA ASN F 80 18.49 27.71 -11.06
C ASN F 80 19.17 27.62 -12.43
N THR F 81 18.40 27.51 -13.50
CA THR F 81 18.96 27.66 -14.83
C THR F 81 18.85 29.11 -15.32
N GLU F 82 17.66 29.69 -15.21
CA GLU F 82 17.48 31.10 -15.56
C GLU F 82 18.35 32.02 -14.72
N GLU F 83 18.65 31.66 -13.48
CA GLU F 83 19.60 32.39 -12.66
C GLU F 83 21.01 32.11 -13.10
N SER F 84 21.23 30.97 -13.65
CA SER F 84 22.54 30.62 -14.07
C SER F 84 22.67 31.00 -15.57
N LEU F 85 21.57 31.35 -16.22
CA LEU F 85 21.63 31.76 -17.63
C LEU F 85 22.16 33.18 -17.77
N ARG F 86 22.15 33.95 -16.69
CA ARG F 86 22.65 35.30 -16.70
C ARG F 86 24.14 35.36 -16.45
N HIS F 87 24.82 34.25 -16.25
CA HIS F 87 26.26 34.26 -16.06
C HIS F 87 26.96 33.50 -17.19
N VAL F 88 26.33 33.46 -18.35
CA VAL F 88 26.91 32.90 -19.56
C VAL F 88 27.21 34.04 -20.52
N ASP F 89 28.39 34.00 -21.12
CA ASP F 89 28.75 35.03 -22.08
C ASP F 89 27.82 34.95 -23.28
N ALA F 90 27.48 36.12 -23.81
CA ALA F 90 26.59 36.18 -24.96
C ALA F 90 27.19 35.52 -26.20
N SER F 91 28.52 35.45 -26.30
CA SER F 91 29.18 34.71 -27.36
C SER F 91 29.25 33.22 -27.08
N PHE F 92 28.82 32.80 -25.89
CA PHE F 92 28.72 31.38 -25.55
C PHE F 92 27.38 30.77 -25.94
N PHE F 93 26.33 31.58 -26.06
CA PHE F 93 25.00 31.09 -26.33
C PHE F 93 24.77 30.72 -27.78
N LEU F 94 25.76 30.94 -28.66
CA LEU F 94 25.49 30.76 -30.08
C LEU F 94 25.33 29.29 -30.43
N GLY F 95 26.41 28.52 -30.33
CA GLY F 95 26.33 27.12 -30.66
C GLY F 95 26.55 26.21 -29.46
N LYS F 96 27.42 26.62 -28.54
CA LYS F 96 27.83 25.76 -27.44
C LYS F 96 26.88 25.86 -26.26
N VAL F 97 25.58 25.75 -26.48
CA VAL F 97 24.60 25.74 -25.40
C VAL F 97 23.45 24.84 -25.83
N CYS F 98 23.16 23.82 -25.03
CA CYS F 98 21.99 22.99 -25.25
C CYS F 98 21.11 23.02 -24.01
N PHE F 99 19.82 22.77 -24.20
CA PHE F 99 18.86 22.74 -23.10
C PHE F 99 18.26 21.35 -23.03
N LEU F 100 18.88 20.47 -22.25
CA LEU F 100 18.27 19.20 -21.92
C LEU F 100 17.07 19.43 -21.02
N ALA F 101 15.99 18.71 -21.30
CA ALA F 101 14.79 18.80 -20.48
C ALA F 101 14.48 17.38 -20.00
N THR F 102 15.13 16.98 -18.92
CA THR F 102 14.84 15.67 -18.36
C THR F 102 13.50 15.70 -17.65
N GLY F 103 12.91 14.52 -17.51
CA GLY F 103 11.58 14.41 -16.94
C GLY F 103 10.47 14.68 -17.91
N ALA F 104 10.77 15.18 -19.10
CA ALA F 104 9.74 15.31 -20.12
C ALA F 104 9.33 13.94 -20.64
N GLY F 105 8.09 13.86 -21.10
CA GLY F 105 7.51 12.59 -21.47
C GLY F 105 6.75 11.90 -20.37
N ARG F 106 7.23 11.96 -19.13
CA ARG F 106 6.44 11.48 -18.01
C ARG F 106 5.19 12.32 -17.84
N GLU F 107 5.32 13.65 -17.99
CA GLU F 107 4.23 14.59 -18.20
C GLU F 107 3.21 14.62 -17.05
N SER F 108 3.47 13.83 -16.01
CA SER F 108 2.62 13.86 -14.82
C SER F 108 3.33 14.45 -13.61
N HIS F 109 4.66 14.48 -13.62
CA HIS F 109 5.43 15.12 -12.57
C HIS F 109 5.88 16.53 -12.95
N CYS F 110 5.55 16.99 -14.15
CA CYS F 110 6.12 18.21 -14.70
C CYS F 110 5.55 19.42 -13.97
N SER F 111 6.34 19.98 -13.04
CA SER F 111 5.99 21.27 -12.47
C SER F 111 6.17 22.39 -13.47
N ILE F 112 6.77 22.10 -14.62
CA ILE F 112 7.08 23.09 -15.64
C ILE F 112 6.42 22.66 -16.93
N HIS F 113 5.60 23.54 -17.51
CA HIS F 113 5.05 23.26 -18.82
C HIS F 113 6.15 23.29 -19.85
N ARG F 114 6.18 22.27 -20.71
CA ARG F 114 7.29 22.13 -21.67
C ARG F 114 7.34 23.28 -22.67
N HIS F 115 6.27 24.08 -22.79
CA HIS F 115 6.38 25.34 -23.49
C HIS F 115 7.34 26.30 -22.81
N THR F 116 7.32 26.34 -21.48
CA THR F 116 8.19 27.27 -20.76
C THR F 116 9.66 26.98 -21.03
N VAL F 117 10.03 25.70 -21.03
CA VAL F 117 11.39 25.35 -21.45
C VAL F 117 11.58 25.59 -22.95
N VAL F 118 10.55 25.39 -23.76
CA VAL F 118 10.62 25.77 -25.17
C VAL F 118 10.81 27.27 -25.34
N LYS F 119 10.04 28.08 -24.61
CA LYS F 119 10.22 29.53 -24.67
C LYS F 119 11.60 29.95 -24.18
N LEU F 120 12.09 29.31 -23.12
CA LEU F 120 13.42 29.66 -22.61
C LEU F 120 14.51 29.30 -23.62
N ALA F 121 14.41 28.13 -24.24
CA ALA F 121 15.42 27.67 -25.19
C ALA F 121 15.27 28.32 -26.55
N HIS F 122 14.16 29.02 -26.80
CA HIS F 122 14.02 29.75 -28.05
C HIS F 122 14.43 31.21 -27.84
N THR F 123 14.12 31.78 -26.68
CA THR F 123 14.50 33.15 -26.38
C THR F 123 15.98 33.30 -26.09
N TYR F 124 16.71 32.19 -25.94
CA TYR F 124 18.16 32.22 -25.85
C TYR F 124 18.83 31.65 -27.09
N GLN F 125 18.05 31.22 -28.08
CA GLN F 125 18.56 30.81 -29.39
C GLN F 125 19.59 29.69 -29.25
N SER F 126 19.11 28.54 -28.81
CA SER F 126 19.99 27.39 -28.58
C SER F 126 19.17 26.12 -28.68
N PRO F 127 19.79 25.00 -29.06
CA PRO F 127 19.05 23.74 -29.19
C PRO F 127 18.46 23.29 -27.86
N LEU F 128 17.31 22.63 -27.96
CA LEU F 128 16.58 22.09 -26.81
C LEU F 128 16.31 20.62 -27.08
N LEU F 129 16.98 19.75 -26.36
CA LEU F 129 16.91 18.30 -26.59
C LEU F 129 16.16 17.64 -25.45
N TYR F 130 14.90 17.27 -25.71
CA TYR F 130 14.15 16.51 -24.72
C TYR F 130 14.75 15.14 -24.52
N CYS F 131 14.62 14.62 -23.31
CA CYS F 131 14.94 13.24 -22.99
C CYS F 131 14.33 12.91 -21.64
N ASP F 132 14.61 11.72 -21.13
CA ASP F 132 14.22 11.34 -19.77
C ASP F 132 15.44 10.68 -19.12
N LEU F 133 16.28 11.50 -18.49
CA LEU F 133 17.58 11.06 -18.03
C LEU F 133 17.52 9.95 -16.98
N GLU F 134 16.36 9.73 -16.35
CA GLU F 134 16.28 8.74 -15.29
C GLU F 134 16.44 7.32 -15.80
N VAL F 135 16.16 7.07 -17.07
CA VAL F 135 16.18 5.73 -17.65
C VAL F 135 17.34 5.63 -18.63
N GLU F 136 18.13 4.57 -18.49
CA GLU F 136 19.31 4.41 -19.32
C GLU F 136 18.94 4.25 -20.78
N GLY F 137 17.77 3.67 -21.08
CA GLY F 137 17.35 3.52 -22.47
C GLY F 137 17.20 4.83 -23.21
N PHE F 138 16.78 5.88 -22.53
CA PHE F 138 16.76 7.23 -23.10
C PHE F 138 17.98 8.05 -22.71
N ARG F 139 18.90 7.49 -21.95
CA ARG F 139 20.14 8.19 -21.63
C ARG F 139 21.26 7.78 -22.58
N ALA F 140 21.42 6.47 -22.79
CA ALA F 140 22.46 5.94 -23.67
C ALA F 140 22.20 6.24 -25.14
N THR F 141 21.15 7.01 -25.44
CA THR F 141 20.95 7.57 -26.77
C THR F 141 21.02 9.08 -26.78
N MET F 142 20.65 9.74 -25.68
CA MET F 142 20.90 11.16 -25.51
C MET F 142 22.37 11.45 -25.21
N ALA F 143 23.07 10.51 -24.58
CA ALA F 143 24.51 10.64 -24.41
C ALA F 143 25.25 10.63 -25.73
N GLN F 144 24.80 9.83 -26.70
CA GLN F 144 25.37 9.86 -28.03
C GLN F 144 24.82 10.99 -28.88
N ARG F 145 23.85 11.75 -28.39
CA ARG F 145 23.48 12.98 -29.06
C ARG F 145 24.26 14.17 -28.51
N LEU F 146 24.46 14.22 -27.21
CA LEU F 146 25.29 15.26 -26.62
C LEU F 146 26.76 15.12 -27.02
N VAL F 147 27.22 13.90 -27.30
CA VAL F 147 28.62 13.70 -27.68
C VAL F 147 28.87 13.96 -29.16
N ARG F 148 27.84 13.92 -30.00
CA ARG F 148 27.99 14.34 -31.39
C ARG F 148 27.71 15.82 -31.57
N VAL F 149 26.90 16.42 -30.72
CA VAL F 149 26.89 17.87 -30.62
C VAL F 149 28.21 18.35 -30.08
N LEU F 150 28.81 17.59 -29.16
CA LEU F 150 30.10 17.94 -28.59
C LEU F 150 31.17 18.10 -29.67
N GLN F 151 31.33 17.09 -30.51
CA GLN F 151 32.34 17.15 -31.56
C GLN F 151 32.02 18.23 -32.60
N ILE F 152 30.79 18.74 -32.62
CA ILE F 152 30.46 19.84 -33.49
C ILE F 152 30.93 21.16 -32.89
N CYS F 153 30.57 21.42 -31.63
CA CYS F 153 30.98 22.65 -30.97
C CYS F 153 32.48 22.68 -30.70
N ALA F 154 33.07 21.55 -30.31
CA ALA F 154 34.50 21.49 -30.08
C ALA F 154 35.30 21.51 -31.38
N GLY F 155 34.63 21.42 -32.52
CA GLY F 155 35.29 21.47 -33.80
C GLY F 155 35.91 20.17 -34.27
N HIS F 156 35.58 19.05 -33.64
CA HIS F 156 36.20 17.78 -33.98
C HIS F 156 35.76 17.26 -35.34
N VAL F 157 34.53 17.53 -35.75
CA VAL F 157 34.12 17.23 -37.12
C VAL F 157 34.61 18.37 -37.99
N PRO F 158 35.51 18.12 -38.95
CA PRO F 158 36.18 19.23 -39.62
C PRO F 158 35.36 19.84 -40.73
N GLY F 159 34.06 20.01 -40.53
CA GLY F 159 33.28 20.78 -41.47
C GLY F 159 32.26 21.71 -40.85
N VAL F 160 31.98 21.55 -39.56
CA VAL F 160 30.87 22.22 -38.90
C VAL F 160 31.39 22.87 -37.62
N SER F 161 31.13 24.16 -37.48
CA SER F 161 31.45 24.86 -36.24
C SER F 161 30.28 24.78 -35.28
N ALA F 162 30.53 25.22 -34.04
CA ALA F 162 29.42 25.50 -33.14
C ALA F 162 28.52 26.59 -33.73
N LEU F 163 29.13 27.57 -34.40
CA LEU F 163 28.36 28.60 -35.08
C LEU F 163 27.50 28.03 -36.19
N ASN F 164 28.00 27.04 -36.94
CA ASN F 164 27.16 26.39 -37.93
C ASN F 164 26.10 25.52 -37.28
N LEU F 165 26.30 25.13 -36.02
CA LEU F 165 25.40 24.16 -35.41
C LEU F 165 24.00 24.72 -35.21
N LEU F 166 23.88 25.90 -34.61
CA LEU F 166 22.56 26.43 -34.33
C LEU F 166 21.80 26.78 -35.60
N SER F 167 22.52 27.00 -36.71
CA SER F 167 21.88 27.14 -38.01
C SER F 167 21.21 25.86 -38.47
N LEU F 168 21.52 24.73 -37.83
CA LEU F 168 20.90 23.46 -38.15
C LEU F 168 19.75 23.12 -37.20
N LEU F 169 19.82 23.55 -35.96
CA LEU F 169 18.87 23.17 -34.93
C LEU F 169 17.96 24.34 -34.58
N ARG F 170 17.58 25.11 -35.58
CA ARG F 170 16.65 26.22 -35.40
C ARG F 170 15.22 25.77 -35.67
N MET G 1 -14.44 -17.53 26.01
CA MET G 1 -15.60 -18.26 26.50
C MET G 1 -16.57 -17.33 27.25
N ASP G 2 -16.85 -16.18 26.65
CA ASP G 2 -17.75 -15.20 27.25
C ASP G 2 -18.11 -14.17 26.18
N GLU G 3 -19.03 -13.28 26.53
CA GLU G 3 -19.43 -12.19 25.65
C GLU G 3 -18.34 -11.13 25.65
N THR G 4 -18.07 -10.56 24.47
CA THR G 4 -17.03 -9.54 24.29
C THR G 4 -15.66 -10.06 24.75
N VAL G 5 -15.54 -11.38 24.90
CA VAL G 5 -14.29 -12.02 25.26
C VAL G 5 -13.91 -13.11 24.27
N ALA G 6 -14.79 -14.09 24.06
CA ALA G 6 -14.53 -15.14 23.07
C ALA G 6 -14.44 -14.56 21.66
N GLU G 7 -15.43 -13.75 21.27
CA GLU G 7 -15.37 -13.10 19.97
C GLU G 7 -14.30 -12.02 19.95
N PHE G 8 -13.98 -11.42 21.10
CA PHE G 8 -12.82 -10.53 21.14
C PHE G 8 -11.53 -11.28 20.86
N ILE G 9 -11.39 -12.49 21.43
CA ILE G 9 -10.23 -13.31 21.12
C ILE G 9 -10.22 -13.69 19.66
N LYS G 10 -11.40 -13.98 19.10
CA LYS G 10 -11.48 -14.26 17.68
C LYS G 10 -11.03 -13.07 16.84
N ARG G 11 -11.44 -11.86 17.21
CA ARG G 11 -11.06 -10.67 16.47
C ARG G 11 -9.60 -10.30 16.64
N THR G 12 -8.95 -10.70 17.74
CA THR G 12 -7.52 -10.47 17.87
C THR G 12 -6.70 -11.65 17.37
N ILE G 13 -7.32 -12.77 17.01
CA ILE G 13 -6.57 -13.89 16.48
C ILE G 13 -6.56 -13.88 14.95
N LEU G 14 -7.61 -13.34 14.32
CA LEU G 14 -7.49 -13.11 12.88
C LEU G 14 -6.65 -11.88 12.59
N LYS G 15 -6.44 -11.00 13.57
CA LYS G 15 -5.52 -9.89 13.41
C LYS G 15 -4.10 -10.37 13.21
N ILE G 16 -3.64 -11.32 14.02
CA ILE G 16 -2.26 -11.77 13.98
C ILE G 16 -2.05 -12.59 12.70
N PRO G 17 -0.96 -12.37 11.99
CA PRO G 17 -0.72 -13.06 10.72
C PRO G 17 -0.34 -14.52 10.95
N MET G 18 -0.34 -15.29 9.87
CA MET G 18 -0.15 -16.73 9.97
C MET G 18 1.26 -17.09 10.40
N ASN G 19 2.26 -16.30 9.99
CA ASN G 19 3.65 -16.65 10.27
C ASN G 19 3.94 -16.67 11.77
N GLU G 20 3.58 -15.59 12.46
CA GLU G 20 3.81 -15.50 13.90
C GLU G 20 2.60 -15.97 14.70
N LEU G 21 2.03 -17.12 14.36
CA LEU G 21 0.96 -17.65 15.20
C LEU G 21 1.53 -18.32 16.43
N THR G 22 2.54 -19.17 16.23
CA THR G 22 3.22 -19.81 17.34
C THR G 22 3.84 -18.79 18.28
N THR G 23 4.46 -17.74 17.73
CA THR G 23 5.22 -16.80 18.54
C THR G 23 4.33 -16.10 19.56
N ILE G 24 3.13 -15.69 19.14
CA ILE G 24 2.24 -14.99 20.06
C ILE G 24 1.42 -15.96 20.90
N LEU G 25 1.07 -17.12 20.36
CA LEU G 25 0.29 -18.07 21.15
C LEU G 25 1.11 -18.79 22.20
N LYS G 26 2.45 -18.84 22.04
CA LYS G 26 3.28 -19.47 23.06
C LYS G 26 3.47 -18.56 24.26
N ALA G 27 3.51 -17.24 24.03
CA ALA G 27 3.88 -16.31 25.08
C ALA G 27 2.74 -16.00 26.04
N TRP G 28 1.49 -16.16 25.61
CA TRP G 28 0.35 -15.81 26.43
C TRP G 28 -0.16 -16.98 27.25
N ASP G 29 0.49 -18.13 27.14
CA ASP G 29 0.61 -19.18 28.16
C ASP G 29 -0.66 -20.01 28.34
N PHE G 30 -1.79 -19.62 27.75
CA PHE G 30 -2.99 -20.44 27.87
C PHE G 30 -2.85 -21.74 27.09
N LEU G 31 -2.16 -21.70 25.95
CA LEU G 31 -1.92 -22.91 25.18
C LEU G 31 -0.56 -23.46 25.57
N SER G 32 -0.56 -24.49 26.43
CA SER G 32 0.68 -25.14 26.81
C SER G 32 1.22 -25.94 25.62
N GLU G 33 2.37 -26.58 25.85
CA GLU G 33 3.03 -27.32 24.77
C GLU G 33 2.13 -28.43 24.24
N ASN G 34 1.36 -29.08 25.11
CA ASN G 34 0.46 -30.14 24.66
C ASN G 34 -0.66 -29.60 23.77
N GLN G 35 -1.14 -28.38 24.06
CA GLN G 35 -2.24 -27.82 23.29
C GLN G 35 -1.83 -27.37 21.89
N LEU G 36 -0.54 -27.09 21.67
CA LEU G 36 -0.09 -26.62 20.36
C LEU G 36 -0.23 -27.69 19.27
N GLN G 37 0.02 -28.95 19.60
CA GLN G 37 -0.06 -30.02 18.60
C GLN G 37 -1.50 -30.33 18.19
N THR G 38 -2.48 -30.07 19.05
CA THR G 38 -3.87 -30.40 18.73
C THR G 38 -4.35 -29.62 17.51
N VAL G 39 -4.06 -28.33 17.46
CA VAL G 39 -4.48 -27.49 16.34
C VAL G 39 -3.37 -27.43 15.31
N ASN G 40 -3.70 -27.70 14.05
CA ASN G 40 -2.75 -27.59 12.95
C ASN G 40 -2.70 -26.13 12.48
N PHE G 41 -1.67 -25.42 12.96
CA PHE G 41 -1.54 -24.00 12.72
C PHE G 41 -1.31 -23.65 11.25
N ARG G 42 -0.91 -24.61 10.42
CA ARG G 42 -0.53 -24.31 9.05
C ARG G 42 -1.67 -24.47 8.05
N GLN G 43 -2.88 -24.85 8.50
CA GLN G 43 -3.91 -25.24 7.55
C GLN G 43 -4.66 -24.04 6.97
N ARG G 44 -5.39 -23.31 7.81
CA ARG G 44 -6.28 -22.26 7.35
C ARG G 44 -6.44 -21.22 8.45
N LYS G 45 -6.91 -20.03 8.06
CA LYS G 45 -7.12 -18.96 9.03
C LYS G 45 -8.40 -19.20 9.81
N GLU G 46 -9.52 -19.41 9.12
CA GLU G 46 -10.77 -19.66 9.82
C GLU G 46 -10.75 -21.00 10.56
N SER G 47 -9.94 -21.95 10.13
CA SER G 47 -9.80 -23.20 10.86
C SER G 47 -9.10 -22.97 12.20
N VAL G 48 -7.98 -22.25 12.19
CA VAL G 48 -7.25 -22.02 13.42
C VAL G 48 -8.01 -21.06 14.34
N VAL G 49 -8.60 -20.00 13.80
CA VAL G 49 -9.33 -19.07 14.65
C VAL G 49 -10.60 -19.69 15.20
N GLN G 50 -10.99 -20.86 14.72
CA GLN G 50 -12.12 -21.58 15.31
C GLN G 50 -11.67 -22.67 16.26
N HIS G 51 -10.57 -23.35 15.97
CA HIS G 51 -10.09 -24.39 16.88
C HIS G 51 -9.36 -23.82 18.09
N LEU G 52 -8.59 -22.76 17.90
CA LEU G 52 -7.90 -22.11 19.02
C LEU G 52 -8.90 -21.53 20.02
N ILE G 53 -9.93 -20.83 19.54
CA ILE G 53 -10.91 -20.26 20.46
C ILE G 53 -11.68 -21.36 21.16
N HIS G 54 -11.89 -22.51 20.51
CA HIS G 54 -12.42 -23.67 21.21
C HIS G 54 -11.45 -24.15 22.29
N LEU G 55 -10.15 -24.11 22.00
CA LEU G 55 -9.14 -24.50 22.98
C LEU G 55 -9.12 -23.55 24.18
N CYS G 56 -9.71 -22.37 24.05
CA CYS G 56 -9.97 -21.49 25.19
C CYS G 56 -11.36 -21.68 25.77
N GLU G 57 -12.31 -22.16 24.97
CA GLU G 57 -13.61 -22.54 25.51
C GLU G 57 -13.44 -23.65 26.54
N GLU G 58 -12.58 -24.62 26.25
CA GLU G 58 -12.21 -25.58 27.28
C GLU G 58 -11.32 -24.95 28.33
N LYS G 59 -10.56 -23.91 27.98
CA LYS G 59 -9.71 -23.21 28.93
C LYS G 59 -10.40 -22.05 29.63
N ARG G 60 -11.69 -21.83 29.36
CA ARG G 60 -12.51 -20.80 30.00
C ARG G 60 -11.78 -19.45 30.03
N ALA G 61 -11.48 -18.97 28.83
CA ALA G 61 -10.74 -17.73 28.67
C ALA G 61 -11.50 -16.56 29.28
N SER G 62 -10.75 -15.68 29.94
CA SER G 62 -11.30 -14.49 30.57
C SER G 62 -10.64 -13.26 29.98
N ILE G 63 -11.33 -12.12 30.11
CA ILE G 63 -10.85 -10.88 29.53
C ILE G 63 -9.50 -10.47 30.11
N SER G 64 -9.18 -10.90 31.33
CA SER G 64 -7.90 -10.54 31.94
C SER G 64 -6.74 -11.06 31.11
N ASP G 65 -6.89 -12.23 30.50
CA ASP G 65 -5.87 -12.81 29.65
C ASP G 65 -6.18 -12.65 28.17
N ALA G 66 -7.45 -12.46 27.80
CA ALA G 66 -7.76 -12.06 26.43
C ALA G 66 -7.10 -10.73 26.09
N ALA G 67 -7.10 -9.79 27.04
CA ALA G 67 -6.39 -8.53 26.82
C ALA G 67 -4.89 -8.74 26.76
N LEU G 68 -4.36 -9.70 27.53
CA LEU G 68 -2.95 -10.02 27.42
C LEU G 68 -2.60 -10.55 26.03
N LEU G 69 -3.51 -11.31 25.41
CA LEU G 69 -3.32 -11.70 24.02
C LEU G 69 -3.18 -10.49 23.11
N ASP G 70 -4.03 -9.47 23.29
CA ASP G 70 -3.92 -8.25 22.51
C ASP G 70 -2.60 -7.54 22.76
N ILE G 71 -2.16 -7.52 24.02
CA ILE G 71 -0.87 -6.93 24.35
C ILE G 71 0.24 -7.61 23.56
N ILE G 72 0.27 -8.95 23.59
CA ILE G 72 1.33 -9.66 22.90
C ILE G 72 1.21 -9.48 21.39
N TYR G 73 0.00 -9.34 20.87
CA TYR G 73 -0.15 -9.02 19.46
C TYR G 73 0.50 -7.68 19.13
N MET G 74 0.26 -6.67 19.96
CA MET G 74 0.83 -5.36 19.67
C MET G 74 2.32 -5.28 19.92
N GLN G 75 2.86 -6.11 20.81
CA GLN G 75 4.30 -6.09 21.06
C GLN G 75 5.09 -6.40 19.79
N PHE G 76 4.52 -7.15 18.86
CA PHE G 76 5.13 -7.40 17.56
C PHE G 76 4.51 -6.58 16.45
N HIS G 77 3.49 -5.78 16.76
CA HIS G 77 2.85 -4.90 15.79
C HIS G 77 2.74 -3.50 16.36
N GLN G 78 3.72 -3.09 17.17
CA GLN G 78 3.74 -1.76 17.74
C GLN G 78 3.90 -0.67 16.69
N HIS G 79 4.26 -1.04 15.46
CA HIS G 79 4.42 -0.09 14.37
C HIS G 79 3.09 0.32 13.75
N GLN G 80 2.00 0.13 14.48
CA GLN G 80 0.69 0.70 14.16
C GLN G 80 0.14 1.38 15.42
N LYS G 81 -0.96 2.11 15.27
CA LYS G 81 -1.59 2.83 16.36
C LYS G 81 -0.60 3.84 16.98
N VAL G 82 -0.35 4.88 16.20
CA VAL G 82 0.64 5.93 16.48
C VAL G 82 0.64 6.32 17.96
N TRP G 83 1.83 6.46 18.53
CA TRP G 83 2.03 6.50 19.98
C TRP G 83 2.37 7.91 20.42
N GLU G 84 1.64 8.37 21.44
CA GLU G 84 2.02 9.65 22.08
C GLU G 84 3.09 9.30 23.11
N VAL G 85 3.85 10.29 23.56
CA VAL G 85 4.88 10.11 24.58
C VAL G 85 4.52 11.01 25.75
N PHE G 86 4.29 10.41 26.91
CA PHE G 86 4.07 11.16 28.13
C PHE G 86 5.37 11.21 28.92
N GLN G 87 5.62 12.36 29.53
CA GLN G 87 6.84 12.57 30.30
C GLN G 87 6.46 12.97 31.71
N MET G 88 6.74 12.09 32.67
CA MET G 88 6.51 12.38 34.07
C MET G 88 7.61 13.29 34.60
N SER G 89 7.35 13.90 35.75
CA SER G 89 8.34 14.79 36.36
C SER G 89 8.12 14.82 37.85
N LYS G 90 9.03 14.19 38.60
CA LYS G 90 9.05 14.40 40.04
C LYS G 90 9.67 15.75 40.35
N GLY G 91 9.29 16.31 41.49
CA GLY G 91 9.85 17.57 41.93
C GLY G 91 11.24 17.37 42.52
N PRO G 92 11.56 18.11 43.57
CA PRO G 92 12.83 17.89 44.25
C PRO G 92 12.74 16.77 45.29
N GLY G 93 13.65 15.81 45.21
CA GLY G 93 13.66 14.73 46.18
C GLY G 93 14.30 13.49 45.58
N GLU G 94 14.30 12.43 46.37
CA GLU G 94 14.83 11.14 45.97
C GLU G 94 13.89 10.48 44.97
N ASP G 95 14.42 9.51 44.24
CA ASP G 95 13.65 8.85 43.20
C ASP G 95 12.62 7.91 43.81
N VAL G 96 11.94 7.16 42.94
CA VAL G 96 10.90 6.24 43.37
C VAL G 96 11.59 4.99 43.89
N ASP G 97 11.86 4.96 45.19
CA ASP G 97 12.49 3.77 45.78
C ASP G 97 11.55 2.57 45.76
N LEU G 98 10.25 2.78 45.59
CA LEU G 98 9.29 1.68 45.52
C LEU G 98 8.50 1.81 44.23
N PHE G 99 9.06 1.26 43.15
CA PHE G 99 8.23 0.84 42.02
C PHE G 99 8.18 -0.69 42.06
N ASP G 100 7.29 -1.17 42.91
CA ASP G 100 6.98 -2.60 42.91
C ASP G 100 5.96 -2.85 41.81
N MET G 101 6.31 -3.71 40.86
CA MET G 101 5.37 -4.03 39.79
C MET G 101 4.02 -4.45 40.33
N LYS G 102 4.01 -5.18 41.45
CA LYS G 102 2.74 -5.46 42.12
C LYS G 102 2.11 -4.18 42.65
N GLN G 103 2.90 -3.35 43.32
CA GLN G 103 2.39 -2.08 43.85
C GLN G 103 1.99 -1.12 42.74
N PHE G 104 2.78 -1.02 41.67
CA PHE G 104 2.39 -0.19 40.52
C PHE G 104 1.14 -0.70 39.84
N LYS G 105 1.02 -2.02 39.66
CA LYS G 105 -0.23 -2.58 39.15
C LYS G 105 -1.40 -2.26 40.06
N ASN G 106 -1.19 -2.27 41.38
CA ASN G 106 -2.25 -1.91 42.31
C ASN G 106 -2.54 -0.41 42.25
N SER G 107 -1.49 0.41 42.30
CA SER G 107 -1.67 1.86 42.32
C SER G 107 -2.13 2.42 40.99
N PHE G 108 -2.13 1.61 39.93
CA PHE G 108 -2.68 2.07 38.67
C PHE G 108 -4.13 1.63 38.52
N LYS G 109 -4.40 0.34 38.76
CA LYS G 109 -5.76 -0.16 38.64
C LYS G 109 -6.68 0.49 39.64
N LYS G 110 -6.22 0.70 40.88
CA LYS G 110 -7.06 1.34 41.88
C LYS G 110 -7.45 2.75 41.47
N ILE G 111 -6.48 3.57 41.06
CA ILE G 111 -6.80 4.92 40.62
C ILE G 111 -7.66 4.94 39.37
N LEU G 112 -7.43 4.04 38.42
CA LEU G 112 -8.22 4.04 37.21
C LEU G 112 -9.67 3.61 37.45
N GLN G 113 -9.89 2.59 38.27
CA GLN G 113 -11.23 2.14 38.61
C GLN G 113 -11.88 3.01 39.68
N ARG G 114 -11.13 3.94 40.27
CA ARG G 114 -11.71 4.94 41.15
C ARG G 114 -12.69 5.84 40.41
N ALA G 115 -12.34 6.27 39.21
CA ALA G 115 -13.24 7.06 38.37
C ALA G 115 -13.80 6.25 37.21
N LEU G 116 -12.94 5.65 36.39
CA LEU G 116 -13.37 4.76 35.32
C LEU G 116 -13.58 3.36 35.89
N LYS G 117 -14.71 3.20 36.57
CA LYS G 117 -14.95 2.00 37.37
C LYS G 117 -15.00 0.73 36.54
N ASN G 118 -15.36 0.81 35.26
CA ASN G 118 -15.42 -0.37 34.39
C ASN G 118 -14.32 -0.25 33.33
N VAL G 119 -13.12 -0.70 33.69
CA VAL G 119 -12.01 -0.82 32.77
C VAL G 119 -11.30 -2.14 33.01
N THR G 120 -10.78 -2.73 31.93
CA THR G 120 -10.01 -3.96 32.01
C THR G 120 -8.55 -3.62 31.76
N VAL G 121 -7.86 -3.22 32.81
CA VAL G 121 -6.45 -2.92 32.74
C VAL G 121 -5.67 -4.21 32.85
N SER G 122 -4.82 -4.48 31.86
CA SER G 122 -4.04 -5.71 31.82
C SER G 122 -2.58 -5.34 31.58
N PHE G 123 -1.73 -5.65 32.53
CA PHE G 123 -0.31 -5.34 32.43
C PHE G 123 0.45 -6.54 31.88
N ARG G 124 1.64 -6.27 31.35
CA ARG G 124 2.56 -7.33 30.95
C ARG G 124 3.98 -6.80 31.12
N GLU G 125 4.61 -7.15 32.23
CA GLU G 125 5.97 -6.73 32.48
C GLU G 125 6.89 -7.40 31.45
N THR G 126 7.32 -6.63 30.46
CA THR G 126 8.15 -7.17 29.41
C THR G 126 9.57 -7.41 29.93
N GLU G 127 10.37 -8.08 29.10
CA GLU G 127 11.74 -8.43 29.49
C GLU G 127 12.72 -7.29 29.28
N GLU G 128 12.33 -6.23 28.57
CA GLU G 128 13.15 -5.03 28.48
C GLU G 128 12.90 -4.07 29.63
N ASN G 129 12.28 -4.56 30.71
CA ASN G 129 11.99 -3.77 31.91
C ASN G 129 11.14 -2.55 31.57
N ALA G 130 9.94 -2.83 31.04
CA ALA G 130 9.02 -1.78 30.62
C ALA G 130 7.62 -2.37 30.65
N VAL G 131 6.83 -1.97 31.65
CA VAL G 131 5.51 -2.56 31.82
C VAL G 131 4.63 -2.11 30.66
N TRP G 132 3.97 -3.08 30.01
CA TRP G 132 3.18 -2.81 28.81
C TRP G 132 1.70 -2.79 29.18
N ILE G 133 1.27 -1.69 29.78
CA ILE G 133 -0.12 -1.56 30.19
C ILE G 133 -1.02 -1.49 28.96
N ARG G 134 -2.15 -2.20 29.04
CA ARG G 134 -3.23 -2.07 28.06
C ARG G 134 -4.49 -1.72 28.81
N ILE G 135 -5.20 -0.72 28.32
CA ILE G 135 -6.42 -0.24 28.98
C ILE G 135 -7.56 -0.29 28.00
N ALA G 136 -8.58 -1.07 28.31
CA ALA G 136 -9.85 -1.03 27.62
C ALA G 136 -10.78 -0.12 28.41
N TRP G 137 -11.25 0.94 27.77
CA TRP G 137 -11.98 1.98 28.48
C TRP G 137 -13.47 1.71 28.48
N GLY G 138 -14.14 2.39 29.39
CA GLY G 138 -15.59 2.45 29.42
C GLY G 138 -16.06 3.14 30.68
N THR G 139 -16.99 4.07 30.56
CA THR G 139 -17.45 4.82 31.72
C THR G 139 -18.31 3.91 32.58
N GLN G 140 -18.79 4.44 33.71
CA GLN G 140 -19.69 3.67 34.56
C GLN G 140 -20.99 3.32 33.87
N TYR G 141 -21.40 4.08 32.86
CA TYR G 141 -22.65 3.81 32.16
C TYR G 141 -22.51 2.64 31.17
N THR G 142 -21.29 2.32 30.76
CA THR G 142 -21.08 1.32 29.72
C THR G 142 -20.08 0.27 30.18
N LYS G 143 -20.08 -0.86 29.47
CA LYS G 143 -19.11 -1.90 29.70
C LYS G 143 -17.74 -1.48 29.16
N PRO G 144 -16.65 -2.04 29.70
CA PRO G 144 -15.33 -1.72 29.17
C PRO G 144 -15.22 -2.11 27.70
N ASN G 145 -14.81 -1.15 26.87
CA ASN G 145 -14.78 -1.34 25.43
C ASN G 145 -13.40 -1.87 25.04
N GLN G 146 -13.34 -3.12 24.61
CA GLN G 146 -12.11 -3.70 24.10
C GLN G 146 -11.95 -3.50 22.61
N TYR G 147 -12.90 -2.86 21.94
CA TYR G 147 -12.76 -2.58 20.52
C TYR G 147 -11.60 -1.63 20.26
N LYS G 148 -11.49 -0.58 21.05
CA LYS G 148 -10.46 0.45 20.87
C LYS G 148 -9.76 0.68 22.20
N PRO G 149 -8.81 -0.18 22.56
CA PRO G 149 -8.10 0.00 23.83
C PRO G 149 -7.00 1.04 23.71
N THR G 150 -6.43 1.45 24.84
CA THR G 150 -5.37 2.45 24.87
C THR G 150 -4.15 1.83 25.54
N TYR G 151 -3.32 1.17 24.76
CA TYR G 151 -2.10 0.58 25.28
C TYR G 151 -1.16 1.68 25.76
N VAL G 152 -0.60 1.49 26.94
CA VAL G 152 0.34 2.43 27.52
C VAL G 152 1.62 1.68 27.84
N VAL G 153 2.69 2.03 27.16
CA VAL G 153 3.98 1.37 27.37
C VAL G 153 4.70 2.28 28.35
N TYR G 154 4.60 1.94 29.63
CA TYR G 154 5.30 2.70 30.67
C TYR G 154 6.62 2.01 30.95
N TYR G 155 7.72 2.67 30.61
CA TYR G 155 9.02 2.14 31.01
C TYR G 155 9.16 2.27 32.51
N SER G 156 9.68 1.21 33.15
CA SER G 156 9.30 0.92 34.53
C SER G 156 9.65 2.06 35.48
N GLN G 157 10.90 2.52 35.48
CA GLN G 157 11.29 3.60 36.38
C GLN G 157 11.61 4.88 35.62
N THR G 158 11.23 4.96 34.37
CA THR G 158 11.47 6.09 33.49
C THR G 158 10.42 7.17 33.69
N PRO G 159 10.80 8.44 33.63
CA PRO G 159 9.79 9.50 33.59
C PRO G 159 8.94 9.51 32.32
N TYR G 160 9.33 8.77 31.29
CA TYR G 160 8.62 8.77 30.01
C TYR G 160 7.75 7.52 29.91
N ALA G 161 6.50 7.72 29.51
CA ALA G 161 5.50 6.66 29.47
C ALA G 161 4.72 6.77 28.16
N PHE G 162 5.11 5.97 27.17
CA PHE G 162 4.45 5.99 25.88
C PHE G 162 2.97 5.64 26.02
N THR G 163 2.19 6.04 25.02
CA THR G 163 0.74 5.90 25.09
C THR G 163 0.18 5.77 23.69
N SER G 164 -0.65 4.76 23.46
CA SER G 164 -1.30 4.60 22.17
C SER G 164 -2.36 5.67 22.01
N SER G 165 -2.13 6.61 21.10
CA SER G 165 -3.06 7.72 20.91
C SER G 165 -4.30 7.26 20.19
N SER G 166 -5.17 6.53 20.90
CA SER G 166 -6.35 5.97 20.26
C SER G 166 -7.38 7.03 19.92
N MET G 167 -7.95 7.70 20.93
CA MET G 167 -9.08 8.58 20.66
C MET G 167 -8.92 9.93 21.32
N LEU G 168 -8.03 10.02 22.32
CA LEU G 168 -7.77 11.27 23.04
C LEU G 168 -9.05 11.82 23.68
N ARG G 169 -9.74 10.96 24.42
CA ARG G 169 -10.99 11.32 25.06
C ARG G 169 -10.71 12.01 26.40
N ARG G 170 -11.75 12.13 27.21
CA ARG G 170 -11.63 12.67 28.56
C ARG G 170 -10.82 11.77 29.49
N ASN G 171 -10.50 10.55 29.07
CA ASN G 171 -9.66 9.66 29.86
C ASN G 171 -8.17 9.98 29.71
N THR G 172 -7.78 10.67 28.65
CA THR G 172 -6.38 11.02 28.43
C THR G 172 -5.83 11.85 29.59
N PRO G 173 -6.53 12.88 30.08
CA PRO G 173 -6.08 13.53 31.32
C PRO G 173 -6.22 12.67 32.55
N LEU G 174 -7.00 11.59 32.49
CA LEU G 174 -7.01 10.58 33.54
C LEU G 174 -6.01 9.46 33.27
N LEU G 175 -5.71 9.18 32.01
CA LEU G 175 -4.61 8.28 31.71
C LEU G 175 -3.29 8.82 32.22
N GLY G 176 -3.01 10.10 31.97
CA GLY G 176 -1.80 10.69 32.51
C GLY G 176 -1.85 10.80 34.03
N GLN G 177 -3.03 11.12 34.56
CA GLN G 177 -3.17 11.27 36.00
C GLN G 177 -2.93 9.97 36.76
N ALA G 178 -3.56 8.89 36.30
CA ALA G 178 -3.33 7.59 36.92
C ALA G 178 -1.91 7.10 36.73
N LEU G 179 -1.31 7.36 35.57
CA LEU G 179 0.08 7.02 35.33
C LEU G 179 1.02 7.75 36.27
N THR G 180 0.82 9.05 36.49
CA THR G 180 1.71 9.83 37.34
C THR G 180 1.43 9.68 38.82
N ILE G 181 0.31 9.06 39.19
CA ILE G 181 0.04 8.82 40.60
C ILE G 181 0.35 7.37 40.99
N ALA G 182 0.31 6.45 40.03
CA ALA G 182 0.73 5.08 40.30
C ALA G 182 2.24 5.02 40.48
N SER G 183 2.98 5.36 39.45
CA SER G 183 4.39 5.67 39.62
C SER G 183 4.50 6.97 40.40
N LYS G 184 5.36 7.00 41.41
CA LYS G 184 5.32 8.11 42.36
C LYS G 184 5.90 9.37 41.75
N HIS G 185 5.19 9.96 40.80
CA HIS G 185 5.52 11.24 40.19
C HIS G 185 4.43 12.26 40.56
N HIS G 186 4.57 13.47 40.03
CA HIS G 186 3.58 14.51 40.36
C HIS G 186 2.99 15.17 39.12
N GLN G 187 3.80 15.40 38.09
CA GLN G 187 3.32 16.05 36.89
C GLN G 187 3.48 15.14 35.69
N ILE G 188 2.38 14.93 34.97
CA ILE G 188 2.39 14.23 33.70
C ILE G 188 2.28 15.26 32.58
N VAL G 189 3.19 15.17 31.62
CA VAL G 189 3.21 16.09 30.49
C VAL G 189 3.27 15.28 29.22
N LYS G 190 2.37 15.53 28.30
CA LYS G 190 2.51 14.98 26.96
C LYS G 190 3.71 15.63 26.31
N MET G 191 4.72 14.83 25.98
CA MET G 191 5.92 15.33 25.33
C MET G 191 5.61 15.93 23.96
N ASP G 192 4.44 15.62 23.40
CA ASP G 192 4.01 15.96 22.04
C ASP G 192 4.86 15.26 20.98
N LEU G 193 5.62 14.25 21.37
CA LEU G 193 6.22 13.32 20.44
C LEU G 193 5.18 12.28 20.08
N ARG G 194 4.87 12.18 18.79
CA ARG G 194 3.80 11.29 18.36
C ARG G 194 4.29 10.60 17.08
N SER G 195 4.67 9.34 17.23
CA SER G 195 5.21 8.56 16.13
C SER G 195 4.58 7.17 16.13
N ARG G 196 4.55 6.58 14.96
CA ARG G 196 4.00 5.24 14.80
C ARG G 196 4.99 4.16 15.19
N TYR G 197 6.27 4.48 15.25
CA TYR G 197 7.32 3.50 15.52
C TYR G 197 7.73 3.63 16.97
N LEU G 198 7.13 2.81 17.84
CA LEU G 198 7.51 2.86 19.25
C LEU G 198 8.97 2.48 19.45
N ASP G 199 9.50 1.59 18.61
CA ASP G 199 10.90 1.24 18.74
C ASP G 199 11.82 2.40 18.35
N SER G 200 11.29 3.44 17.71
CA SER G 200 12.02 4.67 17.47
C SER G 200 11.74 5.74 18.52
N LEU G 201 10.51 5.83 19.02
CA LEU G 201 10.22 6.72 20.14
C LEU G 201 11.05 6.34 21.36
N LYS G 202 11.20 5.04 21.60
CA LYS G 202 12.08 4.57 22.65
C LYS G 202 13.50 5.07 22.43
N ALA G 203 13.97 5.05 21.19
CA ALA G 203 15.30 5.57 20.90
C ALA G 203 15.37 7.07 21.14
N ILE G 204 14.35 7.81 20.73
CA ILE G 204 14.42 9.27 20.79
C ILE G 204 14.34 9.77 22.22
N VAL G 205 13.29 9.37 22.95
CA VAL G 205 13.07 9.91 24.28
C VAL G 205 14.13 9.44 25.27
N PHE G 206 14.89 8.39 24.95
CA PHE G 206 15.96 7.92 25.80
C PHE G 206 17.34 8.25 25.26
N LYS G 207 17.42 8.89 24.10
CA LYS G 207 18.69 9.17 23.44
C LYS G 207 19.49 7.88 23.23
N GLN G 208 18.81 6.81 22.85
CA GLN G 208 19.38 5.48 22.79
C GLN G 208 19.74 5.04 21.38
N TYR G 209 19.64 5.93 20.39
CA TYR G 209 19.82 5.54 19.00
C TYR G 209 21.25 5.68 18.48
N ASN G 210 22.01 6.66 18.95
CA ASN G 210 23.38 6.87 18.50
C ASN G 210 24.42 6.26 19.43
N GLN G 211 23.99 5.51 20.44
CA GLN G 211 24.92 4.96 21.41
C GLN G 211 24.97 3.44 21.32
N ASP G 234 34.85 8.79 -11.72
CA ASP G 234 35.75 8.62 -12.86
C ASP G 234 36.71 9.81 -12.97
N SER G 235 37.82 9.59 -13.67
CA SER G 235 38.81 10.64 -13.89
C SER G 235 38.38 11.62 -14.98
N ARG G 236 37.38 11.27 -15.79
CA ARG G 236 36.88 12.17 -16.81
C ARG G 236 35.81 13.12 -16.28
N ILE G 237 34.99 12.64 -15.34
CA ILE G 237 33.90 13.43 -14.81
C ILE G 237 34.47 14.39 -13.78
N ILE G 238 34.72 15.63 -14.20
CA ILE G 238 35.29 16.65 -13.32
C ILE G 238 34.13 17.40 -12.70
N HIS G 239 33.80 17.07 -11.46
CA HIS G 239 32.72 17.74 -10.76
C HIS G 239 33.18 19.13 -10.33
N GLU G 240 32.69 20.16 -11.03
CA GLU G 240 33.15 21.51 -10.75
C GLU G 240 32.73 21.98 -9.36
N ASN G 241 31.54 21.61 -8.91
CA ASN G 241 31.14 21.95 -7.55
C ASN G 241 31.50 20.84 -6.57
N ILE G 242 32.74 20.36 -6.65
CA ILE G 242 33.22 19.39 -5.68
C ILE G 242 33.46 20.02 -4.33
N VAL G 243 33.96 21.26 -4.29
CA VAL G 243 34.16 21.97 -3.03
C VAL G 243 32.85 22.28 -2.33
N GLU G 244 31.73 22.25 -3.05
CA GLU G 244 30.41 22.43 -2.46
C GLU G 244 29.74 21.11 -2.13
N LYS G 245 29.91 20.08 -2.97
CA LYS G 245 29.39 18.76 -2.62
C LYS G 245 30.07 18.20 -1.38
N GLU G 246 31.38 18.39 -1.25
CA GLU G 246 32.07 17.97 -0.04
C GLU G 246 31.52 18.70 1.18
N ARG G 247 31.29 20.01 1.05
CA ARG G 247 30.77 20.78 2.18
C ARG G 247 29.37 20.33 2.57
N VAL G 248 28.49 20.12 1.60
CA VAL G 248 27.12 19.73 1.92
C VAL G 248 27.10 18.31 2.50
N GLN G 249 27.98 17.43 2.02
CA GLN G 249 28.11 16.13 2.65
C GLN G 249 28.65 16.24 4.07
N ARG G 250 29.56 17.16 4.33
CA ARG G 250 30.07 17.38 5.68
C ARG G 250 28.96 17.83 6.62
N ILE G 251 28.23 18.88 6.25
CA ILE G 251 27.20 19.43 7.13
C ILE G 251 26.03 18.49 7.32
N THR G 252 25.84 17.52 6.43
CA THR G 252 24.84 16.48 6.61
C THR G 252 25.38 15.29 7.37
N GLN G 253 26.60 15.38 7.89
CA GLN G 253 27.17 14.34 8.73
C GLN G 253 27.46 14.83 10.15
N GLU G 254 27.40 16.14 10.38
CA GLU G 254 27.46 16.67 11.74
C GLU G 254 26.10 17.07 12.28
N THR G 255 25.05 16.96 11.47
CA THR G 255 23.69 17.09 11.94
C THR G 255 22.96 15.77 12.00
N PHE G 256 23.24 14.87 11.06
CA PHE G 256 22.70 13.51 11.04
C PHE G 256 23.91 12.59 11.07
N GLY G 257 24.34 12.23 12.28
CA GLY G 257 25.60 11.52 12.45
C GLY G 257 25.64 10.15 11.82
N ASP G 258 24.87 9.21 12.37
CA ASP G 258 24.91 7.84 11.90
C ASP G 258 23.68 7.09 12.39
N TYR G 259 23.19 6.16 11.56
CA TYR G 259 22.01 5.34 11.79
C TYR G 259 20.86 6.13 12.40
N PRO G 260 20.28 7.08 11.67
CA PRO G 260 19.11 7.78 12.19
C PRO G 260 17.92 6.83 12.33
N GLN G 261 17.08 7.12 13.32
CA GLN G 261 15.93 6.29 13.60
C GLN G 261 14.72 6.74 12.78
N PRO G 262 13.91 5.80 12.32
CA PRO G 262 12.74 6.18 11.50
C PRO G 262 11.64 6.80 12.33
N GLN G 263 11.48 8.12 12.24
CA GLN G 263 10.34 8.76 12.87
C GLN G 263 9.05 8.38 12.17
N LEU G 264 9.04 8.44 10.83
CA LEU G 264 7.91 8.00 10.01
C LEU G 264 6.61 8.67 10.45
N GLU G 265 6.71 9.88 10.98
CA GLU G 265 5.58 10.53 11.60
C GLU G 265 5.33 11.88 10.96
N PHE G 266 4.09 12.34 11.07
CA PHE G 266 3.70 13.63 10.52
C PHE G 266 4.35 14.70 11.40
N ALA G 267 5.63 14.96 11.11
CA ALA G 267 6.40 15.89 11.92
C ALA G 267 5.89 17.30 11.69
N GLN G 268 4.81 17.66 12.35
CA GLN G 268 4.15 18.93 12.09
C GLN G 268 5.03 20.10 12.46
N TYR G 269 4.82 21.21 11.76
CA TYR G 269 5.39 22.51 12.13
C TYR G 269 4.27 23.53 11.98
N LYS G 270 3.50 23.73 13.05
CA LYS G 270 2.37 24.65 13.00
C LYS G 270 2.93 26.08 13.01
N LEU G 271 3.44 26.49 11.85
CA LEU G 271 4.11 27.78 11.75
C LEU G 271 3.14 28.91 12.07
N GLU G 272 3.60 29.86 12.87
CA GLU G 272 2.92 31.13 13.06
C GLU G 272 3.99 32.20 12.95
N THR G 273 4.28 32.61 11.71
CA THR G 273 5.31 33.59 11.42
C THR G 273 4.84 34.51 10.32
N LYS G 274 5.35 35.74 10.34
CA LYS G 274 5.05 36.69 9.28
C LYS G 274 5.89 36.38 8.05
N PHE G 275 5.30 36.64 6.89
CA PHE G 275 5.98 36.39 5.62
C PHE G 275 7.02 37.47 5.39
N LYS G 276 8.27 37.07 5.20
CA LYS G 276 9.35 38.02 4.95
C LYS G 276 9.97 37.78 3.57
N GLU G 289 -1.13 39.81 11.00
CA GLU G 289 0.30 40.00 10.82
C GLU G 289 1.06 38.71 10.44
N PRO G 290 0.89 37.62 11.19
CA PRO G 290 1.59 36.38 10.86
C PRO G 290 0.96 35.69 9.66
N LEU G 291 1.53 34.56 9.29
CA LEU G 291 1.05 33.75 8.16
C LEU G 291 0.98 32.31 8.63
N ARG G 292 -0.21 31.88 9.08
CA ARG G 292 -0.36 30.57 9.68
C ARG G 292 -0.05 29.47 8.66
N CYS G 293 0.68 28.45 9.10
CA CYS G 293 0.98 27.28 8.30
C CYS G 293 0.92 26.04 9.19
N LEU G 294 0.73 24.89 8.57
CA LEU G 294 0.60 23.63 9.30
C LEU G 294 1.41 22.54 8.60
N ILE G 295 2.68 22.83 8.33
CA ILE G 295 3.60 21.90 7.68
C ILE G 295 3.47 20.50 8.27
N LYS G 296 3.48 19.48 7.42
CA LYS G 296 3.44 18.09 7.88
C LYS G 296 4.36 17.26 7.00
N PHE G 297 5.60 17.09 7.42
CA PHE G 297 6.50 16.18 6.73
C PHE G 297 6.05 14.75 6.93
N SER G 298 5.88 14.01 5.84
CA SER G 298 5.30 12.67 5.89
C SER G 298 6.14 11.75 5.02
N SER G 299 6.89 10.88 5.68
CA SER G 299 7.71 9.89 5.01
C SER G 299 7.65 8.56 5.74
N PRO G 300 7.67 7.44 5.01
CA PRO G 300 7.91 6.14 5.66
C PRO G 300 9.15 6.11 6.54
N HIS G 301 10.15 6.96 6.26
CA HIS G 301 11.36 7.02 7.09
C HIS G 301 11.84 8.47 7.01
N LEU G 302 11.49 9.28 8.02
CA LEU G 302 11.66 10.72 7.89
C LEU G 302 13.11 11.14 8.04
N LEU G 303 13.72 10.89 9.21
CA LEU G 303 15.06 11.39 9.48
C LEU G 303 16.11 10.88 8.50
N GLU G 304 15.84 9.76 7.82
CA GLU G 304 16.69 9.36 6.71
C GLU G 304 16.32 10.07 5.42
N ALA G 305 15.04 10.42 5.23
CA ALA G 305 14.65 11.20 4.06
C ALA G 305 15.24 12.60 4.10
N LEU G 306 15.24 13.24 5.28
CA LEU G 306 15.90 14.53 5.40
C LEU G 306 17.40 14.43 5.18
N LYS G 307 18.00 13.33 5.61
CA LYS G 307 19.45 13.18 5.46
C LYS G 307 19.87 13.12 4.01
N SER G 308 19.02 12.56 3.14
CA SER G 308 19.31 12.47 1.72
C SER G 308 18.66 13.60 0.93
N LEU G 309 18.34 14.71 1.60
CA LEU G 309 17.78 15.87 0.92
C LEU G 309 18.84 16.82 0.38
N ALA G 310 19.67 17.37 1.25
CA ALA G 310 20.68 18.33 0.85
C ALA G 310 21.66 17.74 -0.17
N PRO G 311 22.16 16.51 0.02
CA PRO G 311 23.00 15.92 -1.04
C PRO G 311 22.26 15.70 -2.35
N ALA G 312 20.93 15.57 -2.31
CA ALA G 312 20.16 15.41 -3.53
C ALA G 312 19.81 16.73 -4.19
N GLY G 313 20.23 17.85 -3.61
CA GLY G 313 19.98 19.15 -4.20
C GLY G 313 18.66 19.78 -3.82
N ILE G 314 17.79 19.07 -3.11
CA ILE G 314 16.52 19.65 -2.70
C ILE G 314 16.74 20.67 -1.59
N ALA G 315 17.71 20.44 -0.71
CA ALA G 315 17.89 21.22 0.51
C ALA G 315 19.23 21.91 0.52
N ASP G 316 19.29 23.02 1.26
CA ASP G 316 20.55 23.68 1.50
C ASP G 316 21.38 22.88 2.51
N ALA G 317 22.69 23.15 2.53
CA ALA G 317 23.57 22.37 3.39
C ALA G 317 23.25 22.53 4.86
N PRO G 318 23.13 23.75 5.43
CA PRO G 318 22.66 23.84 6.81
C PRO G 318 21.15 23.71 6.82
N LEU G 319 20.65 22.53 7.17
CA LEU G 319 19.27 22.16 6.85
C LEU G 319 18.33 22.52 8.00
N SER G 320 18.36 23.79 8.42
CA SER G 320 17.32 24.36 9.27
C SER G 320 17.05 23.57 10.54
N PRO G 321 17.84 23.77 11.60
CA PRO G 321 17.73 22.93 12.82
C PRO G 321 16.32 22.54 13.25
N LEU G 322 15.31 23.33 12.87
CA LEU G 322 13.92 22.92 13.03
C LEU G 322 13.70 21.51 12.47
N LEU G 323 14.51 21.13 11.49
CA LEU G 323 14.33 19.87 10.80
C LEU G 323 15.42 18.88 11.17
N THR G 324 16.57 19.38 11.61
CA THR G 324 17.63 18.48 12.06
C THR G 324 17.44 18.09 13.52
N CYS G 325 16.98 19.02 14.35
CA CYS G 325 16.83 18.77 15.77
C CYS G 325 15.44 18.22 16.10
N ILE G 326 15.02 17.20 15.37
CA ILE G 326 13.84 16.44 15.74
C ILE G 326 14.21 15.44 16.83
N PRO G 327 15.30 14.66 16.68
CA PRO G 327 15.71 13.80 17.80
C PRO G 327 16.47 14.57 18.88
N ASN G 328 17.25 15.57 18.47
CA ASN G 328 18.01 16.36 19.44
C ASN G 328 17.10 17.10 20.41
N LYS G 329 15.95 17.59 19.94
CA LYS G 329 14.94 18.17 20.82
C LYS G 329 13.94 17.14 21.30
N ARG G 330 14.03 15.89 20.83
CA ARG G 330 13.08 14.85 21.19
C ARG G 330 11.65 15.30 20.92
N MET G 331 11.43 15.85 19.74
CA MET G 331 10.19 16.52 19.41
C MET G 331 10.02 16.52 17.90
N ASN G 332 8.80 16.26 17.45
CA ASN G 332 8.48 16.40 16.03
C ASN G 332 7.18 17.15 15.78
N TYR G 333 6.29 17.23 16.76
CA TYR G 333 5.03 17.96 16.62
C TYR G 333 5.28 19.38 17.10
N PHE G 334 5.95 20.17 16.26
CA PHE G 334 6.39 21.50 16.64
C PHE G 334 5.24 22.50 16.60
N LYS G 335 5.42 23.59 17.34
CA LYS G 335 4.43 24.66 17.45
C LYS G 335 5.14 26.01 17.39
N ILE G 336 6.01 26.18 16.38
CA ILE G 336 6.98 27.27 16.44
C ILE G 336 6.28 28.62 16.29
N ARG G 337 7.01 29.67 16.69
CA ARG G 337 6.59 31.05 16.51
C ARG G 337 7.77 31.83 15.93
N ASP G 338 7.67 33.16 15.93
CA ASP G 338 8.73 34.01 15.40
C ASP G 338 9.66 34.47 16.52
N LYS G 339 10.95 34.56 16.21
CA LYS G 339 11.94 35.06 17.14
C LYS G 339 13.21 35.47 16.40
N GLU H 95 57.36 2.88 19.92
CA GLU H 95 57.07 2.39 21.27
C GLU H 95 55.91 3.17 21.88
N GLU H 96 55.87 4.47 21.63
CA GLU H 96 54.78 5.30 22.12
C GLU H 96 53.44 4.90 21.52
N LYS H 97 53.44 4.26 20.36
CA LYS H 97 52.21 3.71 19.78
C LYS H 97 51.81 2.39 20.42
N LEU H 98 52.63 1.87 21.34
CA LEU H 98 52.31 0.68 22.10
C LEU H 98 52.39 0.87 23.60
N GLU H 99 53.33 1.69 24.08
CA GLU H 99 53.48 1.98 25.50
C GLU H 99 52.55 3.09 25.98
N ASN H 100 51.89 3.80 25.07
CA ASN H 100 50.93 4.83 25.43
C ASN H 100 49.53 4.55 24.90
N VAL H 101 49.43 3.90 23.75
CA VAL H 101 48.14 3.45 23.23
C VAL H 101 47.53 2.39 24.13
N LYS H 102 48.37 1.60 24.80
CA LYS H 102 47.91 0.64 25.79
C LYS H 102 47.24 1.31 26.98
N ALA H 103 47.45 2.61 27.19
CA ALA H 103 46.74 3.32 28.25
C ALA H 103 45.23 3.32 27.99
N ILE H 104 44.81 3.60 26.75
CA ILE H 104 43.39 3.52 26.45
C ILE H 104 42.89 2.09 26.56
N LEU H 105 43.74 1.10 26.29
CA LEU H 105 43.43 -0.27 26.64
C LEU H 105 43.45 -0.50 28.14
N GLN H 106 44.38 0.13 28.85
CA GLN H 106 44.38 0.09 30.31
C GLN H 106 43.26 0.92 30.91
N ALA H 107 42.92 2.05 30.28
CA ALA H 107 41.77 2.84 30.74
C ALA H 107 40.45 2.11 30.52
N TYR H 108 40.41 1.15 29.60
CA TYR H 108 39.23 0.31 29.44
C TYR H 108 38.99 -0.48 30.71
N HIS H 109 39.94 -1.35 31.07
CA HIS H 109 39.77 -2.23 32.22
C HIS H 109 40.27 -1.58 33.50
N PHE H 110 39.91 -0.32 33.73
CA PHE H 110 40.31 0.39 34.94
C PHE H 110 39.68 1.77 34.89
N THR H 111 39.50 2.41 36.05
CA THR H 111 38.84 3.71 36.25
C THR H 111 37.34 3.59 36.08
N GLY H 112 36.87 2.49 35.51
CA GLY H 112 35.50 2.40 35.05
C GLY H 112 35.06 3.61 34.24
N LEU H 113 36.02 4.32 33.64
CA LEU H 113 35.72 5.65 33.09
C LEU H 113 36.39 5.92 31.74
N SER H 114 36.73 4.88 30.98
CA SER H 114 37.43 5.09 29.71
C SER H 114 36.63 6.00 28.78
N GLY H 115 37.33 6.92 28.11
CA GLY H 115 36.66 7.84 27.22
C GLY H 115 37.21 7.84 25.81
N LYS H 116 36.38 7.44 24.85
CA LYS H 116 36.78 7.52 23.46
C LYS H 116 36.91 8.97 23.02
N LEU H 117 37.99 9.27 22.31
CA LEU H 117 38.32 10.66 21.94
C LEU H 117 37.61 11.05 20.64
N THR H 118 36.30 10.86 20.63
CA THR H 118 35.49 11.25 19.49
C THR H 118 35.40 12.77 19.40
N SER H 119 35.52 13.30 18.19
CA SER H 119 35.40 14.73 17.99
C SER H 119 34.00 15.21 18.32
N ARG H 120 33.90 16.50 18.66
CA ARG H 120 32.64 17.13 19.08
C ARG H 120 31.98 16.35 20.22
N GLY H 121 32.82 16.00 21.19
CA GLY H 121 32.35 15.32 22.38
C GLY H 121 33.03 13.99 22.68
N VAL H 122 33.72 13.95 23.82
CA VAL H 122 34.33 12.71 24.29
C VAL H 122 33.23 11.70 24.61
N CYS H 123 33.55 10.43 24.41
CA CYS H 123 32.60 9.34 24.63
C CYS H 123 33.12 8.48 25.78
N VAL H 124 32.64 8.76 26.99
CA VAL H 124 33.08 8.05 28.18
C VAL H 124 32.47 6.65 28.18
N CYS H 125 33.26 5.65 27.75
CA CYS H 125 32.79 4.28 27.81
C CYS H 125 32.87 3.79 29.25
N ILE H 126 31.91 4.20 30.07
CA ILE H 126 31.94 3.91 31.50
C ILE H 126 31.75 2.40 31.67
N SER H 127 32.79 1.73 32.13
CA SER H 127 32.71 0.32 32.43
C SER H 127 32.37 0.11 33.90
N THR H 128 31.18 -0.41 34.15
CA THR H 128 30.69 -0.59 35.50
C THR H 128 31.20 -1.90 36.07
N ALA H 129 31.44 -1.92 37.37
CA ALA H 129 31.93 -3.13 38.02
C ALA H 129 31.41 -3.22 39.44
N PHE H 130 31.10 -4.46 39.82
CA PHE H 130 30.94 -4.92 41.18
C PHE H 130 32.33 -5.13 41.75
N GLU H 131 32.46 -5.99 42.76
CA GLU H 131 33.75 -6.42 43.26
C GLU H 131 34.40 -7.29 42.19
N GLY H 132 35.35 -8.14 42.55
CA GLY H 132 36.29 -8.63 41.55
C GLY H 132 35.70 -9.40 40.38
N ASN H 133 34.40 -9.25 40.13
CA ASN H 133 33.74 -9.66 38.90
C ASN H 133 33.19 -8.43 38.19
N LEU H 134 33.36 -8.39 36.87
CA LEU H 134 32.86 -7.26 36.08
C LEU H 134 32.40 -7.75 34.71
N LEU H 135 31.23 -7.30 34.27
CA LEU H 135 30.68 -7.77 33.00
C LEU H 135 30.42 -6.63 32.04
N ASP H 136 29.67 -5.59 32.44
CA ASP H 136 29.02 -4.67 31.52
C ASP H 136 29.67 -3.29 31.57
N SER H 137 29.43 -2.51 30.51
CA SER H 137 29.92 -1.13 30.42
C SER H 137 28.82 -0.23 29.89
N TYR H 138 28.84 1.03 30.32
CA TYR H 138 27.81 2.00 29.92
C TYR H 138 28.47 3.09 29.08
N PHE H 139 27.84 3.45 27.97
CA PHE H 139 28.42 4.40 27.04
C PHE H 139 27.76 5.76 27.20
N VAL H 140 28.25 6.56 28.14
CA VAL H 140 27.77 7.93 28.28
C VAL H 140 28.49 8.81 27.27
N ASP H 141 27.71 9.48 26.42
CA ASP H 141 28.22 10.15 25.23
C ASP H 141 27.82 11.61 25.29
N LEU H 142 28.79 12.49 25.18
CA LEU H 142 28.61 13.92 25.37
C LEU H 142 29.01 14.70 24.12
N VAL H 143 28.92 16.03 24.24
CA VAL H 143 29.50 16.97 23.28
C VAL H 143 30.38 17.95 24.04
N ILE H 144 31.50 18.33 23.43
CA ILE H 144 32.40 19.33 24.00
C ILE H 144 31.87 20.69 23.53
N GLN H 145 30.92 21.22 24.29
CA GLN H 145 30.25 22.46 23.97
C GLN H 145 29.70 23.03 25.27
N LYS H 146 30.09 24.27 25.58
CA LYS H 146 30.17 24.78 26.96
C LYS H 146 28.93 24.57 27.82
N PRO H 147 27.72 24.96 27.39
CA PRO H 147 26.54 24.58 28.18
C PRO H 147 26.23 23.11 27.94
N LEU H 148 26.56 22.32 28.95
CA LEU H 148 26.92 20.91 28.78
C LEU H 148 25.72 20.12 28.31
N ARG H 149 25.77 19.70 27.05
CA ARG H 149 24.76 18.82 26.47
C ARG H 149 25.29 17.39 26.43
N ILE H 150 24.50 16.44 26.92
CA ILE H 150 24.81 15.03 26.81
C ILE H 150 24.21 14.55 25.49
N HIS H 151 25.07 14.09 24.58
CA HIS H 151 24.68 14.06 23.18
C HIS H 151 23.63 12.97 22.93
N HIS H 152 24.01 11.70 23.10
CA HIS H 152 23.06 10.58 23.12
C HIS H 152 23.72 9.48 23.95
N HIS H 153 23.34 9.42 25.23
CA HIS H 153 24.01 8.51 26.15
C HIS H 153 23.48 7.08 25.99
N SER H 154 24.28 6.13 26.44
CA SER H 154 23.85 4.75 26.62
C SER H 154 23.88 4.39 28.10
N VAL H 155 23.36 5.28 28.93
CA VAL H 155 23.30 4.98 30.35
C VAL H 155 21.93 4.37 30.62
N PRO H 156 21.78 3.05 30.44
CA PRO H 156 20.61 2.33 30.92
C PRO H 156 19.27 3.03 30.79
N VAL H 157 18.66 2.98 29.61
CA VAL H 157 17.28 3.41 29.45
C VAL H 157 16.30 2.44 30.10
N PHE H 158 16.52 1.14 29.96
CA PHE H 158 15.69 0.12 30.60
C PHE H 158 15.80 0.16 32.12
N ILE H 159 16.96 0.49 32.67
CA ILE H 159 17.10 0.71 34.12
C ILE H 159 17.51 2.16 34.31
N PRO H 160 16.54 3.06 34.36
CA PRO H 160 16.81 4.47 34.05
C PRO H 160 17.07 5.41 35.22
N LEU H 161 17.13 4.92 36.45
CA LEU H 161 17.46 5.87 37.51
C LEU H 161 18.88 6.38 37.38
N GLU H 162 19.80 5.56 36.88
CA GLU H 162 21.07 6.10 36.41
C GLU H 162 20.86 7.01 35.21
N GLU H 163 19.94 6.63 34.31
CA GLU H 163 19.58 7.54 33.22
C GLU H 163 18.94 8.80 33.79
N ILE H 164 18.10 8.65 34.82
CA ILE H 164 17.67 9.81 35.59
C ILE H 164 18.88 10.48 36.24
N ALA H 165 19.77 9.69 36.84
CA ALA H 165 21.01 10.22 37.38
C ALA H 165 21.98 10.65 36.27
N ALA H 166 21.67 10.32 35.02
CA ALA H 166 22.41 10.92 33.91
C ALA H 166 21.90 12.32 33.62
N LYS H 167 20.63 12.59 33.92
CA LYS H 167 20.05 13.89 33.65
C LYS H 167 19.67 14.66 34.92
N TYR H 168 19.23 13.98 35.98
CA TYR H 168 18.87 14.68 37.21
C TYR H 168 20.02 14.84 38.18
N LEU H 169 21.13 14.12 38.00
CA LEU H 169 22.37 14.48 38.68
C LEU H 169 22.99 15.72 38.03
N GLN H 170 22.68 15.96 36.76
CA GLN H 170 23.14 17.20 36.14
C GLN H 170 22.55 18.40 36.87
N THR H 171 21.32 18.27 37.37
CA THR H 171 20.76 19.27 38.27
C THR H 171 21.48 19.33 39.61
N ASN H 172 22.11 18.23 40.02
CA ASN H 172 22.86 18.18 41.27
C ASN H 172 24.31 18.54 41.04
N ILE H 173 25.03 17.75 40.25
CA ILE H 173 26.41 18.05 39.88
C ILE H 173 26.67 17.60 38.45
N GLN H 174 26.88 18.55 37.55
CA GLN H 174 27.37 18.20 36.22
C GLN H 174 28.46 19.17 35.81
N HIS H 175 28.56 20.28 36.56
CA HIS H 175 29.61 21.27 36.31
C HIS H 175 31.00 20.68 36.48
N PHE H 176 31.18 19.78 37.44
CA PHE H 176 32.38 18.98 37.57
C PHE H 176 32.11 17.63 36.92
N LEU H 177 32.57 17.47 35.67
CA LEU H 177 32.56 16.16 35.06
C LEU H 177 33.49 15.26 35.88
N PHE H 178 34.49 15.89 36.51
CA PHE H 178 35.26 15.22 37.56
C PHE H 178 34.35 14.57 38.56
N SER H 179 33.51 15.36 39.16
CA SER H 179 32.55 14.87 40.10
C SER H 179 31.45 14.01 39.47
N LEU H 180 30.95 14.32 38.29
CA LEU H 180 29.91 13.46 37.75
C LEU H 180 30.41 12.04 37.49
N CYS H 181 31.56 11.90 36.86
CA CYS H 181 32.09 10.60 36.51
C CYS H 181 32.58 9.79 37.71
N GLU H 182 32.56 10.36 38.91
CA GLU H 182 32.55 9.50 40.09
C GLU H 182 31.12 9.26 40.55
N TYR H 183 30.29 10.30 40.48
CA TYR H 183 28.90 10.21 40.91
C TYR H 183 28.01 9.58 39.84
N LEU H 184 28.53 9.29 38.66
CA LEU H 184 27.86 8.42 37.71
C LEU H 184 28.45 7.03 37.67
N ASN H 185 29.78 6.92 37.80
CA ASN H 185 30.39 5.62 37.99
C ASN H 185 29.90 5.00 39.29
N ALA H 186 29.59 5.82 40.29
CA ALA H 186 28.94 5.29 41.48
C ALA H 186 27.62 4.62 41.16
N TYR H 187 26.74 5.32 40.46
CA TYR H 187 25.42 4.77 40.17
C TYR H 187 25.53 3.59 39.22
N SER H 188 26.41 3.68 38.23
CA SER H 188 26.60 2.57 37.30
C SER H 188 27.17 1.34 37.98
N GLY H 189 28.14 1.51 38.88
CA GLY H 189 28.73 0.40 39.60
C GLY H 189 27.88 -0.15 40.71
N ARG H 190 26.92 0.63 41.19
CA ARG H 190 25.94 0.15 42.16
C ARG H 190 24.77 -0.56 41.51
N LYS H 191 24.20 0.01 40.45
CA LYS H 191 22.99 -0.55 39.87
C LYS H 191 23.27 -1.58 38.78
N TYR H 192 24.53 -1.78 38.42
CA TYR H 192 24.93 -3.02 37.78
C TYR H 192 25.26 -4.09 38.80
N GLN H 193 25.79 -3.69 39.95
CA GLN H 193 25.94 -4.61 41.05
C GLN H 193 24.63 -5.29 41.42
N ALA H 194 23.58 -4.51 41.60
CA ALA H 194 22.28 -5.09 41.90
C ALA H 194 21.77 -5.95 40.76
N ASP H 195 22.12 -5.60 39.51
CA ASP H 195 21.78 -6.47 38.40
C ASP H 195 22.59 -7.77 38.45
N ARG H 196 23.82 -7.71 38.94
CA ARG H 196 24.62 -8.90 39.19
C ARG H 196 24.19 -9.60 40.47
N LEU H 197 23.74 -8.85 41.47
CA LEU H 197 23.20 -9.44 42.69
C LEU H 197 21.90 -10.20 42.43
N GLN H 198 21.49 -10.33 41.17
CA GLN H 198 20.42 -11.23 40.75
C GLN H 198 20.93 -12.42 39.96
N SER H 199 21.81 -12.19 38.98
CA SER H 199 22.12 -13.17 37.95
C SER H 199 22.64 -14.49 38.50
N ASP H 200 23.18 -14.50 39.72
CA ASP H 200 23.55 -15.75 40.36
C ASP H 200 22.33 -16.63 40.59
N PHE H 201 21.25 -16.03 41.10
CA PHE H 201 20.07 -16.85 41.48
C PHE H 201 19.37 -17.42 40.25
N ALA H 202 18.93 -18.68 40.33
CA ALA H 202 18.20 -19.32 39.21
C ALA H 202 17.38 -20.50 39.75
N ALA H 203 17.71 -20.98 40.96
CA ALA H 203 17.17 -22.26 41.47
C ALA H 203 16.83 -22.14 42.96
N LEU H 204 17.75 -21.60 43.76
CA LEU H 204 17.52 -21.47 45.22
C LEU H 204 16.16 -20.82 45.45
N LEU H 205 15.81 -19.82 44.64
CA LEU H 205 14.54 -19.14 44.79
C LEU H 205 13.44 -19.91 44.05
N THR H 206 12.22 -19.84 44.61
CA THR H 206 11.07 -20.51 44.01
C THR H 206 10.30 -19.59 43.04
N GLY H 207 9.74 -18.33 43.44
CA GLY H 207 8.86 -17.42 42.59
C GLY H 207 9.81 -16.44 41.79
N PRO H 208 9.37 -15.55 40.75
CA PRO H 208 10.40 -14.89 40.15
C PRO H 208 10.93 -13.75 40.94
N LEU H 209 12.18 -13.52 40.71
CA LEU H 209 12.81 -12.39 41.42
C LEU H 209 12.18 -11.08 40.94
N GLN H 210 11.13 -10.64 41.62
CA GLN H 210 10.44 -9.42 41.23
C GLN H 210 11.43 -8.30 41.51
N ARG H 211 11.78 -7.54 40.50
CA ARG H 211 12.82 -6.54 40.62
C ARG H 211 12.30 -5.18 40.20
N ASN H 212 13.19 -4.22 40.22
CA ASN H 212 13.03 -2.92 39.61
C ASN H 212 14.11 -2.71 38.58
N PRO H 213 13.96 -1.70 37.73
CA PRO H 213 15.13 -1.14 37.09
C PRO H 213 16.13 -0.69 38.15
N LEU H 214 17.40 -0.99 37.92
CA LEU H 214 18.48 -0.87 38.88
C LEU H 214 18.35 -1.88 40.01
N CYS H 215 17.33 -2.74 39.97
CA CYS H 215 17.00 -3.62 41.09
C CYS H 215 16.90 -2.81 42.37
N ASN H 216 16.22 -1.67 42.29
CA ASN H 216 16.06 -0.80 43.45
C ASN H 216 15.36 -1.53 44.58
N LEU H 217 14.32 -2.30 44.25
CA LEU H 217 13.75 -3.27 45.18
C LEU H 217 14.10 -4.65 44.65
N LEU H 218 15.06 -5.30 45.30
CA LEU H 218 15.25 -6.73 45.08
C LEU H 218 14.27 -7.47 45.97
N SER H 219 13.06 -7.72 45.45
CA SER H 219 11.99 -8.33 46.22
C SER H 219 11.70 -9.70 45.61
N PHE H 220 12.30 -10.73 46.19
CA PHE H 220 12.17 -12.09 45.67
C PHE H 220 11.66 -13.00 46.78
N THR H 221 10.80 -13.93 46.41
CA THR H 221 10.24 -14.92 47.33
C THR H 221 11.03 -16.21 47.15
N TYR H 222 12.22 -16.25 47.75
CA TYR H 222 13.06 -17.44 47.69
C TYR H 222 12.59 -18.45 48.73
N LYS H 223 13.36 -19.51 48.92
CA LYS H 223 13.07 -20.46 49.99
C LYS H 223 14.39 -20.99 50.54
N LEU H 224 14.84 -20.39 51.64
CA LEU H 224 15.92 -20.94 52.46
C LEU H 224 15.27 -21.55 53.70
N ASP H 225 15.41 -22.86 53.85
CA ASP H 225 14.68 -23.62 54.89
C ASP H 225 15.68 -24.44 55.69
N PRO H 226 16.45 -23.78 56.56
CA PRO H 226 17.40 -24.53 57.41
C PRO H 226 16.73 -25.16 58.63
N GLY H 227 16.18 -26.36 58.43
CA GLY H 227 15.53 -27.07 59.50
C GLY H 227 14.30 -27.86 59.12
N GLY H 228 13.61 -27.45 58.04
CA GLY H 228 12.49 -28.19 57.49
C GLY H 228 11.16 -27.48 57.65
N GLN H 229 10.90 -26.87 58.80
CA GLN H 229 9.65 -26.14 59.02
C GLN H 229 9.65 -24.91 58.12
N SER H 230 8.85 -24.98 57.06
CA SER H 230 9.00 -24.08 55.92
C SER H 230 8.22 -22.79 56.13
N PHE H 231 8.93 -21.68 56.25
CA PHE H 231 8.33 -20.34 56.27
C PHE H 231 9.31 -19.37 55.63
N PRO H 232 9.17 -19.08 54.34
CA PRO H 232 10.20 -18.31 53.63
C PRO H 232 10.16 -16.84 53.99
N PHE H 233 11.29 -16.18 53.73
CA PHE H 233 11.38 -14.72 53.81
C PHE H 233 11.29 -14.14 52.42
N CYS H 234 10.23 -13.39 52.16
CA CYS H 234 10.15 -12.58 50.94
C CYS H 234 11.03 -11.36 51.10
N ALA H 235 12.28 -11.49 50.70
CA ALA H 235 13.32 -10.52 51.00
C ALA H 235 13.14 -9.30 50.12
N ARG H 236 12.71 -8.19 50.71
CA ARG H 236 12.61 -6.91 50.03
C ARG H 236 13.77 -6.02 50.43
N LEU H 237 14.76 -5.90 49.56
CA LEU H 237 15.88 -4.99 49.78
C LEU H 237 15.52 -3.63 49.22
N LEU H 238 15.28 -2.67 50.11
CA LEU H 238 14.94 -1.31 49.72
C LEU H 238 16.24 -0.51 49.66
N TYR H 239 16.73 -0.26 48.45
CA TYR H 239 17.95 0.50 48.24
C TYR H 239 17.61 1.98 48.32
N LYS H 240 17.71 2.56 49.52
CA LYS H 240 17.33 3.96 49.70
C LYS H 240 18.21 4.89 48.87
N ASP H 241 19.52 4.63 48.86
CA ASP H 241 20.45 5.42 48.07
C ASP H 241 21.01 4.55 46.94
N LEU H 242 21.18 5.16 45.78
CA LEU H 242 21.67 4.45 44.61
C LEU H 242 23.19 4.42 44.54
N THR H 243 23.88 4.83 45.61
CA THR H 243 25.33 4.80 45.64
C THR H 243 25.89 3.62 46.43
N ALA H 244 25.27 3.25 47.54
CA ALA H 244 25.77 2.17 48.38
C ALA H 244 25.42 0.83 47.73
N THR H 245 26.44 0.03 47.44
CA THR H 245 26.22 -1.28 46.83
C THR H 245 25.38 -2.18 47.73
N LEU H 246 25.67 -2.20 49.01
CA LEU H 246 24.86 -2.96 49.94
C LEU H 246 23.48 -2.33 50.08
N PRO H 247 22.43 -3.13 50.26
CA PRO H 247 21.10 -2.56 50.51
C PRO H 247 21.09 -1.77 51.81
N THR H 248 20.16 -0.83 51.88
CA THR H 248 20.01 0.01 53.06
C THR H 248 18.91 -0.48 53.99
N ASP H 249 17.68 -0.58 53.50
CA ASP H 249 16.57 -1.07 54.28
C ASP H 249 16.29 -2.50 53.86
N VAL H 250 16.49 -3.43 54.79
CA VAL H 250 16.28 -4.85 54.55
C VAL H 250 15.01 -5.27 55.29
N THR H 251 14.15 -6.02 54.60
CA THR H 251 12.93 -6.57 55.19
C THR H 251 12.79 -8.01 54.70
N VAL H 252 13.36 -8.94 55.44
CA VAL H 252 13.18 -10.37 55.15
C VAL H 252 11.93 -10.79 55.93
N THR H 253 10.78 -10.51 55.34
CA THR H 253 9.51 -10.70 56.02
C THR H 253 9.03 -12.13 55.86
N CYS H 254 8.56 -12.72 56.96
CA CYS H 254 7.99 -14.06 56.90
C CYS H 254 6.74 -14.04 56.02
N GLN H 255 6.59 -15.07 55.20
CA GLN H 255 5.53 -15.09 54.18
C GLN H 255 4.18 -15.39 54.81
N GLY H 256 3.46 -14.35 55.20
CA GLY H 256 2.07 -14.47 55.62
C GLY H 256 1.84 -15.43 56.77
N VAL H 257 2.79 -15.51 57.70
CA VAL H 257 2.69 -16.45 58.80
C VAL H 257 2.96 -15.71 60.11
N GLU H 258 2.46 -16.28 61.20
CA GLU H 258 2.61 -15.68 62.51
C GLU H 258 4.05 -15.85 63.00
N VAL H 259 4.30 -15.45 64.25
CA VAL H 259 5.63 -15.56 64.82
C VAL H 259 5.93 -17.04 65.03
N LEU H 260 7.12 -17.46 64.62
CA LEU H 260 7.54 -18.85 64.68
C LEU H 260 8.38 -19.08 65.92
N SER H 261 9.00 -20.25 66.02
CA SER H 261 9.95 -20.51 67.09
C SER H 261 11.13 -19.55 66.99
N THR H 262 11.96 -19.55 68.04
CA THR H 262 13.12 -18.68 68.07
C THR H 262 14.09 -18.96 66.93
N SER H 263 14.06 -20.17 66.37
CA SER H 263 14.95 -20.49 65.27
C SER H 263 14.70 -19.60 64.06
N TRP H 264 13.47 -19.52 63.59
CA TRP H 264 13.23 -18.69 62.42
C TRP H 264 13.26 -17.21 62.74
N GLU H 265 12.99 -16.82 63.99
CA GLU H 265 13.19 -15.43 64.36
C GLU H 265 14.65 -15.03 64.26
N GLU H 266 15.56 -15.87 64.77
CA GLU H 266 16.97 -15.49 64.70
C GLU H 266 17.49 -15.67 63.28
N GLN H 267 16.84 -16.54 62.49
CA GLN H 267 17.13 -16.60 61.07
C GLN H 267 16.78 -15.31 60.36
N ARG H 268 15.61 -14.74 60.63
CA ARG H 268 15.25 -13.44 60.06
C ARG H 268 16.22 -12.36 60.52
N ALA H 269 16.56 -12.36 61.82
CA ALA H 269 17.51 -11.38 62.34
C ALA H 269 18.88 -11.51 61.71
N SER H 270 19.37 -12.73 61.49
CA SER H 270 20.66 -12.93 60.85
C SER H 270 20.60 -12.55 59.38
N HIS H 271 19.47 -12.81 58.72
CA HIS H 271 19.31 -12.39 57.34
C HIS H 271 19.37 -10.88 57.22
N GLU H 272 18.76 -10.15 58.16
CA GLU H 272 18.85 -8.70 58.15
C GLU H 272 20.30 -8.22 58.15
N THR H 273 21.08 -8.69 59.12
CA THR H 273 22.45 -8.21 59.28
C THR H 273 23.42 -8.80 58.26
N LEU H 274 23.07 -9.92 57.62
CA LEU H 274 23.88 -10.47 56.54
C LEU H 274 23.55 -9.84 55.20
N PHE H 275 22.34 -9.30 55.04
CA PHE H 275 21.97 -8.56 53.84
C PHE H 275 22.41 -7.11 53.87
N CYS H 276 22.31 -6.45 55.03
CA CYS H 276 22.72 -5.05 55.12
C CYS H 276 24.23 -4.89 55.02
N THR H 277 25.01 -5.88 55.46
CA THR H 277 26.46 -5.78 55.46
C THR H 277 27.13 -6.55 54.34
N LYS H 278 26.52 -7.62 53.85
CA LYS H 278 27.17 -8.42 52.82
C LYS H 278 26.22 -8.63 51.64
N PRO H 279 26.69 -8.42 50.42
CA PRO H 279 25.79 -8.53 49.26
C PRO H 279 25.43 -9.97 48.94
N LEU H 280 24.32 -10.11 48.20
CA LEU H 280 23.74 -11.43 47.97
C LEU H 280 24.67 -12.35 47.20
N HIS H 281 25.59 -11.80 46.40
CA HIS H 281 26.53 -12.65 45.70
C HIS H 281 27.43 -13.44 46.65
N GLN H 282 27.88 -12.81 47.72
CA GLN H 282 28.60 -13.51 48.79
C GLN H 282 27.68 -13.95 49.91
N VAL H 283 26.37 -13.76 49.76
CA VAL H 283 25.40 -14.21 50.75
C VAL H 283 24.58 -15.41 50.25
N PHE H 284 23.95 -15.28 49.09
CA PHE H 284 23.15 -16.37 48.54
C PHE H 284 24.00 -17.43 47.86
N ALA H 285 25.28 -17.16 47.63
CA ALA H 285 26.25 -18.21 47.36
C ALA H 285 26.89 -18.72 48.64
N SER H 286 26.63 -18.07 49.78
CA SER H 286 27.02 -18.57 51.09
C SER H 286 25.81 -19.10 51.87
N PHE H 287 24.60 -18.66 51.51
CA PHE H 287 23.39 -19.30 52.01
C PHE H 287 23.20 -20.70 51.46
N THR H 288 23.63 -20.96 50.23
CA THR H 288 23.78 -22.33 49.78
C THR H 288 24.89 -23.03 50.56
N ARG H 289 25.91 -22.28 50.97
CA ARG H 289 27.01 -22.84 51.74
C ARG H 289 26.61 -23.15 53.18
N LYS H 290 25.88 -22.23 53.83
CA LYS H 290 25.50 -22.42 55.22
C LYS H 290 24.16 -23.14 55.34
N GLY H 291 23.21 -22.83 54.47
CA GLY H 291 21.99 -23.60 54.37
C GLY H 291 22.22 -24.80 53.48
N GLU H 292 22.95 -25.78 54.00
CA GLU H 292 23.42 -26.90 53.19
C GLU H 292 22.25 -27.74 52.70
N LYS H 293 22.52 -28.51 51.64
CA LYS H 293 21.60 -29.42 50.97
C LYS H 293 20.48 -28.72 50.24
N LEU H 294 20.42 -27.38 50.34
CA LEU H 294 19.30 -26.59 49.84
C LEU H 294 18.00 -27.23 50.29
N ASP H 295 17.69 -27.27 51.55
CA ASP H 295 16.42 -27.88 51.97
C ASP H 295 15.22 -27.09 51.44
N MET H 296 14.22 -27.79 50.92
CA MET H 296 13.01 -27.21 50.36
C MET H 296 11.89 -27.09 51.38
N SER H 297 10.70 -26.73 50.89
CA SER H 297 9.58 -26.32 51.71
C SER H 297 8.51 -27.41 51.78
N LEU H 298 7.63 -27.27 52.77
CA LEU H 298 6.48 -28.15 52.93
C LEU H 298 5.15 -27.44 52.76
N VAL H 299 4.90 -26.36 53.50
CA VAL H 299 3.66 -25.62 53.33
C VAL H 299 3.83 -24.49 52.33
N SER H 300 5.05 -24.00 52.15
CA SER H 300 5.33 -22.95 51.18
C SER H 300 6.03 -23.51 49.96
N HIS I 62 47.02 12.40 18.85
CA HIS I 62 45.98 11.66 19.56
C HIS I 62 46.41 11.33 20.98
N LEU I 63 47.69 11.00 21.15
CA LEU I 63 48.21 10.70 22.48
C LEU I 63 48.21 11.93 23.38
N GLU I 64 48.47 13.12 22.83
CA GLU I 64 48.35 14.34 23.62
C GLU I 64 46.91 14.56 24.06
N SER I 65 45.96 14.28 23.18
CA SER I 65 44.55 14.34 23.57
C SER I 65 44.18 13.23 24.54
N GLU I 66 44.85 12.08 24.50
CA GLU I 66 44.60 11.06 25.52
C GLU I 66 45.09 11.52 26.89
N LEU I 67 46.27 12.17 26.93
CA LEU I 67 46.74 12.75 28.18
C LEU I 67 45.78 13.83 28.66
N SER I 68 45.28 14.66 27.74
CA SER I 68 44.30 15.67 28.10
C SER I 68 43.03 15.04 28.66
N PHE I 69 42.56 13.97 28.03
CA PHE I 69 41.37 13.27 28.51
C PHE I 69 41.61 12.72 29.91
N LEU I 70 42.78 12.14 30.15
CA LEU I 70 43.15 11.71 31.50
C LEU I 70 43.38 12.89 32.44
N SER I 71 43.44 14.11 31.91
CA SER I 71 43.58 15.30 32.72
C SER I 71 42.23 15.95 33.06
N THR I 72 41.30 15.97 32.11
CA THR I 72 39.97 16.50 32.41
C THR I 72 39.07 15.40 32.96
N LEU I 73 38.93 14.30 32.20
CA LEU I 73 38.31 13.10 32.75
C LEU I 73 39.43 12.39 33.52
N THR I 74 39.67 12.80 34.76
CA THR I 74 40.89 12.40 35.44
C THR I 74 40.86 10.90 35.73
N GLY I 75 41.69 10.18 34.98
CA GLY I 75 42.09 8.85 35.37
C GLY I 75 43.19 8.98 36.40
N ILE I 76 43.46 10.24 36.75
CA ILE I 76 44.44 10.63 37.76
C ILE I 76 45.79 10.03 37.37
N ASN I 77 46.41 10.62 36.34
CA ASN I 77 47.79 10.36 35.96
C ASN I 77 48.09 8.89 35.71
N ILE I 78 47.50 8.33 34.65
CA ILE I 78 47.85 6.99 34.18
C ILE I 78 49.22 7.13 33.54
N ARG I 79 50.26 6.80 34.31
CA ARG I 79 51.64 7.14 33.95
C ARG I 79 52.40 5.97 33.33
N ASN I 80 52.55 4.88 34.06
CA ASN I 80 53.36 3.74 33.64
C ASN I 80 52.40 2.55 33.62
N HIS I 81 51.89 2.24 32.44
CA HIS I 81 50.97 1.13 32.24
C HIS I 81 51.68 0.05 31.42
N SER I 82 51.55 -1.20 31.88
CA SER I 82 52.17 -2.34 31.19
C SER I 82 51.24 -3.53 31.33
N LYS I 83 50.74 -4.03 30.20
CA LYS I 83 49.83 -5.16 30.18
C LYS I 83 50.57 -6.41 29.72
N GLN I 84 50.61 -7.42 30.57
CA GLN I 84 51.08 -8.75 30.21
C GLN I 84 49.89 -9.70 30.14
N THR I 85 50.12 -10.91 29.67
CA THR I 85 49.03 -11.85 29.48
C THR I 85 49.52 -13.27 29.72
N GLU I 86 48.91 -13.96 30.66
CA GLU I 86 49.15 -15.39 30.88
C GLU I 86 48.00 -16.15 30.26
N ASP I 87 48.18 -16.55 29.00
CA ASP I 87 47.14 -17.29 28.29
C ASP I 87 46.92 -18.64 28.94
N LEU I 88 45.67 -18.92 29.33
CA LEU I 88 45.31 -20.17 30.00
C LEU I 88 44.15 -20.83 29.27
N THR I 89 44.28 -20.93 27.95
CA THR I 89 43.29 -21.60 27.12
C THR I 89 43.69 -23.04 26.80
N SER I 90 44.34 -23.73 27.74
CA SER I 90 44.86 -25.07 27.52
C SER I 90 43.75 -26.11 27.71
N THR I 91 44.15 -27.39 27.75
CA THR I 91 43.19 -28.48 27.86
C THR I 91 42.91 -28.88 29.31
N GLU I 92 43.60 -28.26 30.27
CA GLU I 92 43.39 -28.58 31.68
C GLU I 92 41.95 -28.30 32.10
N MET I 93 41.30 -27.35 31.45
CA MET I 93 39.99 -26.84 31.84
C MET I 93 38.85 -27.58 31.14
N THR I 94 39.07 -28.83 30.73
CA THR I 94 38.08 -29.59 29.95
C THR I 94 37.72 -28.81 28.68
N GLU I 95 38.71 -28.73 27.79
CA GLU I 95 38.70 -27.83 26.64
C GLU I 95 37.37 -27.81 25.88
N LYS I 96 36.59 -28.88 25.95
CA LYS I 96 35.24 -28.84 25.38
C LYS I 96 34.36 -27.83 26.09
N SER I 97 34.68 -27.50 27.34
CA SER I 97 33.88 -26.59 28.16
C SER I 97 34.41 -25.17 28.02
N ILE I 98 34.00 -24.29 28.94
CA ILE I 98 34.25 -22.85 28.91
C ILE I 98 35.74 -22.54 28.83
N ARG I 99 36.06 -21.34 28.35
CA ARG I 99 37.43 -20.87 28.22
C ARG I 99 37.72 -19.78 29.24
N LYS I 100 39.01 -19.56 29.50
CA LYS I 100 39.48 -18.55 30.42
C LYS I 100 40.78 -17.95 29.92
N VAL I 101 41.06 -16.71 30.30
CA VAL I 101 42.33 -16.05 30.02
C VAL I 101 42.67 -15.20 31.23
N LEU I 102 43.78 -15.52 31.90
CA LEU I 102 44.20 -14.78 33.09
C LEU I 102 45.18 -13.69 32.67
N GLN I 103 44.64 -12.53 32.33
CA GLN I 103 45.45 -11.36 32.01
C GLN I 103 46.07 -10.79 33.28
N ARG I 104 47.13 -9.99 33.10
CA ARG I 104 47.73 -9.27 34.21
C ARG I 104 48.27 -7.94 33.72
N HIS I 105 48.07 -6.91 34.53
CA HIS I 105 48.55 -5.57 34.21
C HIS I 105 49.41 -5.05 35.35
N ARG I 106 50.36 -4.19 34.99
CA ARG I 106 51.09 -3.40 35.97
C ARG I 106 50.96 -1.94 35.58
N LEU I 107 50.19 -1.18 36.37
CA LEU I 107 49.90 0.21 36.01
C LEU I 107 50.36 1.10 37.15
N SER I 108 51.53 1.71 37.00
CA SER I 108 51.98 2.73 37.93
C SER I 108 51.34 4.07 37.59
N GLY I 109 50.52 4.56 38.52
CA GLY I 109 49.88 5.85 38.34
C GLY I 109 50.00 6.67 39.60
N ASN I 110 49.85 7.97 39.43
CA ASN I 110 50.08 8.93 40.51
C ASN I 110 48.84 9.76 40.74
N CYS I 111 48.68 10.25 41.97
CA CYS I 111 47.68 11.24 42.30
C CYS I 111 48.28 12.63 42.10
N HIS I 112 47.60 13.67 42.62
CA HIS I 112 48.23 14.97 42.70
C HIS I 112 49.53 14.88 43.50
N MET I 113 49.50 14.13 44.60
CA MET I 113 50.70 13.82 45.37
C MET I 113 50.93 12.33 45.57
N VAL I 114 49.88 11.52 45.72
CA VAL I 114 49.98 10.10 45.99
C VAL I 114 50.29 9.36 44.69
N THR I 115 50.66 8.09 44.79
CA THR I 115 50.90 7.23 43.63
C THR I 115 50.26 5.87 43.87
N PHE I 116 50.16 5.08 42.79
CA PHE I 116 49.61 3.75 42.88
C PHE I 116 50.13 2.90 41.73
N GLN I 117 50.41 1.63 42.03
CA GLN I 117 50.87 0.68 41.03
C GLN I 117 49.94 -0.52 41.05
N LEU I 118 49.22 -0.74 39.94
CA LEU I 118 48.20 -1.78 39.87
C LEU I 118 48.81 -3.05 39.26
N GLU I 119 49.53 -3.82 40.08
CA GLU I 119 49.88 -5.18 39.72
C GLU I 119 48.61 -6.01 39.81
N PHE I 120 47.99 -6.24 38.66
CA PHE I 120 46.55 -6.49 38.62
C PHE I 120 46.25 -7.58 37.61
N GLN I 121 45.73 -8.71 38.09
CA GLN I 121 45.54 -9.92 37.29
C GLN I 121 44.05 -10.26 37.23
N ILE I 122 43.45 -10.06 36.06
CA ILE I 122 42.04 -10.39 35.85
C ILE I 122 41.93 -11.82 35.36
N LEU I 123 40.89 -12.50 35.84
CA LEU I 123 40.40 -13.72 35.20
C LEU I 123 39.29 -13.36 34.22
N GLU I 124 39.59 -13.53 32.94
CA GLU I 124 38.66 -13.14 31.87
C GLU I 124 38.10 -14.44 31.30
N ILE I 125 36.90 -14.79 31.74
CA ILE I 125 36.24 -16.02 31.31
C ILE I 125 35.40 -15.73 30.06
N GLN I 126 35.60 -16.53 29.02
CA GLN I 126 34.78 -16.45 27.82
C GLN I 126 34.09 -17.80 27.64
N ASN I 127 32.83 -17.88 28.06
CA ASN I 127 32.02 -19.05 27.80
C ASN I 127 31.74 -19.15 26.29
N LYS I 128 31.26 -20.31 25.85
CA LYS I 128 31.08 -20.58 24.44
C LYS I 128 30.11 -19.63 23.75
N GLU I 129 29.27 -18.92 24.52
CA GLU I 129 28.37 -17.93 23.94
C GLU I 129 28.44 -16.55 24.61
N ARG I 130 29.06 -16.43 25.78
CA ARG I 130 29.14 -15.17 26.50
C ARG I 130 30.52 -15.04 27.13
N LEU I 131 30.88 -13.81 27.50
CA LEU I 131 32.12 -13.55 28.20
C LEU I 131 31.78 -12.95 29.55
N SER I 132 32.37 -13.50 30.61
CA SER I 132 32.13 -13.05 31.99
C SER I 132 33.47 -12.81 32.65
N SER I 133 33.97 -11.57 32.55
CA SER I 133 35.24 -11.22 33.15
C SER I 133 35.14 -11.18 34.67
N ALA I 134 36.28 -11.35 35.31
CA ALA I 134 36.38 -11.28 36.77
C ALA I 134 37.83 -10.96 37.12
N VAL I 135 38.13 -10.91 38.42
CA VAL I 135 39.46 -10.62 38.90
C VAL I 135 39.87 -11.70 39.90
N THR I 136 41.01 -12.34 39.64
CA THR I 136 41.58 -13.30 40.59
C THR I 136 42.60 -12.66 41.51
N ASP I 137 43.62 -12.01 40.96
CA ASP I 137 44.71 -11.45 41.76
C ASP I 137 44.86 -9.98 41.43
N LEU I 138 45.34 -9.21 42.41
CA LEU I 138 45.54 -7.79 42.24
C LEU I 138 46.45 -7.30 43.37
N ASN I 139 47.33 -6.36 43.05
CA ASN I 139 48.23 -5.80 44.04
C ASN I 139 48.37 -4.30 43.79
N ILE I 140 48.16 -3.51 44.83
CA ILE I 140 48.31 -2.06 44.78
C ILE I 140 49.61 -1.70 45.48
N ILE I 141 50.52 -1.02 44.79
CA ILE I 141 51.68 -0.46 45.53
C ILE I 141 51.15 0.91 45.99
N MET I 142 50.75 1.03 47.27
CA MET I 142 50.01 2.25 47.72
C MET I 142 50.70 3.06 48.84
N GLU I 143 49.90 3.54 49.81
CA GLU I 143 50.41 4.42 50.90
C GLU I 143 49.94 3.90 52.26
N PRO I 144 50.33 4.50 53.42
CA PRO I 144 49.97 3.96 54.75
C PRO I 144 48.57 4.29 55.29
N THR I 145 48.47 5.06 56.38
CA THR I 145 47.16 5.37 57.03
C THR I 145 46.11 5.79 56.00
N GLU I 146 46.45 6.70 55.11
CA GLU I 146 45.53 7.10 54.05
C GLU I 146 44.91 5.89 53.35
N CYS I 147 45.66 4.81 53.20
CA CYS I 147 45.15 3.60 52.57
C CYS I 147 45.02 2.45 53.55
N SER I 148 45.07 2.72 54.87
CA SER I 148 44.83 1.66 55.83
C SER I 148 43.36 1.23 55.85
N GLU I 149 42.45 2.20 55.83
CA GLU I 149 41.05 1.87 55.61
C GLU I 149 40.84 1.35 54.20
N LEU I 150 41.62 1.84 53.24
CA LEU I 150 41.63 1.27 51.91
C LEU I 150 42.45 -0.01 51.83
N SER I 151 43.21 -0.33 52.86
CA SER I 151 43.79 -1.68 52.95
C SER I 151 42.73 -2.73 53.23
N GLU I 152 41.62 -2.34 53.85
CA GLU I 152 40.47 -3.23 53.89
C GLU I 152 39.96 -3.48 52.46
N PHE I 153 40.09 -2.50 51.59
CA PHE I 153 39.64 -2.69 50.21
C PHE I 153 40.64 -3.46 49.38
N VAL I 154 41.94 -3.27 49.58
CA VAL I 154 42.93 -4.08 48.87
C VAL I 154 42.86 -5.54 49.31
N SER I 155 41.99 -5.85 50.26
CA SER I 155 41.54 -7.21 50.51
C SER I 155 40.13 -7.42 50.01
N ARG I 156 39.36 -6.32 49.92
CA ARG I 156 37.99 -6.43 49.45
C ARG I 156 37.89 -6.63 47.95
N ALA I 157 38.72 -5.94 47.21
CA ALA I 157 38.89 -6.20 45.80
C ALA I 157 39.44 -7.59 45.54
N GLU I 158 39.98 -8.23 46.58
CA GLU I 158 40.53 -9.57 46.49
C GLU I 158 39.60 -10.65 47.03
N GLU I 159 38.66 -10.30 47.90
CA GLU I 159 37.69 -11.29 48.39
C GLU I 159 36.37 -11.12 47.65
N LEU I 163 38.96 -2.87 42.75
CA LEU I 163 39.77 -2.19 41.74
C LEU I 163 39.03 -0.97 41.20
N PHE I 164 37.83 -1.20 40.68
CA PHE I 164 37.03 -0.08 40.17
C PHE I 164 36.63 0.86 41.29
N MET I 165 36.24 0.31 42.43
CA MET I 165 35.94 1.11 43.61
C MET I 165 37.20 1.50 44.36
N PHE I 166 38.35 1.09 43.83
CA PHE I 166 39.62 1.59 44.38
C PHE I 166 39.83 2.93 43.68
N PHE I 167 39.60 2.94 42.36
CA PHE I 167 39.68 4.23 41.63
C PHE I 167 38.32 4.92 41.67
N ARG I 168 37.47 4.51 42.61
CA ARG I 168 36.22 5.27 42.82
C ARG I 168 36.38 5.80 44.24
N SER I 169 37.04 5.00 45.09
CA SER I 169 37.38 5.51 46.43
C SER I 169 38.47 6.56 46.21
N LEU I 170 39.66 6.18 45.74
CA LEU I 170 40.79 7.07 45.54
C LEU I 170 40.39 8.25 44.65
N HIS I 171 39.61 8.01 43.59
CA HIS I 171 39.11 9.12 42.78
C HIS I 171 38.37 10.14 43.62
N PHE I 172 37.74 9.70 44.71
CA PHE I 172 36.97 10.55 45.59
C PHE I 172 37.68 10.72 46.93
N PHE I 173 38.59 9.82 47.29
CA PHE I 173 39.40 9.99 48.49
C PHE I 173 40.47 11.07 48.29
N VAL I 174 41.00 11.20 47.08
CA VAL I 174 41.88 12.34 46.81
C VAL I 174 41.08 13.65 46.78
N GLU I 175 39.77 13.59 46.54
CA GLU I 175 38.94 14.76 46.80
C GLU I 175 38.93 15.13 48.26
N TRP I 176 38.82 14.12 49.16
CA TRP I 176 38.97 14.34 50.59
C TRP I 176 40.36 14.91 50.91
N PHE I 177 41.39 14.39 50.26
CA PHE I 177 42.75 14.86 50.48
C PHE I 177 42.93 16.31 50.06
N GLU I 178 42.34 16.71 48.93
CA GLU I 178 42.35 18.12 48.54
C GLU I 178 41.59 18.97 49.54
N TYR I 179 40.37 18.56 49.88
CA TYR I 179 39.54 19.30 50.84
C TYR I 179 40.16 19.35 52.24
N ARG I 180 41.14 18.49 52.51
CA ARG I 180 41.88 18.53 53.77
C ARG I 180 43.11 19.44 53.65
N LYS I 181 43.95 19.17 52.65
CA LYS I 181 45.23 19.87 52.53
C LYS I 181 45.03 21.34 52.21
N ARG I 182 44.20 21.65 51.20
CA ARG I 182 44.02 23.04 50.84
C ARG I 182 43.27 23.81 51.93
N THR I 183 42.35 23.17 52.65
CA THR I 183 41.69 23.86 53.76
C THR I 183 42.67 24.13 54.89
N PHE I 184 43.56 23.17 55.18
CA PHE I 184 44.57 23.40 56.21
C PHE I 184 45.51 24.53 55.81
N LYS I 185 45.93 24.55 54.54
CA LYS I 185 46.80 25.60 54.03
C LYS I 185 46.08 26.93 53.88
N HIS I 186 44.75 26.92 53.89
CA HIS I 186 43.97 28.15 53.98
C HIS I 186 43.88 28.68 55.39
N LEU I 187 43.59 27.82 56.37
CA LEU I 187 43.46 28.29 57.75
C LEU I 187 44.80 28.68 58.33
N LYS I 188 45.87 27.96 57.99
CA LYS I 188 47.20 28.28 58.51
C LYS I 188 47.87 29.42 57.79
N GLU I 189 47.30 29.88 56.66
CA GLU I 189 47.88 30.98 55.91
C GLU I 189 47.09 32.27 56.08
N LYS I 190 45.78 32.23 55.86
CA LYS I 190 44.96 33.43 55.98
C LYS I 190 44.97 33.98 57.40
N TYR I 191 44.80 33.06 58.36
CA TYR I 191 44.81 33.46 59.80
C TYR I 191 45.85 32.60 60.52
N PRO I 192 47.14 33.00 60.55
CA PRO I 192 48.15 32.26 61.29
C PRO I 192 48.21 32.75 62.75
N ASP I 193 49.43 33.01 63.25
CA ASP I 193 49.68 33.80 64.49
C ASP I 193 49.38 32.93 65.73
N ALA I 194 48.18 32.34 65.80
CA ALA I 194 47.81 31.48 66.94
C ALA I 194 47.20 30.18 66.40
N VAL I 195 46.93 30.13 65.09
CA VAL I 195 46.31 28.93 64.48
C VAL I 195 47.43 27.97 64.04
N TYR I 196 48.12 27.38 65.01
CA TYR I 196 49.18 26.42 64.75
C TYR I 196 48.54 25.14 64.22
N LEU I 197 49.33 24.36 63.49
CA LEU I 197 48.82 23.13 62.89
C LEU I 197 49.92 22.09 62.90
N SER I 198 49.57 20.86 63.29
CA SER I 198 50.50 19.74 63.20
C SER I 198 50.62 19.38 61.72
N GLU I 199 51.44 20.17 61.02
CA GLU I 199 51.51 20.09 59.57
C GLU I 199 52.13 18.78 59.13
N GLY I 200 51.28 17.86 58.68
CA GLY I 200 51.73 16.60 58.15
C GLY I 200 50.74 16.06 57.13
N PRO I 201 51.16 15.11 56.30
CA PRO I 201 50.24 14.51 55.34
C PRO I 201 49.07 13.79 55.99
N SER I 202 49.20 13.35 57.25
CA SER I 202 48.17 12.55 57.90
C SER I 202 47.73 13.14 59.24
N SER I 203 48.40 14.19 59.72
CA SER I 203 48.15 14.75 61.05
C SER I 203 47.15 15.88 60.92
N CYS I 204 45.90 15.62 61.30
CA CYS I 204 44.85 16.64 61.30
C CYS I 204 44.68 17.20 62.71
N SER I 205 45.69 17.95 63.15
CA SER I 205 45.71 18.52 64.50
C SER I 205 46.12 19.98 64.40
N MET I 206 45.25 20.88 64.86
CA MET I 206 45.48 22.30 64.80
C MET I 206 45.44 22.91 66.20
N GLY I 207 46.43 23.73 66.50
CA GLY I 207 46.58 24.30 67.83
C GLY I 207 45.92 25.67 67.95
N ILE I 208 45.17 25.85 69.03
CA ILE I 208 44.48 27.09 69.33
C ILE I 208 44.81 27.49 70.77
N ARG I 209 45.04 28.79 70.98
CA ARG I 209 45.41 29.30 72.30
C ARG I 209 44.84 30.71 72.45
N SER I 210 43.91 30.88 73.39
CA SER I 210 43.36 32.18 73.71
C SER I 210 44.15 32.82 74.85
N ALA I 211 43.95 34.13 75.03
CA ALA I 211 44.74 34.89 75.98
C ALA I 211 43.94 35.53 77.11
N SER I 212 42.75 36.06 76.83
CA SER I 212 41.99 36.72 77.90
C SER I 212 41.56 35.73 78.96
N ARG I 213 41.00 34.59 78.56
CA ARG I 213 40.97 33.41 79.41
C ARG I 213 42.26 32.64 79.17
N PRO I 214 43.14 32.56 80.16
CA PRO I 214 44.56 32.26 79.88
C PRO I 214 44.88 30.81 79.58
N GLY I 215 43.92 29.89 79.69
CA GLY I 215 44.26 28.49 79.58
C GLY I 215 43.36 27.65 78.70
N PHE I 216 42.83 28.23 77.64
CA PHE I 216 41.94 27.50 76.75
C PHE I 216 42.68 27.00 75.51
N GLU I 217 42.35 25.78 75.09
CA GLU I 217 42.96 25.15 73.94
C GLU I 217 41.93 24.28 73.25
N LEU I 218 41.99 24.23 71.92
CA LEU I 218 41.04 23.42 71.16
C LEU I 218 41.73 22.86 69.92
N VAL I 219 41.35 21.63 69.57
CA VAL I 219 41.90 20.93 68.42
C VAL I 219 40.75 20.29 67.65
N ILE I 220 40.79 20.39 66.32
CA ILE I 220 39.79 19.81 65.44
C ILE I 220 40.49 18.85 64.48
N VAL I 221 39.91 17.67 64.30
CA VAL I 221 40.51 16.62 63.49
C VAL I 221 39.63 16.41 62.26
N TRP I 222 40.23 16.54 61.08
CA TRP I 222 39.51 16.39 59.81
C TRP I 222 39.80 14.98 59.29
N ARG I 223 39.15 13.99 59.93
CA ARG I 223 39.48 12.57 59.82
C ARG I 223 38.99 12.01 58.52
N ILE I 224 39.34 10.75 58.20
CA ILE I 224 39.04 10.06 56.94
C ILE I 224 38.34 8.76 57.24
N GLN I 225 37.40 8.37 56.38
CA GLN I 225 36.74 7.08 56.51
C GLN I 225 36.19 6.68 55.16
N ILE I 226 36.70 5.58 54.61
CA ILE I 226 36.15 4.94 53.43
C ILE I 226 35.45 3.67 53.89
N ASP I 227 34.15 3.54 53.61
CA ASP I 227 33.43 2.32 53.97
C ASP I 227 33.88 1.16 53.16
N GLU I 228 33.29 0.00 53.46
CA GLU I 228 33.51 -1.15 52.61
C GLU I 228 32.98 -0.92 51.20
N ASP I 229 31.97 -0.06 51.05
CA ASP I 229 31.41 0.28 49.75
C ASP I 229 32.32 1.16 48.91
N GLY I 230 33.22 1.90 49.56
CA GLY I 230 34.05 2.86 48.85
C GLY I 230 33.64 4.30 48.99
N LYS I 231 32.51 4.59 49.63
CA LYS I 231 32.09 5.96 49.87
C LYS I 231 33.04 6.60 50.88
N VAL I 232 33.50 7.82 50.61
CA VAL I 232 34.32 8.53 51.57
C VAL I 232 33.42 9.19 52.60
N PHE I 233 33.64 8.88 53.87
CA PHE I 233 32.91 9.48 54.99
C PHE I 233 33.87 10.40 55.71
N PRO I 234 33.97 11.66 55.32
CA PRO I 234 34.90 12.56 56.01
C PRO I 234 34.45 12.86 57.42
N LYS I 235 35.08 12.21 58.39
CA LYS I 235 34.74 12.41 59.79
C LYS I 235 35.39 13.72 60.26
N LEU I 236 34.61 14.59 60.89
CA LEU I 236 35.09 15.89 61.32
C LEU I 236 35.10 15.89 62.85
N ASP I 237 36.18 15.37 63.41
CA ASP I 237 36.29 15.23 64.86
C ASP I 237 36.83 16.50 65.49
N LEU I 238 36.38 16.78 66.70
CA LEU I 238 36.82 17.95 67.47
C LEU I 238 37.27 17.43 68.84
N LEU I 239 38.53 17.04 68.93
CA LEU I 239 39.09 16.48 70.16
C LEU I 239 39.42 17.64 71.09
N THR I 240 38.68 17.76 72.18
CA THR I 240 38.74 18.90 73.07
C THR I 240 39.43 18.54 74.38
N LYS I 241 40.39 19.36 74.78
CA LYS I 241 40.94 19.29 76.14
C LYS I 241 41.49 20.67 76.48
N VAL I 242 40.71 21.44 77.23
CA VAL I 242 41.19 22.72 77.73
C VAL I 242 42.10 22.49 78.93
N PRO I 243 43.31 23.05 78.95
CA PRO I 243 44.18 22.90 80.12
C PRO I 243 43.55 23.51 81.36
N GLN I 244 44.05 23.07 82.52
CA GLN I 244 43.45 23.40 83.81
C GLN I 244 43.81 24.81 84.29
N ARG I 245 44.34 25.67 83.43
CA ARG I 245 44.54 27.07 83.79
C ARG I 245 43.25 27.87 83.70
N ALA I 246 42.49 27.68 82.61
CA ALA I 246 41.17 28.28 82.46
C ALA I 246 40.09 27.23 82.27
N LEU I 247 40.37 25.98 82.66
CA LEU I 247 39.36 24.93 82.56
C LEU I 247 38.12 25.26 83.38
N GLU I 248 38.29 25.89 84.53
CA GLU I 248 37.19 26.22 85.43
C GLU I 248 36.95 27.72 85.52
N LEU I 249 37.27 28.45 84.46
CA LEU I 249 37.03 29.89 84.39
C LEU I 249 35.78 30.25 83.61
N ASP I 250 35.53 29.59 82.48
CA ASP I 250 34.30 29.82 81.73
C ASP I 250 33.10 29.22 82.46
N LYS I 251 33.25 27.97 82.92
CA LYS I 251 32.19 27.25 83.65
C LYS I 251 30.90 27.17 82.85
N ASN I 252 31.00 27.12 81.53
CA ASN I 252 29.86 26.98 80.65
C ASN I 252 29.85 25.58 80.02
N ARG I 253 28.75 25.26 79.35
CA ARG I 253 28.59 23.97 78.71
C ARG I 253 28.91 24.01 77.21
N ALA I 254 29.78 24.92 76.78
CA ALA I 254 30.18 25.01 75.39
C ALA I 254 31.22 23.96 75.00
N ILE I 255 31.91 23.36 75.98
CA ILE I 255 32.97 22.41 75.69
C ILE I 255 32.50 20.97 75.77
N GLU I 256 31.44 20.67 76.54
CA GLU I 256 30.95 19.30 76.62
C GLU I 256 30.22 18.89 75.36
N THR I 257 29.50 19.80 74.73
CA THR I 257 28.79 19.53 73.49
C THR I 257 29.56 19.96 72.25
N ALA I 258 30.81 20.39 72.42
CA ALA I 258 31.65 20.84 71.30
C ALA I 258 31.81 19.74 70.25
N PRO I 259 32.13 18.49 70.62
CA PRO I 259 32.15 17.42 69.60
C PRO I 259 30.80 17.21 68.94
N LEU I 260 29.70 17.46 69.63
CA LEU I 260 28.37 17.37 69.05
C LEU I 260 27.98 18.63 68.29
N SER I 261 28.26 19.81 68.85
CA SER I 261 27.88 21.05 68.19
C SER I 261 28.72 21.33 66.95
N PHE I 262 29.90 20.71 66.82
CA PHE I 262 30.66 20.88 65.59
C PHE I 262 29.95 20.24 64.40
N ARG I 263 29.23 19.14 64.64
CA ARG I 263 28.45 18.54 63.57
C ARG I 263 27.36 19.48 63.08
N THR I 264 26.75 20.23 64.00
CA THR I 264 25.82 21.28 63.60
C THR I 264 26.50 22.44 62.91
N LEU I 265 27.68 22.85 63.39
CA LEU I 265 28.37 24.00 62.81
C LEU I 265 28.72 23.77 61.36
N VAL I 266 29.19 22.57 61.01
CA VAL I 266 29.42 22.26 59.61
C VAL I 266 28.12 22.20 58.82
N GLY I 267 26.98 22.16 59.51
CA GLY I 267 25.71 22.47 58.87
C GLY I 267 25.34 23.93 58.93
N LEU I 268 25.96 24.70 59.83
CA LEU I 268 25.77 26.15 59.85
C LEU I 268 26.40 26.78 58.61
N LEU I 269 27.71 26.70 58.51
CA LEU I 269 28.45 27.14 57.35
C LEU I 269 28.89 25.92 56.55
N GLY I 270 29.73 26.12 55.55
CA GLY I 270 30.33 25.00 54.84
C GLY I 270 31.32 24.27 55.74
N ILE I 271 31.76 23.11 55.25
CA ILE I 271 32.69 22.29 56.02
C ILE I 271 33.95 23.08 56.36
N GLU I 272 34.53 23.76 55.37
CA GLU I 272 35.66 24.63 55.63
C GLU I 272 35.24 25.94 56.27
N ALA I 273 34.10 26.50 55.85
CA ALA I 273 33.64 27.77 56.39
C ALA I 273 33.30 27.67 57.87
N ALA I 274 32.71 26.54 58.28
CA ALA I 274 32.40 26.34 59.69
C ALA I 274 33.67 26.32 60.53
N LEU I 275 34.72 25.62 60.07
CA LEU I 275 35.97 25.62 60.80
C LEU I 275 36.60 27.00 60.84
N GLU I 276 36.56 27.74 59.73
CA GLU I 276 37.13 29.08 59.71
C GLU I 276 36.41 30.01 60.68
N SER I 277 35.08 29.96 60.69
CA SER I 277 34.31 30.77 61.65
C SER I 277 34.54 30.32 63.08
N LEU I 278 34.69 29.01 63.31
CA LEU I 278 35.05 28.51 64.63
C LEU I 278 36.35 29.13 65.11
N ILE I 279 37.37 29.15 64.24
CA ILE I 279 38.62 29.81 64.58
C ILE I 279 38.41 31.28 64.86
N LYS I 280 37.70 31.98 63.98
CA LYS I 280 37.49 33.42 64.13
C LYS I 280 36.64 33.77 65.34
N SER I 281 35.95 32.79 65.93
CA SER I 281 35.07 33.08 67.07
C SER I 281 35.69 32.68 68.40
N LEU I 282 36.39 31.55 68.46
CA LEU I 282 36.86 31.05 69.74
C LEU I 282 38.32 31.38 70.03
N CYS I 283 38.98 32.19 69.21
CA CYS I 283 40.35 32.58 69.49
C CYS I 283 40.61 34.07 69.30
N ALA I 284 39.70 34.79 68.64
CA ALA I 284 39.90 36.20 68.33
C ALA I 284 39.27 37.13 69.35
N GLU I 285 38.82 36.62 70.50
CA GLU I 285 38.19 37.47 71.49
C GLU I 285 39.18 38.38 72.22
N GLU I 286 40.42 37.93 72.42
CA GLU I 286 41.45 38.79 72.97
C GLU I 286 41.85 39.91 72.03
N ASN I 287 41.86 39.65 70.71
CA ASN I 287 42.18 40.69 69.74
C ASN I 287 41.16 41.81 69.74
N ASN I 288 39.92 41.51 70.13
CA ASN I 288 38.87 42.53 70.20
C ASN I 288 38.65 43.00 71.63
N GLN J 10 -67.80 -12.70 11.08
CA GLN J 10 -69.09 -13.39 11.09
C GLN J 10 -68.92 -14.87 11.44
N GLN J 11 -69.38 -15.75 10.55
CA GLN J 11 -69.33 -17.17 10.85
C GLN J 11 -67.89 -17.67 11.01
N ARG J 12 -66.95 -17.23 10.17
CA ARG J 12 -65.57 -17.62 10.39
C ARG J 12 -65.07 -17.07 11.71
N PHE J 13 -65.39 -15.81 12.02
CA PHE J 13 -64.96 -15.22 13.27
C PHE J 13 -65.66 -15.84 14.45
N SER J 14 -66.98 -16.00 14.39
CA SER J 14 -67.69 -16.61 15.51
C SER J 14 -67.27 -18.07 15.71
N TYR J 15 -66.82 -18.73 14.64
CA TYR J 15 -66.31 -20.09 14.77
C TYR J 15 -64.96 -20.08 15.49
N GLN J 16 -63.97 -19.40 14.90
CA GLN J 16 -62.61 -19.55 15.37
C GLN J 16 -62.35 -18.75 16.65
N GLN J 17 -63.07 -17.65 16.87
CA GLN J 17 -62.93 -16.93 18.13
C GLN J 17 -63.60 -17.68 19.27
N ARG J 18 -64.74 -18.33 19.01
CA ARG J 18 -65.34 -19.15 20.06
C ARG J 18 -64.47 -20.35 20.40
N LEU J 19 -63.85 -20.97 19.40
CA LEU J 19 -62.90 -22.02 19.76
C LEU J 19 -61.58 -21.49 20.28
N LYS J 20 -61.20 -20.26 19.96
CA LYS J 20 -60.06 -19.64 20.64
C LYS J 20 -60.39 -19.43 22.11
N ALA J 21 -61.61 -19.02 22.40
CA ALA J 21 -62.08 -18.93 23.78
C ALA J 21 -62.09 -20.28 24.49
N ALA J 22 -62.62 -21.31 23.82
CA ALA J 22 -62.64 -22.64 24.44
C ALA J 22 -61.23 -23.16 24.66
N VAL J 23 -60.33 -22.95 23.69
CA VAL J 23 -58.95 -23.37 23.83
C VAL J 23 -58.30 -22.63 24.99
N HIS J 24 -58.53 -21.32 25.10
CA HIS J 24 -57.96 -20.58 26.22
C HIS J 24 -58.52 -21.05 27.54
N TYR J 25 -59.82 -21.35 27.60
CA TYR J 25 -60.43 -21.77 28.86
C TYR J 25 -59.89 -23.12 29.32
N THR J 26 -59.92 -24.12 28.43
CA THR J 26 -59.44 -25.44 28.82
C THR J 26 -57.92 -25.45 28.96
N VAL J 27 -57.22 -24.60 28.21
CA VAL J 27 -55.77 -24.54 28.29
C VAL J 27 -55.35 -23.77 29.53
N GLY J 28 -56.22 -22.87 30.02
CA GLY J 28 -55.97 -22.26 31.30
C GLY J 28 -56.20 -23.20 32.46
N CYS J 29 -57.22 -24.05 32.35
CA CYS J 29 -57.33 -25.16 33.31
C CYS J 29 -56.07 -26.01 33.28
N LEU J 30 -55.58 -26.35 32.09
CA LEU J 30 -54.30 -27.03 31.96
C LEU J 30 -53.14 -26.19 32.48
N CYS J 31 -53.23 -24.86 32.42
CA CYS J 31 -52.16 -24.01 32.94
C CYS J 31 -52.10 -24.07 34.45
N GLU J 32 -53.25 -24.08 35.11
CA GLU J 32 -53.29 -24.32 36.55
C GLU J 32 -52.92 -25.76 36.91
N GLU J 33 -53.14 -26.72 36.01
CA GLU J 33 -52.80 -28.10 36.26
C GLU J 33 -51.31 -28.42 36.04
N VAL J 34 -50.64 -27.68 35.16
CA VAL J 34 -49.21 -27.87 34.93
C VAL J 34 -48.37 -26.81 35.61
N ALA J 35 -48.96 -25.75 36.16
CA ALA J 35 -48.19 -24.76 36.90
C ALA J 35 -47.86 -25.24 38.30
N LEU J 36 -48.59 -26.25 38.80
CA LEU J 36 -48.34 -26.76 40.14
C LEU J 36 -47.18 -27.76 40.19
N ASP J 37 -46.75 -28.27 39.04
CA ASP J 37 -45.63 -29.21 39.03
C ASP J 37 -44.31 -28.51 39.32
N LYS J 38 -43.93 -27.56 38.47
CA LYS J 38 -42.67 -26.83 38.59
C LYS J 38 -42.92 -25.42 39.15
N GLU J 39 -43.87 -25.32 40.09
CA GLU J 39 -44.09 -24.13 40.92
C GLU J 39 -44.06 -22.83 40.12
N MET J 40 -44.46 -22.89 38.87
CA MET J 40 -44.35 -21.77 37.94
C MET J 40 -45.69 -21.06 37.80
N GLN J 41 -45.62 -19.84 37.27
CA GLN J 41 -46.82 -19.09 36.92
C GLN J 41 -46.76 -18.75 35.44
N PHE J 42 -47.88 -18.93 34.76
CA PHE J 42 -47.99 -18.57 33.35
C PHE J 42 -48.63 -17.20 33.24
N SER J 43 -47.88 -16.22 32.74
CA SER J 43 -48.40 -14.87 32.65
C SER J 43 -49.48 -14.79 31.58
N LYS J 44 -50.23 -13.68 31.61
CA LYS J 44 -51.40 -13.56 30.73
C LYS J 44 -51.00 -13.67 29.26
N GLN J 45 -49.94 -12.97 28.85
CA GLN J 45 -49.45 -13.13 27.49
C GLN J 45 -48.84 -14.51 27.25
N THR J 46 -48.31 -15.16 28.29
CA THR J 46 -47.76 -16.51 28.11
C THR J 46 -48.88 -17.52 27.83
N ILE J 47 -49.97 -17.44 28.60
CA ILE J 47 -51.12 -18.28 28.30
C ILE J 47 -51.69 -17.93 26.94
N ALA J 48 -51.80 -16.63 26.65
CA ALA J 48 -52.33 -16.19 25.36
C ALA J 48 -51.51 -16.74 24.20
N ALA J 49 -50.19 -16.80 24.37
CA ALA J 49 -49.34 -17.38 23.33
C ALA J 49 -49.54 -18.88 23.24
N ILE J 50 -49.31 -19.61 24.33
CA ILE J 50 -49.38 -21.07 24.25
C ILE J 50 -50.75 -21.55 23.78
N SER J 51 -51.82 -20.83 24.10
CA SER J 51 -53.12 -21.15 23.54
C SER J 51 -53.14 -20.99 22.03
N GLU J 52 -52.57 -19.91 21.50
CA GLU J 52 -52.63 -19.74 20.06
C GLU J 52 -51.65 -20.64 19.33
N LEU J 53 -50.55 -21.07 19.96
CA LEU J 53 -49.76 -22.12 19.34
C LEU J 53 -50.50 -23.46 19.35
N THR J 54 -51.21 -23.79 20.44
CA THR J 54 -52.06 -24.96 20.37
C THR J 54 -53.05 -24.86 19.22
N PHE J 55 -53.65 -23.68 19.03
CA PHE J 55 -54.58 -23.46 17.92
C PHE J 55 -53.89 -23.62 16.56
N ARG J 56 -52.77 -22.93 16.38
CA ARG J 56 -52.08 -22.89 15.09
C ARG J 56 -51.50 -24.25 14.71
N GLN J 57 -51.03 -25.02 15.69
CA GLN J 57 -50.52 -26.35 15.42
C GLN J 57 -51.61 -27.40 15.47
N CYS J 58 -52.77 -27.09 16.03
CA CYS J 58 -53.94 -27.92 15.81
C CYS J 58 -54.41 -27.82 14.37
N GLU J 59 -54.26 -26.64 13.77
CA GLU J 59 -54.34 -26.56 12.32
C GLU J 59 -53.39 -27.55 11.66
N ASN J 60 -52.15 -27.63 12.15
CA ASN J 60 -51.19 -28.57 11.59
C ASN J 60 -51.63 -30.01 11.79
N PHE J 61 -52.12 -30.35 12.98
CA PHE J 61 -52.59 -31.71 13.23
C PHE J 61 -53.77 -32.06 12.34
N ALA J 62 -54.69 -31.12 12.14
CA ALA J 62 -55.82 -31.37 11.23
C ALA J 62 -55.36 -31.52 9.79
N LYS J 63 -54.39 -30.71 9.37
CA LYS J 63 -53.82 -30.86 8.03
C LYS J 63 -53.19 -32.24 7.87
N ASP J 64 -52.42 -32.67 8.87
CA ASP J 64 -51.76 -33.98 8.81
C ASP J 64 -52.77 -35.12 8.82
N LEU J 65 -53.72 -35.10 9.76
CA LEU J 65 -54.55 -36.26 10.04
C LEU J 65 -55.48 -36.58 8.88
N GLU J 66 -55.99 -35.56 8.19
CA GLU J 66 -56.88 -35.81 7.06
C GLU J 66 -56.15 -36.55 5.95
N MET J 67 -55.01 -36.04 5.50
CA MET J 67 -54.23 -36.74 4.50
C MET J 67 -53.65 -38.04 5.01
N PHE J 68 -53.54 -38.21 6.33
CA PHE J 68 -53.15 -39.51 6.88
C PHE J 68 -54.21 -40.56 6.57
N ALA J 69 -55.49 -40.20 6.69
CA ALA J 69 -56.55 -41.12 6.30
C ALA J 69 -56.62 -41.27 4.79
N ARG J 70 -56.45 -40.16 4.06
CA ARG J 70 -56.41 -40.25 2.60
C ARG J 70 -55.28 -41.15 2.13
N HIS J 71 -54.23 -41.28 2.93
CA HIS J 71 -53.06 -42.05 2.53
C HIS J 71 -53.35 -43.54 2.51
N ALA J 72 -54.20 -44.01 3.43
CA ALA J 72 -54.61 -45.41 3.49
C ALA J 72 -55.87 -45.68 2.70
N LYS J 73 -56.23 -44.79 1.78
CA LYS J 73 -57.45 -44.90 0.97
C LYS J 73 -58.68 -45.06 1.89
N ARG J 74 -58.75 -44.16 2.87
CA ARG J 74 -59.76 -44.27 3.91
C ARG J 74 -60.32 -42.89 4.20
N THR J 75 -61.58 -42.85 4.66
CA THR J 75 -62.24 -41.60 4.98
C THR J 75 -62.25 -41.29 6.47
N THR J 76 -62.25 -42.30 7.32
CA THR J 76 -62.29 -42.11 8.76
C THR J 76 -60.88 -42.10 9.34
N ILE J 77 -60.75 -41.49 10.52
CA ILE J 77 -59.47 -41.37 11.18
C ILE J 77 -59.42 -42.39 12.32
N ASN J 78 -58.46 -43.30 12.25
CA ASN J 78 -58.29 -44.32 13.28
C ASN J 78 -56.99 -44.11 14.05
N THR J 79 -56.72 -45.05 14.97
CA THR J 79 -55.60 -44.91 15.88
C THR J 79 -54.25 -44.96 15.19
N GLU J 80 -54.12 -45.67 14.06
CA GLU J 80 -52.84 -45.70 13.37
C GLU J 80 -52.51 -44.34 12.76
N ASP J 81 -53.53 -43.58 12.38
CA ASP J 81 -53.30 -42.24 11.87
C ASP J 81 -52.64 -41.34 12.92
N VAL J 82 -53.19 -41.32 14.13
CA VAL J 82 -52.58 -40.51 15.19
C VAL J 82 -51.26 -41.13 15.66
N LYS J 83 -51.11 -42.45 15.53
CA LYS J 83 -49.81 -43.05 15.77
C LYS J 83 -48.76 -42.52 14.81
N LEU J 84 -49.12 -42.36 13.53
CA LEU J 84 -48.25 -41.64 12.60
C LEU J 84 -48.09 -40.17 12.99
N LEU J 85 -49.11 -39.57 13.60
CA LEU J 85 -48.92 -38.26 14.20
C LEU J 85 -47.96 -38.32 15.39
N ALA J 86 -47.98 -39.44 16.12
CA ALA J 86 -47.02 -39.69 17.19
C ALA J 86 -45.70 -40.25 16.66
N ARG J 87 -45.61 -40.55 15.37
CA ARG J 87 -44.37 -41.05 14.78
C ARG J 87 -43.27 -39.99 14.84
N ARG J 88 -43.64 -38.72 14.97
CA ARG J 88 -42.71 -37.62 14.75
C ARG J 88 -41.49 -37.66 15.67
N SER J 89 -41.66 -37.89 16.96
CA SER J 89 -40.59 -37.69 17.93
C SER J 89 -40.45 -38.90 18.84
N ASN J 90 -39.21 -39.25 19.17
CA ASN J 90 -38.93 -40.44 19.98
C ASN J 90 -39.52 -40.35 21.37
N SER J 91 -39.32 -39.22 22.06
CA SER J 91 -39.77 -39.11 23.45
C SER J 91 -41.28 -39.28 23.53
N LEU J 92 -42.02 -38.60 22.66
CA LEU J 92 -43.46 -38.83 22.65
C LEU J 92 -43.85 -40.08 21.86
N LEU J 93 -42.96 -40.70 21.09
CA LEU J 93 -43.31 -42.07 20.71
C LEU J 93 -43.44 -42.95 21.94
N LYS J 94 -42.44 -42.90 22.82
CA LYS J 94 -42.51 -43.69 24.04
C LYS J 94 -43.65 -43.27 24.95
N TYR J 95 -43.90 -41.97 25.05
CA TYR J 95 -45.00 -41.48 25.89
C TYR J 95 -46.35 -41.92 25.33
N ILE J 96 -46.54 -41.78 24.02
CA ILE J 96 -47.82 -42.05 23.40
C ILE J 96 -48.05 -43.55 23.23
N THR J 97 -46.99 -44.36 23.24
CA THR J 97 -47.22 -45.81 23.20
C THR J 97 -47.96 -46.29 24.44
N ASP J 98 -47.45 -45.95 25.62
CA ASP J 98 -48.17 -46.27 26.85
C ASP J 98 -49.48 -45.50 26.95
N LYS J 99 -49.53 -44.23 26.58
CA LYS J 99 -50.84 -43.61 26.65
C LYS J 99 -51.83 -44.22 25.67
N SER J 100 -51.35 -44.82 24.57
CA SER J 100 -52.24 -45.45 23.60
C SER J 100 -52.73 -46.80 24.08
N GLU J 101 -51.87 -47.58 24.75
CA GLU J 101 -52.40 -48.79 25.35
C GLU J 101 -53.39 -48.45 26.46
N GLU J 102 -53.20 -47.30 27.12
CA GLU J 102 -54.21 -46.84 28.07
C GLU J 102 -55.49 -46.40 27.36
N ILE J 103 -55.37 -45.82 26.15
CA ILE J 103 -56.53 -45.56 25.31
C ILE J 103 -57.30 -46.85 25.08
N ALA J 104 -56.58 -47.90 24.68
CA ALA J 104 -57.21 -49.19 24.41
C ALA J 104 -57.82 -49.81 25.66
N GLN J 105 -57.33 -49.44 26.85
CA GLN J 105 -58.02 -49.88 28.08
C GLN J 105 -59.44 -49.35 28.14
N ILE J 106 -59.68 -48.14 27.64
CA ILE J 106 -61.01 -47.56 27.62
C ILE J 106 -61.86 -48.24 26.55
N ALA K 458 -19.17 -42.27 -2.73
CA ALA K 458 -20.00 -42.55 -3.89
C ALA K 458 -21.17 -41.57 -3.98
N GLY K 459 -22.37 -42.05 -3.69
CA GLY K 459 -23.52 -41.19 -3.74
C GLY K 459 -23.50 -40.10 -2.67
N LEU K 460 -23.00 -40.43 -1.49
CA LEU K 460 -22.75 -39.40 -0.49
C LEU K 460 -21.70 -38.40 -0.98
N SER K 461 -20.66 -38.88 -1.67
CA SER K 461 -19.73 -37.97 -2.33
C SER K 461 -20.40 -37.19 -3.46
N HIS K 462 -21.40 -37.79 -4.11
CA HIS K 462 -22.18 -37.04 -5.09
C HIS K 462 -22.94 -35.90 -4.45
N TYR K 463 -23.52 -36.13 -3.27
CA TYR K 463 -24.31 -35.10 -2.61
C TYR K 463 -23.44 -34.03 -1.98
N VAL K 464 -22.27 -34.38 -1.45
CA VAL K 464 -21.39 -33.36 -0.90
C VAL K 464 -20.84 -32.49 -2.03
N LYS K 465 -20.57 -33.08 -3.20
CA LYS K 465 -20.18 -32.27 -4.36
C LYS K 465 -21.35 -31.43 -4.85
N LEU K 466 -22.56 -31.97 -4.81
CA LEU K 466 -23.75 -31.19 -5.13
C LEU K 466 -24.03 -30.15 -4.06
N PHE K 467 -23.68 -30.44 -2.81
CA PHE K 467 -23.69 -29.43 -1.76
C PHE K 467 -22.85 -28.22 -2.16
N SER K 468 -21.72 -28.44 -2.82
CA SER K 468 -20.86 -27.34 -3.24
C SER K 468 -21.58 -26.43 -4.22
N PHE K 469 -22.31 -27.00 -5.18
CA PHE K 469 -23.11 -26.24 -6.11
C PHE K 469 -24.52 -25.99 -5.60
N TYR K 470 -24.81 -26.38 -4.35
CA TYR K 470 -26.06 -26.01 -3.72
C TYR K 470 -25.87 -24.98 -2.60
N ALA K 471 -24.72 -25.00 -1.92
CA ALA K 471 -24.39 -23.98 -0.95
C ALA K 471 -23.77 -22.75 -1.59
N LYS K 472 -23.33 -22.85 -2.84
CA LYS K 472 -22.75 -21.73 -3.59
C LYS K 472 -21.58 -21.09 -2.86
N MET K 473 -20.88 -21.88 -2.04
CA MET K 473 -19.91 -21.29 -1.13
C MET K 473 -18.95 -22.36 -0.60
N PRO K 474 -17.65 -22.08 -0.60
CA PRO K 474 -16.68 -23.12 -0.22
C PRO K 474 -16.79 -23.52 1.24
N MET K 475 -16.67 -24.82 1.48
CA MET K 475 -16.74 -25.40 2.81
C MET K 475 -15.50 -26.26 3.06
N GLU K 476 -15.53 -27.04 4.14
CA GLU K 476 -14.41 -27.86 4.54
C GLU K 476 -14.75 -29.35 4.37
N ARG K 477 -13.72 -30.14 4.11
CA ARG K 477 -13.93 -31.59 3.99
C ARG K 477 -14.39 -32.19 5.31
N LYS K 478 -13.81 -31.71 6.42
CA LYS K 478 -14.28 -32.13 7.73
C LYS K 478 -15.76 -31.84 7.92
N ALA K 479 -16.28 -30.78 7.27
CA ALA K 479 -17.71 -30.61 7.22
C ALA K 479 -18.39 -31.70 6.41
N LEU K 480 -17.74 -32.17 5.34
CA LEU K 480 -18.38 -33.17 4.48
C LEU K 480 -18.50 -34.55 5.10
N GLU K 481 -17.52 -35.04 5.87
CA GLU K 481 -17.83 -36.37 6.44
C GLU K 481 -18.89 -36.29 7.55
N MET K 482 -19.08 -35.13 8.18
CA MET K 482 -20.21 -35.01 9.10
C MET K 482 -21.54 -34.86 8.37
N VAL K 483 -21.57 -34.14 7.25
CA VAL K 483 -22.79 -34.16 6.46
C VAL K 483 -23.03 -35.55 5.89
N GLU K 484 -21.98 -36.36 5.77
CA GLU K 484 -22.17 -37.77 5.44
C GLU K 484 -22.93 -38.49 6.55
N LYS K 485 -22.58 -38.25 7.81
CA LYS K 485 -23.36 -38.85 8.89
C LYS K 485 -24.76 -38.26 8.91
N CYS K 486 -24.91 -37.00 8.50
CA CYS K 486 -26.23 -36.41 8.38
C CYS K 486 -27.07 -37.12 7.33
N LEU K 487 -26.48 -37.45 6.18
CA LEU K 487 -27.21 -38.23 5.18
C LEU K 487 -27.48 -39.66 5.66
N ASP K 488 -26.53 -40.26 6.37
CA ASP K 488 -26.73 -41.60 6.89
C ASP K 488 -27.90 -41.61 7.87
N LYS K 489 -27.97 -40.64 8.77
CA LYS K 489 -29.11 -40.52 9.67
C LYS K 489 -30.36 -40.05 8.94
N TYR K 490 -30.20 -39.30 7.85
CA TYR K 490 -31.33 -38.92 7.01
C TYR K 490 -32.01 -40.14 6.46
N PHE K 491 -31.23 -41.10 5.95
CA PHE K 491 -31.78 -42.40 5.57
C PHE K 491 -32.24 -43.21 6.77
N GLN K 492 -31.52 -43.13 7.89
CA GLN K 492 -31.90 -43.81 9.12
C GLN K 492 -33.24 -43.30 9.67
N HIS K 493 -33.68 -42.12 9.24
CA HIS K 493 -35.03 -41.65 9.50
C HIS K 493 -35.97 -41.92 8.33
N LEU K 494 -35.46 -41.81 7.11
CA LEU K 494 -36.28 -41.90 5.92
C LEU K 494 -36.75 -43.31 5.65
N CYS K 495 -35.81 -44.25 5.48
CA CYS K 495 -36.15 -45.58 5.01
C CYS K 495 -37.04 -46.29 6.01
N ASP K 496 -37.00 -45.90 7.29
CA ASP K 496 -38.03 -46.37 8.22
C ASP K 496 -39.19 -45.38 8.34
N ASP K 497 -39.08 -44.21 7.73
CA ASP K 497 -40.26 -43.36 7.57
C ASP K 497 -41.05 -43.77 6.34
N LEU K 498 -40.39 -44.05 5.23
CA LEU K 498 -41.06 -44.80 4.17
C LEU K 498 -41.58 -46.13 4.65
N GLU K 499 -40.83 -46.85 5.49
CA GLU K 499 -41.33 -48.08 6.08
C GLU K 499 -42.67 -47.87 6.76
N VAL K 500 -42.73 -46.96 7.73
CA VAL K 500 -43.94 -46.77 8.50
C VAL K 500 -45.06 -46.13 7.69
N PHE K 501 -44.73 -45.28 6.71
CA PHE K 501 -45.77 -44.66 5.90
C PHE K 501 -46.37 -45.66 4.92
N ALA K 502 -45.56 -46.51 4.31
CA ALA K 502 -46.08 -47.57 3.47
C ALA K 502 -46.87 -48.59 4.27
N ALA K 503 -46.43 -48.88 5.50
CA ALA K 503 -47.24 -49.72 6.37
C ALA K 503 -48.55 -49.04 6.77
N HIS K 504 -48.54 -47.71 6.87
CA HIS K 504 -49.77 -46.98 7.18
C HIS K 504 -50.78 -47.12 6.06
N ALA K 505 -50.34 -47.07 4.81
CA ALA K 505 -51.20 -47.32 3.66
C ALA K 505 -51.61 -48.78 3.53
N GLY K 506 -50.98 -49.68 4.31
CA GLY K 506 -51.28 -51.08 4.22
C GLY K 506 -50.63 -51.81 3.06
N ARG K 507 -49.73 -51.17 2.34
CA ARG K 507 -49.10 -51.76 1.17
C ARG K 507 -47.64 -52.11 1.47
N LYS K 508 -47.25 -53.31 1.01
CA LYS K 508 -45.86 -53.74 1.18
C LYS K 508 -44.89 -52.84 0.44
N THR K 509 -45.22 -52.46 -0.78
CA THR K 509 -44.35 -51.62 -1.58
C THR K 509 -44.52 -50.14 -1.22
N VAL K 510 -43.60 -49.32 -1.72
CA VAL K 510 -43.61 -47.89 -1.48
C VAL K 510 -43.97 -47.21 -2.79
N LYS K 511 -45.26 -46.93 -2.98
CA LYS K 511 -45.75 -46.25 -4.16
C LYS K 511 -45.35 -44.78 -4.13
N PRO K 512 -45.42 -44.09 -5.26
CA PRO K 512 -45.09 -42.64 -5.26
C PRO K 512 -45.93 -41.83 -4.29
N GLU K 513 -47.21 -42.15 -4.11
CA GLU K 513 -48.01 -41.41 -3.15
C GLU K 513 -47.62 -41.75 -1.71
N ASP K 514 -46.96 -42.89 -1.50
CA ASP K 514 -46.41 -43.17 -0.18
C ASP K 514 -45.36 -42.15 0.23
N LEU K 515 -44.61 -41.62 -0.74
CA LEU K 515 -43.61 -40.61 -0.47
C LEU K 515 -44.16 -39.19 -0.59
N GLU K 516 -45.24 -39.00 -1.35
CA GLU K 516 -45.84 -37.67 -1.40
C GLU K 516 -46.36 -37.25 -0.02
N LEU K 517 -46.97 -38.18 0.71
CA LEU K 517 -47.36 -37.88 2.09
C LEU K 517 -46.16 -37.57 2.96
N LEU K 518 -45.08 -38.32 2.82
CA LEU K 518 -43.89 -38.06 3.62
C LEU K 518 -43.34 -36.66 3.33
N MET K 519 -43.30 -36.27 2.06
CA MET K 519 -42.80 -34.95 1.74
C MET K 519 -43.79 -33.86 2.14
N ARG K 520 -45.08 -34.20 2.24
CA ARG K 520 -46.03 -33.32 2.91
C ARG K 520 -45.65 -33.14 4.39
N ARG K 521 -45.19 -34.22 5.03
CA ARG K 521 -44.69 -34.12 6.39
C ARG K 521 -43.46 -33.22 6.47
N GLN K 522 -42.56 -33.31 5.51
CA GLN K 522 -41.40 -32.44 5.48
C GLN K 522 -41.73 -31.02 5.06
N GLY K 523 -43.01 -30.70 4.85
CA GLY K 523 -43.42 -29.35 4.53
C GLY K 523 -43.02 -28.88 3.16
N LEU K 524 -42.58 -29.78 2.28
CA LEU K 524 -42.14 -29.37 0.95
C LEU K 524 -43.24 -29.55 -0.09
N VAL K 525 -44.19 -30.43 0.16
CA VAL K 525 -45.43 -30.51 -0.62
C VAL K 525 -46.48 -29.72 0.13
N THR K 526 -47.12 -28.78 -0.56
CA THR K 526 -48.19 -27.97 -0.01
C THR K 526 -49.36 -27.98 -1.00
N ASP K 527 -50.43 -27.27 -0.66
CA ASP K 527 -51.49 -27.04 -1.63
C ASP K 527 -51.03 -26.13 -2.75
N GLN K 528 -50.02 -25.30 -2.50
CA GLN K 528 -49.41 -24.48 -3.54
C GLN K 528 -48.35 -25.26 -4.31
N VAL K 529 -47.51 -26.00 -3.60
CA VAL K 529 -46.43 -26.78 -4.20
C VAL K 529 -46.80 -28.25 -4.02
N SER K 530 -47.32 -28.87 -5.07
CA SER K 530 -47.67 -30.28 -5.04
C SER K 530 -46.42 -31.13 -5.22
N LEU K 531 -46.58 -32.45 -5.35
CA LEU K 531 -45.44 -33.32 -5.58
C LEU K 531 -44.76 -33.01 -6.91
N HIS K 532 -45.53 -33.01 -7.99
CA HIS K 532 -44.96 -32.94 -9.32
C HIS K 532 -44.23 -31.64 -9.60
N VAL K 533 -44.75 -30.51 -9.14
CA VAL K 533 -44.04 -29.24 -9.32
C VAL K 533 -42.67 -29.29 -8.68
N LEU K 534 -42.56 -29.97 -7.55
CA LEU K 534 -41.25 -30.11 -6.91
C LEU K 534 -40.27 -30.86 -7.78
N VAL K 535 -40.76 -31.75 -8.64
CA VAL K 535 -39.90 -32.47 -9.58
C VAL K 535 -39.39 -31.52 -10.66
N GLU K 536 -40.22 -30.59 -11.11
CA GLU K 536 -39.77 -29.61 -12.12
C GLU K 536 -38.48 -28.93 -11.71
N ARG K 537 -38.44 -28.43 -10.47
CA ARG K 537 -37.43 -27.47 -10.08
C ARG K 537 -36.05 -28.08 -9.87
N HIS K 538 -35.96 -29.38 -9.63
CA HIS K 538 -34.65 -29.92 -9.28
C HIS K 538 -34.22 -31.11 -10.11
N LEU K 539 -35.14 -31.97 -10.52
CA LEU K 539 -34.70 -33.17 -11.22
C LEU K 539 -34.49 -32.88 -12.71
N PRO K 540 -33.56 -33.57 -13.35
CA PRO K 540 -33.35 -33.39 -14.80
C PRO K 540 -34.50 -33.97 -15.61
N LEU K 541 -34.57 -33.61 -16.90
CA LEU K 541 -35.72 -33.96 -17.72
C LEU K 541 -35.88 -35.46 -17.86
N GLU K 542 -34.79 -36.17 -18.18
CA GLU K 542 -34.92 -37.60 -18.42
C GLU K 542 -35.26 -38.36 -17.16
N TYR K 543 -35.12 -37.71 -16.00
CA TYR K 543 -35.51 -38.32 -14.73
C TYR K 543 -36.95 -38.00 -14.35
N ARG K 544 -37.38 -36.77 -14.54
CA ARG K 544 -38.79 -36.46 -14.30
C ARG K 544 -39.70 -37.03 -15.35
N GLN K 545 -39.16 -37.48 -16.49
CA GLN K 545 -39.97 -38.21 -17.46
C GLN K 545 -40.50 -39.51 -16.87
N LEU K 546 -39.78 -40.08 -15.89
CA LEU K 546 -40.22 -41.27 -15.20
C LEU K 546 -41.24 -40.99 -14.12
N LEU K 547 -41.19 -39.82 -13.50
CA LEU K 547 -41.96 -39.53 -12.29
C LEU K 547 -43.29 -38.86 -12.58
N ILE K 548 -43.26 -37.68 -13.18
CA ILE K 548 -44.48 -36.93 -13.47
C ILE K 548 -45.05 -37.40 -14.80
N PRO K 549 -46.34 -37.72 -14.86
CA PRO K 549 -46.91 -38.28 -16.09
C PRO K 549 -46.99 -37.23 -17.19
N CYS K 550 -46.23 -37.45 -18.26
CA CYS K 550 -46.37 -36.66 -19.47
C CYS K 550 -47.62 -37.15 -20.21
N ALA K 551 -47.81 -36.75 -21.46
CA ALA K 551 -48.93 -37.27 -22.21
C ALA K 551 -48.52 -37.57 -23.63
N TYR K 552 -48.82 -38.80 -24.07
CA TYR K 552 -48.70 -39.18 -25.48
C TYR K 552 -49.96 -39.90 -25.91
N SER K 553 -51.08 -39.68 -25.22
CA SER K 553 -52.16 -40.64 -25.05
C SER K 553 -51.65 -41.91 -24.36
N GLY K 554 -50.45 -41.84 -23.80
CA GLY K 554 -49.77 -42.93 -23.15
C GLY K 554 -49.08 -42.49 -21.87
N ASN K 555 -49.73 -41.58 -21.15
CA ASN K 555 -49.16 -40.93 -19.97
C ASN K 555 -48.35 -41.87 -19.09
N SER K 556 -47.13 -41.46 -18.77
CA SER K 556 -46.25 -42.24 -17.91
C SER K 556 -46.63 -42.11 -16.45
N LYS L 14 -23.24 -29.88 -10.69
CA LYS L 14 -23.43 -31.32 -10.84
C LYS L 14 -24.82 -31.63 -11.35
N ARG L 15 -24.88 -32.40 -12.43
CA ARG L 15 -26.12 -32.79 -13.08
C ARG L 15 -26.15 -34.32 -13.22
N LYS L 16 -26.53 -34.98 -12.12
CA LYS L 16 -26.60 -36.43 -12.04
C LYS L 16 -27.56 -36.82 -10.93
N ALA L 17 -27.95 -38.10 -10.94
CA ALA L 17 -28.64 -38.71 -9.82
C ALA L 17 -28.43 -40.22 -9.88
N PRO L 18 -27.69 -40.79 -8.93
CA PRO L 18 -27.26 -42.19 -9.06
C PRO L 18 -28.41 -43.17 -8.86
N ARG L 19 -28.73 -43.91 -9.92
CA ARG L 19 -29.72 -44.99 -9.81
C ARG L 19 -29.24 -46.09 -8.88
N GLY L 20 -27.99 -46.51 -9.02
CA GLY L 20 -27.52 -47.67 -8.28
C GLY L 20 -27.29 -47.38 -6.80
N PHE L 21 -26.75 -46.19 -6.50
CA PHE L 21 -26.32 -45.92 -5.13
C PHE L 21 -27.50 -45.84 -4.18
N LEU L 22 -28.56 -45.12 -4.57
CA LEU L 22 -29.72 -44.99 -3.69
C LEU L 22 -30.40 -46.33 -3.47
N LYS L 23 -30.49 -47.16 -4.51
CA LYS L 23 -31.07 -48.48 -4.34
C LYS L 23 -30.21 -49.34 -3.42
N ARG L 24 -28.88 -49.26 -3.58
CA ARG L 24 -28.00 -50.05 -2.72
C ARG L 24 -28.11 -49.58 -1.26
N VAL L 25 -28.30 -48.28 -1.05
CA VAL L 25 -28.45 -47.77 0.31
C VAL L 25 -29.79 -48.21 0.90
N PHE L 26 -30.87 -48.09 0.11
CA PHE L 26 -32.18 -48.52 0.56
C PHE L 26 -32.25 -50.02 0.85
N LYS L 27 -31.42 -50.82 0.20
CA LYS L 27 -31.36 -52.24 0.52
C LYS L 27 -30.41 -52.56 1.66
N ARG L 28 -29.29 -51.84 1.78
CA ARG L 28 -28.34 -52.08 2.87
C ARG L 28 -28.95 -51.70 4.21
N LYS L 29 -29.51 -50.48 4.30
CA LYS L 29 -30.03 -50.00 5.58
C LYS L 29 -31.23 -50.81 6.04
N LYS L 30 -32.23 -50.98 5.18
CA LYS L 30 -33.44 -51.73 5.51
C LYS L 30 -33.60 -52.86 4.49
N PRO L 31 -33.54 -54.12 4.93
CA PRO L 31 -33.58 -55.23 3.99
C PRO L 31 -34.98 -55.60 3.50
N GLN L 32 -36.04 -55.06 4.09
CA GLN L 32 -37.40 -55.48 3.76
C GLN L 32 -38.22 -54.27 3.32
N LEU L 33 -38.18 -54.00 2.02
CA LEU L 33 -39.06 -53.04 1.36
C LEU L 33 -39.25 -53.48 -0.09
N ARG L 34 -40.15 -52.80 -0.77
CA ARG L 34 -40.43 -53.05 -2.19
C ARG L 34 -40.51 -51.72 -2.94
N LEU L 35 -39.49 -50.88 -2.76
CA LEU L 35 -39.43 -49.58 -3.42
C LEU L 35 -39.70 -49.71 -4.91
N GLU L 36 -40.59 -48.86 -5.42
CA GLU L 36 -41.18 -49.03 -6.74
C GLU L 36 -40.15 -48.74 -7.83
N LYS L 37 -40.57 -48.85 -9.10
CA LYS L 37 -39.67 -48.72 -10.23
C LYS L 37 -38.84 -47.44 -10.17
N SER L 38 -39.50 -46.30 -9.92
CA SER L 38 -38.79 -45.04 -9.79
C SER L 38 -38.93 -44.44 -8.40
N GLY L 39 -39.26 -45.25 -7.39
CA GLY L 39 -39.31 -44.74 -6.03
C GLY L 39 -37.98 -44.25 -5.51
N ASP L 40 -36.89 -44.89 -5.93
CA ASP L 40 -35.56 -44.40 -5.57
C ASP L 40 -35.31 -43.03 -6.15
N LEU L 41 -35.97 -42.71 -7.26
CA LEU L 41 -35.88 -41.36 -7.79
C LEU L 41 -36.55 -40.36 -6.86
N LEU L 42 -37.69 -40.73 -6.27
CA LEU L 42 -38.29 -39.96 -5.19
C LEU L 42 -37.37 -39.84 -3.99
N VAL L 43 -36.65 -40.90 -3.64
CA VAL L 43 -35.70 -40.79 -2.54
C VAL L 43 -34.59 -39.81 -2.89
N HIS L 44 -34.13 -39.81 -4.13
CA HIS L 44 -33.13 -38.84 -4.54
C HIS L 44 -33.68 -37.42 -4.48
N LEU L 45 -34.94 -37.24 -4.87
CA LEU L 45 -35.55 -35.92 -4.75
C LEU L 45 -35.63 -35.48 -3.29
N ASN L 46 -36.00 -36.40 -2.40
CA ASN L 46 -36.02 -36.09 -0.98
C ASN L 46 -34.65 -35.67 -0.48
N CYS L 47 -33.60 -36.40 -0.85
CA CYS L 47 -32.27 -36.03 -0.40
C CYS L 47 -31.80 -34.74 -1.05
N LEU L 48 -32.15 -34.51 -2.31
CA LEU L 48 -31.82 -33.26 -3.00
C LEU L 48 -32.42 -32.08 -2.27
N LEU L 49 -33.69 -32.18 -1.88
CA LEU L 49 -34.32 -31.07 -1.19
C LEU L 49 -33.84 -30.96 0.25
N PHE L 50 -33.52 -32.10 0.89
CA PHE L 50 -32.94 -32.06 2.22
C PHE L 50 -31.60 -31.36 2.21
N VAL L 51 -30.78 -31.62 1.18
CA VAL L 51 -29.48 -30.96 1.10
C VAL L 51 -29.64 -29.53 0.62
N HIS L 52 -30.76 -29.22 -0.05
CA HIS L 52 -31.08 -27.82 -0.33
C HIS L 52 -31.32 -27.06 0.92
N ARG L 53 -32.17 -27.62 1.77
CA ARG L 53 -32.43 -27.02 3.05
C ARG L 53 -31.14 -26.92 3.86
N LEU L 54 -30.31 -27.97 3.83
CA LEU L 54 -29.01 -27.91 4.48
C LEU L 54 -28.17 -26.77 3.98
N ALA L 55 -28.03 -26.61 2.66
CA ALA L 55 -27.18 -25.57 2.10
C ALA L 55 -27.70 -24.19 2.48
N GLU L 56 -29.02 -23.96 2.35
CA GLU L 56 -29.54 -22.63 2.61
C GLU L 56 -29.51 -22.29 4.10
N GLU L 57 -29.87 -23.23 4.98
CA GLU L 57 -29.89 -22.92 6.40
C GLU L 57 -28.46 -22.93 6.96
N SER L 58 -27.54 -23.60 6.28
CA SER L 58 -26.14 -23.49 6.65
C SER L 58 -25.54 -22.16 6.19
N ARG L 59 -26.01 -21.64 5.06
CA ARG L 59 -25.65 -20.27 4.69
C ARG L 59 -26.16 -19.29 5.72
N THR L 60 -27.38 -19.51 6.21
CA THR L 60 -27.91 -18.73 7.32
C THR L 60 -27.06 -18.88 8.57
N ASN L 61 -26.61 -20.10 8.87
CA ASN L 61 -25.74 -20.33 10.02
C ASN L 61 -24.41 -19.61 9.85
N ALA L 62 -23.85 -19.60 8.64
CA ALA L 62 -22.62 -18.88 8.36
C ALA L 62 -22.80 -17.38 8.55
N CYS L 63 -23.93 -16.83 8.10
CA CYS L 63 -24.18 -15.41 8.32
C CYS L 63 -24.48 -15.13 9.79
N ALA L 64 -24.91 -16.14 10.56
CA ALA L 64 -25.17 -15.95 11.98
C ALA L 64 -23.90 -15.61 12.74
N SER L 65 -22.81 -16.33 12.45
CA SER L 65 -21.50 -16.02 13.01
C SER L 65 -20.63 -15.22 12.05
N LYS L 66 -21.17 -14.83 10.90
CA LYS L 66 -20.44 -14.07 9.89
C LYS L 66 -19.15 -14.77 9.47
N CYS L 67 -19.22 -16.09 9.32
CA CYS L 67 -18.08 -16.84 8.81
C CYS L 67 -18.21 -17.00 7.31
N ARG L 68 -17.14 -16.66 6.59
CA ARG L 68 -17.17 -16.67 5.14
C ARG L 68 -16.87 -18.06 4.58
N VAL L 69 -16.66 -19.05 5.44
CA VAL L 69 -16.51 -20.45 5.04
C VAL L 69 -17.35 -21.30 5.98
N ILE L 70 -18.13 -22.22 5.42
CA ILE L 70 -18.88 -23.18 6.23
C ILE L 70 -17.90 -24.08 6.97
N ASN L 71 -18.14 -24.27 8.26
CA ASN L 71 -17.25 -25.08 9.09
C ASN L 71 -18.05 -26.12 9.88
N LYS L 72 -17.36 -26.87 10.73
CA LYS L 72 -18.02 -27.92 11.49
C LYS L 72 -19.08 -27.36 12.43
N GLU L 73 -18.76 -26.26 13.11
CA GLU L 73 -19.65 -25.69 14.12
C GLU L 73 -20.92 -25.11 13.52
N HIS L 74 -20.97 -24.94 12.20
CA HIS L 74 -22.20 -24.48 11.57
C HIS L 74 -23.01 -25.65 11.06
N VAL L 75 -22.34 -26.69 10.54
CA VAL L 75 -23.02 -27.89 10.10
C VAL L 75 -23.67 -28.65 11.25
N LEU L 76 -23.01 -28.73 12.41
CA LEU L 76 -23.64 -29.46 13.51
C LEU L 76 -24.90 -28.74 14.00
N ALA L 77 -24.91 -27.41 13.97
CA ALA L 77 -26.12 -26.67 14.31
C ALA L 77 -27.17 -26.83 13.23
N ALA L 78 -26.75 -26.89 11.96
CA ALA L 78 -27.68 -27.13 10.87
C ALA L 78 -28.36 -28.49 10.98
N ALA L 79 -27.63 -29.51 11.40
CA ALA L 79 -28.18 -30.87 11.45
C ALA L 79 -29.37 -30.95 12.39
N LYS L 80 -29.20 -30.51 13.64
CA LYS L 80 -30.25 -30.67 14.63
C LYS L 80 -31.51 -29.89 14.29
N VAL L 81 -31.43 -28.93 13.37
CA VAL L 81 -32.64 -28.27 12.90
C VAL L 81 -33.24 -29.02 11.71
N ILE L 82 -32.47 -29.16 10.65
CA ILE L 82 -33.04 -29.64 9.39
C ILE L 82 -33.27 -31.13 9.41
N LEU L 83 -32.28 -31.91 9.87
CA LEU L 83 -32.45 -33.36 9.90
C LEU L 83 -33.65 -33.74 10.76
N LYS L 84 -33.84 -33.07 11.90
CA LYS L 84 -35.04 -33.28 12.69
C LYS L 84 -36.28 -32.81 11.95
N LYS L 85 -36.18 -31.68 11.23
CA LYS L 85 -37.31 -31.18 10.46
C LYS L 85 -37.69 -32.13 9.33
N SER L 86 -36.69 -32.70 8.65
CA SER L 86 -36.93 -33.60 7.54
C SER L 86 -37.42 -34.98 7.99
N ARG L 87 -37.47 -35.24 9.28
CA ARG L 87 -38.07 -36.47 9.76
C ARG L 87 -39.58 -36.45 9.49
N GLY L 88 -40.09 -37.58 9.02
CA GLY L 88 -41.51 -37.71 8.74
C GLY L 88 -42.33 -37.91 10.01
N SER M 8 -58.57 -30.02 34.14
CA SER M 8 -59.03 -31.39 33.89
C SER M 8 -58.57 -31.90 32.53
N GLY M 9 -59.26 -31.44 31.49
CA GLY M 9 -58.95 -31.88 30.15
C GLY M 9 -59.71 -31.05 29.16
N PHE M 10 -59.57 -31.42 27.89
CA PHE M 10 -60.21 -30.68 26.81
C PHE M 10 -61.36 -31.53 26.30
N ARG M 11 -62.59 -31.16 26.70
CA ARG M 11 -63.73 -32.05 26.73
C ARG M 11 -64.22 -32.45 25.33
N LYS M 12 -65.23 -33.33 25.32
CA LYS M 12 -65.69 -33.97 24.09
C LYS M 12 -66.41 -33.01 23.14
N GLU M 13 -67.40 -32.25 23.61
CA GLU M 13 -68.10 -31.37 22.69
C GLU M 13 -67.22 -30.23 22.22
N LEU M 14 -66.09 -30.01 22.90
CA LEU M 14 -65.15 -29.00 22.46
C LEU M 14 -64.11 -29.58 21.51
N VAL M 15 -63.69 -30.83 21.74
CA VAL M 15 -62.77 -31.46 20.81
C VAL M 15 -63.43 -31.81 19.49
N SER M 16 -64.72 -32.10 19.51
CA SER M 16 -65.46 -32.24 18.26
C SER M 16 -65.45 -30.92 17.49
N ARG M 17 -65.67 -29.81 18.19
CA ARG M 17 -65.92 -28.54 17.52
C ARG M 17 -64.61 -27.93 17.01
N LEU M 18 -63.56 -27.95 17.84
CA LEU M 18 -62.29 -27.34 17.47
C LEU M 18 -61.66 -28.04 16.28
N LEU M 19 -61.55 -29.37 16.33
CA LEU M 19 -60.97 -30.10 15.21
C LEU M 19 -61.82 -29.95 13.95
N HIS M 20 -63.15 -30.01 14.09
CA HIS M 20 -64.01 -29.89 12.93
C HIS M 20 -64.00 -28.51 12.32
N LEU M 21 -63.57 -27.48 13.05
CA LEU M 21 -63.40 -26.18 12.39
C LEU M 21 -62.33 -26.19 11.31
N HIS M 22 -61.17 -26.79 11.57
CA HIS M 22 -60.10 -26.84 10.58
C HIS M 22 -60.33 -27.92 9.53
N PHE M 23 -61.38 -28.72 9.68
CA PHE M 23 -61.68 -29.72 8.67
C PHE M 23 -62.18 -29.06 7.40
N LYS M 24 -61.48 -29.34 6.30
CA LYS M 24 -61.77 -28.71 5.02
C LYS M 24 -62.93 -29.37 4.29
N ASP M 25 -63.52 -30.41 4.86
CA ASP M 25 -64.72 -31.05 4.32
C ASP M 25 -65.65 -31.41 5.47
N ASP M 26 -66.92 -31.63 5.13
CA ASP M 26 -67.93 -31.82 6.17
C ASP M 26 -68.09 -33.29 6.57
N LYS M 27 -67.61 -34.22 5.74
CA LYS M 27 -67.94 -35.63 5.89
C LYS M 27 -66.87 -36.43 6.65
N THR M 28 -65.84 -35.77 7.17
CA THR M 28 -64.81 -36.46 7.95
C THR M 28 -65.10 -36.25 9.44
N LYS M 29 -65.31 -37.35 10.15
CA LYS M 29 -65.48 -37.34 11.60
C LYS M 29 -64.30 -38.04 12.26
N VAL M 30 -64.04 -37.64 13.50
CA VAL M 30 -63.04 -38.29 14.35
C VAL M 30 -63.77 -38.90 15.55
N SER M 31 -63.56 -40.20 15.75
CA SER M 31 -64.30 -40.97 16.74
C SER M 31 -63.83 -40.64 18.15
N GLY M 32 -64.72 -40.90 19.12
CA GLY M 32 -64.41 -40.66 20.51
C GLY M 32 -63.20 -41.40 20.99
N ASP M 33 -62.99 -42.62 20.50
CA ASP M 33 -61.76 -43.35 20.78
C ASP M 33 -60.54 -42.56 20.32
N ALA M 34 -60.59 -41.98 19.13
CA ALA M 34 -59.51 -41.11 18.68
C ALA M 34 -59.66 -39.70 19.23
N LEU M 35 -60.88 -39.30 19.59
CA LEU M 35 -61.08 -37.94 20.10
C LEU M 35 -60.39 -37.75 21.44
N GLN M 36 -60.54 -38.71 22.36
CA GLN M 36 -59.91 -38.55 23.67
C GLN M 36 -58.39 -38.66 23.57
N LEU M 37 -57.89 -39.41 22.58
CA LEU M 37 -56.45 -39.41 22.33
C LEU M 37 -56.00 -38.09 21.71
N MET M 38 -56.85 -37.44 20.92
CA MET M 38 -56.52 -36.10 20.45
C MET M 38 -56.48 -35.11 21.60
N VAL M 39 -57.42 -35.25 22.54
CA VAL M 39 -57.34 -34.52 23.79
C VAL M 39 -55.99 -34.73 24.43
N GLU M 40 -55.53 -35.98 24.48
CA GLU M 40 -54.23 -36.27 25.09
C GLU M 40 -53.09 -35.63 24.32
N LEU M 41 -53.12 -35.68 22.99
CA LEU M 41 -51.98 -35.19 22.23
C LEU M 41 -51.87 -33.68 22.30
N LEU M 42 -52.99 -32.94 22.31
CA LEU M 42 -52.84 -31.51 22.50
C LEU M 42 -52.71 -31.12 23.97
N LYS M 43 -53.16 -31.95 24.90
CA LYS M 43 -52.87 -31.72 26.31
C LYS M 43 -51.37 -31.83 26.54
N VAL M 44 -50.74 -32.82 25.92
CA VAL M 44 -49.29 -32.89 25.99
C VAL M 44 -48.65 -31.90 25.02
N PHE M 45 -49.41 -31.31 24.09
CA PHE M 45 -48.89 -30.11 23.45
C PHE M 45 -48.67 -28.99 24.46
N VAL M 46 -49.67 -28.72 25.31
CA VAL M 46 -49.47 -27.75 26.38
C VAL M 46 -48.36 -28.21 27.31
N VAL M 47 -48.38 -29.49 27.71
CA VAL M 47 -47.40 -29.99 28.66
C VAL M 47 -45.99 -29.90 28.10
N GLU M 48 -45.82 -30.27 26.83
CA GLU M 48 -44.51 -30.30 26.20
C GLU M 48 -44.04 -28.87 25.93
N ALA M 49 -44.88 -28.02 25.36
CA ALA M 49 -44.46 -26.63 25.15
C ALA M 49 -44.10 -25.97 26.47
N ALA M 50 -44.91 -26.20 27.51
CA ALA M 50 -44.63 -25.64 28.83
C ALA M 50 -43.36 -26.21 29.45
N VAL M 51 -43.11 -27.51 29.32
CA VAL M 51 -41.91 -28.09 29.91
C VAL M 51 -40.67 -27.65 29.15
N ARG M 52 -40.77 -27.52 27.84
CA ARG M 52 -39.64 -27.01 27.05
C ARG M 52 -39.35 -25.56 27.40
N GLY M 53 -40.41 -24.75 27.56
CA GLY M 53 -40.23 -23.37 27.97
C GLY M 53 -39.63 -23.22 29.35
N VAL M 54 -40.14 -23.97 30.32
CA VAL M 54 -39.57 -23.88 31.67
C VAL M 54 -38.20 -24.53 31.72
N ARG M 55 -37.91 -25.46 30.81
CA ARG M 55 -36.58 -26.07 30.78
C ARG M 55 -35.55 -25.07 30.26
N GLN M 56 -35.87 -24.37 29.18
CA GLN M 56 -35.00 -23.29 28.76
C GLN M 56 -35.07 -22.12 29.72
N ALA M 57 -36.07 -22.11 30.62
CA ALA M 57 -36.12 -21.10 31.68
C ALA M 57 -35.13 -21.40 32.80
N GLN M 58 -35.10 -22.64 33.32
CA GLN M 58 -33.99 -22.97 34.23
C GLN M 58 -32.66 -22.85 33.52
N ALA M 59 -32.60 -23.16 32.23
CA ALA M 59 -31.39 -22.91 31.46
C ALA M 59 -30.99 -21.43 31.50
N GLU M 60 -31.96 -20.53 31.66
CA GLU M 60 -31.68 -19.13 31.92
C GLU M 60 -31.96 -18.77 33.39
N ASP M 61 -32.49 -19.72 34.16
CA ASP M 61 -32.74 -19.57 35.59
C ASP M 61 -33.75 -18.45 35.89
N ALA M 62 -35.00 -18.66 35.45
CA ALA M 62 -36.07 -17.69 35.66
C ALA M 62 -37.18 -18.29 36.54
N LEU M 63 -37.88 -17.38 37.23
CA LEU M 63 -39.12 -17.73 37.91
C LEU M 63 -40.36 -17.31 37.12
N ARG M 64 -40.19 -16.84 35.88
CA ARG M 64 -41.29 -16.43 35.03
C ARG M 64 -41.04 -16.92 33.60
N VAL M 65 -42.11 -17.35 32.94
CA VAL M 65 -42.07 -17.66 31.52
C VAL M 65 -42.49 -16.40 30.77
N ASP M 66 -41.53 -15.76 30.10
CA ASP M 66 -41.77 -14.48 29.45
C ASP M 66 -42.20 -14.69 27.99
N VAL M 67 -42.37 -13.56 27.30
CA VAL M 67 -42.76 -13.59 25.89
C VAL M 67 -41.70 -14.22 25.02
N ASP M 68 -40.43 -13.87 25.24
CA ASP M 68 -39.38 -14.25 24.32
C ASP M 68 -39.01 -15.72 24.45
N GLN M 69 -39.19 -16.32 25.64
CA GLN M 69 -38.89 -17.74 25.81
C GLN M 69 -39.74 -18.59 24.89
N LEU M 70 -41.03 -18.31 24.81
CA LEU M 70 -41.90 -19.04 23.91
C LEU M 70 -41.50 -18.81 22.45
N GLU M 71 -41.10 -17.60 22.10
CA GLU M 71 -40.68 -17.36 20.73
C GLU M 71 -39.40 -18.10 20.38
N LYS M 72 -38.49 -18.30 21.34
CA LYS M 72 -37.31 -19.10 21.04
C LYS M 72 -37.60 -20.59 21.11
N VAL M 73 -38.71 -20.99 21.75
CA VAL M 73 -39.04 -22.42 21.75
C VAL M 73 -39.85 -22.87 20.53
N LEU M 74 -40.59 -21.95 19.88
CA LEU M 74 -41.24 -22.39 18.63
C LEU M 74 -40.33 -23.00 17.56
N PRO M 75 -39.14 -22.47 17.27
CA PRO M 75 -38.30 -23.08 16.21
C PRO M 75 -38.01 -24.55 16.43
N GLN M 76 -38.06 -25.04 17.67
CA GLN M 76 -37.99 -26.46 17.95
C GLN M 76 -39.31 -27.06 18.41
N LEU M 77 -40.27 -26.24 18.85
CA LEU M 77 -41.59 -26.77 19.20
C LEU M 77 -42.35 -27.20 17.96
N LEU M 78 -42.57 -26.28 17.01
CA LEU M 78 -43.25 -26.63 15.78
C LEU M 78 -42.46 -27.64 14.97
N LEU M 79 -41.13 -27.58 15.01
CA LEU M 79 -40.30 -28.59 14.36
C LEU M 79 -40.52 -29.96 14.99
N ASP M 80 -40.58 -30.01 16.32
CA ASP M 80 -40.70 -31.27 17.04
C ASP M 80 -42.16 -31.70 17.16
N PHE M 81 -43.00 -30.81 17.69
CA PHE M 81 -44.41 -31.10 17.89
C PHE M 81 -45.27 -30.44 16.83
N GLU P 302 18.83 31.88 19.48
CA GLU P 302 17.43 32.22 19.24
C GLU P 302 16.65 31.01 18.75
N PHE P 303 15.38 31.21 18.43
CA PHE P 303 14.54 30.13 17.94
C PHE P 303 14.69 30.04 16.43
N ILE P 304 15.95 30.00 15.98
CA ILE P 304 16.44 30.04 14.61
C ILE P 304 15.35 30.10 13.54
N ILE P 305 14.52 31.15 13.59
CA ILE P 305 13.69 31.50 12.45
C ILE P 305 14.47 32.54 11.66
N ASP P 306 15.19 32.08 10.64
CA ASP P 306 16.12 32.94 9.92
C ASP P 306 15.45 33.63 8.74
N LYS Q 260 56.85 21.87 -28.91
CA LYS Q 260 55.59 22.53 -29.22
C LYS Q 260 54.40 21.65 -28.85
N SER Q 261 53.22 22.27 -28.70
CA SER Q 261 51.98 21.53 -28.49
C SER Q 261 52.05 20.64 -27.25
N PHE Q 262 52.05 21.26 -26.06
CA PHE Q 262 52.02 20.54 -24.78
C PHE Q 262 51.16 19.29 -24.88
N SER Q 263 49.92 19.47 -25.33
CA SER Q 263 49.10 18.45 -25.98
C SER Q 263 49.39 17.01 -25.56
N THR Q 264 49.66 16.16 -26.56
CA THR Q 264 50.10 14.80 -26.29
C THR Q 264 51.51 14.55 -26.78
N LEU Q 265 51.93 15.24 -27.84
CA LEU Q 265 53.28 15.09 -28.39
C LEU Q 265 54.34 15.40 -27.33
N PHE Q 266 53.99 16.24 -26.35
CA PHE Q 266 54.74 16.33 -25.11
C PHE Q 266 54.24 15.32 -24.10
N LEU Q 267 52.95 15.35 -23.73
CA LEU Q 267 52.46 14.59 -22.60
C LEU Q 267 52.63 13.09 -22.79
N GLU Q 268 52.36 12.58 -23.98
CA GLU Q 268 52.57 11.15 -24.25
C GLU Q 268 54.05 10.79 -24.18
N THR Q 269 54.90 11.65 -24.74
CA THR Q 269 56.34 11.41 -24.75
C THR Q 269 56.95 11.57 -23.37
N VAL Q 270 56.35 12.42 -22.53
CA VAL Q 270 56.83 12.66 -21.17
C VAL Q 270 55.91 11.90 -20.21
N LYS Q 271 55.37 10.78 -20.70
CA LYS Q 271 54.20 10.09 -20.16
C LYS Q 271 54.07 10.16 -18.64
N ARG Q 272 55.11 9.79 -17.92
CA ARG Q 272 55.14 9.91 -16.46
C ARG Q 272 53.96 9.21 -15.79
N SER R 77 -47.18 3.88 14.71
CA SER R 77 -47.41 3.03 15.88
C SER R 77 -48.51 2.02 15.65
N LYS R 78 -48.77 1.69 14.39
CA LYS R 78 -49.86 0.77 14.06
C LYS R 78 -49.62 -0.61 14.65
N SER R 79 -48.43 -1.18 14.43
CA SER R 79 -48.16 -2.51 14.97
C SER R 79 -48.11 -2.52 16.49
N THR R 80 -47.70 -1.42 17.11
CA THR R 80 -47.70 -1.35 18.56
C THR R 80 -49.12 -1.45 19.12
N ARG R 81 -50.06 -0.70 18.55
CA ARG R 81 -51.43 -0.83 19.02
C ARG R 81 -52.11 -2.10 18.53
N ASP R 82 -51.61 -2.74 17.47
CA ASP R 82 -52.04 -4.12 17.24
C ASP R 82 -51.58 -5.05 18.35
N HIS R 83 -50.38 -4.85 18.87
CA HIS R 83 -50.11 -5.65 20.06
C HIS R 83 -50.96 -5.27 21.24
N LEU R 84 -51.30 -3.99 21.37
CA LEU R 84 -52.29 -3.58 22.36
C LEU R 84 -53.59 -4.36 22.20
N GLN R 85 -54.10 -4.49 20.98
CA GLN R 85 -55.40 -5.13 20.88
C GLN R 85 -55.27 -6.65 20.90
N THR R 86 -54.06 -7.18 20.74
CA THR R 86 -53.89 -8.61 21.00
C THR R 86 -53.84 -8.89 22.49
N MET R 87 -53.31 -7.95 23.29
CA MET R 87 -53.54 -8.04 24.73
C MET R 87 -55.03 -7.88 25.06
N MET R 88 -55.71 -6.98 24.36
CA MET R 88 -57.16 -6.90 24.42
C MET R 88 -57.82 -8.23 24.10
N GLU R 89 -57.35 -8.92 23.07
CA GLU R 89 -57.90 -10.19 22.63
C GLU R 89 -57.53 -11.33 23.57
N SER R 90 -56.41 -11.22 24.28
CA SER R 90 -56.10 -12.16 25.36
C SER R 90 -57.06 -11.95 26.53
N VAL R 91 -57.35 -10.70 26.88
CA VAL R 91 -58.37 -10.44 27.88
C VAL R 91 -59.74 -10.90 27.40
N ILE R 92 -60.01 -10.76 26.10
CA ILE R 92 -61.20 -11.31 25.48
C ILE R 92 -61.25 -12.82 25.62
N MET R 93 -60.12 -13.49 25.36
CA MET R 93 -59.97 -14.92 25.63
C MET R 93 -60.37 -15.23 27.06
N THR R 94 -59.87 -14.43 28.01
CA THR R 94 -60.16 -14.67 29.41
C THR R 94 -61.65 -14.53 29.72
N ILE R 95 -62.28 -13.44 29.26
CA ILE R 95 -63.68 -13.22 29.60
C ILE R 95 -64.55 -14.28 28.96
N LEU R 96 -64.30 -14.58 27.68
CA LEU R 96 -64.99 -15.66 27.01
C LEU R 96 -64.77 -17.01 27.68
N SER R 97 -63.61 -17.23 28.30
CA SER R 97 -63.43 -18.41 29.14
C SER R 97 -64.34 -18.36 30.35
N ASN R 98 -64.41 -17.21 31.01
CA ASN R 98 -65.29 -17.02 32.15
C ASN R 98 -66.75 -16.87 31.77
N SER R 99 -67.05 -16.17 30.68
CA SER R 99 -68.43 -15.93 30.27
C SER R 99 -69.01 -17.11 29.50
N ILE R 100 -68.44 -17.39 28.32
CA ILE R 100 -68.86 -18.37 27.32
C ILE R 100 -70.37 -18.48 27.16
N LYS R 101 -71.16 -17.81 27.99
CA LYS R 101 -72.61 -17.85 27.85
C LYS R 101 -73.17 -16.60 27.16
N GLU R 102 -72.29 -15.71 26.70
CA GLU R 102 -72.72 -14.59 25.86
C GLU R 102 -72.03 -14.78 24.51
N LYS R 103 -72.62 -15.57 23.63
CA LYS R 103 -72.03 -15.78 22.32
C LYS R 103 -72.41 -14.70 21.31
N GLU R 104 -73.70 -14.42 21.14
CA GLU R 104 -74.11 -13.24 20.39
C GLU R 104 -73.79 -11.94 21.11
N GLU R 105 -73.83 -11.94 22.42
CA GLU R 105 -73.56 -10.68 23.12
C GLU R 105 -72.08 -10.31 23.07
N ILE R 106 -71.18 -11.28 23.27
CA ILE R 106 -69.77 -10.95 23.02
C ILE R 106 -69.44 -10.94 21.53
N GLN R 107 -70.33 -11.45 20.66
CA GLN R 107 -70.21 -11.04 19.26
C GLN R 107 -70.39 -9.52 19.16
N TYR R 108 -71.38 -8.98 19.86
CA TYR R 108 -71.57 -7.53 19.89
C TYR R 108 -70.38 -6.81 20.51
N HIS R 109 -69.85 -7.32 21.63
CA HIS R 109 -68.73 -6.61 22.25
C HIS R 109 -67.43 -6.75 21.46
N LEU R 110 -67.22 -7.88 20.78
CA LEU R 110 -66.11 -7.90 19.83
C LEU R 110 -66.36 -6.94 18.68
N ASN R 111 -67.63 -6.70 18.33
CA ASN R 111 -67.93 -5.67 17.34
C ASN R 111 -67.53 -4.29 17.84
N PHE R 112 -67.93 -3.93 19.07
CA PHE R 112 -67.55 -2.61 19.57
C PHE R 112 -66.06 -2.51 19.79
N LEU R 113 -65.39 -3.62 20.08
CA LEU R 113 -63.93 -3.58 20.21
C LEU R 113 -63.25 -3.44 18.84
N LYS R 114 -63.84 -4.01 17.79
CA LYS R 114 -63.28 -3.82 16.46
C LYS R 114 -63.49 -2.39 15.98
N LYS R 115 -64.63 -1.77 16.29
CA LYS R 115 -64.76 -0.36 15.95
C LYS R 115 -63.99 0.52 16.94
N ARG R 116 -63.63 -0.03 18.10
CA ARG R 116 -62.65 0.66 18.96
C ARG R 116 -61.29 0.69 18.29
N LEU R 117 -60.91 -0.41 17.66
CA LEU R 117 -59.76 -0.40 16.75
C LEU R 117 -59.93 0.67 15.68
N LEU R 118 -61.07 0.66 14.99
CA LEU R 118 -61.32 1.61 13.92
C LEU R 118 -61.42 3.05 14.41
N GLN R 119 -61.55 3.27 15.72
CA GLN R 119 -61.65 4.60 16.31
C GLN R 119 -60.30 5.09 16.83
N GLN R 120 -59.44 4.17 17.27
CA GLN R 120 -58.16 4.58 17.81
C GLN R 120 -57.03 4.43 16.79
N CYS R 121 -56.85 3.23 16.23
CA CYS R 121 -55.76 3.00 15.29
C CYS R 121 -55.94 3.84 14.03
N GLU R 122 -57.19 3.94 13.53
CA GLU R 122 -57.42 4.79 12.36
C GLU R 122 -57.12 6.25 12.67
N THR R 123 -57.50 6.73 13.84
CA THR R 123 -57.20 8.10 14.21
C THR R 123 -55.75 8.25 14.61
N LEU R 124 -55.34 7.57 15.68
CA LEU R 124 -53.97 7.63 16.21
C LEU R 124 -53.36 9.03 16.23
N LYS R 130 -41.96 0.84 20.94
CA LYS R 130 -42.13 -0.59 21.17
C LYS R 130 -42.75 -0.83 22.54
N MET R 131 -43.23 -2.05 22.80
CA MET R 131 -43.84 -2.35 24.10
C MET R 131 -43.19 -3.52 24.84
N GLU R 132 -42.96 -4.66 24.18
CA GLU R 132 -42.14 -5.68 24.82
C GLU R 132 -40.73 -5.17 25.02
N ASP R 133 -40.19 -4.50 23.99
CA ASP R 133 -38.95 -3.77 24.19
C ASP R 133 -39.13 -2.70 25.25
N LEU R 134 -40.28 -2.01 25.25
CA LEU R 134 -40.53 -1.02 26.29
C LEU R 134 -40.37 -1.62 27.68
N THR R 135 -41.17 -2.63 28.00
CA THR R 135 -41.15 -3.18 29.36
C THR R 135 -39.78 -3.77 29.69
N ASN R 136 -39.26 -4.63 28.81
CA ASN R 136 -38.02 -5.33 29.12
C ASN R 136 -36.83 -4.38 29.19
N VAL R 137 -36.67 -3.54 28.17
CA VAL R 137 -35.58 -2.57 28.12
C VAL R 137 -35.74 -1.53 29.23
N SER R 138 -36.97 -1.23 29.64
CA SER R 138 -37.18 -0.27 30.71
C SER R 138 -36.78 -0.87 32.05
N SER R 139 -37.08 -2.15 32.27
CA SER R 139 -36.56 -2.82 33.46
C SER R 139 -35.05 -2.92 33.44
N LEU R 140 -34.48 -3.25 32.27
CA LEU R 140 -33.03 -3.30 32.13
C LEU R 140 -32.41 -1.94 32.40
N LEU R 141 -32.99 -0.89 31.86
CA LEU R 141 -32.47 0.46 32.07
C LEU R 141 -32.74 0.94 33.50
N ASN R 142 -33.77 0.41 34.16
CA ASN R 142 -33.97 0.74 35.57
C ASN R 142 -32.89 0.10 36.43
N MET R 143 -32.53 -1.14 36.11
CA MET R 143 -31.35 -1.72 36.75
C MET R 143 -30.10 -0.93 36.39
N GLU R 144 -30.04 -0.40 35.17
CA GLU R 144 -28.94 0.45 34.77
C GLU R 144 -28.88 1.74 35.58
N ARG R 145 -30.04 2.32 35.90
CA ARG R 145 -30.05 3.53 36.72
C ARG R 145 -29.78 3.22 38.18
N ALA R 146 -30.14 2.02 38.64
CA ALA R 146 -29.67 1.58 39.94
C ALA R 146 -28.15 1.46 39.95
N ARG R 147 -27.58 0.90 38.87
CA ARG R 147 -26.13 0.79 38.77
C ARG R 147 -25.50 2.17 38.67
N ASP R 148 -26.20 3.11 38.02
CA ASP R 148 -25.73 4.49 37.90
C ASP R 148 -25.80 5.23 39.23
N LYS R 149 -26.83 4.95 40.02
CA LYS R 149 -26.88 5.52 41.35
C LYS R 149 -25.76 4.94 42.22
N ALA R 150 -25.49 3.66 42.06
CA ALA R 150 -24.31 3.10 42.71
C ALA R 150 -23.03 3.76 42.22
N ASN R 151 -22.94 4.07 40.92
CA ASN R 151 -21.78 4.75 40.37
C ASN R 151 -21.62 6.13 40.97
N GLU R 152 -22.71 6.87 41.08
CA GLU R 152 -22.63 8.19 41.68
C GLU R 152 -22.33 8.10 43.17
N GLU R 153 -22.91 7.12 43.87
CA GLU R 153 -22.58 6.90 45.26
C GLU R 153 -21.07 6.67 45.42
N GLY R 154 -20.50 5.77 44.61
CA GLY R 154 -19.09 5.49 44.69
C GLY R 154 -18.20 6.64 44.24
N LEU R 155 -18.44 7.16 43.03
CA LEU R 155 -17.59 8.20 42.47
C LEU R 155 -17.71 9.49 43.27
N ALA R 156 -18.94 9.92 43.57
CA ALA R 156 -19.14 11.16 44.32
C ALA R 156 -18.58 11.04 45.72
N LEU R 157 -18.79 9.90 46.39
CA LEU R 157 -18.24 9.75 47.73
C LEU R 157 -16.71 9.68 47.70
N LEU R 158 -16.14 8.99 46.73
CA LEU R 158 -14.69 8.94 46.63
C LEU R 158 -14.14 10.30 46.21
N GLN R 159 -14.95 11.11 45.52
CA GLN R 159 -14.59 12.50 45.28
C GLN R 159 -14.66 13.32 46.56
N GLU R 160 -15.65 13.04 47.41
CA GLU R 160 -15.70 13.70 48.70
C GLU R 160 -14.51 13.33 49.56
N GLU R 161 -14.06 12.08 49.49
CA GLU R 161 -12.85 11.69 50.20
C GLU R 161 -11.60 12.26 49.56
N ILE R 162 -11.54 12.34 48.23
CA ILE R 162 -10.37 12.88 47.55
C ILE R 162 -10.26 14.38 47.81
N ASP R 163 -11.35 15.11 47.68
CA ASP R 163 -11.29 16.54 48.00
C ASP R 163 -11.36 16.78 49.50
N LYS R 164 -11.70 15.78 50.31
CA LYS R 164 -11.47 15.89 51.74
C LYS R 164 -9.98 15.83 52.03
N MET R 165 -9.27 14.94 51.34
CA MET R 165 -7.82 14.98 51.37
C MET R 165 -7.32 16.31 50.82
N VAL R 166 -8.02 16.88 49.84
CA VAL R 166 -7.60 18.15 49.27
C VAL R 166 -7.81 19.28 50.28
N GLU R 167 -8.92 19.27 51.02
CA GLU R 167 -9.12 20.28 52.06
C GLU R 167 -8.22 20.07 53.25
N THR R 168 -7.90 18.82 53.60
CA THR R 168 -6.95 18.59 54.68
C THR R 168 -5.54 19.01 54.29
N THR R 169 -5.09 18.62 53.10
CA THR R 169 -3.84 19.13 52.55
C THR R 169 -3.92 20.61 52.21
N GLU R 170 -5.12 21.19 52.17
CA GLU R 170 -5.27 22.62 52.00
C GLU R 170 -5.13 23.36 53.32
N LEU R 171 -5.74 22.84 54.39
CA LEU R 171 -5.38 23.28 55.73
C LEU R 171 -3.88 23.16 55.93
N MET R 172 -3.29 22.09 55.41
CA MET R 172 -1.84 21.93 55.43
C MET R 172 -1.12 22.98 54.60
N THR R 173 -1.49 23.18 53.34
CA THR R 173 -0.79 24.16 52.52
C THR R 173 -0.88 25.54 53.13
N GLY R 174 -2.08 25.95 53.54
CA GLY R 174 -2.23 27.23 54.23
C GLY R 174 -1.53 27.32 55.57
N ASN R 175 -1.64 26.30 56.41
CA ASN R 175 -1.10 26.36 57.75
C ASN R 175 0.42 26.28 57.73
N ILE R 176 0.98 25.27 57.07
CA ILE R 176 2.42 25.24 56.86
C ILE R 176 2.92 26.39 56.00
N GLN R 177 2.09 26.96 55.13
CA GLN R 177 2.53 28.06 54.28
C GLN R 177 2.73 29.30 55.13
N SER R 178 1.67 29.74 55.82
CA SER R 178 1.79 30.86 56.74
C SER R 178 2.73 30.56 57.90
N LEU R 179 2.82 29.30 58.32
CA LEU R 179 3.68 28.93 59.42
C LEU R 179 5.14 29.05 59.02
N LYS R 180 5.47 28.66 57.79
CA LYS R 180 6.81 28.86 57.28
C LYS R 180 7.03 30.27 56.75
N ASN R 181 5.98 31.07 56.61
CA ASN R 181 6.20 32.49 56.45
C ASN R 181 6.64 33.12 57.77
N LYS R 182 5.91 32.90 58.85
CA LYS R 182 6.46 33.42 60.11
C LYS R 182 7.73 32.67 60.50
N ILE R 183 7.96 31.47 59.97
CA ILE R 183 9.18 30.74 60.24
C ILE R 183 10.33 31.16 59.33
N GLN R 184 10.07 31.78 58.18
CA GLN R 184 11.18 32.39 57.47
C GLN R 184 11.45 33.79 58.02
N ILE R 185 10.45 34.41 58.65
CA ILE R 185 10.75 35.52 59.56
C ILE R 185 11.63 35.04 60.71
N LEU R 186 11.29 33.90 61.30
CA LEU R 186 12.13 33.30 62.33
C LEU R 186 13.49 32.92 61.78
N ALA R 187 13.56 32.54 60.50
CA ALA R 187 14.83 32.14 59.89
C ALA R 187 15.70 33.36 59.62
N SER R 188 15.10 34.47 59.21
CA SER R 188 15.84 35.72 59.14
C SER R 188 16.31 36.16 60.51
N GLU R 189 15.49 35.98 61.54
CA GLU R 189 15.90 36.25 62.92
C GLU R 189 17.06 35.34 63.32
N VAL R 190 17.03 34.08 62.88
CA VAL R 190 18.11 33.15 63.13
C VAL R 190 19.39 33.50 62.39
N GLU R 191 19.30 33.99 61.14
CA GLU R 191 20.50 34.49 60.48
C GLU R 191 21.04 35.73 61.18
N GLU R 192 20.16 36.61 61.65
CA GLU R 192 20.60 37.74 62.46
C GLU R 192 21.27 37.30 63.74
N GLU R 193 20.85 36.18 64.32
CA GLU R 193 21.61 35.55 65.40
C GLU R 193 22.94 35.02 64.88
N GLU R 194 22.94 34.42 63.69
CA GLU R 194 24.17 33.98 63.04
C GLU R 194 25.05 35.18 62.69
N GLU R 195 24.43 36.27 62.25
CA GLU R 195 25.12 37.55 62.22
C GLU R 195 25.63 37.84 63.63
N ARG R 196 26.93 38.12 63.74
CA ARG R 196 27.61 38.08 65.04
C ARG R 196 27.35 36.72 65.69
N LYS R 217 25.80 15.28 53.05
CA LYS R 217 26.07 14.33 54.12
C LYS R 217 27.37 14.71 54.85
N THR R 218 27.63 16.01 54.95
CA THR R 218 28.82 16.46 55.68
C THR R 218 28.74 16.11 57.15
N LEU R 219 27.56 16.21 57.76
CA LEU R 219 27.35 15.83 59.15
C LEU R 219 26.37 14.67 59.31
N LYS R 220 25.52 14.40 58.33
CA LYS R 220 24.61 13.26 58.42
C LYS R 220 25.36 11.94 58.44
N ALA R 221 26.38 11.79 57.60
CA ALA R 221 27.18 10.56 57.61
C ALA R 221 27.93 10.40 58.92
N PRO R 222 28.49 11.50 59.45
CA PRO R 222 29.23 11.48 60.70
C PRO R 222 28.36 11.81 61.91
N THR R 223 27.05 11.57 61.82
CA THR R 223 26.16 11.89 62.92
C THR R 223 26.35 10.98 64.13
N LEU R 224 27.04 9.86 63.96
CA LEU R 224 27.27 8.91 65.04
C LEU R 224 28.71 8.84 65.50
N GLN R 225 29.59 9.72 65.00
CA GLN R 225 30.99 9.69 65.37
C GLN R 225 31.29 10.44 66.66
N LYS R 226 30.28 11.07 67.27
CA LYS R 226 30.51 11.82 68.51
C LYS R 226 30.67 10.90 69.71
N GLU R 227 30.22 9.65 69.63
CA GLU R 227 30.36 8.73 70.74
C GLU R 227 31.82 8.38 71.00
N ILE R 228 32.67 8.43 69.97
CA ILE R 228 34.07 8.11 70.15
C ILE R 228 34.79 9.17 70.99
N LEU R 229 34.29 10.41 70.98
CA LEU R 229 34.91 11.45 71.77
C LEU R 229 34.80 11.16 73.27
N ALA R 230 33.65 10.65 73.72
CA ALA R 230 33.47 10.32 75.11
C ALA R 230 34.40 9.18 75.55
N LEU R 231 34.56 8.17 74.71
CA LEU R 231 35.43 7.04 75.03
C LEU R 231 36.89 7.44 74.91
N GLN R 235 40.73 10.18 86.00
CA GLN R 235 41.03 8.76 86.22
C GLN R 235 42.53 8.55 86.37
N ASN R 236 42.91 7.34 86.81
CA ASN R 236 44.31 6.99 86.96
C ASN R 236 45.05 7.04 85.63
N ALA R 237 44.42 6.51 84.58
CA ALA R 237 45.01 6.54 83.25
C ALA R 237 45.11 7.97 82.72
N LEU R 238 44.06 8.77 82.93
CA LEU R 238 44.06 10.14 82.44
C LEU R 238 45.14 10.98 83.09
N LEU R 239 45.26 10.89 84.42
CA LEU R 239 46.27 11.65 85.14
C LEU R 239 47.69 11.20 84.81
N LYS R 240 47.93 9.89 84.72
CA LYS R 240 49.25 9.39 84.38
C LYS R 240 49.65 9.81 82.97
N ASP R 241 48.72 9.70 82.02
CA ASP R 241 49.00 10.09 80.64
C ASP R 241 49.26 11.59 80.55
N LEU R 242 48.46 12.38 81.25
CA LEU R 242 48.64 13.84 81.22
C LEU R 242 49.99 14.23 81.80
N ASP R 243 50.38 13.59 82.92
CA ASP R 243 51.71 13.82 83.47
C ASP R 243 52.79 13.36 82.50
N ILE R 244 52.58 12.21 81.86
CA ILE R 244 53.51 11.77 80.82
C ILE R 244 53.48 12.71 79.62
N LEU R 245 52.30 13.20 79.24
CA LEU R 245 52.18 14.15 78.14
C LEU R 245 52.90 15.46 78.41
N HIS R 246 52.93 15.92 79.66
CA HIS R 246 53.73 17.08 80.01
C HIS R 246 55.21 16.83 79.77
N ASN R 247 55.72 15.65 80.13
CA ASN R 247 57.07 15.28 79.76
C ASN R 247 57.18 15.01 78.26
N SER R 248 56.13 14.43 77.66
CA SER R 248 56.11 14.24 76.22
C SER R 248 56.01 15.56 75.46
N SER R 249 55.47 16.60 76.10
CA SER R 249 55.47 17.93 75.48
C SER R 249 56.91 18.42 75.29
N GLN R 250 57.78 18.18 76.28
CA GLN R 250 59.19 18.47 76.10
C GLN R 250 59.79 17.61 74.97
N MET R 251 59.38 16.34 74.91
CA MET R 251 59.77 15.51 73.78
C MET R 251 59.19 16.04 72.48
N LYS R 252 57.95 16.49 72.51
CA LYS R 252 57.32 17.09 71.34
C LYS R 252 57.94 18.43 70.95
N SER R 253 58.67 19.06 71.86
CA SER R 253 59.38 20.30 71.50
C SER R 253 60.46 20.02 70.46
N MET R 254 61.02 18.80 70.46
CA MET R 254 62.02 18.43 69.47
C MET R 254 61.43 17.49 68.42
N SER R 255 60.48 16.65 68.82
CA SER R 255 59.89 15.68 67.90
C SER R 255 58.81 16.27 67.00
N THR R 256 57.79 16.89 67.59
CA THR R 256 56.73 17.49 66.78
C THR R 256 57.27 18.64 65.93
N PHE R 257 58.20 19.41 66.48
CA PHE R 257 58.83 20.49 65.72
C PHE R 257 59.60 19.93 64.52
N ILE R 258 60.33 18.83 64.71
CA ILE R 258 60.99 18.17 63.59
C ILE R 258 59.97 17.68 62.57
N GLU R 259 58.88 17.08 63.07
CA GLU R 259 57.79 16.66 62.19
C GLU R 259 57.14 17.85 61.50
N GLU R 260 56.92 18.95 62.22
CA GLU R 260 56.36 20.15 61.60
C GLU R 260 57.34 20.78 60.61
N ALA R 261 58.63 20.49 60.75
CA ALA R 261 59.64 21.01 59.82
C ALA R 261 59.90 20.05 58.67
N TYR R 262 59.98 18.75 58.94
CA TYR R 262 60.20 17.78 57.87
C TYR R 262 59.04 17.77 56.89
N LYS R 263 57.81 17.83 57.40
CA LYS R 263 56.65 17.88 56.52
C LYS R 263 56.57 19.23 55.80
N LYS R 264 56.99 20.31 56.46
CA LYS R 264 57.03 21.61 55.80
C LYS R 264 57.98 21.57 54.60
N LEU R 265 59.13 20.93 54.76
CA LEU R 265 60.03 20.71 53.64
C LEU R 265 59.36 19.80 52.60
N ASP R 266 58.65 18.77 53.06
CA ASP R 266 57.92 17.90 52.15
C ASP R 266 56.80 18.66 51.44
N ALA R 267 56.08 19.50 52.19
CA ALA R 267 55.01 20.29 51.59
C ALA R 267 55.57 21.30 50.59
N SER R 268 56.69 21.92 50.92
CA SER R 268 57.31 22.90 50.04
C SER R 268 58.05 22.21 48.89
N LYS S 249 -50.88 14.03 28.92
CA LYS S 249 -51.49 14.98 27.99
C LYS S 249 -52.56 14.29 27.14
N GLU S 250 -52.15 13.73 26.00
CA GLU S 250 -53.06 13.00 25.14
C GLU S 250 -53.60 11.74 25.79
N LEU S 251 -52.90 11.21 26.80
CA LEU S 251 -53.39 10.04 27.52
C LEU S 251 -54.69 10.31 28.27
N ASN S 252 -54.85 11.51 28.84
CA ASN S 252 -56.11 11.84 29.50
C ASN S 252 -57.25 11.88 28.51
N ILE S 253 -57.01 12.44 27.31
CA ILE S 253 -58.06 12.45 26.28
C ILE S 253 -58.37 11.05 25.78
N VAL S 254 -57.35 10.21 25.64
CA VAL S 254 -57.57 8.82 25.25
C VAL S 254 -58.38 8.05 26.30
N LEU S 255 -58.07 8.23 27.58
CA LEU S 255 -58.85 7.59 28.64
C LEU S 255 -60.29 8.10 28.65
N PRO S 256 -60.48 9.40 28.45
CA PRO S 256 -61.83 9.95 28.33
C PRO S 256 -62.59 9.36 27.16
N GLU S 257 -61.95 9.22 25.99
CA GLU S 257 -62.61 8.60 24.85
C GLU S 257 -62.94 7.13 25.13
N PHE S 258 -62.03 6.41 25.79
CA PHE S 258 -62.29 5.01 26.13
C PHE S 258 -63.45 4.87 27.10
N GLU S 259 -63.54 5.74 28.10
CA GLU S 259 -64.70 5.76 28.98
C GLU S 259 -65.97 6.14 28.23
N LYS S 260 -65.89 7.10 27.30
CA LYS S 260 -67.04 7.43 26.46
C LYS S 260 -67.39 6.29 25.52
N THR S 261 -66.40 5.58 24.98
CA THR S 261 -66.69 4.40 24.17
C THR S 261 -67.37 3.31 25.00
N HIS S 262 -66.89 3.06 26.22
CA HIS S 262 -67.54 2.07 27.09
C HIS S 262 -68.95 2.50 27.44
N LEU S 263 -69.16 3.80 27.72
CA LEU S 263 -70.50 4.30 28.00
C LEU S 263 -71.43 4.21 26.80
N GLU S 264 -70.92 4.44 25.59
CA GLU S 264 -71.75 4.29 24.39
C GLU S 264 -72.09 2.82 24.14
N HIS S 265 -71.14 1.92 24.38
CA HIS S 265 -71.42 0.50 24.29
C HIS S 265 -72.45 0.06 25.34
N GLN S 266 -72.39 0.61 26.54
CA GLN S 266 -73.42 0.37 27.54
C GLN S 266 -74.76 0.98 27.17
N GLN S 267 -74.76 2.08 26.41
CA GLN S 267 -76.01 2.64 25.93
C GLN S 267 -76.67 1.71 24.92
N ARG S 268 -75.86 0.94 24.17
CA ARG S 268 -76.35 -0.08 23.25
C ARG S 268 -76.25 -1.48 23.84
N ILE S 269 -75.96 -1.59 25.13
CA ILE S 269 -75.87 -2.89 25.77
C ILE S 269 -77.24 -3.54 25.89
N GLU S 270 -77.23 -4.85 26.10
CA GLU S 270 -78.47 -5.62 26.17
C GLU S 270 -78.62 -6.43 27.44
N SER S 271 -77.53 -6.69 28.06
CA SER S 271 -77.73 -7.56 29.21
C SER S 271 -76.81 -7.12 30.35
N LYS S 272 -77.05 -7.71 31.54
CA LYS S 272 -76.23 -7.43 32.71
C LYS S 272 -74.88 -8.14 32.65
N VAL S 273 -74.85 -9.37 32.14
CA VAL S 273 -73.58 -10.06 31.96
C VAL S 273 -72.75 -9.39 30.88
N CYS S 274 -73.39 -8.86 29.83
CA CYS S 274 -72.67 -8.06 28.85
C CYS S 274 -72.06 -6.82 29.48
N LYS S 275 -72.77 -6.21 30.43
CA LYS S 275 -72.20 -5.08 31.17
C LYS S 275 -70.96 -5.49 31.96
N ALA S 276 -70.99 -6.67 32.59
CA ALA S 276 -69.81 -7.18 33.29
C ALA S 276 -68.65 -7.44 32.34
N ALA S 277 -68.94 -8.02 31.16
CA ALA S 277 -67.88 -8.24 30.17
C ALA S 277 -67.31 -6.91 29.70
N ILE S 278 -68.15 -5.91 29.49
CA ILE S 278 -67.68 -4.57 29.14
C ILE S 278 -66.85 -3.95 30.24
N ALA S 279 -67.22 -4.14 31.51
CA ALA S 279 -66.43 -3.63 32.62
C ALA S 279 -65.06 -4.32 32.66
N THR S 280 -65.02 -5.63 32.41
CA THR S 280 -63.74 -6.33 32.35
C THR S 280 -62.88 -5.82 31.19
N PHE S 281 -63.50 -5.58 30.03
CA PHE S 281 -62.76 -5.00 28.91
C PHE S 281 -62.27 -3.60 29.22
N TYR S 282 -63.05 -2.81 29.96
CA TYR S 282 -62.61 -1.50 30.39
C TYR S 282 -61.45 -1.58 31.37
N VAL S 283 -61.46 -2.57 32.27
CA VAL S 283 -60.30 -2.79 33.13
C VAL S 283 -59.07 -3.19 32.33
N ASN S 284 -59.25 -4.01 31.29
CA ASN S 284 -58.14 -4.35 30.41
C ASN S 284 -57.62 -3.13 29.67
N VAL S 285 -58.50 -2.26 29.20
CA VAL S 285 -58.08 -1.01 28.57
C VAL S 285 -57.39 -0.09 29.56
N LYS S 286 -57.81 -0.09 30.82
CA LYS S 286 -57.09 0.65 31.85
C LYS S 286 -55.70 0.08 32.07
N GLU S 287 -55.56 -1.24 32.02
CA GLU S 287 -54.24 -1.86 32.10
C GLU S 287 -53.37 -1.47 30.91
N GLN S 288 -53.96 -1.42 29.71
CA GLN S 288 -53.22 -0.98 28.53
C GLN S 288 -52.80 0.48 28.65
N PHE S 289 -53.69 1.33 29.17
CA PHE S 289 -53.33 2.73 29.41
C PHE S 289 -52.27 2.85 30.48
N ILE S 290 -52.27 1.95 31.46
CA ILE S 290 -51.20 1.90 32.45
C ILE S 290 -49.89 1.46 31.81
N LYS S 291 -49.93 0.57 30.83
CA LYS S 291 -48.73 0.23 30.08
C LYS S 291 -48.22 1.42 29.29
N MET S 292 -49.13 2.20 28.69
CA MET S 292 -48.72 3.42 28.00
C MET S 292 -48.12 4.45 28.97
N LEU S 293 -48.72 4.60 30.16
CA LEU S 293 -48.15 5.47 31.18
C LEU S 293 -46.80 4.94 31.67
N LYS S 294 -46.62 3.62 31.69
CA LYS S 294 -45.33 3.06 32.03
C LYS S 294 -44.30 3.34 30.93
N GLU S 295 -44.74 3.37 29.67
CA GLU S 295 -43.86 3.80 28.59
C GLU S 295 -43.46 5.27 28.74
N SER S 296 -44.42 6.12 29.13
CA SER S 296 -44.09 7.52 29.41
C SER S 296 -43.14 7.65 30.59
N GLN S 297 -43.35 6.87 31.65
CA GLN S 297 -42.43 6.86 32.78
C GLN S 297 -41.08 6.31 32.39
N MET S 298 -41.04 5.38 31.43
CA MET S 298 -39.77 4.89 30.91
C MET S 298 -39.04 5.98 30.12
N LEU S 299 -39.78 6.80 29.37
CA LEU S 299 -39.17 7.95 28.72
C LEU S 299 -38.62 8.94 29.74
N THR S 300 -39.37 9.20 30.81
CA THR S 300 -38.87 10.08 31.87
C THR S 300 -37.64 9.48 32.55
N ASN S 301 -37.65 8.18 32.78
CA ASN S 301 -36.50 7.52 33.40
C ASN S 301 -35.29 7.50 32.48
N LEU S 302 -35.52 7.39 31.17
CA LEU S 302 -34.44 7.53 30.20
C LEU S 302 -33.89 8.95 30.17
N LYS S 303 -34.75 9.96 30.32
CA LYS S 303 -34.26 11.32 30.48
C LYS S 303 -33.42 11.47 31.75
N ARG S 304 -33.86 10.84 32.85
CA ARG S 304 -33.07 10.85 34.08
C ARG S 304 -31.72 10.16 33.88
N LYS S 305 -31.70 9.04 33.16
CA LYS S 305 -30.45 8.35 32.85
C LYS S 305 -29.55 9.21 31.97
N ASN S 306 -30.12 9.91 31.00
CA ASN S 306 -29.34 10.85 30.21
C ASN S 306 -28.72 11.94 31.09
N ALA S 307 -29.50 12.47 32.04
CA ALA S 307 -28.93 13.35 33.05
C ALA S 307 -27.94 12.60 33.95
N LYS S 308 -28.25 11.33 34.24
CA LYS S 308 -27.37 10.46 35.00
C LYS S 308 -26.18 9.97 34.19
N MET S 309 -26.26 10.01 32.86
CA MET S 309 -25.12 9.74 32.00
C MET S 309 -24.22 10.97 31.81
N ILE S 310 -24.67 12.14 32.26
CA ILE S 310 -23.87 13.35 32.24
C ILE S 310 -23.41 13.77 33.63
N SER S 311 -24.24 13.57 34.66
CA SER S 311 -23.81 13.85 36.03
C SER S 311 -22.65 12.96 36.43
N ASP S 312 -22.74 11.67 36.08
CA ASP S 312 -21.62 10.76 36.34
C ASP S 312 -20.38 11.16 35.55
N ILE S 313 -20.55 11.54 34.29
CA ILE S 313 -19.42 12.02 33.51
C ILE S 313 -18.87 13.32 34.10
N GLU S 314 -19.76 14.22 34.51
CA GLU S 314 -19.32 15.45 35.17
C GLU S 314 -18.64 15.17 36.51
N LYS S 315 -19.16 14.23 37.29
CA LYS S 315 -18.53 13.87 38.56
C LYS S 315 -17.21 13.16 38.33
N LYS S 316 -17.14 12.26 37.35
CA LYS S 316 -15.88 11.60 37.03
C LYS S 316 -14.84 12.58 36.49
N ARG S 317 -15.23 13.51 35.64
CA ARG S 317 -14.32 14.59 35.25
C ARG S 317 -13.94 15.44 36.45
N GLN S 318 -14.91 15.75 37.31
CA GLN S 318 -14.60 16.44 38.56
C GLN S 318 -13.70 15.60 39.45
N ARG S 319 -13.86 14.27 39.45
CA ARG S 319 -12.95 13.41 40.21
C ARG S 319 -11.55 13.49 39.66
N MET S 320 -11.39 13.49 38.33
CA MET S 320 -10.07 13.61 37.74
C MET S 320 -9.45 14.96 38.07
N ILE S 321 -10.25 16.04 38.02
CA ILE S 321 -9.73 17.36 38.37
C ILE S 321 -9.33 17.44 39.84
N GLU S 322 -10.12 16.85 40.74
CA GLU S 322 -9.80 16.88 42.16
C GLU S 322 -8.55 16.06 42.46
N VAL S 323 -8.41 14.89 41.83
CA VAL S 323 -7.19 14.11 41.96
C VAL S 323 -6.00 14.85 41.38
N GLN S 324 -6.17 15.53 40.25
CA GLN S 324 -5.11 16.38 39.72
C GLN S 324 -4.73 17.46 40.71
N ASP S 325 -5.72 18.08 41.35
CA ASP S 325 -5.43 18.94 42.49
C ASP S 325 -4.85 18.14 43.64
N GLU S 326 -5.38 16.95 43.91
CA GLU S 326 -4.86 16.11 45.00
C GLU S 326 -3.45 15.63 44.71
N LEU S 327 -3.10 15.35 43.44
CA LEU S 327 -1.71 15.07 43.12
C LEU S 327 -0.85 16.31 43.27
N LEU S 328 -1.33 17.45 42.77
CA LEU S 328 -0.62 18.71 42.97
C LEU S 328 -0.56 19.08 44.44
N ARG S 329 -1.66 18.89 45.17
CA ARG S 329 -1.66 19.18 46.60
C ARG S 329 -0.68 18.28 47.34
N LEU S 330 -0.62 17.00 46.96
CA LEU S 330 0.32 16.07 47.57
C LEU S 330 1.77 16.47 47.31
N GLU S 331 2.08 16.83 46.06
CA GLU S 331 3.43 17.26 45.72
C GLU S 331 3.81 18.53 46.47
N PRO S 332 2.89 19.51 46.49
CA PRO S 332 3.14 20.77 47.18
C PRO S 332 3.29 20.54 48.69
N GLN S 333 2.47 19.68 49.28
CA GLN S 333 2.57 19.40 50.70
C GLN S 333 3.85 18.65 51.04
N LEU S 334 4.28 17.75 50.15
CA LEU S 334 5.55 17.05 50.38
C LEU S 334 6.72 18.02 50.33
N LYS S 335 6.75 18.88 49.31
CA LYS S 335 7.80 19.89 49.23
C LYS S 335 7.76 20.85 50.41
N GLN S 336 6.58 21.30 50.81
CA GLN S 336 6.40 22.19 51.94
C GLN S 336 6.82 21.54 53.25
N LEU S 337 6.51 20.26 53.45
CA LEU S 337 6.93 19.58 54.66
C LEU S 337 8.43 19.31 54.68
N GLN S 338 9.02 19.03 53.51
CA GLN S 338 10.46 18.89 53.42
C GLN S 338 11.13 20.20 53.81
N THR S 339 10.60 21.31 53.27
CA THR S 339 11.08 22.65 53.60
C THR S 339 10.87 22.95 55.08
N LYS S 340 9.73 22.51 55.63
CA LYS S 340 9.41 22.70 57.04
C LYS S 340 10.41 22.01 57.93
N TYR S 341 10.69 20.73 57.65
CA TYR S 341 11.67 19.99 58.43
C TYR S 341 13.07 20.59 58.30
N ASP S 342 13.46 20.94 57.08
CA ASP S 342 14.79 21.52 56.86
C ASP S 342 14.93 22.85 57.58
N GLU S 343 13.92 23.72 57.45
CA GLU S 343 13.96 25.02 58.10
C GLU S 343 13.90 24.90 59.61
N LEU S 344 13.07 23.99 60.13
CA LEU S 344 13.01 23.74 61.55
C LEU S 344 14.38 23.37 62.06
N LYS S 345 14.94 22.27 61.53
CA LYS S 345 16.28 21.85 61.93
C LYS S 345 17.26 23.01 61.85
N GLU S 346 17.47 23.56 60.65
CA GLU S 346 18.49 24.58 60.45
C GLU S 346 18.27 25.77 61.38
N ARG S 347 17.17 26.51 61.19
CA ARG S 347 16.94 27.73 61.94
C ARG S 347 16.85 27.50 63.45
N LYS S 348 16.00 26.57 63.91
CA LYS S 348 15.81 26.35 65.34
C LYS S 348 17.05 25.82 66.04
N SER S 349 17.78 24.86 65.45
CA SER S 349 18.90 24.25 66.14
C SER S 349 20.23 24.92 65.89
N SER S 350 20.44 25.56 64.74
CA SER S 350 21.70 26.20 64.45
C SER S 350 22.01 27.30 65.46
N LEU S 351 21.16 28.32 65.52
CA LEU S 351 21.37 29.43 66.45
C LEU S 351 21.36 28.98 67.90
N ARG S 352 20.46 28.07 68.27
CA ARG S 352 20.43 27.54 69.62
C ARG S 352 21.68 26.70 69.91
N ASN S 353 22.43 26.33 68.87
CA ASN S 353 23.71 25.68 69.06
C ASN S 353 24.88 26.57 68.64
N ALA S 354 24.81 27.23 67.49
CA ALA S 354 25.91 28.09 67.07
C ALA S 354 25.95 29.37 67.89
N ALA S 355 24.89 30.18 67.83
CA ALA S 355 24.83 31.39 68.63
C ALA S 355 24.97 31.10 70.12
N TYR S 356 24.54 29.92 70.59
CA TYR S 356 24.89 29.49 71.93
C TYR S 356 26.39 29.25 72.05
N PHE S 357 26.91 28.26 71.31
CA PHE S 357 28.30 27.86 71.47
C PHE S 357 29.28 28.94 71.04
N LEU S 358 29.04 29.61 69.92
CA LEU S 358 29.95 30.66 69.46
C LEU S 358 30.04 31.77 70.50
N SER S 359 28.89 32.14 71.08
CA SER S 359 28.91 33.06 72.21
C SER S 359 29.37 32.40 73.49
N ASN S 360 29.05 31.12 73.70
CA ASN S 360 29.59 30.38 74.85
C ASN S 360 31.09 30.18 74.74
N LEU S 361 31.59 29.93 73.54
CA LEU S 361 33.03 29.97 73.30
C LEU S 361 33.59 31.37 73.54
N LYS S 362 32.88 32.40 73.11
CA LYS S 362 33.23 33.76 73.50
C LYS S 362 33.07 33.94 75.01
N GLN S 363 31.98 33.40 75.57
CA GLN S 363 31.82 33.43 77.02
C GLN S 363 32.91 32.62 77.71
N LEU S 364 33.40 31.58 77.04
CA LEU S 364 34.53 30.83 77.59
C LEU S 364 35.82 31.62 77.43
N TYR S 365 36.23 31.89 76.18
CA TYR S 365 37.56 32.44 75.93
C TYR S 365 37.67 33.89 76.39
N GLN S 366 36.78 34.75 75.93
CA GLN S 366 36.84 36.17 76.26
C GLN S 366 36.47 36.40 77.72
N TYR S 382 37.51 12.65 78.91
CA TYR S 382 37.82 13.80 78.08
C TYR S 382 39.29 14.18 78.19
N ASP S 383 39.98 13.55 79.13
CA ASP S 383 41.41 13.83 79.33
C ASP S 383 42.30 13.05 78.37
N SER S 384 41.74 12.13 77.61
CA SER S 384 42.52 11.31 76.69
C SER S 384 42.58 11.87 75.28
N SER S 385 41.84 12.94 74.98
CA SER S 385 41.83 13.49 73.63
C SER S 385 43.19 14.03 73.23
N SER S 386 43.78 14.89 74.06
CA SER S 386 45.11 15.41 73.77
C SER S 386 46.18 14.34 73.89
N LEU S 387 45.97 13.34 74.75
CA LEU S 387 46.91 12.22 74.81
C LEU S 387 46.93 11.44 73.51
N PRO S 388 45.75 11.19 72.94
CA PRO S 388 45.68 10.53 71.64
C PRO S 388 46.27 11.40 70.52
N ALA S 389 46.01 12.71 70.56
CA ALA S 389 46.61 13.60 69.57
C ALA S 389 48.13 13.59 69.66
N LEU S 390 48.69 13.62 70.88
CA LEU S 390 50.13 13.55 71.07
C LEU S 390 50.70 12.21 70.65
N LEU S 391 50.00 11.10 70.91
CA LEU S 391 50.46 9.81 70.45
C LEU S 391 50.48 9.73 68.93
N PHE S 392 49.45 10.28 68.27
CA PHE S 392 49.45 10.34 66.82
C PHE S 392 50.60 11.20 66.29
N LYS S 393 50.86 12.34 66.92
CA LYS S 393 51.99 13.18 66.52
C LYS S 393 53.34 12.51 66.76
N ALA S 394 53.47 11.72 67.82
CA ALA S 394 54.71 10.99 68.08
C ALA S 394 54.93 9.85 67.11
N ARG S 395 53.87 9.12 66.74
CA ARG S 395 53.98 8.15 65.68
C ARG S 395 54.28 8.80 64.33
N THR S 396 53.78 10.03 64.13
CA THR S 396 54.09 10.79 62.94
C THR S 396 55.57 11.11 62.83
N LEU S 397 56.30 11.18 63.94
CA LEU S 397 57.74 11.36 63.86
C LEU S 397 58.41 10.19 63.14
N LEU S 398 58.09 8.96 63.56
CA LEU S 398 58.63 7.79 62.88
C LEU S 398 58.10 7.68 61.46
N GLY S 399 56.84 8.06 61.24
CA GLY S 399 56.28 8.02 59.89
C GLY S 399 57.02 8.96 58.95
N ALA S 400 57.30 10.20 59.40
CA ALA S 400 58.05 11.14 58.58
C ALA S 400 59.51 10.71 58.42
N GLU S 401 60.07 10.04 59.44
CA GLU S 401 61.39 9.46 59.29
C GLU S 401 61.40 8.40 58.19
N SER S 402 60.34 7.59 58.11
CA SER S 402 60.21 6.64 57.01
C SER S 402 59.71 7.30 55.73
N HIS S 403 59.23 8.55 55.80
CA HIS S 403 58.76 9.26 54.63
C HIS S 403 59.85 10.13 54.04
N ASP T 84 72.05 25.40 58.25
CA ASP T 84 70.76 26.04 58.01
C ASP T 84 69.93 26.05 59.29
N GLU T 85 68.89 26.88 59.32
CA GLU T 85 68.00 26.94 60.48
C GLU T 85 67.30 25.61 60.70
N PHE T 86 66.80 24.99 59.62
CA PHE T 86 66.26 23.64 59.73
C PHE T 86 67.34 22.64 60.10
N MET T 87 68.54 22.78 59.52
CA MET T 87 69.67 21.94 59.90
C MET T 87 70.06 22.15 61.35
N MET T 88 70.07 23.40 61.82
CA MET T 88 70.26 23.66 63.25
C MET T 88 69.13 23.06 64.07
N LEU T 89 67.89 23.16 63.58
CA LEU T 89 66.78 22.45 64.20
C LEU T 89 66.99 20.94 64.10
N LEU T 90 67.47 20.46 62.96
CA LEU T 90 67.83 19.05 62.84
C LEU T 90 68.96 18.69 63.79
N SER T 91 69.97 19.56 63.92
CA SER T 91 71.00 19.37 64.94
C SER T 91 70.39 19.41 66.33
N LYS T 92 69.46 20.34 66.56
CA LYS T 92 68.67 20.31 67.79
C LYS T 92 67.81 19.07 67.87
N VAL T 93 67.21 18.64 66.76
CA VAL T 93 66.43 17.40 66.76
C VAL T 93 67.31 16.20 67.07
N GLU T 94 68.54 16.20 66.56
CA GLU T 94 69.47 15.10 66.86
C GLU T 94 69.71 14.99 68.36
N LYS T 95 69.91 16.12 69.03
CA LYS T 95 69.97 16.11 70.49
C LYS T 95 68.61 15.80 71.08
N LEU T 96 67.54 16.29 70.45
CA LEU T 96 66.20 16.08 70.96
C LEU T 96 65.74 14.63 70.79
N SER T 97 66.14 14.00 69.68
CA SER T 97 65.70 12.63 69.41
C SER T 97 66.18 11.67 70.48
N GLU T 98 67.43 11.80 70.91
CA GLU T 98 67.96 10.94 71.96
C GLU T 98 67.23 11.15 73.28
N GLU T 99 66.93 12.42 73.60
CA GLU T 99 66.28 12.73 74.87
C GLU T 99 64.88 12.12 74.94
N ILE T 100 64.13 12.21 73.85
CA ILE T 100 62.75 11.73 73.86
C ILE T 100 62.69 10.21 73.91
N MET T 101 63.66 9.51 73.32
CA MET T 101 63.61 8.06 73.25
C MET T 101 63.68 7.44 74.65
N GLU T 102 64.55 7.97 75.50
CA GLU T 102 64.69 7.45 76.86
C GLU T 102 63.41 7.64 77.65
N ILE T 103 62.77 8.80 77.49
CA ILE T 103 61.54 9.08 78.23
C ILE T 103 60.42 8.13 77.82
N MET T 104 60.33 7.79 76.53
CA MET T 104 59.31 6.89 76.04
C MET T 104 59.46 5.47 76.55
N GLN T 105 60.65 5.10 77.04
CA GLN T 105 60.83 3.76 77.60
C GLN T 105 60.48 3.72 79.08
N ASN T 106 60.81 4.80 79.81
CA ASN T 106 60.48 4.85 81.23
C ASN T 106 58.98 4.93 81.46
N LEU T 107 58.26 5.64 80.60
CA LEU T 107 56.82 5.84 80.76
C LEU T 107 56.11 4.57 80.27
N SER T 108 55.77 3.68 81.20
CA SER T 108 55.05 2.46 80.84
C SER T 108 53.56 2.68 80.65
N SER T 109 53.02 3.81 81.11
CA SER T 109 51.60 4.09 80.92
C SER T 109 51.28 4.33 79.45
N ILE T 110 52.14 5.08 78.75
CA ILE T 110 51.91 5.33 77.33
C ILE T 110 52.15 4.10 76.48
N GLN T 111 52.82 3.09 77.04
CA GLN T 111 53.06 1.86 76.29
C GLN T 111 51.77 1.10 76.01
N ALA T 112 50.71 1.39 76.76
CA ALA T 112 49.41 0.75 76.51
C ALA T 112 48.88 1.12 75.14
N LEU T 113 49.22 2.31 74.65
CA LEU T 113 48.80 2.72 73.31
C LEU T 113 49.46 1.83 72.25
N GLU T 114 48.76 1.67 71.14
CA GLU T 114 49.20 0.83 70.03
C GLU T 114 49.40 -0.61 70.47
N GLY T 115 48.70 -1.00 71.53
CA GLY T 115 48.77 -2.36 72.07
C GLY T 115 47.38 -2.85 72.43
N SER T 116 46.40 -2.54 71.58
CA SER T 116 45.02 -2.93 71.81
C SER T 116 44.30 -2.98 70.48
N ARG T 117 43.42 -3.98 70.33
CA ARG T 117 42.63 -4.13 69.10
C ARG T 117 41.70 -2.97 68.85
N GLU T 118 41.28 -2.24 69.89
CA GLU T 118 40.45 -1.06 69.76
C GLU T 118 41.29 0.22 69.70
N LEU T 119 42.61 0.09 69.73
CA LEU T 119 43.50 1.24 69.64
C LEU T 119 44.35 1.15 68.38
N GLU T 120 44.84 -0.05 68.06
CA GLU T 120 45.62 -0.24 66.85
C GLU T 120 44.78 -0.04 65.60
N ASN T 121 43.46 -0.06 65.74
CA ASN T 121 42.55 0.12 64.61
C ASN T 121 41.76 1.42 64.69
N LEU T 122 41.30 1.78 65.88
CA LEU T 122 40.43 2.94 66.04
C LEU T 122 41.15 4.19 66.50
N ILE T 123 42.23 4.05 67.28
CA ILE T 123 42.98 5.20 67.79
C ILE T 123 44.00 5.67 66.75
N GLY T 124 43.47 6.18 65.63
CA GLY T 124 44.28 6.67 64.52
C GLY T 124 45.25 5.59 64.02
N ILE T 125 44.78 4.35 63.98
CA ILE T 125 45.57 3.20 63.55
C ILE T 125 46.87 3.07 64.34
N PHE T 131 63.21 1.54 67.59
CA PHE T 131 64.54 1.52 67.01
C PHE T 131 64.64 2.45 65.81
N LEU T 132 64.75 3.76 66.09
CA LEU T 132 64.85 4.71 64.98
C LEU T 132 66.06 5.63 65.10
N LYS T 133 67.08 5.30 65.90
CA LYS T 133 68.26 6.14 65.98
C LYS T 133 68.98 6.20 64.64
N ARG T 134 69.12 5.05 63.97
CA ARG T 134 69.64 5.04 62.61
C ARG T 134 68.72 5.78 61.65
N GLU T 135 67.41 5.61 61.80
CA GLU T 135 66.46 6.38 61.01
C GLU T 135 66.59 7.87 61.33
N MET T 136 66.74 8.21 62.61
CA MET T 136 67.02 9.60 62.98
C MET T 136 68.36 10.07 62.41
N GLN T 137 69.38 9.20 62.44
CA GLN T 137 70.62 9.47 61.73
C GLN T 137 70.41 9.58 60.23
N LYS T 138 69.53 8.76 59.65
CA LYS T 138 69.09 8.96 58.28
C LYS T 138 68.24 10.20 58.13
N THR T 139 67.42 10.52 59.14
CA THR T 139 66.70 11.78 59.18
C THR T 139 67.61 12.96 59.52
N LYS T 140 68.92 12.73 59.60
CA LYS T 140 69.92 13.79 59.75
C LYS T 140 70.92 13.81 58.59
N GLU T 141 71.39 12.64 58.16
CA GLU T 141 72.30 12.56 57.02
C GLU T 141 71.58 12.73 55.69
N LEU T 142 70.31 12.32 55.60
CA LEU T 142 69.52 12.51 54.39
C LEU T 142 68.52 13.65 54.52
N MET T 143 68.61 14.44 55.59
CA MET T 143 67.81 15.65 55.74
C MET T 143 68.64 16.91 55.79
N THR T 144 69.95 16.81 56.06
CA THR T 144 70.82 17.97 55.96
C THR T 144 71.46 18.05 54.58
N LYS T 145 71.93 16.91 54.07
CA LYS T 145 72.50 16.88 52.71
C LYS T 145 71.43 17.17 51.67
N VAL T 146 70.23 16.60 51.85
CA VAL T 146 69.15 16.78 50.89
C VAL T 146 68.54 18.18 50.94
N ASN T 147 68.33 18.74 52.13
CA ASN T 147 67.80 20.10 52.23
C ASN T 147 68.78 21.11 51.64
N LYS T 148 70.08 20.93 51.92
CA LYS T 148 71.09 21.79 51.31
C LYS T 148 71.11 21.62 49.80
N GLN T 149 70.97 20.40 49.30
CA GLN T 149 70.92 20.16 47.87
C GLN T 149 69.64 20.65 47.23
N LYS T 150 68.60 20.91 48.02
CA LYS T 150 67.33 21.40 47.49
C LYS T 150 67.46 22.85 47.05
#